data_8BEW
#
_entry.id   8BEW
#
_cell.length_a   1.00
_cell.length_b   1.00
_cell.length_c   1.00
_cell.angle_alpha   90.00
_cell.angle_beta   90.00
_cell.angle_gamma   90.00
#
_symmetry.space_group_name_H-M   'P 1'
#
loop_
_entity.id
_entity.type
_entity.pdbx_description
1 polymer 'Electron bifurcating hydrogenase subunit HydA1'
2 polymer 'Electron bifurcating hydrogenase subunit HydB'
3 polymer 'Electron bifurcating hydrogenase subunit HydC'
4 non-polymer 'IRON/SULFUR CLUSTER'
5 non-polymer 'FE2/S2 (INORGANIC) CLUSTER'
6 non-polymer 'FLAVIN MONONUCLEOTIDE'
7 non-polymer 'ZINC ION'
#
loop_
_entity_poly.entity_id
_entity_poly.type
_entity_poly.pdbx_seq_one_letter_code
_entity_poly.pdbx_strand_id
1 'polypeptide(L)'
;MNMVMLTIDGKQVQVEKGTTIKKAAEKLGIEIPGLCDDNDLKPFGACRLCVVEDARGNLVASCHTPVREGMVVKTNSPKV
LKARRVILELLLSSHNADCFECDKNLHCKLQKYAYELNIRNIRFKGEKRNYEIKDNGPIYYDPNKCILCGKCVRICEEVQ
HICAIDFASRGFKAYISTPFEKPLLESDCIFCGQCVRVCPTGALAEKTDIERIYEAISDPNKVVVVQVAPAVRVALGEEF
GLEPGEIVTGKMVAALKRLGFDKVFDTQFAADMTIVEETAELVERLEKGENFPMFTSCCPSWILAVEKFYPELIPNISTA
RSPQQIFGAIAKNYYAKKIGVARENMFVVSVMPCIGKKFEATRPEFNNDVDAVLTTRELARMIKESGIDFIKLEEENFDS
PLGESTGAAAIFGVTGGVMEAALRTAYSIMTGEELEGDKIEFTAVRGLEGIKEAEVDIKGKKVRIAIANGIGNAKKLIEK
IKSGETKYDFVEVMACPGGCMSGGGQPYTDDPEFRKKRMEGIYKNDRNLPKRKSHENEEVKKVYEEYYEKPCGPKAHEEL
HTHYHSRKKEY
;
A,D
2 'polypeptide(L)'
;MVKLKSIQELENLREKIKEAKKKEKIVIRICGGTGCRASGSLAVRDELVKVLKREGFANVDVNLSSDCLENTSEVHVKMT
GCQGFCAQGPLMTIEPLGVFYVGVKPEDVEEIVEKSIKKNEIIERLLYHDPATGKTYVKRDENPFYAKQTRLVLKHCGTV
DPASVYDYIAEGGYSAIAKALTMDRKQIIDEVIKSGLRGRGGAGFPTGEKWLGAYKNQSPKKYIICNGDEGDPGAFMDRS
VMEGDPHKVIEGMMIGAYAIGSDEGYIYVRAEYPLAVQMLRKAIEECEKLGLLGDNILGTGFSFRLHVREGAGAFVCGES
TALTYSIEGKRGMPRVRPPRTNECGLWEMPTVLNNVETFACIPEIILNGGEWFASIGTPTSTGTKIFALSGKVNRTGLVE
VPMGLKLRELIFDIGGGIANNKKFKAVQLGGPSGGCVPESQLDLPIDFDSLSKAGAIMGSGGVVVVDEDTCMVDFAKFFT
NFIVEESCGKCIPCREGNKKMLEILERITEGKGKEGDIELLEELGDVIISASLCGLGKTAPNPVLSTIKHFRDEYEAHIR
DKKCPAGACQALAAYKIDPGKCIGCGKCVKVCPVGAISGEKKKPHVIDQSKCIKCGACAENCPKGAIYKG
;
B,E
3 'polypeptide(L)'
;MCNCCCKGSKDPRFEKVDEILSKLANERGALIAILQHVQHEFGYLPEDVIFYIASKTGIPASKIYGVATFYAQFHLKPRG
KYVIRVCLGTACHVKGANKILAEFEKQLGIKAGETTSDLKFTLERVGCLGACGLAPTVMVNEKTYGKMTPEKVSEVLKEY
SDVEAAASAQ
;
C,F
#
loop_
_chem_comp.id
_chem_comp.type
_chem_comp.name
_chem_comp.formula
FES non-polymer 'FE2/S2 (INORGANIC) CLUSTER' 'Fe2 S2'
FMN non-polymer 'FLAVIN MONONUCLEOTIDE' 'C17 H21 N4 O9 P'
SF4 non-polymer 'IRON/SULFUR CLUSTER' 'Fe4 S4'
ZN non-polymer 'ZINC ION' 'Zn 2'
#
# COMPACT_ATOMS: atom_id res chain seq x y z
N MET A 1 -2.87 -47.15 -29.32
CA MET A 1 -2.70 -46.09 -28.34
C MET A 1 -1.41 -46.28 -27.55
N ASN A 2 -0.82 -45.18 -27.09
CA ASN A 2 0.43 -45.20 -26.35
C ASN A 2 0.21 -44.57 -24.97
N MET A 3 0.59 -45.31 -23.93
CA MET A 3 0.45 -44.86 -22.55
C MET A 3 1.84 -44.59 -21.99
N VAL A 4 1.92 -43.77 -20.93
CA VAL A 4 3.20 -43.35 -20.38
C VAL A 4 3.18 -43.55 -18.87
N MET A 5 4.21 -44.23 -18.37
CA MET A 5 4.44 -44.41 -16.94
C MET A 5 5.40 -43.34 -16.43
N LEU A 6 5.08 -42.75 -15.28
CA LEU A 6 6.01 -41.86 -14.60
C LEU A 6 5.77 -41.94 -13.11
N THR A 7 6.62 -41.25 -12.35
CA THR A 7 6.52 -41.20 -10.90
C THR A 7 6.45 -39.75 -10.46
N ILE A 8 5.46 -39.44 -9.63
CA ILE A 8 5.31 -38.11 -9.03
C ILE A 8 5.13 -38.29 -7.53
N ASP A 9 6.03 -37.68 -6.75
CA ASP A 9 6.04 -37.79 -5.29
C ASP A 9 6.09 -39.24 -4.82
N GLY A 10 6.85 -40.06 -5.56
CA GLY A 10 6.92 -41.47 -5.25
C GLY A 10 5.70 -42.27 -5.61
N LYS A 11 4.79 -41.72 -6.41
CA LYS A 11 3.53 -42.37 -6.76
C LYS A 11 3.49 -42.67 -8.26
N GLN A 12 3.02 -43.87 -8.59
CA GLN A 12 2.92 -44.29 -9.98
C GLN A 12 1.80 -43.55 -10.69
N VAL A 13 2.10 -43.03 -11.88
CA VAL A 13 1.12 -42.30 -12.68
C VAL A 13 1.13 -42.85 -14.10
N GLN A 14 -0.07 -43.11 -14.62
CA GLN A 14 -0.30 -43.46 -16.02
C GLN A 14 -0.93 -42.26 -16.71
N VAL A 15 -0.31 -41.76 -17.77
CA VAL A 15 -0.81 -40.58 -18.46
C VAL A 15 -0.69 -40.80 -19.97
N GLU A 16 -1.60 -40.18 -20.73
CA GLU A 16 -1.48 -40.20 -22.18
C GLU A 16 -0.29 -39.34 -22.61
N LYS A 17 0.39 -39.79 -23.66
CA LYS A 17 1.59 -39.11 -24.13
C LYS A 17 1.27 -37.75 -24.72
N GLY A 18 2.05 -36.74 -24.33
CA GLY A 18 1.94 -35.42 -24.89
C GLY A 18 1.40 -34.35 -23.96
N THR A 19 0.84 -34.74 -22.82
CA THR A 19 0.36 -33.75 -21.88
C THR A 19 1.49 -33.26 -20.99
N THR A 20 1.36 -32.03 -20.52
CA THR A 20 2.37 -31.40 -19.70
C THR A 20 2.29 -31.90 -18.26
N ILE A 21 3.31 -31.56 -17.47
CA ILE A 21 3.35 -31.99 -16.07
C ILE A 21 2.23 -31.36 -15.27
N LYS A 22 1.88 -30.11 -15.56
CA LYS A 22 0.76 -29.46 -14.87
C LYS A 22 -0.55 -30.18 -15.18
N LYS A 23 -0.76 -30.56 -16.44
CA LYS A 23 -1.99 -31.26 -16.80
C LYS A 23 -1.98 -32.70 -16.31
N ALA A 24 -0.81 -33.34 -16.25
CA ALA A 24 -0.73 -34.73 -15.83
C ALA A 24 -0.92 -34.88 -14.33
N ALA A 25 -0.61 -33.83 -13.55
CA ALA A 25 -0.71 -33.88 -12.09
C ALA A 25 -2.04 -33.36 -11.57
N GLU A 26 -3.10 -33.39 -12.38
CA GLU A 26 -4.41 -32.97 -11.91
C GLU A 26 -5.11 -34.08 -11.13
N LYS A 27 -5.00 -35.33 -11.58
CA LYS A 27 -5.66 -36.45 -10.93
C LYS A 27 -4.90 -36.98 -9.73
N LEU A 28 -3.71 -36.44 -9.44
CA LEU A 28 -2.90 -36.93 -8.33
C LEU A 28 -3.18 -36.23 -7.01
N GLY A 29 -4.17 -35.33 -6.98
CA GLY A 29 -4.46 -34.58 -5.78
C GLY A 29 -3.37 -33.58 -5.45
N ILE A 30 -2.93 -32.83 -6.45
CA ILE A 30 -1.90 -31.82 -6.30
C ILE A 30 -2.11 -30.76 -7.37
N GLU A 31 -1.68 -29.54 -7.08
CA GLU A 31 -1.87 -28.42 -8.00
C GLU A 31 -0.66 -27.50 -7.92
N ILE A 32 -0.06 -27.21 -9.07
CA ILE A 32 1.10 -26.34 -9.15
C ILE A 32 0.62 -24.93 -9.45
N PRO A 33 0.95 -23.94 -8.64
CA PRO A 33 0.49 -22.57 -8.90
C PRO A 33 1.13 -21.99 -10.15
N GLY A 34 0.37 -21.13 -10.82
CA GLY A 34 0.86 -20.47 -12.01
C GLY A 34 -0.07 -19.35 -12.42
N LEU A 35 0.52 -18.31 -13.03
CA LEU A 35 -0.24 -17.12 -13.41
C LEU A 35 -0.41 -16.96 -14.92
N CYS A 36 0.54 -17.45 -15.72
CA CYS A 36 0.56 -17.21 -17.15
C CYS A 36 -0.17 -18.29 -17.95
N ASP A 37 -0.86 -19.20 -17.27
CA ASP A 37 -1.50 -20.34 -17.92
C ASP A 37 -3.01 -20.22 -17.84
N ASP A 38 -3.67 -20.56 -18.95
CA ASP A 38 -5.12 -20.64 -18.99
C ASP A 38 -5.46 -21.81 -19.90
N ASN A 39 -6.68 -22.33 -19.73
CA ASN A 39 -7.07 -23.53 -20.47
C ASN A 39 -7.38 -23.23 -21.93
N ASP A 40 -7.61 -21.97 -22.28
CA ASP A 40 -7.96 -21.58 -23.64
C ASP A 40 -6.79 -20.98 -24.40
N LEU A 41 -5.57 -21.05 -23.86
CA LEU A 41 -4.42 -20.40 -24.46
C LEU A 41 -3.23 -21.35 -24.51
N LYS A 42 -2.30 -21.05 -25.41
CA LYS A 42 -1.06 -21.79 -25.48
C LYS A 42 -0.16 -21.41 -24.31
N PRO A 43 0.76 -22.30 -23.92
CA PRO A 43 1.72 -21.96 -22.86
C PRO A 43 2.63 -20.82 -23.30
N PHE A 44 3.05 -20.00 -22.33
CA PHE A 44 3.86 -18.83 -22.62
C PHE A 44 5.14 -18.84 -21.80
N GLY A 45 5.06 -19.34 -20.56
CA GLY A 45 6.22 -19.40 -19.69
C GLY A 45 6.77 -18.04 -19.31
N ALA A 46 5.90 -17.12 -18.94
CA ALA A 46 6.33 -15.78 -18.53
C ALA A 46 6.34 -15.58 -17.03
N CYS A 47 5.55 -16.34 -16.28
CA CYS A 47 5.55 -16.21 -14.82
C CYS A 47 6.77 -16.87 -14.19
N ARG A 48 7.18 -18.02 -14.71
CA ARG A 48 8.27 -18.82 -14.16
C ARG A 48 8.04 -19.15 -12.68
N LEU A 49 6.78 -19.25 -12.31
CA LEU A 49 6.39 -19.57 -10.93
C LEU A 49 5.91 -20.99 -10.78
N CYS A 50 5.73 -21.71 -11.88
CA CYS A 50 5.26 -23.09 -11.87
C CYS A 50 6.41 -24.09 -12.04
N VAL A 51 7.56 -23.78 -11.47
CA VAL A 51 8.75 -24.58 -11.68
C VAL A 51 8.74 -25.77 -10.72
N VAL A 52 9.24 -26.92 -11.21
CA VAL A 52 9.46 -28.10 -10.38
C VAL A 52 10.81 -28.68 -10.78
N GLU A 53 11.41 -29.44 -9.88
CA GLU A 53 12.73 -30.01 -10.11
C GLU A 53 12.64 -31.47 -10.51
N ASP A 54 13.44 -31.85 -11.48
CA ASP A 54 13.55 -33.24 -11.91
C ASP A 54 14.71 -33.90 -11.17
N ALA A 55 15.10 -35.10 -11.61
CA ALA A 55 16.13 -35.88 -10.95
C ALA A 55 17.52 -35.27 -11.09
N ARG A 56 17.80 -34.54 -12.17
CA ARG A 56 19.14 -34.02 -12.40
C ARG A 56 19.55 -32.99 -11.35
N GLY A 57 18.63 -32.10 -10.99
CA GLY A 57 18.89 -31.07 -9.99
C GLY A 57 18.54 -29.66 -10.42
N ASN A 58 18.14 -29.42 -11.66
CA ASN A 58 17.70 -28.11 -12.10
C ASN A 58 16.18 -28.04 -12.10
N LEU A 59 15.67 -26.82 -12.04
CA LEU A 59 14.23 -26.57 -12.07
C LEU A 59 13.79 -26.28 -13.50
N VAL A 60 12.69 -26.90 -13.91
CA VAL A 60 12.09 -26.69 -15.21
C VAL A 60 10.64 -26.27 -15.00
N ALA A 61 10.13 -25.51 -15.96
CA ALA A 61 8.72 -25.12 -15.93
C ALA A 61 7.84 -26.35 -16.14
N SER A 62 6.69 -26.35 -15.49
CA SER A 62 5.77 -27.48 -15.55
C SER A 62 4.58 -27.24 -16.46
N CYS A 63 4.54 -26.12 -17.18
CA CYS A 63 3.42 -25.85 -18.06
C CYS A 63 3.76 -26.04 -19.53
N HIS A 64 5.03 -26.19 -19.89
CA HIS A 64 5.38 -26.42 -21.29
C HIS A 64 6.48 -27.47 -21.44
N THR A 65 6.56 -28.43 -20.54
CA THR A 65 7.48 -29.55 -20.67
C THR A 65 6.70 -30.84 -20.84
N PRO A 66 6.75 -31.48 -22.01
CA PRO A 66 6.02 -32.73 -22.19
C PRO A 66 6.58 -33.83 -21.32
N VAL A 67 5.70 -34.75 -20.94
CA VAL A 67 6.08 -35.87 -20.08
C VAL A 67 6.81 -36.92 -20.90
N ARG A 68 8.05 -37.20 -20.51
CA ARG A 68 8.85 -38.26 -21.11
C ARG A 68 8.92 -39.44 -20.15
N GLU A 69 9.02 -40.64 -20.72
CA GLU A 69 8.96 -41.86 -19.92
C GLU A 69 10.16 -41.96 -18.99
N GLY A 70 9.89 -42.30 -17.73
CA GLY A 70 10.94 -42.57 -16.77
C GLY A 70 11.64 -41.37 -16.17
N MET A 71 10.88 -40.46 -15.56
CA MET A 71 11.44 -39.36 -14.79
C MET A 71 10.78 -39.32 -13.42
N VAL A 72 11.52 -38.81 -12.44
CA VAL A 72 10.99 -38.53 -11.10
C VAL A 72 11.08 -37.03 -10.88
N VAL A 73 10.00 -36.45 -10.34
CA VAL A 73 9.91 -35.01 -10.12
C VAL A 73 9.44 -34.78 -8.69
N LYS A 74 9.75 -33.60 -8.16
CA LYS A 74 9.35 -33.21 -6.82
C LYS A 74 8.66 -31.85 -6.87
N THR A 75 7.71 -31.65 -5.95
CA THR A 75 6.89 -30.45 -5.94
C THR A 75 7.00 -29.68 -4.62
N ASN A 76 7.32 -30.36 -3.52
CA ASN A 76 7.35 -29.74 -2.21
C ASN A 76 8.77 -29.71 -1.66
N SER A 77 9.77 -29.77 -2.57
CA SER A 77 11.14 -29.65 -2.10
C SER A 77 11.43 -28.23 -1.65
N PRO A 78 12.34 -28.04 -0.69
CA PRO A 78 12.62 -26.68 -0.18
C PRO A 78 13.17 -25.72 -1.24
N LYS A 79 13.94 -26.22 -2.20
CA LYS A 79 14.52 -25.34 -3.21
C LYS A 79 13.44 -24.73 -4.10
N VAL A 80 12.43 -25.52 -4.47
CA VAL A 80 11.32 -25.01 -5.29
C VAL A 80 10.56 -23.94 -4.52
N LEU A 81 10.30 -24.18 -3.24
CA LEU A 81 9.59 -23.21 -2.41
C LEU A 81 10.39 -21.92 -2.26
N LYS A 82 11.71 -22.04 -2.09
CA LYS A 82 12.56 -20.85 -2.02
C LYS A 82 12.50 -20.05 -3.31
N ALA A 83 12.56 -20.72 -4.46
CA ALA A 83 12.48 -20.03 -5.74
C ALA A 83 11.15 -19.32 -5.90
N ARG A 84 10.06 -20.00 -5.54
CA ARG A 84 8.74 -19.37 -5.67
C ARG A 84 8.59 -18.17 -4.75
N ARG A 85 9.09 -18.28 -3.52
CA ARG A 85 9.02 -17.16 -2.58
C ARG A 85 9.80 -15.97 -3.11
N VAL A 86 11.00 -16.20 -3.64
CA VAL A 86 11.81 -15.09 -4.16
C VAL A 86 11.13 -14.46 -5.37
N ILE A 87 10.50 -15.29 -6.22
CA ILE A 87 9.83 -14.75 -7.41
C ILE A 87 8.64 -13.88 -7.02
N LEU A 88 7.84 -14.32 -6.04
CA LEU A 88 6.73 -13.47 -5.62
C LEU A 88 7.20 -12.23 -4.87
N GLU A 89 8.32 -12.30 -4.13
CA GLU A 89 8.86 -11.08 -3.54
C GLU A 89 9.29 -10.10 -4.62
N LEU A 90 9.92 -10.60 -5.69
CA LEU A 90 10.27 -9.73 -6.80
C LEU A 90 9.05 -9.10 -7.45
N LEU A 91 7.99 -9.88 -7.67
CA LEU A 91 6.76 -9.32 -8.22
C LEU A 91 6.18 -8.23 -7.32
N LEU A 92 6.12 -8.51 -6.02
CA LEU A 92 5.49 -7.58 -5.10
C LEU A 92 6.35 -6.39 -4.73
N SER A 93 7.63 -6.39 -5.10
CA SER A 93 8.49 -5.26 -4.82
C SER A 93 8.17 -4.04 -5.67
N SER A 94 7.43 -4.19 -6.77
CA SER A 94 7.12 -3.09 -7.68
C SER A 94 5.65 -3.08 -8.03
N HIS A 95 4.79 -3.19 -7.02
CA HIS A 95 3.33 -3.21 -7.19
C HIS A 95 2.76 -2.15 -6.26
N ASN A 96 1.90 -1.28 -6.80
CA ASN A 96 1.30 -0.22 -5.99
C ASN A 96 0.21 -0.80 -5.12
N ALA A 97 0.42 -0.75 -3.80
CA ALA A 97 -0.26 -1.61 -2.84
C ALA A 97 -1.59 -1.04 -2.35
N ASP A 98 -2.32 -0.32 -3.18
CA ASP A 98 -3.63 0.18 -2.78
C ASP A 98 -4.70 -0.90 -2.97
N CYS A 99 -4.57 -1.97 -2.17
CA CYS A 99 -5.52 -3.07 -2.21
C CYS A 99 -6.88 -2.70 -1.64
N PHE A 100 -7.01 -1.56 -0.96
CA PHE A 100 -8.33 -1.08 -0.58
C PHE A 100 -9.07 -0.56 -1.80
N GLU A 101 -8.35 0.03 -2.73
CA GLU A 101 -8.92 0.80 -3.83
C GLU A 101 -8.95 0.02 -5.13
N CYS A 102 -8.61 -1.26 -5.11
CA CYS A 102 -8.55 -2.06 -6.33
C CYS A 102 -9.91 -2.68 -6.60
N ASP A 103 -10.35 -2.59 -7.85
CA ASP A 103 -11.64 -3.16 -8.23
C ASP A 103 -11.61 -4.69 -8.15
N LYS A 104 -10.43 -5.28 -8.32
CA LYS A 104 -10.28 -6.72 -8.38
C LYS A 104 -10.01 -7.30 -6.98
N ASN A 105 -10.31 -6.54 -5.93
CA ASN A 105 -10.06 -6.97 -4.57
C ASN A 105 -10.89 -8.20 -4.22
N LEU A 106 -10.29 -9.10 -3.44
CA LEU A 106 -10.81 -10.39 -3.00
C LEU A 106 -11.00 -11.38 -4.16
N HIS A 107 -10.65 -11.00 -5.39
CA HIS A 107 -10.65 -11.93 -6.52
C HIS A 107 -9.33 -11.93 -7.27
N CYS A 108 -8.37 -11.11 -6.87
CA CYS A 108 -7.07 -11.06 -7.53
C CYS A 108 -6.31 -12.35 -7.26
N LYS A 109 -5.79 -12.97 -8.32
CA LYS A 109 -5.03 -14.19 -8.15
C LYS A 109 -3.66 -13.92 -7.52
N LEU A 110 -3.09 -12.75 -7.82
CA LEU A 110 -1.79 -12.39 -7.25
C LEU A 110 -1.89 -12.22 -5.75
N GLN A 111 -2.99 -11.64 -5.26
CA GLN A 111 -3.19 -11.50 -3.82
C GLN A 111 -3.36 -12.86 -3.16
N LYS A 112 -4.09 -13.76 -3.80
CA LYS A 112 -4.26 -15.11 -3.25
C LYS A 112 -2.93 -15.85 -3.18
N TYR A 113 -2.08 -15.69 -4.20
CA TYR A 113 -0.78 -16.35 -4.16
C TYR A 113 0.17 -15.68 -3.18
N ALA A 114 0.02 -14.38 -2.97
CA ALA A 114 0.82 -13.70 -1.95
C ALA A 114 0.45 -14.17 -0.55
N TYR A 115 -0.83 -14.44 -0.32
CA TYR A 115 -1.24 -15.03 0.96
C TYR A 115 -0.80 -16.48 1.07
N GLU A 116 -0.92 -17.24 -0.03
CA GLU A 116 -0.77 -18.69 0.02
C GLU A 116 0.68 -19.11 0.24
N LEU A 117 1.64 -18.31 -0.22
CA LEU A 117 3.05 -18.67 -0.14
C LEU A 117 3.75 -18.05 1.05
N ASN A 118 3.00 -17.43 1.98
CA ASN A 118 3.51 -16.98 3.26
C ASN A 118 4.62 -15.94 3.06
N ILE A 119 4.22 -14.77 2.55
CA ILE A 119 5.09 -13.62 2.43
C ILE A 119 4.73 -12.66 3.57
N ARG A 120 5.74 -12.26 4.34
CA ARG A 120 5.52 -11.38 5.48
C ARG A 120 6.46 -10.19 5.54
N ASN A 121 7.61 -10.22 4.86
CA ASN A 121 8.57 -9.12 4.96
C ASN A 121 9.36 -9.06 3.67
N ILE A 122 9.10 -8.03 2.87
CA ILE A 122 9.75 -7.86 1.58
C ILE A 122 11.05 -7.08 1.78
N ARG A 123 12.18 -7.72 1.47
CA ARG A 123 13.48 -7.08 1.66
C ARG A 123 13.88 -6.21 0.48
N PHE A 124 13.36 -6.48 -0.71
CA PHE A 124 13.67 -5.68 -1.89
C PHE A 124 12.71 -4.50 -1.95
N LYS A 125 13.20 -3.32 -1.58
CA LYS A 125 12.42 -2.09 -1.67
C LYS A 125 13.16 -1.12 -2.59
N GLY A 126 12.42 -0.49 -3.49
CA GLY A 126 13.04 0.44 -4.42
C GLY A 126 12.10 1.07 -5.43
N GLU A 127 12.55 1.12 -6.68
CA GLU A 127 11.79 1.78 -7.73
C GLU A 127 10.49 1.03 -8.01
N LYS A 128 9.41 1.78 -8.12
CA LYS A 128 8.09 1.24 -8.40
C LYS A 128 7.61 1.72 -9.77
N ARG A 129 6.69 0.97 -10.35
CA ARG A 129 6.06 1.39 -11.59
C ARG A 129 5.23 2.64 -11.33
N ASN A 130 5.39 3.64 -12.21
CA ASN A 130 4.72 4.93 -12.01
C ASN A 130 4.29 5.52 -13.35
N TYR A 131 3.16 5.06 -13.85
CA TYR A 131 2.58 5.54 -15.09
C TYR A 131 1.34 6.39 -14.77
N GLU A 132 0.74 6.94 -15.82
CA GLU A 132 -0.45 7.77 -15.68
C GLU A 132 -1.63 7.05 -16.29
N ILE A 133 -2.75 7.04 -15.59
CA ILE A 133 -3.95 6.36 -16.04
C ILE A 133 -4.78 7.33 -16.89
N LYS A 134 -5.49 6.78 -17.86
CA LYS A 134 -6.37 7.56 -18.73
C LYS A 134 -7.64 6.76 -18.99
N ASP A 135 -8.70 7.48 -19.33
CA ASP A 135 -9.96 6.82 -19.68
C ASP A 135 -9.90 6.22 -21.08
N ASN A 136 -10.71 5.18 -21.30
CA ASN A 136 -10.78 4.51 -22.59
C ASN A 136 -12.20 4.14 -22.95
N GLY A 137 -13.18 4.65 -22.22
CA GLY A 137 -14.56 4.26 -22.41
C GLY A 137 -15.01 3.29 -21.33
N PRO A 138 -15.51 2.12 -21.74
CA PRO A 138 -15.95 1.12 -20.76
C PRO A 138 -14.81 0.28 -20.19
N ILE A 139 -13.59 0.40 -20.71
CA ILE A 139 -12.45 -0.37 -20.23
C ILE A 139 -11.52 0.57 -19.49
N TYR A 140 -11.25 0.27 -18.22
CA TYR A 140 -10.42 1.10 -17.36
C TYR A 140 -9.08 0.38 -17.20
N TYR A 141 -8.01 0.99 -17.71
CA TYR A 141 -6.69 0.37 -17.78
C TYR A 141 -5.75 1.11 -16.86
N ASP A 142 -5.13 0.38 -15.92
CA ASP A 142 -4.20 0.92 -14.93
C ASP A 142 -2.88 0.19 -15.08
N PRO A 143 -1.91 0.77 -15.80
CA PRO A 143 -0.63 0.06 -16.01
C PRO A 143 0.29 0.05 -14.81
N ASN A 144 -0.13 0.59 -13.66
CA ASN A 144 0.68 0.48 -12.45
C ASN A 144 0.62 -0.91 -11.84
N LYS A 145 -0.43 -1.67 -12.15
CA LYS A 145 -0.64 -2.98 -11.53
C LYS A 145 -0.35 -4.14 -12.49
N CYS A 146 0.10 -3.87 -13.70
CA CYS A 146 0.36 -4.92 -14.67
C CYS A 146 1.57 -5.76 -14.25
N ILE A 147 1.48 -7.06 -14.48
CA ILE A 147 2.60 -7.96 -14.23
C ILE A 147 3.14 -8.58 -15.50
N LEU A 148 2.67 -8.11 -16.66
CA LEU A 148 3.14 -8.56 -17.99
C LEU A 148 3.04 -10.07 -18.15
N CYS A 149 1.87 -10.62 -17.79
CA CYS A 149 1.62 -12.03 -18.02
C CYS A 149 1.31 -12.34 -19.47
N GLY A 150 0.83 -11.36 -20.23
CA GLY A 150 0.58 -11.56 -21.64
C GLY A 150 -0.72 -12.24 -21.99
N LYS A 151 -1.63 -12.41 -21.03
CA LYS A 151 -2.90 -13.07 -21.32
C LYS A 151 -3.77 -12.23 -22.25
N CYS A 152 -3.75 -10.90 -22.07
CA CYS A 152 -4.62 -10.05 -22.87
C CYS A 152 -4.23 -10.05 -24.34
N VAL A 153 -2.94 -9.93 -24.64
CA VAL A 153 -2.52 -9.93 -26.05
C VAL A 153 -2.74 -11.30 -26.68
N ARG A 154 -2.53 -12.37 -25.91
CA ARG A 154 -2.73 -13.71 -26.45
C ARG A 154 -4.21 -13.97 -26.74
N ILE A 155 -5.11 -13.49 -25.87
CA ILE A 155 -6.53 -13.68 -26.12
C ILE A 155 -7.05 -12.73 -27.19
N CYS A 156 -6.35 -11.62 -27.43
CA CYS A 156 -6.78 -10.71 -28.48
C CYS A 156 -6.15 -11.02 -29.83
N GLU A 157 -5.14 -11.90 -29.88
CA GLU A 157 -4.47 -12.21 -31.14
C GLU A 157 -4.66 -13.65 -31.58
N GLU A 158 -4.59 -14.61 -30.65
CA GLU A 158 -4.65 -16.01 -31.03
C GLU A 158 -6.09 -16.48 -31.17
N VAL A 159 -7.00 -15.94 -30.36
CA VAL A 159 -8.39 -16.36 -30.38
C VAL A 159 -9.23 -15.39 -31.19
N GLN A 160 -9.25 -14.12 -30.80
CA GLN A 160 -10.13 -13.16 -31.44
C GLN A 160 -9.63 -12.74 -32.82
N HIS A 161 -8.35 -12.95 -33.12
CA HIS A 161 -7.73 -12.57 -34.40
C HIS A 161 -7.94 -11.11 -34.74
N ILE A 162 -7.83 -10.22 -33.76
CA ILE A 162 -8.09 -8.80 -33.97
C ILE A 162 -6.80 -7.98 -33.88
N CYS A 163 -5.94 -8.30 -32.91
CA CYS A 163 -4.63 -7.66 -32.72
C CYS A 163 -4.79 -6.16 -32.43
N ALA A 164 -5.46 -5.86 -31.33
CA ALA A 164 -5.74 -4.46 -30.99
C ALA A 164 -4.65 -3.86 -30.11
N ILE A 165 -4.03 -4.67 -29.25
CA ILE A 165 -3.00 -4.19 -28.33
C ILE A 165 -1.79 -5.10 -28.43
N ASP A 166 -0.63 -4.57 -28.03
CA ASP A 166 0.58 -5.38 -28.02
C ASP A 166 1.57 -4.72 -27.07
N PHE A 167 2.66 -5.43 -26.79
CA PHE A 167 3.72 -4.96 -25.91
C PHE A 167 4.39 -3.72 -26.49
N ALA A 168 5.14 -3.03 -25.63
CA ALA A 168 5.89 -1.85 -26.03
C ALA A 168 7.02 -1.63 -25.03
N SER A 169 8.02 -0.87 -25.48
CA SER A 169 9.26 -0.59 -24.76
C SER A 169 10.05 -1.87 -24.48
N ARG A 170 11.07 -1.76 -23.63
CA ARG A 170 11.99 -2.87 -23.42
C ARG A 170 12.51 -2.82 -21.99
N GLY A 171 12.66 -4.01 -21.40
CA GLY A 171 13.22 -4.11 -20.06
C GLY A 171 12.18 -3.91 -18.98
N PHE A 172 12.60 -3.22 -17.91
CA PHE A 172 11.73 -2.95 -16.78
C PHE A 172 10.54 -2.06 -17.15
N LYS A 173 10.66 -1.26 -18.20
CA LYS A 173 9.62 -0.31 -18.56
C LYS A 173 8.71 -0.80 -19.67
N ALA A 174 8.70 -2.10 -19.94
CA ALA A 174 7.80 -2.64 -20.95
C ALA A 174 6.36 -2.55 -20.47
N TYR A 175 5.45 -2.24 -21.38
CA TYR A 175 4.05 -2.10 -21.03
C TYR A 175 3.19 -2.38 -22.25
N ILE A 176 1.98 -2.85 -22.01
CA ILE A 176 1.07 -3.24 -23.08
C ILE A 176 0.15 -2.08 -23.42
N SER A 177 0.07 -1.75 -24.71
CA SER A 177 -0.69 -0.58 -25.12
C SER A 177 -1.12 -0.70 -26.58
N THR A 178 -1.83 0.32 -27.02
CA THR A 178 -2.25 0.49 -28.40
C THR A 178 -1.17 1.23 -29.19
N PRO A 179 -1.31 1.33 -30.51
CA PRO A 179 -0.39 2.21 -31.26
C PRO A 179 -0.45 3.65 -30.80
N PHE A 180 0.72 4.16 -30.37
CA PHE A 180 0.93 5.58 -30.09
C PHE A 180 0.06 6.08 -28.94
N GLU A 181 -0.29 5.16 -28.03
CA GLU A 181 -1.02 5.46 -26.79
C GLU A 181 -2.37 6.15 -27.05
N LYS A 182 -3.04 5.81 -28.15
CA LYS A 182 -4.34 6.38 -28.45
C LYS A 182 -5.43 5.66 -27.67
N PRO A 183 -6.57 6.30 -27.45
CA PRO A 183 -7.69 5.62 -26.78
C PRO A 183 -8.21 4.45 -27.59
N LEU A 184 -8.78 3.46 -26.88
CA LEU A 184 -9.27 2.24 -27.50
C LEU A 184 -10.39 2.48 -28.49
N LEU A 185 -11.15 3.58 -28.33
CA LEU A 185 -12.34 3.78 -29.16
C LEU A 185 -11.96 4.01 -30.62
N GLU A 186 -10.90 4.78 -30.86
CA GLU A 186 -10.45 5.07 -32.22
C GLU A 186 -9.36 4.11 -32.70
N SER A 187 -9.02 3.11 -31.89
CA SER A 187 -8.10 2.07 -32.32
C SER A 187 -8.88 0.95 -33.00
N ASP A 188 -8.24 -0.20 -33.20
CA ASP A 188 -8.88 -1.31 -33.90
C ASP A 188 -9.71 -2.19 -32.99
N CYS A 189 -9.88 -1.82 -31.73
CA CYS A 189 -10.67 -2.63 -30.80
C CYS A 189 -12.14 -2.62 -31.18
N ILE A 190 -12.83 -3.71 -30.84
CA ILE A 190 -14.26 -3.85 -31.10
C ILE A 190 -15.06 -3.99 -29.81
N PHE A 191 -14.40 -3.89 -28.66
CA PHE A 191 -15.04 -3.96 -27.34
C PHE A 191 -15.79 -5.27 -27.12
N CYS A 192 -15.09 -6.38 -27.37
CA CYS A 192 -15.65 -7.68 -27.03
C CYS A 192 -15.58 -7.96 -25.54
N GLY A 193 -14.59 -7.42 -24.84
CA GLY A 193 -14.48 -7.59 -23.40
C GLY A 193 -13.78 -8.85 -22.95
N GLN A 194 -13.17 -9.61 -23.86
CA GLN A 194 -12.50 -10.83 -23.46
C GLN A 194 -11.25 -10.56 -22.62
N CYS A 195 -10.54 -9.47 -22.91
CA CYS A 195 -9.32 -9.17 -22.18
C CYS A 195 -9.60 -8.84 -20.71
N VAL A 196 -10.81 -8.35 -20.42
CA VAL A 196 -11.17 -8.08 -19.03
C VAL A 196 -11.38 -9.36 -18.24
N ARG A 197 -11.90 -10.40 -18.90
CA ARG A 197 -12.27 -11.63 -18.20
C ARG A 197 -11.07 -12.43 -17.75
N VAL A 198 -9.93 -12.32 -18.46
CA VAL A 198 -8.79 -13.19 -18.20
C VAL A 198 -7.66 -12.50 -17.44
N CYS A 199 -7.79 -11.22 -17.13
CA CYS A 199 -6.70 -10.50 -16.46
C CYS A 199 -6.59 -10.98 -15.01
N PRO A 200 -5.44 -11.51 -14.59
CA PRO A 200 -5.32 -12.03 -13.23
C PRO A 200 -5.06 -10.97 -12.17
N THR A 201 -4.81 -9.73 -12.56
CA THR A 201 -4.63 -8.62 -11.63
C THR A 201 -5.70 -7.57 -11.90
N GLY A 202 -5.58 -6.42 -11.24
CA GLY A 202 -6.58 -5.39 -11.35
C GLY A 202 -6.24 -4.32 -12.38
N ALA A 203 -5.35 -4.64 -13.31
CA ALA A 203 -4.95 -3.66 -14.32
C ALA A 203 -6.09 -3.30 -15.25
N LEU A 204 -6.89 -4.30 -15.65
CA LEU A 204 -8.00 -4.10 -16.57
C LEU A 204 -9.30 -4.30 -15.83
N ALA A 205 -10.16 -3.29 -15.84
CA ALA A 205 -11.42 -3.36 -15.09
C ALA A 205 -12.48 -2.54 -15.83
N GLU A 206 -13.59 -2.27 -15.16
CA GLU A 206 -14.74 -1.62 -15.75
C GLU A 206 -14.93 -0.22 -15.18
N LYS A 207 -15.24 0.73 -16.05
CA LYS A 207 -15.73 2.03 -15.60
C LYS A 207 -17.08 1.83 -14.92
N THR A 208 -17.29 2.54 -13.80
CA THR A 208 -18.48 2.35 -12.98
C THR A 208 -19.39 3.57 -13.08
N ASP A 209 -20.70 3.30 -13.17
CA ASP A 209 -21.71 4.33 -13.12
C ASP A 209 -22.55 4.20 -11.85
N ILE A 210 -21.90 3.82 -10.75
CA ILE A 210 -22.62 3.53 -9.51
C ILE A 210 -23.16 4.82 -8.91
N GLU A 211 -22.35 5.87 -8.92
CA GLU A 211 -22.75 7.14 -8.32
C GLU A 211 -23.95 7.74 -9.04
N ARG A 212 -24.01 7.59 -10.36
CA ARG A 212 -25.16 8.11 -11.10
C ARG A 212 -26.44 7.36 -10.72
N ILE A 213 -26.33 6.05 -10.48
CA ILE A 213 -27.47 5.28 -10.02
C ILE A 213 -27.94 5.78 -8.66
N TYR A 214 -27.00 6.02 -7.74
CA TYR A 214 -27.41 6.47 -6.41
C TYR A 214 -27.98 7.89 -6.42
N GLU A 215 -27.45 8.80 -7.24
CA GLU A 215 -28.05 10.12 -7.35
C GLU A 215 -29.43 10.06 -8.02
N ALA A 216 -29.60 9.16 -9.00
CA ALA A 216 -30.90 9.02 -9.64
C ALA A 216 -31.95 8.47 -8.69
N ILE A 217 -31.57 7.47 -7.88
CA ILE A 217 -32.51 6.94 -6.90
C ILE A 217 -32.79 7.94 -5.79
N SER A 218 -31.78 8.70 -5.35
CA SER A 218 -31.97 9.68 -4.28
C SER A 218 -32.88 10.83 -4.72
N ASP A 219 -33.00 11.09 -6.01
CA ASP A 219 -33.88 12.15 -6.48
C ASP A 219 -35.33 11.72 -6.35
N PRO A 220 -36.17 12.43 -5.61
CA PRO A 220 -37.57 12.02 -5.43
C PRO A 220 -38.47 12.32 -6.62
N ASN A 221 -37.96 12.94 -7.68
CA ASN A 221 -38.76 13.26 -8.86
C ASN A 221 -38.42 12.37 -10.05
N LYS A 222 -37.72 11.26 -9.81
CA LYS A 222 -37.34 10.34 -10.88
C LYS A 222 -37.81 8.93 -10.52
N VAL A 223 -38.50 8.29 -11.46
CA VAL A 223 -38.99 6.93 -11.29
C VAL A 223 -38.05 5.99 -12.04
N VAL A 224 -37.62 4.94 -11.36
CA VAL A 224 -36.56 4.06 -11.85
C VAL A 224 -37.16 2.71 -12.25
N VAL A 225 -36.86 2.29 -13.48
CA VAL A 225 -37.24 0.98 -13.98
C VAL A 225 -35.97 0.25 -14.41
N VAL A 226 -35.84 -1.01 -13.99
CA VAL A 226 -34.62 -1.78 -14.20
C VAL A 226 -34.98 -3.07 -14.91
N GLN A 227 -34.18 -3.43 -15.92
CA GLN A 227 -34.32 -4.66 -16.67
C GLN A 227 -33.13 -5.57 -16.41
N VAL A 228 -33.33 -6.87 -16.58
CA VAL A 228 -32.28 -7.87 -16.43
C VAL A 228 -32.17 -8.67 -17.72
N ALA A 229 -30.97 -9.15 -18.01
CA ALA A 229 -30.74 -9.93 -19.21
C ALA A 229 -31.11 -11.40 -18.97
N PRO A 230 -31.42 -12.15 -20.03
CA PRO A 230 -31.69 -13.58 -19.85
C PRO A 230 -30.51 -14.38 -19.33
N ALA A 231 -29.28 -13.95 -19.62
CA ALA A 231 -28.09 -14.72 -19.27
C ALA A 231 -27.53 -14.39 -17.89
N VAL A 232 -28.16 -13.49 -17.15
CA VAL A 232 -27.64 -13.13 -15.83
C VAL A 232 -28.16 -14.09 -14.76
N ARG A 233 -29.40 -14.56 -14.92
CA ARG A 233 -30.06 -15.38 -13.91
C ARG A 233 -29.44 -16.76 -13.74
N VAL A 234 -28.57 -17.21 -14.64
CA VAL A 234 -27.97 -18.52 -14.56
C VAL A 234 -26.59 -18.48 -13.90
N ALA A 235 -25.90 -17.35 -13.93
CA ALA A 235 -24.55 -17.25 -13.38
C ALA A 235 -24.42 -16.22 -12.28
N LEU A 236 -25.51 -15.54 -11.90
CA LEU A 236 -25.45 -14.59 -10.80
C LEU A 236 -25.14 -15.26 -9.46
N GLY A 237 -25.47 -16.55 -9.32
CA GLY A 237 -25.32 -17.23 -8.04
C GLY A 237 -23.92 -17.68 -7.69
N GLU A 238 -22.94 -17.46 -8.58
CA GLU A 238 -21.57 -17.88 -8.30
C GLU A 238 -20.92 -17.04 -7.21
N GLU A 239 -21.30 -15.77 -7.08
CA GLU A 239 -20.68 -14.91 -6.07
C GLU A 239 -21.02 -15.36 -4.65
N PHE A 240 -22.15 -16.01 -4.45
CA PHE A 240 -22.67 -16.28 -3.12
C PHE A 240 -22.41 -17.71 -2.67
N GLY A 241 -21.56 -18.45 -3.36
CA GLY A 241 -21.18 -19.78 -2.94
C GLY A 241 -21.94 -20.92 -3.57
N LEU A 242 -22.81 -20.65 -4.54
CA LEU A 242 -23.54 -21.69 -5.23
C LEU A 242 -22.79 -22.12 -6.48
N GLU A 243 -23.00 -23.38 -6.88
CA GLU A 243 -22.41 -23.88 -8.10
C GLU A 243 -23.05 -23.20 -9.32
N PRO A 244 -22.31 -23.05 -10.41
CA PRO A 244 -22.91 -22.48 -11.63
C PRO A 244 -24.02 -23.35 -12.17
N GLY A 245 -25.04 -22.71 -12.71
CA GLY A 245 -26.19 -23.41 -13.25
C GLY A 245 -27.41 -23.45 -12.37
N GLU A 246 -27.49 -22.60 -11.36
CA GLU A 246 -28.65 -22.54 -10.47
C GLU A 246 -29.58 -21.42 -10.90
N ILE A 247 -30.88 -21.68 -10.81
CA ILE A 247 -31.90 -20.72 -11.22
C ILE A 247 -32.29 -19.87 -10.01
N VAL A 248 -31.98 -18.58 -10.08
CA VAL A 248 -32.13 -17.68 -8.94
C VAL A 248 -32.99 -16.49 -9.33
N THR A 249 -33.93 -16.69 -10.26
CA THR A 249 -34.73 -15.60 -10.79
C THR A 249 -35.54 -14.90 -9.70
N GLY A 250 -36.27 -15.67 -8.89
CA GLY A 250 -37.07 -15.08 -7.84
C GLY A 250 -36.25 -14.38 -6.77
N LYS A 251 -35.12 -14.98 -6.40
CA LYS A 251 -34.25 -14.36 -5.40
C LYS A 251 -33.69 -13.03 -5.90
N MET A 252 -33.27 -12.99 -7.16
CA MET A 252 -32.74 -11.74 -7.71
C MET A 252 -33.84 -10.71 -7.91
N VAL A 253 -35.08 -11.16 -8.17
CA VAL A 253 -36.20 -10.23 -8.26
C VAL A 253 -36.47 -9.60 -6.91
N ALA A 254 -36.47 -10.42 -5.85
CA ALA A 254 -36.67 -9.89 -4.51
C ALA A 254 -35.54 -8.94 -4.12
N ALA A 255 -34.30 -9.28 -4.47
CA ALA A 255 -33.17 -8.40 -4.16
C ALA A 255 -33.26 -7.08 -4.89
N LEU A 256 -33.68 -7.11 -6.17
CA LEU A 256 -33.85 -5.88 -6.92
C LEU A 256 -34.99 -5.03 -6.37
N LYS A 257 -36.08 -5.68 -5.92
CA LYS A 257 -37.19 -4.93 -5.34
C LYS A 257 -36.79 -4.27 -4.02
N ARG A 258 -35.99 -4.95 -3.21
CA ARG A 258 -35.55 -4.40 -1.93
C ARG A 258 -34.43 -3.37 -2.09
N LEU A 259 -33.81 -3.27 -3.26
CA LEU A 259 -32.70 -2.35 -3.46
C LEU A 259 -33.15 -0.90 -3.67
N GLY A 260 -34.44 -0.65 -3.81
CA GLY A 260 -34.94 0.69 -4.04
C GLY A 260 -35.45 0.97 -5.43
N PHE A 261 -35.29 0.03 -6.37
CA PHE A 261 -35.78 0.22 -7.72
C PHE A 261 -37.30 0.18 -7.73
N ASP A 262 -37.91 1.17 -8.41
CA ASP A 262 -39.37 1.27 -8.39
C ASP A 262 -40.02 0.14 -9.17
N LYS A 263 -39.55 -0.11 -10.40
CA LYS A 263 -40.13 -1.15 -11.24
C LYS A 263 -39.04 -2.09 -11.74
N VAL A 264 -39.36 -3.38 -11.77
CA VAL A 264 -38.45 -4.41 -12.24
C VAL A 264 -39.13 -5.16 -13.37
N PHE A 265 -38.53 -5.11 -14.56
CA PHE A 265 -39.01 -5.83 -15.73
C PHE A 265 -37.90 -6.74 -16.24
N ASP A 266 -38.13 -7.33 -17.41
CA ASP A 266 -37.15 -8.23 -18.02
C ASP A 266 -37.07 -7.98 -19.53
N THR A 267 -35.91 -8.34 -20.10
CA THR A 267 -35.63 -8.13 -21.51
C THR A 267 -36.38 -9.11 -22.40
N GLN A 268 -36.88 -10.22 -21.83
CA GLN A 268 -37.52 -11.27 -22.61
C GLN A 268 -38.72 -10.76 -23.42
N PHE A 269 -39.45 -9.78 -22.90
CA PHE A 269 -40.53 -9.17 -23.65
C PHE A 269 -40.00 -8.46 -24.90
N ALA A 270 -39.00 -7.59 -24.70
CA ALA A 270 -38.36 -6.94 -25.84
C ALA A 270 -37.64 -7.95 -26.72
N ALA A 271 -37.16 -9.04 -26.14
CA ALA A 271 -36.55 -10.09 -26.95
C ALA A 271 -37.57 -10.73 -27.88
N ASP A 272 -38.78 -11.01 -27.38
CA ASP A 272 -39.82 -11.57 -28.24
C ASP A 272 -40.26 -10.57 -29.31
N MET A 273 -40.33 -9.28 -28.96
CA MET A 273 -40.63 -8.26 -29.96
C MET A 273 -39.55 -8.21 -31.04
N THR A 274 -38.28 -8.31 -30.65
CA THR A 274 -37.18 -8.35 -31.60
C THR A 274 -37.28 -9.58 -32.50
N ILE A 275 -37.64 -10.73 -31.93
CA ILE A 275 -37.81 -11.94 -32.73
C ILE A 275 -38.93 -11.76 -33.76
N VAL A 276 -40.04 -11.15 -33.35
CA VAL A 276 -41.15 -10.91 -34.27
C VAL A 276 -40.71 -10.01 -35.41
N GLU A 277 -40.01 -8.91 -35.09
CA GLU A 277 -39.56 -8.01 -36.14
C GLU A 277 -38.55 -8.67 -37.07
N GLU A 278 -37.60 -9.43 -36.50
CA GLU A 278 -36.59 -10.10 -37.31
C GLU A 278 -37.20 -11.16 -38.22
N THR A 279 -38.20 -11.91 -37.74
CA THR A 279 -38.79 -12.92 -38.59
C THR A 279 -39.70 -12.30 -39.65
N ALA A 280 -40.32 -11.15 -39.34
CA ALA A 280 -41.05 -10.43 -40.38
C ALA A 280 -40.12 -9.96 -41.49
N GLU A 281 -38.96 -9.40 -41.10
CA GLU A 281 -37.98 -8.97 -42.08
C GLU A 281 -37.44 -10.14 -42.88
N LEU A 282 -37.19 -11.28 -42.22
CA LEU A 282 -36.69 -12.46 -42.92
C LEU A 282 -37.73 -13.00 -43.91
N VAL A 283 -39.00 -13.00 -43.52
CA VAL A 283 -40.06 -13.47 -44.42
C VAL A 283 -40.15 -12.56 -45.63
N GLU A 284 -40.11 -11.24 -45.40
CA GLU A 284 -40.15 -10.28 -46.50
C GLU A 284 -38.96 -10.43 -47.43
N ARG A 285 -37.75 -10.61 -46.87
CA ARG A 285 -36.56 -10.76 -47.69
C ARG A 285 -36.60 -12.06 -48.49
N LEU A 286 -37.09 -13.15 -47.89
CA LEU A 286 -37.19 -14.42 -48.59
C LEU A 286 -38.23 -14.35 -49.71
N GLU A 287 -39.31 -13.59 -49.49
CA GLU A 287 -40.30 -13.41 -50.55
C GLU A 287 -39.72 -12.59 -51.69
N LYS A 288 -38.96 -11.54 -51.40
CA LYS A 288 -38.28 -10.83 -52.48
C LYS A 288 -37.05 -11.56 -52.99
N GLY A 289 -36.37 -12.32 -52.13
CA GLY A 289 -35.15 -12.98 -52.54
C GLY A 289 -34.00 -12.05 -52.86
N GLU A 290 -33.78 -11.04 -52.01
CA GLU A 290 -32.74 -10.04 -52.24
C GLU A 290 -31.83 -9.95 -51.01
N ASN A 291 -30.61 -9.46 -51.25
CA ASN A 291 -29.63 -9.16 -50.22
C ASN A 291 -29.28 -10.40 -49.39
N PHE A 292 -28.70 -11.38 -50.09
CA PHE A 292 -28.24 -12.59 -49.43
C PHE A 292 -26.73 -12.56 -49.25
N PRO A 293 -26.22 -12.93 -48.07
CA PRO A 293 -26.97 -13.37 -46.90
C PRO A 293 -27.44 -12.20 -46.03
N MET A 294 -28.28 -12.49 -45.03
CA MET A 294 -28.80 -11.47 -44.13
C MET A 294 -28.27 -11.76 -42.73
N PHE A 295 -27.65 -10.75 -42.13
CA PHE A 295 -26.97 -10.89 -40.85
C PHE A 295 -27.84 -10.32 -39.72
N THR A 296 -27.70 -10.92 -38.54
CA THR A 296 -28.38 -10.41 -37.36
C THR A 296 -27.54 -9.35 -36.68
N SER A 297 -28.21 -8.36 -36.08
CA SER A 297 -27.55 -7.20 -35.48
C SER A 297 -27.83 -7.10 -33.99
N CYS A 298 -27.84 -8.23 -33.30
CA CYS A 298 -28.13 -8.25 -31.87
C CYS A 298 -26.89 -8.16 -30.99
N CYS A 299 -25.69 -8.11 -31.57
CA CYS A 299 -24.46 -8.07 -30.78
C CYS A 299 -23.70 -6.79 -31.09
N PRO A 300 -23.55 -5.89 -30.12
CA PRO A 300 -22.82 -4.63 -30.38
C PRO A 300 -21.38 -4.81 -30.82
N SER A 301 -20.68 -5.83 -30.32
CA SER A 301 -19.33 -6.06 -30.78
C SER A 301 -19.31 -6.47 -32.25
N TRP A 302 -20.28 -7.28 -32.68
CA TRP A 302 -20.37 -7.66 -34.09
C TRP A 302 -20.65 -6.45 -34.97
N ILE A 303 -21.53 -5.54 -34.54
CA ILE A 303 -21.83 -4.39 -35.37
C ILE A 303 -20.63 -3.43 -35.40
N LEU A 304 -19.87 -3.35 -34.30
CA LEU A 304 -18.63 -2.57 -34.34
C LEU A 304 -17.62 -3.19 -35.29
N ALA A 305 -17.53 -4.53 -35.31
CA ALA A 305 -16.62 -5.19 -36.24
C ALA A 305 -17.02 -4.92 -37.68
N VAL A 306 -18.32 -4.94 -37.96
CA VAL A 306 -18.79 -4.63 -39.32
C VAL A 306 -18.49 -3.19 -39.68
N GLU A 307 -18.73 -2.26 -38.75
CA GLU A 307 -18.51 -0.85 -39.06
C GLU A 307 -17.03 -0.51 -39.14
N LYS A 308 -16.17 -1.34 -38.55
CA LYS A 308 -14.74 -1.01 -38.51
C LYS A 308 -13.95 -1.71 -39.60
N PHE A 309 -14.18 -3.00 -39.84
CA PHE A 309 -13.37 -3.76 -40.78
C PHE A 309 -14.04 -4.06 -42.10
N TYR A 310 -15.35 -4.32 -42.11
CA TYR A 310 -16.06 -4.78 -43.30
C TYR A 310 -17.20 -3.83 -43.62
N PRO A 311 -16.90 -2.67 -44.21
CA PRO A 311 -17.96 -1.71 -44.53
C PRO A 311 -18.83 -2.14 -45.71
N GLU A 312 -18.40 -3.14 -46.48
CA GLU A 312 -19.16 -3.60 -47.64
C GLU A 312 -20.37 -4.44 -47.26
N LEU A 313 -20.42 -4.96 -46.04
CA LEU A 313 -21.54 -5.76 -45.57
C LEU A 313 -22.67 -4.94 -44.99
N ILE A 314 -22.55 -3.60 -45.02
CA ILE A 314 -23.58 -2.74 -44.43
C ILE A 314 -24.94 -2.92 -45.08
N PRO A 315 -25.10 -2.98 -46.41
CA PRO A 315 -26.44 -3.23 -46.96
C PRO A 315 -27.02 -4.59 -46.60
N ASN A 316 -26.20 -5.59 -46.26
CA ASN A 316 -26.68 -6.94 -46.06
C ASN A 316 -27.07 -7.25 -44.61
N ILE A 317 -26.84 -6.33 -43.68
CA ILE A 317 -27.14 -6.57 -42.27
C ILE A 317 -28.49 -6.00 -41.93
N SER A 318 -29.15 -6.60 -40.94
CA SER A 318 -30.49 -6.19 -40.56
C SER A 318 -30.47 -4.85 -39.84
N THR A 319 -31.59 -4.14 -39.90
CA THR A 319 -31.73 -2.84 -39.27
C THR A 319 -32.44 -2.88 -37.93
N ALA A 320 -32.72 -4.07 -37.41
CA ALA A 320 -33.43 -4.19 -36.14
C ALA A 320 -32.53 -3.72 -35.00
N ARG A 321 -33.15 -3.10 -34.00
CA ARG A 321 -32.41 -2.59 -32.85
C ARG A 321 -32.06 -3.72 -31.88
N SER A 322 -31.10 -3.44 -31.01
CA SER A 322 -30.81 -4.35 -29.92
C SER A 322 -31.98 -4.40 -28.95
N PRO A 323 -32.19 -5.52 -28.26
CA PRO A 323 -33.31 -5.61 -27.31
C PRO A 323 -33.28 -4.56 -26.21
N GLN A 324 -32.07 -4.15 -25.79
CA GLN A 324 -31.96 -3.10 -24.78
C GLN A 324 -32.58 -1.79 -25.25
N GLN A 325 -32.25 -1.38 -26.48
CA GLN A 325 -32.83 -0.15 -27.01
C GLN A 325 -34.31 -0.30 -27.31
N ILE A 326 -34.75 -1.52 -27.64
CA ILE A 326 -36.17 -1.77 -27.84
C ILE A 326 -36.93 -1.54 -26.54
N PHE A 327 -36.41 -2.09 -25.43
CA PHE A 327 -37.06 -1.88 -24.14
C PHE A 327 -36.99 -0.43 -23.72
N GLY A 328 -35.88 0.24 -24.04
CA GLY A 328 -35.79 1.66 -23.74
C GLY A 328 -36.83 2.49 -24.47
N ALA A 329 -37.04 2.19 -25.76
CA ALA A 329 -38.06 2.88 -26.53
C ALA A 329 -39.46 2.59 -25.98
N ILE A 330 -39.72 1.34 -25.61
CA ILE A 330 -41.02 1.00 -25.05
C ILE A 330 -41.26 1.73 -23.72
N ALA A 331 -40.25 1.77 -22.87
CA ALA A 331 -40.41 2.42 -21.56
C ALA A 331 -40.54 3.92 -21.70
N LYS A 332 -39.81 4.54 -22.62
CA LYS A 332 -39.84 5.99 -22.77
C LYS A 332 -41.00 6.50 -23.61
N ASN A 333 -41.59 5.66 -24.45
CA ASN A 333 -42.62 6.12 -25.38
C ASN A 333 -44.01 5.59 -25.09
N TYR A 334 -44.18 4.30 -24.85
CA TYR A 334 -45.50 3.73 -24.62
C TYR A 334 -45.86 3.60 -23.15
N TYR A 335 -44.95 3.08 -22.32
CA TYR A 335 -45.26 2.88 -20.91
C TYR A 335 -45.42 4.22 -20.17
N ALA A 336 -44.64 5.23 -20.56
CA ALA A 336 -44.67 6.50 -19.84
C ALA A 336 -46.02 7.20 -19.96
N LYS A 337 -46.61 7.18 -21.15
CA LYS A 337 -47.93 7.79 -21.32
C LYS A 337 -49.02 6.98 -20.64
N LYS A 338 -48.83 5.66 -20.52
CA LYS A 338 -49.79 4.83 -19.81
C LYS A 338 -49.77 5.11 -18.32
N ILE A 339 -48.58 5.13 -17.72
CA ILE A 339 -48.48 5.40 -16.28
C ILE A 339 -48.75 6.87 -16.00
N GLY A 340 -48.36 7.76 -16.91
CA GLY A 340 -48.54 9.18 -16.71
C GLY A 340 -47.32 9.85 -16.11
N VAL A 341 -46.13 9.43 -16.55
CA VAL A 341 -44.87 9.98 -16.08
C VAL A 341 -44.16 10.65 -17.25
N ALA A 342 -43.67 11.86 -17.03
CA ALA A 342 -42.98 12.60 -18.07
C ALA A 342 -41.70 11.88 -18.49
N ARG A 343 -41.35 12.01 -19.76
CA ARG A 343 -40.18 11.32 -20.30
C ARG A 343 -38.89 11.81 -19.64
N GLU A 344 -38.83 13.10 -19.32
CA GLU A 344 -37.64 13.67 -18.71
C GLU A 344 -37.42 13.22 -17.26
N ASN A 345 -38.40 12.56 -16.64
CA ASN A 345 -38.30 12.13 -15.26
C ASN A 345 -38.30 10.61 -15.12
N MET A 346 -37.96 9.89 -16.18
CA MET A 346 -37.91 8.43 -16.17
C MET A 346 -36.46 7.99 -16.29
N PHE A 347 -36.04 7.06 -15.41
CA PHE A 347 -34.70 6.51 -15.43
C PHE A 347 -34.79 5.02 -15.77
N VAL A 348 -33.97 4.59 -16.72
CA VAL A 348 -33.94 3.20 -17.17
C VAL A 348 -32.56 2.63 -16.90
N VAL A 349 -32.50 1.54 -16.14
CA VAL A 349 -31.25 0.88 -15.77
C VAL A 349 -31.29 -0.54 -16.30
N SER A 350 -30.19 -0.99 -16.87
CA SER A 350 -30.09 -2.33 -17.46
C SER A 350 -29.00 -3.12 -16.75
N VAL A 351 -29.23 -4.42 -16.60
CA VAL A 351 -28.23 -5.34 -16.10
C VAL A 351 -27.92 -6.34 -17.21
N MET A 352 -26.75 -6.19 -17.83
CA MET A 352 -26.37 -7.03 -18.95
C MET A 352 -25.00 -7.64 -18.72
N PRO A 353 -24.73 -8.82 -19.27
CA PRO A 353 -23.42 -9.47 -19.08
C PRO A 353 -22.35 -9.04 -20.08
N CYS A 354 -22.62 -8.05 -20.92
CA CYS A 354 -21.69 -7.62 -21.95
C CYS A 354 -21.01 -6.33 -21.53
N ILE A 355 -19.97 -5.98 -22.29
CA ILE A 355 -19.21 -4.76 -22.04
C ILE A 355 -19.43 -3.83 -23.23
N GLY A 356 -19.75 -4.41 -24.38
CA GLY A 356 -20.09 -3.60 -25.53
C GLY A 356 -21.34 -2.78 -25.34
N LYS A 357 -22.23 -3.23 -24.45
CA LYS A 357 -23.44 -2.46 -24.16
C LYS A 357 -23.12 -1.15 -23.47
N LYS A 358 -22.07 -1.13 -22.65
CA LYS A 358 -21.68 0.10 -21.96
C LYS A 358 -21.29 1.19 -22.94
N PHE A 359 -20.55 0.84 -23.99
CA PHE A 359 -20.25 1.80 -25.05
C PHE A 359 -21.47 2.06 -25.92
N GLU A 360 -22.27 1.03 -26.16
CA GLU A 360 -23.43 1.13 -27.04
C GLU A 360 -24.47 2.09 -26.49
N ALA A 361 -24.55 2.23 -25.17
CA ALA A 361 -25.54 3.10 -24.56
C ALA A 361 -25.33 4.57 -24.92
N THR A 362 -24.09 4.99 -25.13
CA THR A 362 -23.77 6.40 -25.33
C THR A 362 -23.63 6.79 -26.79
N ARG A 363 -24.06 5.95 -27.71
CA ARG A 363 -24.04 6.31 -29.13
C ARG A 363 -25.07 7.39 -29.40
N PRO A 364 -24.70 8.47 -30.10
CA PRO A 364 -25.67 9.57 -30.30
C PRO A 364 -26.83 9.22 -31.20
N GLU A 365 -26.75 8.13 -31.96
CA GLU A 365 -27.83 7.77 -32.88
C GLU A 365 -29.08 7.29 -32.14
N PHE A 366 -28.94 6.84 -30.90
CA PHE A 366 -30.03 6.20 -30.17
C PHE A 366 -30.79 7.17 -29.25
N ASN A 367 -30.44 8.46 -29.28
CA ASN A 367 -31.19 9.51 -28.59
C ASN A 367 -31.24 9.30 -27.07
N ASN A 368 -30.27 8.55 -26.53
CA ASN A 368 -30.14 8.32 -25.10
C ASN A 368 -31.40 7.70 -24.50
N ASP A 369 -31.79 6.54 -25.03
CA ASP A 369 -32.95 5.83 -24.49
C ASP A 369 -32.60 5.12 -23.19
N VAL A 370 -31.37 4.60 -23.09
CA VAL A 370 -30.87 3.95 -21.88
C VAL A 370 -29.86 4.88 -21.24
N ASP A 371 -30.06 5.18 -19.96
CA ASP A 371 -29.24 6.20 -19.30
C ASP A 371 -27.96 5.60 -18.72
N ALA A 372 -28.07 4.51 -17.98
CA ALA A 372 -26.91 3.87 -17.38
C ALA A 372 -27.01 2.36 -17.57
N VAL A 373 -25.85 1.72 -17.61
CA VAL A 373 -25.75 0.27 -17.84
C VAL A 373 -24.90 -0.33 -16.74
N LEU A 374 -25.37 -1.42 -16.15
CA LEU A 374 -24.64 -2.17 -15.14
C LEU A 374 -24.19 -3.51 -15.72
N THR A 375 -23.46 -4.26 -14.91
CA THR A 375 -23.07 -5.63 -15.22
C THR A 375 -23.47 -6.52 -14.05
N THR A 376 -23.24 -7.83 -14.20
CA THR A 376 -23.59 -8.76 -13.14
C THR A 376 -22.75 -8.54 -11.89
N ARG A 377 -21.47 -8.20 -12.06
CA ARG A 377 -20.61 -7.94 -10.91
C ARG A 377 -21.09 -6.73 -10.11
N GLU A 378 -21.55 -5.69 -10.80
CA GLU A 378 -22.04 -4.51 -10.09
C GLU A 378 -23.31 -4.82 -9.31
N LEU A 379 -24.21 -5.62 -9.90
CA LEU A 379 -25.41 -6.03 -9.16
C LEU A 379 -25.06 -6.90 -7.97
N ALA A 380 -24.08 -7.79 -8.12
CA ALA A 380 -23.64 -8.60 -6.99
C ALA A 380 -22.95 -7.75 -5.92
N ARG A 381 -22.36 -6.62 -6.29
CA ARG A 381 -21.81 -5.70 -5.31
C ARG A 381 -22.90 -4.92 -4.58
N MET A 382 -23.98 -4.55 -5.29
CA MET A 382 -25.13 -3.91 -4.64
C MET A 382 -25.71 -4.79 -3.54
N ILE A 383 -25.87 -6.08 -3.79
CA ILE A 383 -26.53 -6.96 -2.84
C ILE A 383 -25.73 -7.02 -1.54
N LYS A 384 -24.41 -7.17 -1.65
CA LYS A 384 -23.57 -7.20 -0.45
C LYS A 384 -23.49 -5.83 0.20
N GLU A 385 -23.56 -4.76 -0.59
CA GLU A 385 -23.50 -3.42 -0.02
C GLU A 385 -24.72 -3.12 0.84
N SER A 386 -25.91 -3.50 0.36
CA SER A 386 -27.13 -3.20 1.11
C SER A 386 -27.41 -4.22 2.21
N GLY A 387 -26.60 -5.26 2.33
CA GLY A 387 -26.75 -6.22 3.40
C GLY A 387 -27.76 -7.32 3.16
N ILE A 388 -28.32 -7.43 1.95
CA ILE A 388 -29.32 -8.43 1.66
C ILE A 388 -28.67 -9.81 1.59
N ASP A 389 -29.17 -10.75 2.37
CA ASP A 389 -28.68 -12.12 2.37
C ASP A 389 -29.35 -12.89 1.24
N PHE A 390 -28.56 -13.33 0.26
CA PHE A 390 -29.12 -13.88 -0.96
C PHE A 390 -29.64 -15.30 -0.78
N ILE A 391 -29.14 -16.03 0.22
CA ILE A 391 -29.47 -17.44 0.34
C ILE A 391 -30.92 -17.64 0.78
N LYS A 392 -31.41 -16.82 1.72
CA LYS A 392 -32.67 -17.05 2.39
C LYS A 392 -33.76 -16.06 1.97
N LEU A 393 -33.68 -15.54 0.76
CA LEU A 393 -34.73 -14.67 0.24
C LEU A 393 -35.94 -15.49 -0.20
N GLU A 394 -37.07 -14.81 -0.32
CA GLU A 394 -38.30 -15.40 -0.82
C GLU A 394 -38.51 -15.00 -2.28
N GLU A 395 -38.76 -16.00 -3.12
CA GLU A 395 -38.89 -15.75 -4.54
C GLU A 395 -40.19 -15.04 -4.87
N GLU A 396 -40.11 -14.05 -5.76
CA GLU A 396 -41.28 -13.34 -6.23
C GLU A 396 -41.34 -13.36 -7.76
N ASN A 397 -42.27 -12.58 -8.33
CA ASN A 397 -42.48 -12.54 -9.76
C ASN A 397 -42.22 -11.13 -10.29
N PHE A 398 -42.15 -11.02 -11.61
CA PHE A 398 -41.93 -9.74 -12.25
C PHE A 398 -43.21 -8.89 -12.21
N ASP A 399 -43.04 -7.60 -12.46
CA ASP A 399 -44.13 -6.65 -12.38
C ASP A 399 -44.98 -6.72 -13.65
N SER A 400 -45.91 -5.77 -13.80
CA SER A 400 -46.86 -5.65 -14.89
C SER A 400 -46.63 -4.36 -15.66
N PRO A 401 -47.01 -4.27 -16.95
CA PRO A 401 -47.68 -5.28 -17.79
C PRO A 401 -46.77 -5.98 -18.78
N LEU A 402 -45.45 -5.79 -18.69
CA LEU A 402 -44.51 -6.37 -19.63
C LEU A 402 -43.41 -7.16 -18.93
N GLY A 403 -43.79 -7.95 -17.94
CA GLY A 403 -42.86 -8.81 -17.24
C GLY A 403 -42.97 -10.26 -17.63
N GLU A 404 -44.15 -10.67 -18.09
CA GLU A 404 -44.38 -12.04 -18.50
C GLU A 404 -43.55 -12.40 -19.72
N SER A 405 -43.07 -13.64 -19.78
CA SER A 405 -42.10 -14.06 -20.79
C SER A 405 -42.53 -15.39 -21.40
N THR A 406 -41.80 -15.78 -22.43
CA THR A 406 -41.97 -17.05 -23.12
C THR A 406 -40.67 -17.83 -23.14
N GLY A 407 -40.75 -19.08 -23.56
CA GLY A 407 -39.58 -19.93 -23.64
C GLY A 407 -38.70 -19.68 -24.85
N ALA A 408 -39.20 -18.95 -25.85
CA ALA A 408 -38.38 -18.63 -27.01
C ALA A 408 -37.31 -17.61 -26.69
N ALA A 409 -37.57 -16.73 -25.73
CA ALA A 409 -36.64 -15.67 -25.36
C ALA A 409 -35.73 -16.03 -24.20
N ALA A 410 -35.81 -17.26 -23.69
CA ALA A 410 -35.02 -17.69 -22.55
C ALA A 410 -33.69 -18.33 -22.94
N ILE A 411 -33.43 -18.49 -24.24
CA ILE A 411 -32.22 -19.14 -24.70
C ILE A 411 -31.35 -18.18 -25.51
N PHE A 412 -31.48 -16.87 -25.28
CA PHE A 412 -30.59 -15.93 -25.94
C PHE A 412 -29.18 -15.95 -25.38
N GLY A 413 -28.98 -16.51 -24.20
CA GLY A 413 -27.67 -16.59 -23.59
C GLY A 413 -26.81 -17.74 -24.07
N VAL A 414 -27.27 -18.48 -25.09
CA VAL A 414 -26.54 -19.60 -25.66
C VAL A 414 -26.27 -19.28 -27.11
N THR A 415 -25.12 -19.73 -27.63
CA THR A 415 -24.88 -19.61 -29.06
C THR A 415 -25.94 -20.39 -29.85
N GLY A 416 -26.49 -19.73 -30.87
CA GLY A 416 -27.49 -20.33 -31.71
C GLY A 416 -28.90 -20.33 -31.16
N GLY A 417 -29.12 -19.82 -29.95
CA GLY A 417 -30.46 -19.78 -29.40
C GLY A 417 -31.38 -18.84 -30.15
N VAL A 418 -30.84 -17.70 -30.61
CA VAL A 418 -31.61 -16.80 -31.47
C VAL A 418 -32.04 -17.54 -32.74
N MET A 419 -31.18 -18.42 -33.24
CA MET A 419 -31.52 -19.19 -34.43
C MET A 419 -32.66 -20.16 -34.15
N GLU A 420 -32.64 -20.81 -32.97
CA GLU A 420 -33.74 -21.70 -32.62
C GLU A 420 -35.05 -20.94 -32.51
N ALA A 421 -35.02 -19.76 -31.90
CA ALA A 421 -36.23 -18.95 -31.81
C ALA A 421 -36.71 -18.54 -33.20
N ALA A 422 -35.79 -18.16 -34.08
CA ALA A 422 -36.16 -17.75 -35.43
C ALA A 422 -36.79 -18.90 -36.22
N LEU A 423 -36.23 -20.10 -36.11
CA LEU A 423 -36.84 -21.26 -36.77
C LEU A 423 -38.19 -21.60 -36.16
N ARG A 424 -38.31 -21.49 -34.82
CA ARG A 424 -39.57 -21.80 -34.16
C ARG A 424 -40.68 -20.89 -34.64
N THR A 425 -40.39 -19.60 -34.79
CA THR A 425 -41.43 -18.67 -35.27
C THR A 425 -41.61 -18.76 -36.79
N ALA A 426 -40.54 -19.06 -37.52
CA ALA A 426 -40.64 -19.11 -38.98
C ALA A 426 -41.42 -20.32 -39.44
N TYR A 427 -41.32 -21.44 -38.73
CA TYR A 427 -42.11 -22.62 -39.07
C TYR A 427 -43.60 -22.32 -38.98
N SER A 428 -44.00 -21.61 -37.92
CA SER A 428 -45.40 -21.25 -37.78
C SER A 428 -45.83 -20.20 -38.80
N ILE A 429 -44.94 -19.25 -39.12
CA ILE A 429 -45.36 -18.18 -40.02
C ILE A 429 -45.34 -18.64 -41.48
N MET A 430 -44.65 -19.73 -41.80
CA MET A 430 -44.68 -20.27 -43.15
C MET A 430 -45.66 -21.42 -43.32
N THR A 431 -45.53 -22.46 -42.52
CA THR A 431 -46.35 -23.66 -42.69
C THR A 431 -47.79 -23.43 -42.27
N GLY A 432 -48.00 -22.53 -41.30
CA GLY A 432 -49.33 -22.23 -40.79
C GLY A 432 -49.71 -23.01 -39.56
N GLU A 433 -49.04 -24.13 -39.29
CA GLU A 433 -49.30 -24.92 -38.10
C GLU A 433 -48.23 -24.66 -37.05
N GLU A 434 -48.39 -25.30 -35.90
CA GLU A 434 -47.47 -25.14 -34.78
C GLU A 434 -46.77 -26.47 -34.51
N LEU A 435 -45.46 -26.41 -34.31
CA LEU A 435 -44.69 -27.62 -34.01
C LEU A 435 -45.06 -28.14 -32.63
N GLU A 436 -45.16 -29.47 -32.52
CA GLU A 436 -45.51 -30.12 -31.27
C GLU A 436 -44.59 -31.31 -31.04
N GLY A 437 -44.17 -31.49 -29.80
CA GLY A 437 -43.31 -32.61 -29.45
C GLY A 437 -41.84 -32.30 -29.60
N ASP A 438 -41.06 -33.26 -30.07
CA ASP A 438 -39.63 -33.09 -30.26
C ASP A 438 -39.28 -32.16 -31.41
N LYS A 439 -40.24 -31.84 -32.28
CA LYS A 439 -39.97 -30.96 -33.41
C LYS A 439 -39.83 -29.50 -32.99
N ILE A 440 -40.18 -29.16 -31.75
CA ILE A 440 -39.95 -27.80 -31.26
C ILE A 440 -38.45 -27.53 -31.14
N GLU A 441 -37.70 -28.49 -30.58
CA GLU A 441 -36.28 -28.33 -30.40
C GLU A 441 -35.54 -28.67 -31.68
N PHE A 442 -34.57 -27.83 -32.03
CA PHE A 442 -33.69 -28.05 -33.19
C PHE A 442 -32.33 -28.46 -32.64
N THR A 443 -32.09 -29.77 -32.57
CA THR A 443 -30.85 -30.28 -32.01
C THR A 443 -29.66 -30.12 -32.95
N ALA A 444 -29.89 -29.75 -34.21
CA ALA A 444 -28.80 -29.59 -35.16
C ALA A 444 -27.97 -28.33 -34.93
N VAL A 445 -28.46 -27.40 -34.12
CA VAL A 445 -27.78 -26.13 -33.88
C VAL A 445 -27.33 -26.01 -32.42
N ARG A 446 -27.11 -27.15 -31.75
CA ARG A 446 -26.70 -27.15 -30.35
C ARG A 446 -25.31 -27.77 -30.21
N GLY A 447 -24.57 -27.29 -29.23
CA GLY A 447 -23.23 -27.75 -28.96
C GLY A 447 -22.31 -26.58 -28.75
N LEU A 448 -21.00 -26.84 -28.88
CA LEU A 448 -19.98 -25.81 -28.71
C LEU A 448 -19.00 -25.83 -29.88
N GLU A 449 -19.44 -26.31 -31.04
CA GLU A 449 -18.59 -26.30 -32.22
C GLU A 449 -18.38 -24.87 -32.70
N GLY A 450 -17.23 -24.64 -33.34
CA GLY A 450 -16.92 -23.31 -33.84
C GLY A 450 -17.86 -22.87 -34.95
N ILE A 451 -18.18 -23.79 -35.86
CA ILE A 451 -19.05 -23.51 -37.00
C ILE A 451 -20.23 -24.46 -36.93
N LYS A 452 -21.44 -23.92 -37.00
CA LYS A 452 -22.66 -24.74 -36.97
C LYS A 452 -23.45 -24.50 -38.24
N GLU A 453 -23.51 -25.51 -39.10
CA GLU A 453 -24.28 -25.43 -40.33
C GLU A 453 -25.51 -26.32 -40.24
N ALA A 454 -26.61 -25.87 -40.84
CA ALA A 454 -27.85 -26.64 -40.84
C ALA A 454 -28.58 -26.42 -42.16
N GLU A 455 -29.23 -27.48 -42.62
CA GLU A 455 -30.09 -27.43 -43.81
C GLU A 455 -31.50 -27.71 -43.32
N VAL A 456 -32.26 -26.64 -43.07
CA VAL A 456 -33.55 -26.74 -42.41
C VAL A 456 -34.65 -26.84 -43.47
N ASP A 457 -35.50 -27.85 -43.33
CA ASP A 457 -36.57 -28.10 -44.28
C ASP A 457 -37.90 -27.69 -43.69
N ILE A 458 -38.65 -26.87 -44.42
CA ILE A 458 -39.99 -26.42 -44.03
C ILE A 458 -40.92 -26.66 -45.22
N LYS A 459 -41.80 -27.65 -45.08
CA LYS A 459 -42.82 -27.99 -46.10
C LYS A 459 -42.19 -28.22 -47.48
N GLY A 460 -41.03 -28.87 -47.49
CA GLY A 460 -40.34 -29.17 -48.72
C GLY A 460 -39.37 -28.11 -49.22
N LYS A 461 -39.31 -26.95 -48.57
CA LYS A 461 -38.39 -25.88 -48.94
C LYS A 461 -37.20 -25.90 -47.98
N LYS A 462 -36.00 -25.99 -48.54
CA LYS A 462 -34.78 -26.08 -47.75
C LYS A 462 -34.06 -24.74 -47.69
N VAL A 463 -33.64 -24.36 -46.49
CA VAL A 463 -32.90 -23.12 -46.28
C VAL A 463 -31.61 -23.45 -45.54
N ARG A 464 -30.62 -22.57 -45.69
CA ARG A 464 -29.31 -22.73 -45.07
C ARG A 464 -29.22 -21.84 -43.84
N ILE A 465 -28.73 -22.41 -42.74
CA ILE A 465 -28.57 -21.69 -41.48
C ILE A 465 -27.13 -21.84 -41.04
N ALA A 466 -26.47 -20.72 -40.77
CA ALA A 466 -25.06 -20.70 -40.37
C ALA A 466 -24.91 -19.95 -39.06
N ILE A 467 -24.20 -20.56 -38.12
CA ILE A 467 -23.92 -19.98 -36.81
C ILE A 467 -22.42 -19.98 -36.58
N ALA A 468 -21.88 -18.83 -36.19
CA ALA A 468 -20.47 -18.69 -35.88
C ALA A 468 -20.33 -17.96 -34.55
N ASN A 469 -19.63 -18.58 -33.61
CA ASN A 469 -19.29 -17.95 -32.34
C ASN A 469 -17.81 -17.65 -32.33
N GLY A 470 -17.45 -16.45 -31.92
CA GLY A 470 -16.08 -16.01 -32.01
C GLY A 470 -15.85 -15.18 -33.27
N ILE A 471 -15.05 -14.13 -33.12
CA ILE A 471 -14.83 -13.22 -34.25
C ILE A 471 -13.96 -13.88 -35.32
N GLY A 472 -13.00 -14.70 -34.92
CA GLY A 472 -12.17 -15.39 -35.89
C GLY A 472 -12.97 -16.33 -36.78
N ASN A 473 -13.89 -17.08 -36.18
CA ASN A 473 -14.77 -17.94 -36.97
C ASN A 473 -15.66 -17.11 -37.88
N ALA A 474 -16.09 -15.94 -37.42
CA ALA A 474 -16.87 -15.05 -38.27
C ALA A 474 -16.05 -14.58 -39.46
N LYS A 475 -14.75 -14.30 -39.24
CA LYS A 475 -13.87 -13.95 -40.35
C LYS A 475 -13.74 -15.11 -41.33
N LYS A 476 -13.66 -16.34 -40.81
CA LYS A 476 -13.59 -17.50 -41.70
C LYS A 476 -14.85 -17.63 -42.54
N LEU A 477 -16.02 -17.44 -41.94
CA LEU A 477 -17.27 -17.44 -42.72
C LEU A 477 -17.31 -16.31 -43.72
N ILE A 478 -16.78 -15.14 -43.37
CA ILE A 478 -16.75 -14.02 -44.31
C ILE A 478 -15.87 -14.35 -45.51
N GLU A 479 -14.71 -14.95 -45.25
CA GLU A 479 -13.82 -15.35 -46.34
C GLU A 479 -14.48 -16.40 -47.23
N LYS A 480 -15.17 -17.36 -46.63
CA LYS A 480 -15.86 -18.38 -47.42
C LYS A 480 -17.03 -17.80 -48.23
N ILE A 481 -17.79 -16.87 -47.65
CA ILE A 481 -18.92 -16.26 -48.35
C ILE A 481 -18.45 -15.40 -49.51
N LYS A 482 -17.42 -14.58 -49.28
CA LYS A 482 -16.88 -13.76 -50.35
C LYS A 482 -16.20 -14.59 -51.42
N SER A 483 -15.79 -15.82 -51.09
CA SER A 483 -15.22 -16.72 -52.08
C SER A 483 -16.27 -17.30 -53.01
N GLY A 484 -17.54 -17.28 -52.61
CA GLY A 484 -18.60 -17.80 -53.46
C GLY A 484 -18.69 -19.30 -53.53
N GLU A 485 -18.17 -20.02 -52.53
CA GLU A 485 -18.30 -21.47 -52.51
C GLU A 485 -19.75 -21.89 -52.35
N THR A 486 -20.50 -21.23 -51.47
CA THR A 486 -21.89 -21.55 -51.22
C THR A 486 -22.62 -20.29 -50.79
N LYS A 487 -23.94 -20.36 -50.79
CA LYS A 487 -24.79 -19.25 -50.40
C LYS A 487 -25.65 -19.65 -49.21
N TYR A 488 -25.75 -18.76 -48.23
CA TYR A 488 -26.61 -18.93 -47.08
C TYR A 488 -27.80 -17.96 -47.18
N ASP A 489 -28.61 -17.95 -46.14
CA ASP A 489 -29.80 -17.11 -46.10
C ASP A 489 -29.89 -16.24 -44.86
N PHE A 490 -29.44 -16.73 -43.71
CA PHE A 490 -29.73 -16.07 -42.44
C PHE A 490 -28.67 -16.48 -41.44
N VAL A 491 -27.74 -15.57 -41.13
CA VAL A 491 -26.47 -15.89 -40.49
C VAL A 491 -26.34 -15.12 -39.19
N GLU A 492 -25.96 -15.81 -38.12
CA GLU A 492 -25.80 -15.24 -36.79
C GLU A 492 -24.33 -15.17 -36.41
N VAL A 493 -23.94 -14.07 -35.76
CA VAL A 493 -22.59 -13.92 -35.22
C VAL A 493 -22.69 -13.43 -33.78
N MET A 494 -21.94 -14.06 -32.88
CA MET A 494 -21.71 -13.54 -31.53
C MET A 494 -20.21 -13.46 -31.31
N ALA A 495 -19.73 -12.29 -30.89
CA ALA A 495 -18.29 -12.07 -30.77
C ALA A 495 -17.69 -12.91 -29.65
N CYS A 496 -18.36 -13.04 -28.52
CA CYS A 496 -17.81 -13.83 -27.45
C CYS A 496 -17.90 -15.32 -27.80
N PRO A 497 -16.87 -16.11 -27.47
CA PRO A 497 -16.91 -17.55 -27.76
C PRO A 497 -17.87 -18.25 -26.81
N GLY A 498 -18.84 -18.96 -27.38
CA GLY A 498 -19.81 -19.69 -26.60
C GLY A 498 -21.09 -18.96 -26.31
N GLY A 499 -21.23 -17.72 -26.75
CA GLY A 499 -22.43 -16.94 -26.49
C GLY A 499 -22.26 -16.03 -25.30
N CYS A 500 -23.38 -15.36 -24.96
CA CYS A 500 -23.38 -14.36 -23.90
C CYS A 500 -23.10 -14.93 -22.52
N MET A 501 -23.16 -16.26 -22.35
CA MET A 501 -22.81 -16.85 -21.05
C MET A 501 -21.34 -16.67 -20.71
N SER A 502 -20.49 -16.37 -21.70
CA SER A 502 -19.06 -16.15 -21.49
C SER A 502 -18.66 -14.72 -21.80
N GLY A 503 -19.51 -13.75 -21.49
CA GLY A 503 -19.17 -12.37 -21.70
C GLY A 503 -18.26 -11.83 -20.61
N GLY A 504 -17.89 -10.56 -20.77
CA GLY A 504 -17.00 -9.94 -19.81
C GLY A 504 -17.64 -9.50 -18.51
N GLY A 505 -18.97 -9.52 -18.44
CA GLY A 505 -19.63 -9.09 -17.21
C GLY A 505 -19.86 -10.21 -16.23
N GLN A 506 -19.74 -11.46 -16.67
CA GLN A 506 -20.01 -12.60 -15.81
C GLN A 506 -18.93 -12.72 -14.73
N PRO A 507 -19.27 -13.31 -13.59
CA PRO A 507 -18.29 -13.42 -12.50
C PRO A 507 -17.13 -14.33 -12.87
N TYR A 508 -15.98 -14.07 -12.23
CA TYR A 508 -14.79 -14.86 -12.46
C TYR A 508 -14.94 -16.27 -11.90
N THR A 509 -14.36 -17.23 -12.59
CA THR A 509 -14.42 -18.63 -12.18
C THR A 509 -13.07 -19.30 -12.41
N ASP A 510 -12.88 -20.43 -11.73
CA ASP A 510 -11.67 -21.23 -11.86
C ASP A 510 -11.92 -22.61 -12.47
N ASP A 511 -13.16 -23.08 -12.49
CA ASP A 511 -13.46 -24.38 -13.07
C ASP A 511 -13.26 -24.35 -14.58
N PRO A 512 -12.62 -25.38 -15.14
CA PRO A 512 -12.36 -25.40 -16.58
C PRO A 512 -13.58 -25.76 -17.43
N GLU A 513 -14.68 -26.20 -16.82
CA GLU A 513 -15.86 -26.63 -17.55
C GLU A 513 -17.10 -25.84 -17.13
N PHE A 514 -16.96 -24.52 -17.03
CA PHE A 514 -18.10 -23.70 -16.67
C PHE A 514 -19.10 -23.55 -17.81
N ARG A 515 -18.61 -23.64 -19.07
CA ARG A 515 -19.49 -23.48 -20.22
C ARG A 515 -20.54 -24.58 -20.27
N LYS A 516 -20.14 -25.83 -20.06
CA LYS A 516 -21.09 -26.94 -20.10
C LYS A 516 -22.13 -26.81 -18.99
N LYS A 517 -21.69 -26.44 -17.78
CA LYS A 517 -22.62 -26.27 -16.67
C LYS A 517 -23.63 -25.16 -16.96
N ARG A 518 -23.16 -24.05 -17.53
CA ARG A 518 -24.08 -22.95 -17.81
C ARG A 518 -25.04 -23.28 -18.95
N MET A 519 -24.57 -24.03 -19.95
CA MET A 519 -25.48 -24.49 -21.01
C MET A 519 -26.56 -25.41 -20.46
N GLU A 520 -26.16 -26.34 -19.58
CA GLU A 520 -27.15 -27.22 -18.96
C GLU A 520 -28.13 -26.43 -18.10
N GLY A 521 -27.64 -25.41 -17.39
CA GLY A 521 -28.53 -24.57 -16.60
C GLY A 521 -29.55 -23.83 -17.45
N ILE A 522 -29.10 -23.24 -18.56
CA ILE A 522 -30.00 -22.50 -19.43
C ILE A 522 -31.03 -23.43 -20.07
N TYR A 523 -30.59 -24.60 -20.54
CA TYR A 523 -31.52 -25.52 -21.18
C TYR A 523 -32.52 -26.10 -20.18
N LYS A 524 -32.08 -26.40 -18.96
CA LYS A 524 -33.01 -26.87 -17.94
C LYS A 524 -33.98 -25.76 -17.54
N ASN A 525 -33.53 -24.50 -17.56
CA ASN A 525 -34.43 -23.37 -17.36
C ASN A 525 -35.47 -23.29 -18.45
N ASP A 526 -35.06 -23.49 -19.70
CA ASP A 526 -35.99 -23.39 -20.82
C ASP A 526 -37.00 -24.53 -20.80
N ARG A 527 -36.58 -25.71 -20.35
CA ARG A 527 -37.47 -26.86 -20.33
C ARG A 527 -38.51 -26.78 -19.21
N ASN A 528 -38.40 -25.80 -18.31
CA ASN A 528 -39.29 -25.67 -17.16
C ASN A 528 -40.34 -24.57 -17.35
N LEU A 529 -40.75 -24.29 -18.59
CA LEU A 529 -41.68 -23.20 -18.85
C LEU A 529 -42.81 -23.70 -19.74
N PRO A 530 -44.07 -23.39 -19.42
CA PRO A 530 -45.19 -23.92 -20.21
C PRO A 530 -45.24 -23.42 -21.64
N LYS A 531 -44.87 -22.16 -21.90
CA LYS A 531 -44.93 -21.60 -23.24
C LYS A 531 -43.55 -21.60 -23.88
N ARG A 532 -43.47 -22.11 -25.12
CA ARG A 532 -42.20 -22.27 -25.81
C ARG A 532 -42.16 -21.53 -27.14
N LYS A 533 -43.09 -20.61 -27.41
CA LYS A 533 -43.17 -19.93 -28.68
C LYS A 533 -43.27 -18.42 -28.45
N SER A 534 -42.62 -17.66 -29.34
CA SER A 534 -42.54 -16.21 -29.15
C SER A 534 -43.87 -15.52 -29.43
N HIS A 535 -44.54 -15.89 -30.51
CA HIS A 535 -45.77 -15.21 -30.90
C HIS A 535 -46.95 -15.57 -30.01
N GLU A 536 -46.84 -16.65 -29.22
CA GLU A 536 -47.94 -17.06 -28.35
C GLU A 536 -48.11 -16.12 -27.16
N ASN A 537 -47.14 -15.23 -26.93
CA ASN A 537 -47.27 -14.23 -25.88
C ASN A 537 -48.45 -13.30 -26.18
N GLU A 538 -49.16 -12.89 -25.13
CA GLU A 538 -50.31 -12.02 -25.31
C GLU A 538 -49.94 -10.55 -25.24
N GLU A 539 -48.99 -10.20 -24.38
CA GLU A 539 -48.67 -8.79 -24.16
C GLU A 539 -48.00 -8.14 -25.37
N VAL A 540 -47.22 -8.92 -26.14
CA VAL A 540 -46.68 -8.41 -27.39
C VAL A 540 -47.80 -8.05 -28.35
N LYS A 541 -48.82 -8.91 -28.44
CA LYS A 541 -49.97 -8.63 -29.28
C LYS A 541 -50.73 -7.40 -28.78
N LYS A 542 -50.87 -7.25 -27.46
CA LYS A 542 -51.52 -6.06 -26.91
C LYS A 542 -50.76 -4.79 -27.27
N VAL A 543 -49.43 -4.84 -27.17
CA VAL A 543 -48.61 -3.67 -27.50
C VAL A 543 -48.74 -3.33 -28.98
N TYR A 544 -48.71 -4.35 -29.85
CA TYR A 544 -48.87 -4.10 -31.28
C TYR A 544 -50.23 -3.50 -31.60
N GLU A 545 -51.31 -4.14 -31.15
CA GLU A 545 -52.65 -3.66 -31.50
C GLU A 545 -53.04 -2.39 -30.75
N GLU A 546 -52.29 -1.99 -29.73
CA GLU A 546 -52.55 -0.74 -29.03
C GLU A 546 -51.88 0.47 -29.66
N TYR A 547 -50.63 0.32 -30.12
CA TYR A 547 -49.81 1.47 -30.52
C TYR A 547 -49.43 1.43 -31.99
N TYR A 548 -48.96 0.30 -32.51
CA TYR A 548 -48.38 0.25 -33.84
C TYR A 548 -49.27 -0.40 -34.89
N GLU A 549 -50.16 -1.30 -34.47
CA GLU A 549 -51.22 -1.90 -35.30
C GLU A 549 -50.69 -2.84 -36.38
N LYS A 550 -49.37 -2.93 -36.54
CA LYS A 550 -48.76 -3.77 -37.56
C LYS A 550 -47.26 -3.89 -37.31
N PRO A 551 -46.68 -5.10 -37.40
CA PRO A 551 -45.23 -5.21 -37.37
C PRO A 551 -44.61 -4.60 -38.63
N CYS A 552 -43.40 -4.04 -38.45
CA CYS A 552 -42.66 -3.36 -39.51
C CYS A 552 -43.46 -2.22 -40.14
N GLY A 553 -44.22 -1.50 -39.33
CA GLY A 553 -44.98 -0.37 -39.81
C GLY A 553 -44.16 0.90 -39.84
N PRO A 554 -44.77 1.97 -40.34
CA PRO A 554 -44.06 3.27 -40.38
C PRO A 554 -43.63 3.76 -39.01
N LYS A 555 -44.46 3.59 -37.98
CA LYS A 555 -44.05 3.91 -36.62
C LYS A 555 -42.97 2.96 -36.14
N ALA A 556 -43.09 1.68 -36.47
CA ALA A 556 -42.05 0.71 -36.15
C ALA A 556 -40.76 1.01 -36.90
N HIS A 557 -40.87 1.42 -38.16
CA HIS A 557 -39.69 1.81 -38.92
C HIS A 557 -39.04 3.06 -38.33
N GLU A 558 -39.86 3.94 -37.74
CA GLU A 558 -39.33 5.13 -37.09
C GLU A 558 -38.64 4.82 -35.77
N GLU A 559 -39.19 3.91 -34.96
CA GLU A 559 -38.71 3.70 -33.60
C GLU A 559 -37.96 2.39 -33.40
N LEU A 560 -38.35 1.32 -34.09
CA LEU A 560 -37.80 -0.01 -33.84
C LEU A 560 -36.67 -0.36 -34.79
N HIS A 561 -36.20 0.59 -35.62
CA HIS A 561 -35.14 0.33 -36.57
C HIS A 561 -34.17 1.50 -36.59
N THR A 562 -32.92 1.21 -36.92
CA THR A 562 -31.88 2.22 -36.97
C THR A 562 -30.97 1.94 -38.16
N HIS A 563 -30.09 2.89 -38.46
CA HIS A 563 -29.17 2.78 -39.58
C HIS A 563 -27.73 2.92 -39.08
N TYR A 564 -26.81 2.29 -39.81
CA TYR A 564 -25.40 2.25 -39.46
C TYR A 564 -24.57 3.03 -40.48
N HIS A 565 -23.49 3.63 -39.99
CA HIS A 565 -22.57 4.38 -40.82
C HIS A 565 -21.17 3.78 -40.68
N SER A 566 -20.44 3.75 -41.79
CA SER A 566 -19.13 3.12 -41.82
C SER A 566 -18.12 3.96 -41.04
N ARG A 567 -17.37 3.30 -40.16
CA ARG A 567 -16.34 3.95 -39.36
C ARG A 567 -14.95 3.77 -39.94
N LYS A 568 -14.80 2.95 -40.99
CA LYS A 568 -13.48 2.65 -41.56
C LYS A 568 -12.99 3.85 -42.35
N LYS A 569 -12.43 4.82 -41.63
CA LYS A 569 -11.85 5.99 -42.27
C LYS A 569 -10.53 5.61 -42.93
N GLU A 570 -10.32 6.11 -44.15
CA GLU A 570 -9.15 5.74 -44.94
C GLU A 570 -7.91 6.49 -44.45
N TYR A 571 -6.76 5.91 -44.74
CA TYR A 571 -5.49 6.46 -44.25
C TYR A 571 -4.71 7.11 -45.39
N MET B 1 33.51 -12.22 -67.69
CA MET B 1 32.86 -13.07 -66.70
C MET B 1 31.81 -13.94 -67.36
N VAL B 2 32.20 -15.17 -67.70
CA VAL B 2 31.34 -16.09 -68.43
C VAL B 2 30.91 -17.21 -67.48
N LYS B 3 29.70 -17.71 -67.70
CA LYS B 3 29.16 -18.78 -66.89
C LYS B 3 30.00 -20.06 -67.06
N LEU B 4 30.09 -20.84 -65.98
CA LEU B 4 30.91 -22.04 -65.93
C LEU B 4 30.00 -23.27 -65.99
N LYS B 5 30.34 -24.22 -66.86
CA LYS B 5 29.58 -25.45 -66.99
C LYS B 5 30.34 -26.70 -66.56
N SER B 6 31.67 -26.63 -66.42
CA SER B 6 32.46 -27.79 -66.07
C SER B 6 33.45 -27.43 -64.96
N ILE B 7 33.78 -28.43 -64.15
CA ILE B 7 34.64 -28.21 -62.99
C ILE B 7 36.07 -27.90 -63.43
N GLN B 8 36.59 -28.63 -64.42
CA GLN B 8 37.96 -28.44 -64.87
C GLN B 8 38.17 -27.11 -65.57
N GLU B 9 37.11 -26.49 -66.10
CA GLU B 9 37.26 -25.15 -66.66
C GLU B 9 37.56 -24.13 -65.57
N LEU B 10 37.07 -24.36 -64.35
CA LEU B 10 37.47 -23.54 -63.23
C LEU B 10 38.96 -23.69 -62.94
N GLU B 11 39.50 -24.91 -63.07
CA GLU B 11 40.94 -25.11 -62.92
C GLU B 11 41.72 -24.38 -64.02
N ASN B 12 41.20 -24.40 -65.25
CA ASN B 12 41.85 -23.66 -66.34
C ASN B 12 41.84 -22.15 -66.05
N LEU B 13 40.72 -21.63 -65.56
CA LEU B 13 40.65 -20.22 -65.19
C LEU B 13 41.60 -19.91 -64.04
N ARG B 14 41.74 -20.84 -63.09
CA ARG B 14 42.69 -20.67 -62.00
C ARG B 14 44.11 -20.57 -62.52
N GLU B 15 44.46 -21.43 -63.49
CA GLU B 15 45.78 -21.37 -64.10
C GLU B 15 45.99 -20.05 -64.84
N LYS B 16 44.95 -19.56 -65.53
CA LYS B 16 45.04 -18.28 -66.21
C LYS B 16 45.29 -17.14 -65.22
N ILE B 17 44.56 -17.12 -64.11
CA ILE B 17 44.75 -16.08 -63.11
C ILE B 17 46.11 -16.19 -62.45
N LYS B 18 46.59 -17.43 -62.24
CA LYS B 18 47.92 -17.63 -61.69
C LYS B 18 48.99 -17.06 -62.59
N GLU B 19 48.88 -17.31 -63.90
CA GLU B 19 49.83 -16.74 -64.86
C GLU B 19 49.75 -15.22 -64.88
N ALA B 20 48.53 -14.67 -64.88
CA ALA B 20 48.36 -13.22 -64.92
C ALA B 20 48.95 -12.55 -63.69
N LYS B 21 48.76 -13.15 -62.51
CA LYS B 21 49.34 -12.58 -61.30
C LYS B 21 50.85 -12.80 -61.22
N LYS B 22 51.34 -13.90 -61.80
CA LYS B 22 52.78 -14.12 -61.87
C LYS B 22 53.45 -13.15 -62.84
N LYS B 23 52.70 -12.57 -63.77
CA LYS B 23 53.25 -11.55 -64.66
C LYS B 23 53.70 -10.30 -63.90
N GLU B 24 53.15 -10.04 -62.72
CA GLU B 24 53.50 -8.84 -61.97
C GLU B 24 54.84 -9.02 -61.25
N LYS B 25 55.44 -7.89 -60.86
CA LYS B 25 56.76 -7.89 -60.24
C LYS B 25 56.77 -7.28 -58.84
N ILE B 26 56.16 -6.12 -58.64
CA ILE B 26 56.22 -5.40 -57.37
C ILE B 26 54.80 -5.19 -56.89
N VAL B 27 54.57 -5.35 -55.58
CA VAL B 27 53.26 -5.15 -55.00
C VAL B 27 53.36 -4.41 -53.68
N ILE B 28 52.45 -3.46 -53.50
CA ILE B 28 52.22 -2.75 -52.24
C ILE B 28 50.90 -3.22 -51.66
N ARG B 29 50.87 -3.40 -50.34
CA ARG B 29 49.71 -3.92 -49.64
C ARG B 29 49.30 -2.93 -48.56
N ILE B 30 48.04 -2.52 -48.59
CA ILE B 30 47.49 -1.49 -47.72
C ILE B 30 46.58 -2.20 -46.72
N CYS B 31 46.74 -1.89 -45.44
CA CYS B 31 45.79 -2.42 -44.46
C CYS B 31 44.52 -1.58 -44.47
N GLY B 32 43.37 -2.25 -44.63
CA GLY B 32 42.11 -1.55 -44.76
C GLY B 32 41.04 -2.03 -43.80
N GLY B 33 41.44 -2.37 -42.58
CA GLY B 33 40.48 -2.73 -41.56
C GLY B 33 39.68 -1.53 -41.10
N THR B 34 38.70 -1.79 -40.23
CA THR B 34 37.81 -0.74 -39.77
C THR B 34 38.56 0.33 -38.99
N GLY B 35 39.51 -0.08 -38.14
CA GLY B 35 40.31 0.89 -37.43
C GLY B 35 41.38 1.53 -38.31
N CYS B 36 41.89 0.78 -39.27
CA CYS B 36 42.90 1.32 -40.17
C CYS B 36 42.31 2.40 -41.08
N ARG B 37 41.09 2.20 -41.57
CA ARG B 37 40.42 3.28 -42.30
C ARG B 37 39.83 4.33 -41.36
N ALA B 38 39.63 3.99 -40.08
CA ALA B 38 39.32 5.01 -39.10
C ALA B 38 40.51 5.92 -38.84
N SER B 39 41.73 5.43 -39.10
CA SER B 39 42.92 6.25 -39.04
C SER B 39 43.20 7.01 -40.34
N GLY B 40 42.44 6.73 -41.40
CA GLY B 40 42.59 7.46 -42.65
C GLY B 40 43.48 6.77 -43.66
N SER B 41 43.26 5.48 -43.89
CA SER B 41 44.06 4.75 -44.86
C SER B 41 43.71 5.11 -46.29
N LEU B 42 42.49 5.61 -46.52
CA LEU B 42 42.09 6.00 -47.88
C LEU B 42 42.92 7.17 -48.38
N ALA B 43 43.24 8.12 -47.49
CA ALA B 43 44.10 9.23 -47.87
C ALA B 43 45.50 8.73 -48.24
N VAL B 44 46.01 7.74 -47.51
CA VAL B 44 47.32 7.18 -47.82
C VAL B 44 47.28 6.49 -49.18
N ARG B 45 46.22 5.73 -49.46
CA ARG B 45 46.09 5.06 -50.75
C ARG B 45 46.00 6.07 -51.89
N ASP B 46 45.27 7.16 -51.67
CA ASP B 46 45.18 8.22 -52.68
C ASP B 46 46.54 8.86 -52.91
N GLU B 47 47.31 9.08 -51.84
CA GLU B 47 48.64 9.67 -51.99
C GLU B 47 49.56 8.74 -52.77
N LEU B 48 49.52 7.43 -52.47
CA LEU B 48 50.31 6.48 -53.24
C LEU B 48 49.91 6.46 -54.71
N VAL B 49 48.60 6.47 -55.00
CA VAL B 49 48.21 6.39 -56.41
C VAL B 49 48.57 7.68 -57.14
N LYS B 50 48.46 8.85 -56.49
CA LYS B 50 48.87 10.10 -57.14
C LYS B 50 50.38 10.12 -57.40
N VAL B 51 51.17 9.67 -56.42
CA VAL B 51 52.62 9.60 -56.61
C VAL B 51 52.96 8.66 -57.76
N LEU B 52 52.29 7.51 -57.82
CA LEU B 52 52.55 6.55 -58.89
C LEU B 52 52.17 7.12 -60.26
N LYS B 53 51.07 7.87 -60.32
CA LYS B 53 50.69 8.47 -61.60
C LYS B 53 51.67 9.55 -62.04
N ARG B 54 52.11 10.42 -61.13
CA ARG B 54 52.97 11.50 -61.58
C ARG B 54 54.43 11.06 -61.75
N GLU B 55 54.79 9.89 -61.25
CA GLU B 55 56.13 9.36 -61.45
C GLU B 55 56.28 8.58 -62.76
N GLY B 56 55.27 8.63 -63.63
CA GLY B 56 55.34 7.94 -64.90
C GLY B 56 54.93 6.48 -64.87
N PHE B 57 54.51 5.96 -63.72
CA PHE B 57 54.04 4.57 -63.65
C PHE B 57 52.62 4.48 -64.18
N ALA B 58 52.49 4.32 -65.50
CA ALA B 58 51.17 4.31 -66.11
C ALA B 58 50.41 3.03 -65.80
N ASN B 59 51.11 1.90 -65.67
CA ASN B 59 50.48 0.61 -65.40
C ASN B 59 50.31 0.44 -63.89
N VAL B 60 49.41 1.24 -63.33
CA VAL B 60 49.03 1.17 -61.92
C VAL B 60 47.52 1.10 -61.83
N ASP B 61 47.02 0.11 -61.08
CA ASP B 61 45.59 -0.04 -60.87
C ASP B 61 45.32 -0.34 -59.41
N VAL B 62 44.09 -0.06 -58.99
CA VAL B 62 43.63 -0.29 -57.63
C VAL B 62 42.86 -1.61 -57.52
N ASN B 63 41.97 -1.87 -58.46
CA ASN B 63 41.14 -3.06 -58.45
C ASN B 63 41.46 -3.94 -59.65
N LEU B 64 41.65 -5.23 -59.40
CA LEU B 64 41.93 -6.19 -60.47
C LEU B 64 40.61 -6.79 -60.94
N SER B 65 40.38 -6.74 -62.24
CA SER B 65 39.15 -7.24 -62.85
C SER B 65 39.48 -8.09 -64.08
N SER B 66 38.44 -8.49 -64.81
CA SER B 66 38.64 -9.29 -66.01
C SER B 66 39.28 -8.47 -67.12
N ASP B 67 38.99 -7.17 -67.18
CA ASP B 67 39.58 -6.31 -68.19
C ASP B 67 41.07 -6.13 -67.99
N CYS B 68 41.56 -6.31 -66.77
CA CYS B 68 42.98 -6.12 -66.48
C CYS B 68 43.81 -7.38 -66.66
N LEU B 69 43.18 -8.51 -66.98
CA LEU B 69 43.93 -9.74 -67.20
C LEU B 69 44.77 -9.68 -68.47
N GLU B 70 44.38 -8.86 -69.43
CA GLU B 70 45.15 -8.65 -70.64
C GLU B 70 46.21 -7.56 -70.50
N ASN B 71 46.27 -6.91 -69.34
CA ASN B 71 47.22 -5.83 -69.09
C ASN B 71 48.19 -6.22 -67.99
N THR B 72 49.47 -5.89 -68.19
CA THR B 72 50.51 -6.19 -67.22
C THR B 72 50.89 -4.90 -66.49
N SER B 73 50.87 -4.96 -65.16
CA SER B 73 51.15 -3.80 -64.32
C SER B 73 52.44 -4.05 -63.55
N GLU B 74 53.39 -3.12 -63.67
CA GLU B 74 54.64 -3.25 -62.92
C GLU B 74 54.41 -3.06 -61.43
N VAL B 75 53.53 -2.14 -61.05
CA VAL B 75 53.22 -1.88 -59.64
C VAL B 75 51.74 -2.13 -59.44
N HIS B 76 51.42 -3.00 -58.48
CA HIS B 76 50.04 -3.38 -58.16
C HIS B 76 49.72 -2.86 -56.76
N VAL B 77 48.61 -2.14 -56.65
CA VAL B 77 48.15 -1.59 -55.39
C VAL B 77 46.94 -2.39 -54.93
N LYS B 78 47.00 -2.92 -53.71
CA LYS B 78 45.94 -3.74 -53.16
C LYS B 78 45.43 -3.12 -51.86
N MET B 79 44.17 -3.42 -51.53
CA MET B 79 43.52 -2.90 -50.32
C MET B 79 42.89 -4.11 -49.63
N THR B 80 43.61 -4.66 -48.64
CA THR B 80 43.17 -5.85 -47.94
C THR B 80 42.44 -5.47 -46.65
N GLY B 81 42.15 -6.47 -45.84
CA GLY B 81 41.47 -6.27 -44.57
C GLY B 81 42.44 -6.08 -43.43
N CYS B 82 41.92 -6.24 -42.22
CA CYS B 82 42.74 -6.09 -41.02
C CYS B 82 43.68 -7.27 -40.88
N GLN B 83 44.96 -6.98 -40.62
CA GLN B 83 45.99 -8.01 -40.48
C GLN B 83 46.18 -8.46 -39.04
N GLY B 84 45.48 -7.86 -38.09
CA GLY B 84 45.57 -8.31 -36.71
C GLY B 84 46.21 -7.30 -35.77
N PHE B 85 47.26 -6.62 -36.21
CA PHE B 85 47.99 -5.69 -35.38
C PHE B 85 47.31 -4.32 -35.46
N CYS B 86 46.40 -4.07 -34.52
CA CYS B 86 45.65 -2.82 -34.48
C CYS B 86 46.30 -1.77 -33.60
N ALA B 87 47.48 -2.06 -33.02
CA ALA B 87 48.10 -1.11 -32.11
C ALA B 87 48.68 0.09 -32.85
N GLN B 88 49.36 -0.14 -33.97
CA GLN B 88 50.00 0.92 -34.73
C GLN B 88 49.57 0.87 -36.19
N GLY B 89 48.26 0.76 -36.41
CA GLY B 89 47.71 0.82 -37.74
C GLY B 89 47.87 2.20 -38.35
N PRO B 90 47.88 2.29 -39.69
CA PRO B 90 47.70 1.21 -40.67
C PRO B 90 48.97 0.39 -40.88
N LEU B 91 48.85 -0.74 -41.57
CA LEU B 91 49.97 -1.64 -41.84
C LEU B 91 50.27 -1.67 -43.33
N MET B 92 51.53 -1.43 -43.66
CA MET B 92 52.01 -1.40 -45.03
C MET B 92 52.85 -2.65 -45.28
N THR B 93 52.73 -3.23 -46.47
CA THR B 93 53.59 -4.35 -46.83
C THR B 93 54.16 -4.13 -48.22
N ILE B 94 55.47 -4.29 -48.36
CA ILE B 94 56.14 -4.15 -49.65
C ILE B 94 56.74 -5.49 -50.04
N GLU B 95 56.37 -5.98 -51.22
CA GLU B 95 56.93 -7.22 -51.75
C GLU B 95 57.37 -7.01 -53.19
N PRO B 96 58.39 -7.75 -53.66
CA PRO B 96 59.13 -8.84 -53.02
C PRO B 96 60.24 -8.36 -52.10
N LEU B 97 60.25 -7.05 -51.80
CA LEU B 97 61.12 -6.56 -50.74
C LEU B 97 60.76 -7.20 -49.40
N GLY B 98 59.47 -7.43 -49.18
CA GLY B 98 59.01 -8.15 -48.01
C GLY B 98 59.07 -7.37 -46.72
N VAL B 99 59.07 -6.04 -46.77
CA VAL B 99 59.22 -5.25 -45.55
C VAL B 99 57.84 -4.86 -45.03
N PHE B 100 57.73 -4.83 -43.70
CA PHE B 100 56.48 -4.54 -42.99
C PHE B 100 56.62 -3.20 -42.29
N TYR B 101 55.72 -2.28 -42.59
CA TYR B 101 55.81 -0.91 -42.12
C TYR B 101 54.59 -0.59 -41.27
N VAL B 102 54.77 0.24 -40.25
CA VAL B 102 53.72 0.57 -39.30
C VAL B 102 53.59 2.08 -39.19
N GLY B 103 52.34 2.56 -39.17
CA GLY B 103 52.04 3.95 -38.87
C GLY B 103 52.59 4.98 -39.83
N VAL B 104 52.44 4.74 -41.12
CA VAL B 104 52.98 5.69 -42.11
C VAL B 104 52.14 6.96 -42.14
N LYS B 105 52.72 8.02 -42.70
CA LYS B 105 52.15 9.34 -42.84
C LYS B 105 52.00 9.70 -44.32
N PRO B 106 51.00 10.51 -44.69
CA PRO B 106 50.89 10.94 -46.09
C PRO B 106 52.11 11.68 -46.61
N GLU B 107 52.81 12.41 -45.74
CA GLU B 107 54.04 13.07 -46.18
C GLU B 107 55.22 12.11 -46.25
N ASP B 108 55.09 10.91 -45.66
CA ASP B 108 56.14 9.91 -45.77
C ASP B 108 56.02 9.11 -47.06
N VAL B 109 54.93 9.32 -47.81
CA VAL B 109 54.69 8.56 -49.03
C VAL B 109 55.80 8.84 -50.05
N GLU B 110 56.17 10.10 -50.21
CA GLU B 110 57.18 10.47 -51.20
C GLU B 110 58.53 9.87 -50.86
N GLU B 111 58.91 9.87 -49.58
CA GLU B 111 60.22 9.32 -49.22
C GLU B 111 60.23 7.80 -49.32
N ILE B 112 59.10 7.14 -49.02
CA ILE B 112 59.03 5.69 -49.22
C ILE B 112 59.15 5.37 -50.71
N VAL B 113 58.48 6.14 -51.56
CA VAL B 113 58.56 5.89 -53.00
C VAL B 113 59.96 6.13 -53.53
N GLU B 114 60.62 7.22 -53.12
CA GLU B 114 61.94 7.51 -53.66
C GLU B 114 63.02 6.60 -53.07
N LYS B 115 62.77 6.00 -51.91
CA LYS B 115 63.78 5.15 -51.29
C LYS B 115 63.40 3.67 -51.28
N SER B 116 62.22 3.32 -50.76
CA SER B 116 61.87 1.91 -50.65
C SER B 116 61.45 1.29 -51.97
N ILE B 117 61.20 2.11 -52.99
CA ILE B 117 60.84 1.61 -54.32
C ILE B 117 61.97 1.82 -55.32
N LYS B 118 62.45 3.05 -55.45
CA LYS B 118 63.55 3.34 -56.38
C LYS B 118 64.86 2.76 -55.90
N LYS B 119 65.20 2.96 -54.63
CA LYS B 119 66.49 2.53 -54.10
C LYS B 119 66.41 1.20 -53.36
N ASN B 120 65.20 0.71 -53.06
CA ASN B 120 64.98 -0.55 -52.36
C ASN B 120 65.69 -0.60 -51.02
N GLU B 121 65.66 0.50 -50.27
CA GLU B 121 66.28 0.58 -48.96
C GLU B 121 65.23 0.98 -47.93
N ILE B 122 65.33 0.37 -46.75
CA ILE B 122 64.31 0.50 -45.71
C ILE B 122 64.60 1.70 -44.83
N ILE B 123 63.55 2.23 -44.21
CA ILE B 123 63.64 3.40 -43.35
C ILE B 123 63.54 2.91 -41.91
N GLU B 124 64.61 3.09 -41.14
CA GLU B 124 64.63 2.61 -39.76
C GLU B 124 63.72 3.42 -38.85
N ARG B 125 63.45 4.68 -39.21
CA ARG B 125 62.63 5.54 -38.36
C ARG B 125 61.15 5.14 -38.38
N LEU B 126 60.71 4.39 -39.39
CA LEU B 126 59.31 4.05 -39.52
C LEU B 126 59.01 2.58 -39.23
N LEU B 127 60.03 1.76 -38.96
CA LEU B 127 59.78 0.37 -38.60
C LEU B 127 59.30 0.26 -37.15
N TYR B 128 58.80 -0.92 -36.80
CA TYR B 128 58.32 -1.16 -35.45
C TYR B 128 59.49 -1.14 -34.48
N HIS B 129 59.30 -0.43 -33.36
CA HIS B 129 60.33 -0.32 -32.32
C HIS B 129 59.72 -0.77 -31.01
N ASP B 130 60.20 -1.89 -30.48
CA ASP B 130 59.71 -2.39 -29.19
C ASP B 130 60.37 -1.62 -28.06
N PRO B 131 59.61 -0.91 -27.23
CA PRO B 131 60.22 -0.17 -26.11
C PRO B 131 60.87 -1.07 -25.07
N ALA B 132 60.39 -2.30 -24.90
CA ALA B 132 60.93 -3.17 -23.87
C ALA B 132 62.30 -3.72 -24.25
N THR B 133 62.50 -4.07 -25.52
CA THR B 133 63.74 -4.67 -25.98
C THR B 133 64.64 -3.73 -26.75
N GLY B 134 64.06 -2.76 -27.47
CA GLY B 134 64.86 -1.85 -28.28
C GLY B 134 65.28 -2.41 -29.62
N LYS B 135 64.88 -3.62 -29.96
CA LYS B 135 65.24 -4.20 -31.24
C LYS B 135 64.41 -3.59 -32.37
N THR B 136 64.97 -3.62 -33.57
CA THR B 136 64.27 -3.18 -34.78
C THR B 136 63.91 -4.40 -35.61
N TYR B 137 62.64 -4.47 -36.02
CA TYR B 137 62.12 -5.61 -36.76
C TYR B 137 61.92 -5.21 -38.21
N VAL B 138 62.47 -6.02 -39.12
CA VAL B 138 62.42 -5.72 -40.55
C VAL B 138 61.37 -6.60 -41.22
N LYS B 139 61.18 -7.81 -40.72
CA LYS B 139 60.20 -8.72 -41.28
C LYS B 139 58.96 -8.79 -40.40
N ARG B 140 57.85 -9.19 -41.02
CA ARG B 140 56.59 -9.31 -40.27
C ARG B 140 56.58 -10.56 -39.40
N ASP B 141 57.16 -11.66 -39.89
CA ASP B 141 57.09 -12.93 -39.17
C ASP B 141 57.98 -12.96 -37.95
N GLU B 142 59.07 -12.19 -37.93
CA GLU B 142 59.98 -12.18 -36.79
C GLU B 142 59.45 -11.33 -35.64
N ASN B 143 58.34 -10.63 -35.84
CA ASN B 143 57.78 -9.80 -34.78
C ASN B 143 57.26 -10.71 -33.67
N PRO B 144 57.51 -10.38 -32.39
CA PRO B 144 57.07 -11.25 -31.29
C PRO B 144 55.57 -11.48 -31.23
N PHE B 145 54.75 -10.48 -31.59
CA PHE B 145 53.30 -10.68 -31.58
C PHE B 145 52.88 -11.69 -32.64
N TYR B 146 53.60 -11.74 -33.75
CA TYR B 146 53.37 -12.74 -34.78
C TYR B 146 54.18 -14.01 -34.60
N ALA B 147 55.12 -14.02 -33.63
CA ALA B 147 56.00 -15.17 -33.47
C ALA B 147 55.25 -16.39 -32.95
N LYS B 148 54.35 -16.20 -32.00
CA LYS B 148 53.60 -17.30 -31.41
C LYS B 148 52.21 -17.46 -32.02
N GLN B 149 51.90 -16.73 -33.08
CA GLN B 149 50.59 -16.76 -33.70
C GLN B 149 50.54 -17.86 -34.75
N THR B 150 49.46 -18.64 -34.74
CA THR B 150 49.21 -19.69 -35.72
C THR B 150 47.96 -19.31 -36.50
N ARG B 151 48.17 -18.60 -37.61
CA ARG B 151 47.05 -18.18 -38.45
C ARG B 151 46.56 -19.35 -39.30
N LEU B 152 45.35 -19.83 -39.01
CA LEU B 152 44.76 -20.93 -39.76
C LEU B 152 43.53 -20.48 -40.55
N VAL B 153 42.51 -19.94 -39.88
CA VAL B 153 41.35 -19.42 -40.59
C VAL B 153 41.70 -18.14 -41.33
N LEU B 154 42.53 -17.30 -40.71
CA LEU B 154 42.95 -16.03 -41.29
C LEU B 154 44.22 -16.15 -42.12
N LYS B 155 44.47 -17.33 -42.69
CA LYS B 155 45.62 -17.50 -43.57
C LYS B 155 45.44 -16.74 -44.88
N HIS B 156 44.20 -16.36 -45.20
CA HIS B 156 43.92 -15.59 -46.40
C HIS B 156 43.75 -14.10 -46.11
N CYS B 157 43.42 -13.72 -44.89
CA CYS B 157 43.39 -12.31 -44.52
C CYS B 157 44.80 -11.74 -44.53
N GLY B 158 44.94 -10.55 -45.11
CA GLY B 158 46.24 -9.93 -45.26
C GLY B 158 47.05 -10.41 -46.45
N THR B 159 46.48 -11.27 -47.30
CA THR B 159 47.12 -11.65 -48.55
C THR B 159 46.14 -11.75 -49.71
N VAL B 160 44.85 -11.53 -49.48
CA VAL B 160 43.81 -11.69 -50.50
C VAL B 160 42.98 -10.42 -50.53
N ASP B 161 42.77 -9.88 -51.73
CA ASP B 161 41.89 -8.73 -51.93
C ASP B 161 40.45 -9.18 -51.71
N PRO B 162 39.73 -8.57 -50.75
CA PRO B 162 38.37 -9.05 -50.45
C PRO B 162 37.35 -8.73 -51.53
N ALA B 163 37.61 -7.75 -52.38
CA ALA B 163 36.65 -7.31 -53.37
C ALA B 163 36.74 -8.06 -54.69
N SER B 164 37.68 -8.98 -54.84
CA SER B 164 37.89 -9.71 -56.08
C SER B 164 37.78 -11.20 -55.83
N VAL B 165 37.15 -11.92 -56.77
CA VAL B 165 37.08 -13.37 -56.66
C VAL B 165 38.28 -14.03 -57.34
N TYR B 166 38.91 -13.33 -58.28
CA TYR B 166 39.98 -13.94 -59.07
C TYR B 166 41.19 -14.29 -58.21
N ASP B 167 41.57 -13.40 -57.30
CA ASP B 167 42.73 -13.68 -56.45
C ASP B 167 42.40 -14.73 -55.39
N TYR B 168 41.14 -14.80 -54.96
CA TYR B 168 40.74 -15.86 -54.02
C TYR B 168 40.77 -17.22 -54.70
N ILE B 169 40.37 -17.28 -55.98
CA ILE B 169 40.55 -18.51 -56.76
C ILE B 169 42.03 -18.81 -56.93
N ALA B 170 42.85 -17.77 -57.10
CA ALA B 170 44.28 -17.96 -57.29
C ALA B 170 44.94 -18.56 -56.06
N GLU B 171 44.36 -18.37 -54.88
CA GLU B 171 44.89 -18.93 -53.65
C GLU B 171 44.30 -20.30 -53.32
N GLY B 172 43.47 -20.85 -54.20
CA GLY B 172 42.90 -22.16 -53.98
C GLY B 172 41.47 -22.14 -53.49
N GLY B 173 40.74 -21.04 -53.68
CA GLY B 173 39.37 -20.98 -53.23
C GLY B 173 38.45 -21.84 -54.07
N TYR B 174 37.36 -22.27 -53.44
CA TYR B 174 36.28 -23.07 -54.05
C TYR B 174 36.77 -24.43 -54.54
N SER B 175 37.98 -24.84 -54.19
CA SER B 175 38.44 -26.19 -54.50
C SER B 175 37.68 -27.24 -53.70
N ALA B 176 37.33 -26.92 -52.45
CA ALA B 176 36.52 -27.83 -51.65
C ALA B 176 35.13 -28.02 -52.24
N ILE B 177 34.63 -27.02 -52.97
CA ILE B 177 33.36 -27.17 -53.66
C ILE B 177 33.47 -28.24 -54.74
N ALA B 178 34.55 -28.20 -55.52
CA ALA B 178 34.75 -29.20 -56.57
C ALA B 178 34.99 -30.58 -55.97
N LYS B 179 35.73 -30.65 -54.86
CA LYS B 179 36.03 -31.95 -54.27
C LYS B 179 34.82 -32.57 -53.61
N ALA B 180 34.06 -31.80 -52.84
CA ALA B 180 32.97 -32.35 -52.04
C ALA B 180 31.75 -32.72 -52.88
N LEU B 181 31.61 -32.17 -54.08
CA LEU B 181 30.46 -32.46 -54.93
C LEU B 181 30.48 -33.86 -55.51
N THR B 182 31.60 -34.58 -55.41
CA THR B 182 31.76 -35.87 -56.07
C THR B 182 31.18 -37.03 -55.26
N MET B 183 31.50 -37.12 -53.97
CA MET B 183 31.12 -38.27 -53.17
C MET B 183 29.77 -38.05 -52.48
N ASP B 184 29.35 -39.06 -51.74
CA ASP B 184 28.07 -39.04 -51.04
C ASP B 184 28.11 -38.08 -49.84
N ARG B 185 26.93 -37.65 -49.41
CA ARG B 185 26.82 -36.79 -48.25
C ARG B 185 27.15 -37.53 -46.95
N LYS B 186 27.02 -38.86 -46.96
CA LYS B 186 27.44 -39.65 -45.81
C LYS B 186 28.94 -39.47 -45.53
N GLN B 187 29.77 -39.48 -46.58
CA GLN B 187 31.21 -39.33 -46.38
C GLN B 187 31.54 -37.98 -45.77
N ILE B 188 30.90 -36.91 -46.26
CA ILE B 188 31.24 -35.58 -45.78
C ILE B 188 30.75 -35.38 -44.35
N ILE B 189 29.55 -35.88 -44.03
CA ILE B 189 29.07 -35.70 -42.66
C ILE B 189 29.88 -36.56 -41.69
N ASP B 190 30.29 -37.76 -42.12
CA ASP B 190 31.10 -38.62 -41.26
C ASP B 190 32.49 -38.03 -41.07
N GLU B 191 33.04 -37.39 -42.09
CA GLU B 191 34.35 -36.75 -41.97
C GLU B 191 34.28 -35.55 -41.04
N VAL B 192 33.18 -34.78 -41.10
CA VAL B 192 32.99 -33.69 -40.16
C VAL B 192 32.90 -34.22 -38.73
N ILE B 193 32.16 -35.31 -38.52
CA ILE B 193 32.05 -35.89 -37.18
C ILE B 193 33.41 -36.40 -36.71
N LYS B 194 34.15 -37.08 -37.58
CA LYS B 194 35.46 -37.62 -37.23
C LYS B 194 36.48 -36.51 -36.95
N SER B 195 36.30 -35.34 -37.57
CA SER B 195 37.20 -34.22 -37.33
C SER B 195 37.08 -33.67 -35.91
N GLY B 196 36.01 -33.99 -35.21
CA GLY B 196 35.82 -33.51 -33.85
C GLY B 196 35.61 -32.01 -33.74
N LEU B 197 34.83 -31.43 -34.64
CA LEU B 197 34.57 -30.00 -34.59
C LEU B 197 33.59 -29.69 -33.47
N ARG B 198 33.91 -28.67 -32.67
CA ARG B 198 33.09 -28.26 -31.53
C ARG B 198 32.65 -26.82 -31.77
N GLY B 199 31.49 -26.46 -31.22
CA GLY B 199 30.92 -25.14 -31.43
C GLY B 199 31.79 -23.97 -31.00
N ARG B 200 32.22 -23.17 -31.98
CA ARG B 200 33.06 -22.01 -31.68
C ARG B 200 32.22 -20.85 -31.16
N GLY B 201 30.91 -20.90 -31.39
CA GLY B 201 30.01 -19.80 -31.10
C GLY B 201 29.95 -19.35 -29.67
N GLY B 202 30.04 -20.29 -28.73
CA GLY B 202 29.96 -19.97 -27.32
C GLY B 202 29.18 -21.02 -26.55
N ALA B 203 28.38 -21.80 -27.27
CA ALA B 203 27.67 -22.92 -26.66
C ALA B 203 28.65 -24.05 -26.34
N GLY B 204 29.42 -24.48 -27.33
CA GLY B 204 30.35 -25.56 -27.15
C GLY B 204 29.75 -26.89 -27.56
N PHE B 205 28.70 -26.84 -28.35
CA PHE B 205 27.94 -28.03 -28.73
C PHE B 205 28.69 -28.79 -29.82
N PRO B 206 28.59 -30.12 -29.83
CA PRO B 206 29.19 -30.90 -30.93
C PRO B 206 28.40 -30.83 -32.21
N THR B 207 28.68 -29.81 -33.04
CA THR B 207 27.96 -29.48 -34.27
C THR B 207 27.64 -30.67 -35.17
N GLY B 208 28.44 -31.74 -35.11
CA GLY B 208 28.12 -32.94 -35.85
C GLY B 208 26.79 -33.54 -35.41
N GLU B 209 26.47 -33.43 -34.12
CA GLU B 209 25.18 -33.90 -33.63
C GLU B 209 24.03 -33.13 -34.27
N LYS B 210 24.14 -31.80 -34.33
CA LYS B 210 23.10 -31.00 -34.97
C LYS B 210 22.98 -31.33 -36.45
N TRP B 211 24.12 -31.48 -37.12
CA TRP B 211 24.09 -31.77 -38.56
C TRP B 211 23.45 -33.13 -38.84
N LEU B 212 23.80 -34.17 -38.07
CA LEU B 212 23.22 -35.48 -38.29
C LEU B 212 21.74 -35.51 -37.91
N GLY B 213 21.38 -34.80 -36.83
CA GLY B 213 19.98 -34.73 -36.44
C GLY B 213 19.10 -34.03 -37.45
N ALA B 214 19.60 -32.96 -38.05
CA ALA B 214 18.85 -32.30 -39.12
C ALA B 214 18.88 -33.11 -40.40
N TYR B 215 19.92 -33.91 -40.61
CA TYR B 215 19.95 -34.81 -41.75
C TYR B 215 18.88 -35.88 -41.64
N LYS B 216 18.69 -36.43 -40.44
CA LYS B 216 17.71 -37.51 -40.26
C LYS B 216 16.27 -37.05 -40.46
N ASN B 217 15.99 -35.76 -40.31
CA ASN B 217 14.63 -35.28 -40.47
C ASN B 217 14.31 -35.12 -41.96
N GLN B 218 13.25 -35.80 -42.40
CA GLN B 218 12.80 -35.73 -43.80
C GLN B 218 11.68 -34.70 -43.90
N SER B 219 12.05 -33.50 -44.32
CA SER B 219 11.13 -32.41 -44.58
C SER B 219 11.38 -31.86 -45.97
N PRO B 220 10.34 -31.37 -46.65
CA PRO B 220 10.54 -30.81 -48.00
C PRO B 220 11.47 -29.61 -48.03
N LYS B 221 11.51 -28.79 -46.98
CA LYS B 221 12.30 -27.57 -46.99
C LYS B 221 13.08 -27.46 -45.69
N LYS B 222 14.32 -26.99 -45.80
CA LYS B 222 15.20 -26.79 -44.66
C LYS B 222 15.86 -25.42 -44.77
N TYR B 223 16.31 -24.89 -43.64
CA TYR B 223 16.97 -23.59 -43.61
C TYR B 223 18.30 -23.67 -42.89
N ILE B 224 19.24 -22.85 -43.34
CA ILE B 224 20.57 -22.74 -42.73
C ILE B 224 20.83 -21.27 -42.42
N ILE B 225 21.32 -21.01 -41.21
CA ILE B 225 21.45 -19.64 -40.68
C ILE B 225 22.82 -19.50 -40.05
N CYS B 226 23.51 -18.41 -40.39
CA CYS B 226 24.78 -18.05 -39.77
C CYS B 226 24.57 -16.79 -38.93
N ASN B 227 24.67 -16.94 -37.61
CA ASN B 227 24.48 -15.81 -36.70
C ASN B 227 25.74 -14.98 -36.51
N GLY B 228 26.08 -14.15 -37.49
CA GLY B 228 27.21 -13.25 -37.37
C GLY B 228 26.83 -11.90 -36.80
N ASP B 229 26.42 -11.86 -35.55
CA ASP B 229 25.98 -10.63 -34.91
C ASP B 229 26.94 -10.14 -33.85
N GLU B 230 27.21 -10.97 -32.84
CA GLU B 230 28.11 -10.70 -31.71
C GLU B 230 27.83 -9.30 -31.12
N GLY B 231 26.67 -9.21 -30.49
CA GLY B 231 26.25 -7.94 -29.91
C GLY B 231 26.95 -7.59 -28.62
N ASP B 232 27.66 -8.54 -28.01
CA ASP B 232 28.35 -8.30 -26.75
C ASP B 232 29.52 -7.34 -26.94
N PRO B 233 29.77 -6.45 -25.98
CA PRO B 233 30.85 -5.47 -26.11
C PRO B 233 32.23 -6.10 -26.00
N GLY B 234 33.21 -5.37 -26.53
CA GLY B 234 34.59 -5.81 -26.49
C GLY B 234 34.95 -6.73 -27.63
N ALA B 235 34.09 -7.70 -27.89
CA ALA B 235 34.31 -8.65 -28.98
C ALA B 235 34.23 -7.96 -30.33
N PHE B 236 35.24 -8.16 -31.17
CA PHE B 236 35.23 -7.69 -32.54
C PHE B 236 35.96 -8.67 -33.46
N MET B 237 36.00 -9.94 -33.06
CA MET B 237 36.65 -10.98 -33.85
C MET B 237 35.78 -11.52 -34.98
N ASP B 238 34.45 -11.40 -34.89
CA ASP B 238 33.56 -11.87 -35.94
C ASP B 238 33.26 -10.79 -36.98
N ARG B 239 33.47 -9.52 -36.64
CA ARG B 239 33.50 -8.50 -37.68
C ARG B 239 34.61 -8.79 -38.68
N SER B 240 35.83 -8.98 -38.16
CA SER B 240 37.07 -8.98 -38.93
C SER B 240 37.09 -10.05 -40.02
N VAL B 241 36.34 -11.14 -39.81
CA VAL B 241 36.23 -12.20 -40.81
C VAL B 241 35.55 -11.65 -42.06
N MET B 242 34.52 -10.83 -41.88
CA MET B 242 33.68 -10.40 -42.99
C MET B 242 34.26 -9.29 -43.84
N GLU B 243 35.25 -8.54 -43.36
CA GLU B 243 35.97 -7.63 -44.24
C GLU B 243 37.20 -8.26 -44.87
N GLY B 244 37.68 -9.37 -44.33
CA GLY B 244 38.88 -9.98 -44.85
C GLY B 244 38.59 -10.99 -45.94
N ASP B 245 37.62 -11.88 -45.69
CA ASP B 245 37.27 -12.91 -46.65
C ASP B 245 35.85 -13.45 -46.43
N PRO B 246 34.83 -12.77 -46.94
CA PRO B 246 33.47 -13.33 -46.87
C PRO B 246 33.30 -14.60 -47.69
N HIS B 247 34.17 -14.84 -48.68
CA HIS B 247 34.02 -16.02 -49.51
C HIS B 247 34.30 -17.31 -48.74
N LYS B 248 35.07 -17.24 -47.66
CA LYS B 248 35.27 -18.43 -46.82
C LYS B 248 33.95 -18.89 -46.20
N VAL B 249 33.20 -17.95 -45.61
CA VAL B 249 31.92 -18.35 -45.01
C VAL B 249 30.86 -18.61 -46.09
N ILE B 250 30.98 -17.98 -47.27
CA ILE B 250 30.09 -18.35 -48.37
C ILE B 250 30.33 -19.80 -48.79
N GLU B 251 31.60 -20.20 -48.90
CA GLU B 251 31.93 -21.59 -49.21
C GLU B 251 31.48 -22.54 -48.11
N GLY B 252 31.63 -22.13 -46.84
CA GLY B 252 31.11 -22.95 -45.76
C GLY B 252 29.61 -23.14 -45.84
N MET B 253 28.89 -22.07 -46.20
CA MET B 253 27.46 -22.16 -46.44
C MET B 253 27.15 -23.11 -47.58
N MET B 254 27.97 -23.07 -48.64
CA MET B 254 27.76 -23.95 -49.79
C MET B 254 27.90 -25.41 -49.38
N ILE B 255 28.94 -25.70 -48.59
CA ILE B 255 29.20 -27.06 -48.14
C ILE B 255 28.08 -27.54 -47.22
N GLY B 256 27.64 -26.67 -46.31
CA GLY B 256 26.53 -27.04 -45.44
C GLY B 256 25.23 -27.29 -46.20
N ALA B 257 24.96 -26.46 -47.20
CA ALA B 257 23.74 -26.62 -47.99
C ALA B 257 23.81 -27.90 -48.84
N TYR B 258 25.01 -28.26 -49.31
CA TYR B 258 25.15 -29.54 -49.99
C TYR B 258 25.00 -30.71 -49.04
N ALA B 259 25.50 -30.58 -47.81
CA ALA B 259 25.49 -31.71 -46.87
C ALA B 259 24.10 -31.95 -46.31
N ILE B 260 23.54 -30.96 -45.60
CA ILE B 260 22.22 -31.12 -45.01
C ILE B 260 21.15 -31.21 -46.09
N GLY B 261 21.24 -30.35 -47.10
CA GLY B 261 20.28 -30.39 -48.18
C GLY B 261 19.23 -29.29 -48.12
N SER B 262 19.65 -28.08 -47.79
CA SER B 262 18.77 -26.92 -47.73
C SER B 262 18.97 -26.07 -48.96
N ASP B 263 17.87 -25.65 -49.58
CA ASP B 263 17.90 -24.85 -50.80
C ASP B 263 17.80 -23.35 -50.55
N GLU B 264 17.74 -22.92 -49.29
CA GLU B 264 17.67 -21.50 -48.96
C GLU B 264 18.43 -21.27 -47.67
N GLY B 265 19.09 -20.12 -47.58
CA GLY B 265 19.89 -19.79 -46.42
C GLY B 265 19.98 -18.30 -46.21
N TYR B 266 20.17 -17.91 -44.95
CA TYR B 266 20.18 -16.52 -44.55
C TYR B 266 21.47 -16.18 -43.83
N ILE B 267 21.86 -14.91 -43.91
CA ILE B 267 22.98 -14.37 -43.15
C ILE B 267 22.46 -13.21 -42.31
N TYR B 268 22.69 -13.27 -41.01
CA TYR B 268 22.21 -12.25 -40.08
C TYR B 268 23.39 -11.41 -39.62
N VAL B 269 23.46 -10.17 -40.10
CA VAL B 269 24.46 -9.21 -39.67
C VAL B 269 23.76 -7.90 -39.33
N ARG B 270 24.29 -7.20 -38.34
CA ARG B 270 23.68 -5.95 -37.91
C ARG B 270 23.92 -4.85 -38.94
N ALA B 271 22.88 -4.06 -39.17
CA ALA B 271 22.95 -2.94 -40.11
C ALA B 271 23.77 -1.77 -39.58
N GLU B 272 24.17 -1.80 -38.30
CA GLU B 272 25.03 -0.76 -37.76
C GLU B 272 26.46 -0.87 -38.30
N TYR B 273 26.83 -2.02 -38.87
CA TYR B 273 28.09 -2.18 -39.58
C TYR B 273 27.81 -2.01 -41.07
N PRO B 274 28.03 -0.82 -41.64
CA PRO B 274 27.71 -0.64 -43.06
C PRO B 274 28.71 -1.29 -43.99
N LEU B 275 30.00 -1.27 -43.65
CA LEU B 275 31.03 -1.80 -44.55
C LEU B 275 30.94 -3.33 -44.62
N ALA B 276 30.61 -3.97 -43.49
CA ALA B 276 30.56 -5.44 -43.48
C ALA B 276 29.46 -5.95 -44.38
N VAL B 277 28.25 -5.38 -44.24
CA VAL B 277 27.15 -5.78 -45.12
C VAL B 277 27.42 -5.32 -46.54
N GLN B 278 28.17 -4.23 -46.71
CA GLN B 278 28.51 -3.77 -48.06
C GLN B 278 29.38 -4.80 -48.79
N MET B 279 30.48 -5.24 -48.18
CA MET B 279 31.29 -6.29 -48.81
C MET B 279 30.54 -7.61 -48.91
N LEU B 280 29.67 -7.92 -47.94
CA LEU B 280 28.91 -9.16 -48.04
C LEU B 280 27.98 -9.15 -49.26
N ARG B 281 27.23 -8.07 -49.45
CA ARG B 281 26.37 -7.95 -50.62
C ARG B 281 27.19 -7.94 -51.90
N LYS B 282 28.34 -7.25 -51.89
CA LYS B 282 29.19 -7.19 -53.07
C LYS B 282 29.66 -8.59 -53.48
N ALA B 283 30.09 -9.39 -52.50
CA ALA B 283 30.46 -10.76 -52.78
C ALA B 283 29.27 -11.57 -53.27
N ILE B 284 28.07 -11.27 -52.75
CA ILE B 284 26.87 -11.98 -53.19
C ILE B 284 26.61 -11.73 -54.68
N GLU B 285 26.59 -10.46 -55.12
CA GLU B 285 26.30 -10.26 -56.54
C GLU B 285 27.46 -10.67 -57.43
N GLU B 286 28.70 -10.60 -56.92
CA GLU B 286 29.83 -11.07 -57.73
C GLU B 286 29.75 -12.59 -57.93
N CYS B 287 29.39 -13.33 -56.89
CA CYS B 287 29.21 -14.77 -57.02
C CYS B 287 28.02 -15.11 -57.90
N GLU B 288 26.95 -14.31 -57.84
CA GLU B 288 25.81 -14.53 -58.73
C GLU B 288 26.20 -14.29 -60.17
N LYS B 289 27.00 -13.25 -60.43
CA LYS B 289 27.45 -12.97 -61.79
C LYS B 289 28.39 -14.04 -62.31
N LEU B 290 29.24 -14.60 -61.44
CA LEU B 290 30.12 -15.68 -61.87
C LEU B 290 29.34 -16.92 -62.24
N GLY B 291 28.30 -17.26 -61.49
CA GLY B 291 27.47 -18.41 -61.78
C GLY B 291 27.53 -19.55 -60.78
N LEU B 292 28.08 -19.32 -59.59
CA LEU B 292 28.16 -20.37 -58.58
C LEU B 292 26.90 -20.47 -57.72
N LEU B 293 25.92 -19.60 -57.94
CA LEU B 293 24.68 -19.61 -57.19
C LEU B 293 23.50 -19.66 -58.14
N GLY B 294 22.43 -20.33 -57.71
CA GLY B 294 21.23 -20.44 -58.51
C GLY B 294 20.76 -21.86 -58.68
N ASP B 295 20.71 -22.33 -59.93
CA ASP B 295 20.30 -23.69 -60.25
C ASP B 295 21.36 -24.37 -61.09
N ASN B 296 21.51 -25.68 -60.89
CA ASN B 296 22.46 -26.52 -61.62
C ASN B 296 23.89 -25.98 -61.50
N ILE B 297 24.40 -25.98 -60.26
CA ILE B 297 25.72 -25.43 -59.98
C ILE B 297 26.76 -26.35 -60.59
N LEU B 298 27.48 -25.85 -61.59
CA LEU B 298 28.55 -26.59 -62.29
C LEU B 298 28.04 -27.90 -62.89
N GLY B 299 26.77 -27.93 -63.30
CA GLY B 299 26.19 -29.10 -63.91
C GLY B 299 25.84 -30.22 -62.95
N THR B 300 26.00 -30.01 -61.65
CA THR B 300 25.68 -31.04 -60.67
C THR B 300 24.18 -31.24 -60.54
N GLY B 301 23.41 -30.15 -60.56
CA GLY B 301 22.00 -30.19 -60.26
C GLY B 301 21.63 -29.63 -58.90
N PHE B 302 22.62 -29.39 -58.04
CA PHE B 302 22.37 -28.77 -56.75
C PHE B 302 21.98 -27.30 -56.94
N SER B 303 20.99 -26.87 -56.16
CA SER B 303 20.48 -25.50 -56.25
C SER B 303 20.48 -24.87 -54.86
N PHE B 304 20.78 -23.58 -54.82
CA PHE B 304 20.83 -22.85 -53.56
C PHE B 304 20.64 -21.36 -53.81
N ARG B 305 20.11 -20.68 -52.80
CA ARG B 305 19.91 -19.23 -52.84
C ARG B 305 20.45 -18.62 -51.55
N LEU B 306 20.94 -17.39 -51.64
CA LEU B 306 21.47 -16.68 -50.49
C LEU B 306 20.80 -15.33 -50.36
N HIS B 307 20.35 -15.02 -49.14
CA HIS B 307 19.78 -13.73 -48.82
C HIS B 307 20.52 -13.12 -47.64
N VAL B 308 20.78 -11.82 -47.71
CA VAL B 308 21.45 -11.09 -46.63
C VAL B 308 20.40 -10.31 -45.87
N ARG B 309 20.31 -10.55 -44.56
CA ARG B 309 19.37 -9.87 -43.69
C ARG B 309 20.13 -8.90 -42.81
N GLU B 310 19.54 -7.72 -42.60
CA GLU B 310 20.15 -6.68 -41.77
C GLU B 310 19.43 -6.64 -40.43
N GLY B 311 20.20 -6.81 -39.35
CA GLY B 311 19.63 -6.76 -38.02
C GLY B 311 19.25 -5.35 -37.63
N ALA B 312 18.73 -5.23 -36.41
CA ALA B 312 18.23 -3.96 -35.92
C ALA B 312 18.60 -3.73 -34.47
N GLY B 313 19.83 -4.05 -34.10
CA GLY B 313 20.26 -3.69 -32.76
C GLY B 313 20.41 -4.80 -31.74
N ALA B 314 19.38 -4.94 -30.89
CA ALA B 314 19.46 -5.52 -29.55
C ALA B 314 20.26 -6.82 -29.51
N PHE B 315 21.03 -6.98 -28.42
CA PHE B 315 21.92 -8.11 -28.25
C PHE B 315 21.16 -9.39 -27.93
N VAL B 316 20.00 -9.27 -27.28
CA VAL B 316 19.19 -10.43 -26.94
C VAL B 316 18.69 -11.16 -28.19
N CYS B 317 18.74 -10.51 -29.35
CA CYS B 317 18.40 -11.14 -30.62
C CYS B 317 19.43 -12.18 -31.05
N GLY B 318 20.57 -12.25 -30.36
CA GLY B 318 21.60 -13.20 -30.75
C GLY B 318 21.19 -14.65 -30.61
N GLU B 319 20.21 -14.94 -29.78
CA GLU B 319 19.79 -16.32 -29.57
C GLU B 319 19.08 -16.88 -30.81
N SER B 320 18.89 -18.19 -30.82
CA SER B 320 18.32 -18.87 -31.98
C SER B 320 16.87 -18.47 -32.20
N THR B 321 16.01 -18.68 -31.20
CA THR B 321 14.60 -18.35 -31.34
C THR B 321 14.40 -16.85 -31.51
N ALA B 322 15.21 -16.04 -30.84
CA ALA B 322 15.09 -14.59 -30.97
C ALA B 322 15.38 -14.13 -32.39
N LEU B 323 16.44 -14.67 -33.01
CA LEU B 323 16.73 -14.26 -34.38
C LEU B 323 15.73 -14.86 -35.36
N THR B 324 15.19 -16.04 -35.06
CA THR B 324 14.13 -16.59 -35.90
C THR B 324 12.91 -15.67 -35.91
N TYR B 325 12.49 -15.22 -34.72
CA TYR B 325 11.38 -14.27 -34.65
C TYR B 325 11.73 -12.94 -35.30
N SER B 326 12.98 -12.51 -35.20
CA SER B 326 13.39 -11.26 -35.82
C SER B 326 13.31 -11.35 -37.35
N ILE B 327 13.77 -12.45 -37.92
CA ILE B 327 13.78 -12.56 -39.38
C ILE B 327 12.38 -12.86 -39.91
N GLU B 328 11.50 -13.43 -39.06
CA GLU B 328 10.10 -13.51 -39.48
C GLU B 328 9.46 -12.13 -39.55
N GLY B 329 9.82 -11.25 -38.62
CA GLY B 329 9.27 -9.90 -38.62
C GLY B 329 8.43 -9.58 -37.40
N LYS B 330 8.75 -10.21 -36.27
CA LYS B 330 8.03 -9.94 -35.04
C LYS B 330 8.98 -9.42 -33.96
N ARG B 331 8.48 -9.22 -32.75
CA ARG B 331 9.35 -8.82 -31.66
C ARG B 331 10.31 -9.96 -31.29
N GLY B 332 11.55 -9.58 -30.96
CA GLY B 332 12.57 -10.57 -30.68
C GLY B 332 12.53 -11.10 -29.26
N MET B 333 11.45 -11.77 -28.89
CA MET B 333 11.35 -12.39 -27.58
C MET B 333 11.56 -13.89 -27.70
N PRO B 334 12.29 -14.51 -26.78
CA PRO B 334 12.57 -15.95 -26.91
C PRO B 334 11.31 -16.79 -26.75
N ARG B 335 11.30 -17.93 -27.41
CA ARG B 335 10.20 -18.88 -27.36
C ARG B 335 10.58 -20.07 -26.48
N VAL B 336 9.59 -20.61 -25.77
CA VAL B 336 9.83 -21.73 -24.87
C VAL B 336 10.23 -22.97 -25.67
N ARG B 337 11.00 -23.84 -25.03
CA ARG B 337 11.40 -25.12 -25.58
C ARG B 337 11.07 -26.21 -24.56
N PRO B 338 10.74 -27.43 -25.02
CA PRO B 338 10.66 -27.99 -26.37
C PRO B 338 9.50 -27.44 -27.19
N PRO B 339 9.56 -27.54 -28.53
CA PRO B 339 10.59 -28.17 -29.38
C PRO B 339 11.83 -27.31 -29.59
N ARG B 340 12.94 -27.96 -29.94
CA ARG B 340 14.17 -27.24 -30.24
C ARG B 340 14.06 -26.56 -31.61
N THR B 341 15.14 -25.88 -31.99
CA THR B 341 15.12 -25.11 -33.23
C THR B 341 15.42 -25.96 -34.45
N ASN B 342 15.90 -27.19 -34.25
CA ASN B 342 16.26 -28.04 -35.37
C ASN B 342 15.12 -28.93 -35.86
N GLU B 343 13.95 -28.87 -35.23
CA GLU B 343 12.79 -29.61 -35.70
C GLU B 343 11.55 -28.76 -35.90
N CYS B 344 11.48 -27.58 -35.28
CA CYS B 344 10.41 -26.61 -35.56
C CYS B 344 11.01 -25.22 -35.35
N GLY B 345 11.54 -24.65 -36.44
CA GLY B 345 12.21 -23.37 -36.37
C GLY B 345 11.57 -22.26 -37.19
N LEU B 346 12.25 -21.88 -38.26
CA LEU B 346 11.79 -20.78 -39.10
C LEU B 346 10.57 -21.18 -39.90
N TRP B 347 9.42 -20.57 -39.57
CA TRP B 347 8.14 -20.79 -40.27
C TRP B 347 7.74 -22.27 -40.26
N GLU B 348 8.08 -22.97 -39.18
CA GLU B 348 7.77 -24.40 -39.00
C GLU B 348 8.44 -25.28 -40.05
N MET B 349 9.72 -25.00 -40.33
CA MET B 349 10.60 -25.90 -41.05
C MET B 349 11.89 -26.08 -40.28
N PRO B 350 12.56 -27.23 -40.45
CA PRO B 350 13.83 -27.46 -39.75
C PRO B 350 14.89 -26.45 -40.10
N THR B 351 15.69 -26.08 -39.10
CA THR B 351 16.74 -25.08 -39.24
C THR B 351 18.04 -25.58 -38.61
N VAL B 352 19.14 -25.15 -39.21
CA VAL B 352 20.49 -25.37 -38.69
C VAL B 352 21.09 -23.99 -38.48
N LEU B 353 21.65 -23.76 -37.30
CA LEU B 353 22.19 -22.45 -36.94
C LEU B 353 23.62 -22.61 -36.45
N ASN B 354 24.52 -21.77 -36.98
CA ASN B 354 25.92 -21.82 -36.55
C ASN B 354 26.52 -20.44 -36.61
N ASN B 355 27.69 -20.29 -36.00
CA ASN B 355 28.43 -19.05 -35.97
C ASN B 355 29.22 -18.86 -37.27
N VAL B 356 29.80 -17.67 -37.41
CA VAL B 356 30.71 -17.41 -38.52
C VAL B 356 31.94 -18.32 -38.43
N GLU B 357 32.48 -18.48 -37.23
CA GLU B 357 33.70 -19.27 -37.05
C GLU B 357 33.48 -20.73 -37.42
N THR B 358 32.32 -21.28 -37.07
CA THR B 358 32.04 -22.69 -37.33
C THR B 358 31.99 -22.98 -38.84
N PHE B 359 31.32 -22.11 -39.60
CA PHE B 359 31.30 -22.29 -41.05
C PHE B 359 32.62 -21.88 -41.70
N ALA B 360 33.44 -21.09 -40.99
CA ALA B 360 34.71 -20.66 -41.55
C ALA B 360 35.72 -21.80 -41.66
N CYS B 361 35.60 -22.82 -40.82
CA CYS B 361 36.59 -23.90 -40.76
C CYS B 361 36.26 -25.06 -41.68
N ILE B 362 35.03 -25.15 -42.20
CA ILE B 362 34.61 -26.34 -42.94
C ILE B 362 35.44 -26.60 -44.21
N PRO B 363 35.73 -25.58 -45.05
CA PRO B 363 36.59 -25.89 -46.21
C PRO B 363 37.96 -26.44 -45.86
N GLU B 364 38.56 -25.99 -44.76
CA GLU B 364 39.81 -26.59 -44.30
C GLU B 364 39.61 -28.05 -43.90
N ILE B 365 38.48 -28.35 -43.23
CA ILE B 365 38.16 -29.72 -42.85
C ILE B 365 38.05 -30.60 -44.09
N ILE B 366 37.45 -30.07 -45.15
CA ILE B 366 37.29 -30.85 -46.38
C ILE B 366 38.65 -31.03 -47.07
N LEU B 367 39.44 -29.96 -47.16
CA LEU B 367 40.67 -30.00 -47.93
C LEU B 367 41.73 -30.86 -47.26
N ASN B 368 41.95 -30.66 -45.96
CA ASN B 368 43.07 -31.33 -45.29
C ASN B 368 42.68 -32.64 -44.61
N GLY B 369 41.40 -32.91 -44.45
CA GLY B 369 40.97 -34.13 -43.78
C GLY B 369 40.85 -33.94 -42.28
N GLY B 370 40.25 -34.94 -41.63
CA GLY B 370 39.97 -34.84 -40.21
C GLY B 370 41.18 -35.06 -39.32
N GLU B 371 42.13 -35.90 -39.75
CA GLU B 371 43.24 -36.26 -38.88
C GLU B 371 44.20 -35.11 -38.67
N TRP B 372 44.44 -34.30 -39.70
CA TRP B 372 45.35 -33.17 -39.56
C TRP B 372 44.75 -32.11 -38.64
N PHE B 373 43.44 -31.88 -38.75
CA PHE B 373 42.77 -30.91 -37.90
C PHE B 373 42.72 -31.41 -36.46
N ALA B 374 42.43 -32.70 -36.26
CA ALA B 374 42.39 -33.27 -34.92
C ALA B 374 43.77 -33.39 -34.29
N SER B 375 44.84 -33.36 -35.10
CA SER B 375 46.19 -33.42 -34.57
C SER B 375 46.63 -32.14 -33.89
N ILE B 376 45.87 -31.05 -34.03
CA ILE B 376 46.23 -29.76 -33.47
C ILE B 376 45.65 -29.67 -32.06
N GLY B 377 46.52 -29.55 -31.06
CA GLY B 377 46.08 -29.33 -29.70
C GLY B 377 45.52 -30.60 -29.05
N THR B 378 44.89 -30.40 -27.89
CA THR B 378 44.30 -31.50 -27.15
C THR B 378 43.10 -32.07 -27.91
N PRO B 379 43.01 -33.39 -28.04
CA PRO B 379 41.90 -34.00 -28.80
C PRO B 379 40.53 -33.75 -28.20
N THR B 380 40.42 -33.37 -26.93
CA THR B 380 39.13 -32.98 -26.38
C THR B 380 38.77 -31.54 -26.71
N SER B 381 39.73 -30.75 -27.20
CA SER B 381 39.52 -29.34 -27.54
C SER B 381 40.15 -29.05 -28.90
N THR B 382 39.83 -29.88 -29.89
CA THR B 382 40.39 -29.73 -31.22
C THR B 382 40.01 -28.40 -31.84
N GLY B 383 40.95 -27.80 -32.56
CA GLY B 383 40.71 -26.58 -33.31
C GLY B 383 41.52 -25.41 -32.79
N THR B 384 41.25 -24.25 -33.37
CA THR B 384 41.82 -22.99 -32.94
C THR B 384 40.70 -22.01 -32.62
N LYS B 385 40.94 -21.18 -31.60
CA LYS B 385 39.99 -20.16 -31.20
C LYS B 385 40.62 -18.78 -31.38
N ILE B 386 39.85 -17.86 -31.92
CA ILE B 386 40.29 -16.49 -32.19
C ILE B 386 39.94 -15.63 -30.98
N PHE B 387 40.90 -14.82 -30.53
CA PHE B 387 40.77 -14.00 -29.34
C PHE B 387 41.05 -12.55 -29.70
N ALA B 388 40.46 -11.64 -28.93
CA ALA B 388 40.71 -10.21 -29.08
C ALA B 388 41.27 -9.67 -27.77
N LEU B 389 42.42 -9.00 -27.85
CA LEU B 389 43.08 -8.45 -26.67
C LEU B 389 42.71 -6.99 -26.51
N SER B 390 42.33 -6.61 -25.29
CA SER B 390 41.94 -5.24 -25.00
C SER B 390 42.23 -4.94 -23.54
N GLY B 391 42.27 -3.64 -23.21
CA GLY B 391 42.52 -3.22 -21.85
C GLY B 391 43.87 -2.57 -21.66
N LYS B 392 44.38 -2.61 -20.43
CA LYS B 392 45.66 -2.00 -20.10
C LYS B 392 46.80 -2.97 -20.44
N VAL B 393 46.97 -3.19 -21.75
CA VAL B 393 48.01 -4.05 -22.27
C VAL B 393 48.76 -3.29 -23.36
N ASN B 394 50.05 -3.59 -23.50
CA ASN B 394 50.91 -2.86 -24.42
C ASN B 394 50.45 -3.04 -25.87
N ARG B 395 50.12 -4.27 -26.25
CA ARG B 395 49.71 -4.57 -27.61
C ARG B 395 48.27 -5.08 -27.61
N THR B 396 47.41 -4.40 -28.36
CA THR B 396 46.01 -4.79 -28.53
C THR B 396 45.81 -5.22 -29.98
N GLY B 397 45.00 -6.26 -30.17
CA GLY B 397 44.71 -6.70 -31.51
C GLY B 397 44.04 -8.06 -31.52
N LEU B 398 44.06 -8.68 -32.69
CA LEU B 398 43.40 -9.95 -32.94
C LEU B 398 44.45 -11.05 -32.99
N VAL B 399 44.24 -12.10 -32.21
CA VAL B 399 45.19 -13.21 -32.13
C VAL B 399 44.45 -14.50 -32.45
N GLU B 400 45.16 -15.46 -33.02
CA GLU B 400 44.60 -16.76 -33.39
C GLU B 400 45.50 -17.85 -32.84
N VAL B 401 45.06 -18.49 -31.77
CA VAL B 401 45.88 -19.49 -31.08
C VAL B 401 45.09 -20.78 -30.89
N PRO B 402 45.75 -21.94 -30.92
CA PRO B 402 45.05 -23.19 -30.60
C PRO B 402 44.75 -23.28 -29.11
N MET B 403 43.72 -24.06 -28.77
CA MET B 403 43.44 -24.34 -27.37
C MET B 403 44.56 -25.18 -26.77
N GLY B 404 44.88 -24.92 -25.51
CA GLY B 404 45.91 -25.66 -24.79
C GLY B 404 47.08 -24.82 -24.31
N LEU B 405 47.23 -23.59 -24.79
CA LEU B 405 48.35 -22.77 -24.36
C LEU B 405 48.12 -22.18 -22.98
N LYS B 406 49.21 -21.94 -22.26
CA LYS B 406 49.13 -21.31 -20.96
C LYS B 406 48.78 -19.83 -21.10
N LEU B 407 48.03 -19.31 -20.15
CA LEU B 407 47.64 -17.90 -20.16
C LEU B 407 48.82 -16.97 -19.89
N ARG B 408 49.91 -17.49 -19.33
CA ARG B 408 51.06 -16.65 -18.99
C ARG B 408 51.67 -16.01 -20.22
N GLU B 409 51.99 -16.81 -21.23
CA GLU B 409 52.56 -16.26 -22.46
C GLU B 409 51.52 -15.55 -23.31
N LEU B 410 50.24 -15.92 -23.19
CA LEU B 410 49.20 -15.24 -23.94
C LEU B 410 49.02 -13.80 -23.45
N ILE B 411 49.07 -13.60 -22.13
CA ILE B 411 48.83 -12.26 -21.58
C ILE B 411 50.13 -11.46 -21.53
N PHE B 412 51.23 -12.07 -21.09
CA PHE B 412 52.47 -11.34 -20.87
C PHE B 412 53.36 -11.32 -22.11
N ASP B 413 53.68 -12.50 -22.66
CA ASP B 413 54.60 -12.57 -23.79
C ASP B 413 53.97 -12.02 -25.06
N ILE B 414 52.76 -12.45 -25.38
CA ILE B 414 52.09 -11.96 -26.58
C ILE B 414 51.66 -10.50 -26.40
N GLY B 415 51.08 -10.18 -25.24
CA GLY B 415 50.63 -8.83 -24.99
C GLY B 415 51.71 -7.83 -24.63
N GLY B 416 52.93 -8.30 -24.40
CA GLY B 416 54.00 -7.39 -24.01
C GLY B 416 53.93 -6.93 -22.57
N GLY B 417 53.19 -7.64 -21.73
CA GLY B 417 53.07 -7.28 -20.33
C GLY B 417 51.93 -6.30 -20.08
N ILE B 418 52.02 -5.65 -18.93
CA ILE B 418 51.04 -4.63 -18.53
C ILE B 418 51.59 -3.26 -18.88
N ALA B 419 50.76 -2.44 -19.53
CA ALA B 419 51.22 -1.15 -20.03
C ALA B 419 51.48 -0.18 -18.88
N ASN B 420 52.38 0.77 -19.14
CA ASN B 420 52.75 1.84 -18.20
C ASN B 420 53.34 1.28 -16.90
N ASN B 421 53.88 0.06 -16.96
CA ASN B 421 54.57 -0.60 -15.85
C ASN B 421 53.70 -0.64 -14.60
N LYS B 422 52.44 -1.02 -14.78
CA LYS B 422 51.51 -1.18 -13.68
C LYS B 422 51.48 -2.64 -13.24
N LYS B 423 50.55 -2.99 -12.36
CA LYS B 423 50.48 -4.32 -11.78
C LYS B 423 49.19 -5.01 -12.22
N PHE B 424 49.30 -6.29 -12.52
CA PHE B 424 48.19 -7.09 -13.00
C PHE B 424 47.20 -7.38 -11.87
N LYS B 425 45.91 -7.26 -12.17
CA LYS B 425 44.87 -7.55 -11.19
C LYS B 425 43.95 -8.69 -11.62
N ALA B 426 43.33 -8.60 -12.79
CA ALA B 426 42.32 -9.60 -13.16
C ALA B 426 42.13 -9.62 -14.67
N VAL B 427 41.48 -10.68 -15.14
CA VAL B 427 41.07 -10.79 -16.54
C VAL B 427 39.62 -11.25 -16.63
N GLN B 428 38.93 -10.74 -17.63
CA GLN B 428 37.59 -11.17 -17.98
C GLN B 428 37.65 -11.93 -19.30
N LEU B 429 37.01 -13.11 -19.31
CA LEU B 429 36.92 -13.94 -20.50
C LEU B 429 35.46 -14.04 -20.92
N GLY B 430 35.18 -13.76 -22.18
CA GLY B 430 33.86 -13.94 -22.73
C GLY B 430 32.91 -12.77 -22.57
N GLY B 431 33.29 -11.73 -21.84
CA GLY B 431 32.42 -10.60 -21.64
C GLY B 431 31.40 -10.84 -20.56
N PRO B 432 30.16 -10.40 -20.79
CA PRO B 432 29.11 -10.58 -19.77
C PRO B 432 28.75 -12.04 -19.52
N SER B 433 29.04 -12.94 -20.44
CA SER B 433 28.72 -14.35 -20.26
C SER B 433 29.76 -15.09 -19.43
N GLY B 434 30.87 -14.45 -19.08
CA GLY B 434 31.92 -15.08 -18.31
C GLY B 434 32.14 -14.42 -16.96
N GLY B 435 33.06 -15.02 -16.21
CA GLY B 435 33.40 -14.56 -14.88
C GLY B 435 34.75 -13.84 -14.84
N CYS B 436 35.29 -13.77 -13.63
CA CYS B 436 36.56 -13.11 -13.36
C CYS B 436 37.62 -14.14 -13.04
N VAL B 437 38.80 -13.99 -13.64
CA VAL B 437 39.95 -14.83 -13.31
C VAL B 437 41.01 -13.93 -12.69
N PRO B 438 41.41 -14.16 -11.43
CA PRO B 438 42.44 -13.32 -10.82
C PRO B 438 43.85 -13.77 -11.16
N GLU B 439 44.84 -13.13 -10.54
CA GLU B 439 46.24 -13.48 -10.80
C GLU B 439 46.60 -14.88 -10.31
N SER B 440 45.87 -15.41 -9.33
CA SER B 440 46.22 -16.70 -8.76
C SER B 440 46.01 -17.86 -9.73
N GLN B 441 45.18 -17.69 -10.75
CA GLN B 441 44.88 -18.74 -11.71
C GLN B 441 45.31 -18.32 -13.11
N LEU B 442 46.46 -17.66 -13.20
CA LEU B 442 47.02 -17.25 -14.49
C LEU B 442 47.77 -18.38 -15.18
N ASP B 443 47.97 -19.52 -14.51
CA ASP B 443 48.72 -20.64 -15.04
C ASP B 443 47.81 -21.82 -15.41
N LEU B 444 46.64 -21.54 -15.98
CA LEU B 444 45.68 -22.57 -16.35
C LEU B 444 45.59 -22.67 -17.86
N PRO B 445 45.59 -23.88 -18.43
CA PRO B 445 45.44 -24.01 -19.88
C PRO B 445 44.06 -23.59 -20.35
N ILE B 446 44.00 -23.16 -21.61
CA ILE B 446 42.77 -22.70 -22.22
C ILE B 446 42.07 -23.88 -22.89
N ASP B 447 40.84 -24.16 -22.45
CA ASP B 447 40.04 -25.28 -22.94
C ASP B 447 38.64 -25.16 -22.34
N PHE B 448 37.75 -26.02 -22.83
CA PHE B 448 36.39 -26.07 -22.29
C PHE B 448 36.36 -26.60 -20.86
N ASP B 449 37.07 -27.71 -20.62
CA ASP B 449 36.89 -28.46 -19.39
C ASP B 449 37.42 -27.71 -18.17
N SER B 450 38.64 -27.18 -18.28
CA SER B 450 39.25 -26.52 -17.13
C SER B 450 38.51 -25.23 -16.76
N LEU B 451 38.05 -24.48 -17.76
CA LEU B 451 37.27 -23.28 -17.47
C LEU B 451 35.91 -23.65 -16.91
N SER B 452 35.31 -24.74 -17.39
CA SER B 452 34.04 -25.20 -16.83
C SER B 452 34.19 -25.62 -15.37
N LYS B 453 35.32 -26.24 -15.02
CA LYS B 453 35.56 -26.61 -13.64
C LYS B 453 35.81 -25.39 -12.75
N ALA B 454 36.36 -24.32 -13.32
CA ALA B 454 36.56 -23.07 -12.60
C ALA B 454 35.40 -22.11 -12.75
N GLY B 455 34.36 -22.48 -13.51
CA GLY B 455 33.20 -21.63 -13.69
C GLY B 455 33.29 -20.62 -14.82
N ALA B 456 34.44 -20.53 -15.48
CA ALA B 456 34.59 -19.57 -16.57
C ALA B 456 34.02 -20.14 -17.87
N ILE B 457 33.56 -19.23 -18.73
CA ILE B 457 32.98 -19.57 -20.02
C ILE B 457 33.73 -18.78 -21.09
N MET B 458 34.12 -19.46 -22.17
CA MET B 458 34.79 -18.76 -23.26
C MET B 458 33.88 -17.74 -23.92
N GLY B 459 32.60 -18.08 -24.09
CA GLY B 459 31.67 -17.16 -24.73
C GLY B 459 32.05 -16.87 -26.17
N SER B 460 31.85 -15.60 -26.56
CA SER B 460 32.29 -15.18 -27.88
C SER B 460 33.80 -15.26 -28.02
N GLY B 461 34.51 -14.88 -26.97
CA GLY B 461 35.97 -14.91 -26.96
C GLY B 461 36.63 -13.61 -26.55
N GLY B 462 35.86 -12.61 -26.12
CA GLY B 462 36.47 -11.35 -25.71
C GLY B 462 37.28 -11.52 -24.45
N VAL B 463 38.57 -11.16 -24.52
CA VAL B 463 39.49 -11.25 -23.38
C VAL B 463 39.97 -9.85 -23.06
N VAL B 464 39.74 -9.41 -21.83
CA VAL B 464 40.17 -8.08 -21.42
C VAL B 464 40.92 -8.17 -20.10
N VAL B 465 41.96 -7.35 -19.96
CA VAL B 465 42.80 -7.30 -18.77
C VAL B 465 42.40 -6.05 -17.97
N VAL B 466 42.61 -6.11 -16.66
CA VAL B 466 42.34 -4.96 -15.80
C VAL B 466 43.36 -4.95 -14.67
N ASP B 467 43.88 -3.75 -14.39
CA ASP B 467 44.94 -3.55 -13.41
C ASP B 467 44.36 -3.12 -12.06
N GLU B 468 45.25 -2.72 -11.16
CA GLU B 468 44.87 -2.32 -9.81
C GLU B 468 44.23 -0.93 -9.77
N ASP B 469 44.23 -0.23 -10.90
CA ASP B 469 43.83 1.18 -10.95
C ASP B 469 42.38 1.36 -10.50
N THR B 470 41.51 0.41 -10.80
CA THR B 470 40.08 0.60 -10.59
C THR B 470 39.55 -0.34 -9.52
N CYS B 471 38.34 -0.03 -9.04
CA CYS B 471 37.66 -0.84 -8.06
C CYS B 471 36.72 -1.81 -8.77
N MET B 472 36.68 -3.06 -8.28
CA MET B 472 35.93 -4.09 -9.00
C MET B 472 34.42 -3.93 -8.80
N VAL B 473 34.00 -3.21 -7.76
CA VAL B 473 32.59 -2.97 -7.55
C VAL B 473 32.00 -2.17 -8.70
N ASP B 474 32.70 -1.11 -9.11
CA ASP B 474 32.26 -0.31 -10.25
C ASP B 474 32.25 -1.11 -11.53
N PHE B 475 33.19 -2.05 -11.68
CA PHE B 475 33.28 -2.83 -12.91
C PHE B 475 32.15 -3.84 -13.01
N ALA B 476 31.84 -4.53 -11.91
CA ALA B 476 30.66 -5.39 -11.86
C ALA B 476 29.39 -4.58 -12.05
N LYS B 477 29.34 -3.37 -11.50
CA LYS B 477 28.19 -2.49 -11.71
C LYS B 477 28.03 -2.14 -13.18
N PHE B 478 29.13 -1.89 -13.88
CA PHE B 478 29.05 -1.60 -15.31
C PHE B 478 28.51 -2.79 -16.09
N PHE B 479 28.98 -4.00 -15.77
CA PHE B 479 28.42 -5.19 -16.42
C PHE B 479 26.92 -5.33 -16.13
N THR B 480 26.52 -5.09 -14.88
CA THR B 480 25.10 -5.18 -14.54
C THR B 480 24.30 -4.12 -15.29
N ASN B 481 24.86 -2.93 -15.47
CA ASN B 481 24.15 -1.88 -16.21
C ASN B 481 23.95 -2.27 -17.66
N PHE B 482 24.99 -2.83 -18.28
CA PHE B 482 24.83 -3.32 -19.66
C PHE B 482 23.78 -4.41 -19.73
N ILE B 483 23.74 -5.30 -18.74
CA ILE B 483 22.76 -6.39 -18.76
C ILE B 483 21.35 -5.86 -18.60
N VAL B 484 21.17 -4.86 -17.73
CA VAL B 484 19.84 -4.29 -17.50
C VAL B 484 19.33 -3.56 -18.74
N GLU B 485 20.19 -2.76 -19.37
CA GLU B 485 19.71 -1.96 -20.50
C GLU B 485 19.42 -2.79 -21.74
N GLU B 486 19.73 -4.09 -21.74
CA GLU B 486 19.58 -4.92 -22.93
C GLU B 486 18.57 -6.06 -22.73
N SER B 487 18.04 -6.22 -21.54
CA SER B 487 17.10 -7.31 -21.28
C SER B 487 15.78 -7.06 -21.98
N CYS B 488 15.20 -8.12 -22.52
CA CYS B 488 13.96 -8.01 -23.29
C CYS B 488 12.72 -7.87 -22.42
N GLY B 489 12.73 -8.40 -21.21
CA GLY B 489 11.63 -8.21 -20.29
C GLY B 489 10.40 -9.04 -20.60
N LYS B 490 10.52 -10.35 -20.52
CA LYS B 490 9.40 -11.25 -20.74
C LYS B 490 9.09 -12.12 -19.53
N CYS B 491 10.11 -12.63 -18.86
CA CYS B 491 9.91 -13.43 -17.66
C CYS B 491 10.29 -12.64 -16.42
N ILE B 492 9.62 -12.97 -15.31
CA ILE B 492 9.82 -12.22 -14.08
C ILE B 492 11.26 -12.26 -13.56
N PRO B 493 11.96 -13.43 -13.49
CA PRO B 493 13.30 -13.44 -12.90
C PRO B 493 14.29 -12.43 -13.47
N CYS B 494 14.59 -12.50 -14.78
CA CYS B 494 15.59 -11.61 -15.36
C CYS B 494 15.16 -10.16 -15.26
N ARG B 495 13.94 -9.85 -15.74
CA ARG B 495 13.44 -8.49 -15.82
C ARG B 495 13.36 -7.81 -14.46
N GLU B 496 12.94 -8.53 -13.43
CA GLU B 496 12.73 -7.93 -12.11
C GLU B 496 13.88 -8.20 -11.16
N GLY B 497 14.89 -8.94 -11.57
CA GLY B 497 16.02 -9.17 -10.71
C GLY B 497 17.25 -8.40 -11.14
N ASN B 498 17.42 -8.19 -12.44
CA ASN B 498 18.54 -7.37 -12.88
C ASN B 498 18.37 -5.91 -12.48
N LYS B 499 17.15 -5.40 -12.52
CA LYS B 499 16.87 -4.04 -12.09
C LYS B 499 16.89 -3.90 -10.57
N LYS B 500 16.78 -5.00 -9.83
CA LYS B 500 16.87 -4.96 -8.37
C LYS B 500 18.28 -5.19 -7.87
N MET B 501 19.11 -5.88 -8.64
CA MET B 501 20.51 -6.07 -8.27
C MET B 501 21.32 -4.80 -8.51
N LEU B 502 20.78 -3.88 -9.30
CA LEU B 502 21.48 -2.64 -9.64
C LEU B 502 21.02 -1.50 -8.73
N GLU B 503 20.31 -1.86 -7.66
CA GLU B 503 20.00 -0.90 -6.61
C GLU B 503 20.71 -1.27 -5.33
N ILE B 504 21.08 -2.54 -5.14
CA ILE B 504 21.99 -2.95 -4.08
C ILE B 504 23.42 -2.48 -4.37
N LEU B 505 23.86 -2.60 -5.62
CA LEU B 505 25.18 -2.12 -5.99
C LEU B 505 25.23 -0.60 -5.99
N GLU B 506 24.12 0.04 -6.34
CA GLU B 506 24.03 1.51 -6.23
C GLU B 506 24.23 1.97 -4.80
N ARG B 507 23.66 1.24 -3.84
CA ARG B 507 23.81 1.61 -2.44
C ARG B 507 25.23 1.34 -1.94
N ILE B 508 25.88 0.30 -2.47
CA ILE B 508 27.25 -0.01 -2.08
C ILE B 508 28.21 1.03 -2.61
N THR B 509 28.06 1.40 -3.89
CA THR B 509 28.94 2.38 -4.52
C THR B 509 28.78 3.77 -3.94
N GLU B 510 27.57 4.19 -3.59
CA GLU B 510 27.31 5.52 -3.06
C GLU B 510 27.57 5.62 -1.57
N GLY B 511 27.94 4.52 -0.91
CA GLY B 511 28.27 4.54 0.50
C GLY B 511 27.10 4.40 1.45
N LYS B 512 25.87 4.36 0.94
CA LYS B 512 24.70 4.22 1.80
C LYS B 512 24.35 2.77 2.10
N GLY B 513 25.13 1.81 1.60
CA GLY B 513 24.80 0.41 1.83
C GLY B 513 24.96 0.02 3.28
N LYS B 514 24.21 -1.00 3.67
CA LYS B 514 24.20 -1.53 5.03
C LYS B 514 24.72 -2.97 5.03
N GLU B 515 24.72 -3.58 6.20
CA GLU B 515 25.20 -4.95 6.34
C GLU B 515 24.19 -5.94 5.77
N GLY B 516 24.68 -7.13 5.44
CA GLY B 516 23.84 -8.19 4.91
C GLY B 516 23.57 -8.14 3.43
N ASP B 517 24.21 -7.22 2.70
CA ASP B 517 23.94 -7.09 1.27
C ASP B 517 24.58 -8.19 0.43
N ILE B 518 25.71 -8.74 0.89
CA ILE B 518 26.42 -9.72 0.08
C ILE B 518 25.64 -11.03 -0.01
N GLU B 519 25.09 -11.48 1.12
CA GLU B 519 24.27 -12.69 1.10
C GLU B 519 23.01 -12.50 0.28
N LEU B 520 22.41 -11.30 0.34
CA LEU B 520 21.25 -11.00 -0.49
C LEU B 520 21.61 -11.04 -1.97
N LEU B 521 22.79 -10.50 -2.33
CA LEU B 521 23.25 -10.59 -3.71
C LEU B 521 23.46 -12.03 -4.14
N GLU B 522 24.02 -12.86 -3.25
CA GLU B 522 24.23 -14.26 -3.59
C GLU B 522 22.91 -14.99 -3.81
N GLU B 523 21.92 -14.74 -2.95
CA GLU B 523 20.61 -15.37 -3.11
C GLU B 523 19.93 -14.92 -4.40
N LEU B 524 19.99 -13.61 -4.70
CA LEU B 524 19.40 -13.10 -5.93
C LEU B 524 20.09 -13.69 -7.15
N GLY B 525 21.42 -13.80 -7.11
CA GLY B 525 22.14 -14.40 -8.23
C GLY B 525 21.77 -15.84 -8.44
N ASP B 526 21.65 -16.62 -7.36
CA ASP B 526 21.27 -18.02 -7.49
C ASP B 526 19.88 -18.15 -8.10
N VAL B 527 18.93 -17.34 -7.62
CA VAL B 527 17.56 -17.44 -8.15
C VAL B 527 17.50 -17.02 -9.60
N ILE B 528 18.19 -15.92 -9.97
CA ILE B 528 18.16 -15.44 -11.35
C ILE B 528 18.81 -16.44 -12.28
N ILE B 529 19.92 -17.04 -11.87
CA ILE B 529 20.57 -18.07 -12.67
C ILE B 529 19.65 -19.28 -12.85
N SER B 530 18.99 -19.73 -11.80
CA SER B 530 18.21 -20.96 -11.90
C SER B 530 16.90 -20.78 -12.65
N ALA B 531 16.18 -19.68 -12.44
CA ALA B 531 14.79 -19.58 -12.85
C ALA B 531 14.58 -18.75 -14.12
N SER B 532 15.65 -18.33 -14.78
CA SER B 532 15.47 -17.58 -16.02
C SER B 532 14.99 -18.49 -17.14
N LEU B 533 14.52 -17.88 -18.23
CA LEU B 533 13.96 -18.63 -19.34
C LEU B 533 14.97 -18.85 -20.47
N CYS B 534 15.54 -17.78 -21.01
CA CYS B 534 16.49 -17.88 -22.10
C CYS B 534 17.90 -17.96 -21.54
N GLY B 535 18.90 -17.82 -22.39
CA GLY B 535 20.28 -17.92 -21.96
C GLY B 535 20.87 -16.63 -21.43
N LEU B 536 20.26 -15.49 -21.78
CA LEU B 536 20.79 -14.21 -21.31
C LEU B 536 20.60 -14.05 -19.81
N GLY B 537 19.44 -14.44 -19.29
CA GLY B 537 19.20 -14.32 -17.87
C GLY B 537 19.86 -15.40 -17.02
N LYS B 538 20.43 -16.43 -17.65
CA LYS B 538 21.11 -17.47 -16.91
C LYS B 538 22.58 -17.13 -16.64
N THR B 539 23.18 -16.27 -17.45
CA THR B 539 24.55 -15.82 -17.24
C THR B 539 24.62 -14.36 -16.81
N ALA B 540 23.48 -13.76 -16.46
CA ALA B 540 23.44 -12.37 -16.03
C ALA B 540 24.18 -12.10 -14.72
N PRO B 541 24.00 -12.87 -13.64
CA PRO B 541 24.73 -12.57 -12.40
C PRO B 541 26.13 -13.14 -12.33
N ASN B 542 26.64 -13.75 -13.40
CA ASN B 542 28.01 -14.27 -13.39
C ASN B 542 29.07 -13.20 -13.16
N PRO B 543 29.04 -12.01 -13.79
CA PRO B 543 30.05 -11.01 -13.45
C PRO B 543 30.04 -10.56 -12.00
N VAL B 544 28.88 -10.61 -11.34
CA VAL B 544 28.80 -10.15 -9.94
C VAL B 544 29.27 -11.26 -9.00
N LEU B 545 28.59 -12.41 -9.04
CA LEU B 545 28.83 -13.47 -8.05
C LEU B 545 30.27 -13.95 -8.06
N SER B 546 30.85 -14.11 -9.24
CA SER B 546 32.25 -14.52 -9.34
C SER B 546 33.15 -13.55 -8.60
N THR B 547 32.90 -12.24 -8.77
CA THR B 547 33.67 -11.25 -8.01
C THR B 547 33.47 -11.45 -6.52
N ILE B 548 32.22 -11.69 -6.11
CA ILE B 548 31.93 -11.99 -4.71
C ILE B 548 32.67 -13.25 -4.28
N LYS B 549 32.82 -14.22 -5.19
CA LYS B 549 33.49 -15.46 -4.82
C LYS B 549 35.00 -15.27 -4.70
N HIS B 550 35.53 -14.14 -5.19
CA HIS B 550 36.97 -13.92 -5.17
C HIS B 550 37.40 -12.66 -4.43
N PHE B 551 36.61 -11.59 -4.47
CA PHE B 551 37.04 -10.27 -4.05
C PHE B 551 36.14 -9.73 -2.96
N ARG B 552 35.90 -10.55 -1.93
CA ARG B 552 35.07 -10.12 -0.80
C ARG B 552 35.70 -8.97 -0.02
N ASP B 553 37.04 -8.83 -0.07
CA ASP B 553 37.70 -7.80 0.73
C ASP B 553 37.29 -6.41 0.32
N GLU B 554 37.17 -6.16 -0.99
CA GLU B 554 36.74 -4.84 -1.45
C GLU B 554 35.30 -4.55 -1.06
N TYR B 555 34.42 -5.55 -1.13
CA TYR B 555 33.03 -5.35 -0.70
C TYR B 555 32.96 -5.03 0.78
N GLU B 556 33.73 -5.76 1.60
CA GLU B 556 33.74 -5.49 3.04
C GLU B 556 34.32 -4.11 3.35
N ALA B 557 35.35 -3.70 2.60
CA ALA B 557 35.89 -2.35 2.80
C ALA B 557 34.87 -1.29 2.41
N HIS B 558 34.11 -1.53 1.35
CA HIS B 558 33.08 -0.57 0.93
C HIS B 558 31.93 -0.51 1.92
N ILE B 559 31.62 -1.61 2.60
CA ILE B 559 30.43 -1.65 3.46
C ILE B 559 30.67 -0.91 4.78
N ARG B 560 31.73 -1.28 5.51
CA ARG B 560 31.88 -0.73 6.86
C ARG B 560 32.73 0.53 6.89
N ASP B 561 33.99 0.42 6.45
CA ASP B 561 34.95 1.51 6.61
C ASP B 561 34.71 2.67 5.66
N LYS B 562 33.82 2.50 4.67
CA LYS B 562 33.46 3.57 3.72
C LYS B 562 34.70 4.12 3.00
N LYS B 563 35.62 3.24 2.63
CA LYS B 563 36.83 3.62 1.93
C LYS B 563 37.07 2.65 0.78
N CYS B 564 37.39 3.21 -0.39
CA CYS B 564 37.65 2.40 -1.58
C CYS B 564 39.13 2.10 -1.69
N PRO B 565 39.53 0.83 -1.83
CA PRO B 565 40.96 0.51 -1.89
C PRO B 565 41.69 1.13 -3.08
N ALA B 566 41.07 1.14 -4.26
CA ALA B 566 41.74 1.64 -5.45
C ALA B 566 41.49 3.12 -5.71
N GLY B 567 40.63 3.77 -4.92
CA GLY B 567 40.33 5.18 -5.13
C GLY B 567 39.65 5.48 -6.44
N ALA B 568 38.71 4.62 -6.86
CA ALA B 568 37.98 4.83 -8.10
C ALA B 568 36.52 5.21 -7.89
N CYS B 569 35.91 4.81 -6.78
CA CYS B 569 34.53 5.18 -6.48
C CYS B 569 34.54 6.62 -6.01
N GLN B 570 33.95 7.51 -6.82
CA GLN B 570 34.03 8.94 -6.53
C GLN B 570 33.17 9.35 -5.35
N ALA B 571 32.15 8.55 -5.02
CA ALA B 571 31.28 8.88 -3.90
C ALA B 571 31.95 8.66 -2.55
N LEU B 572 33.09 7.97 -2.53
CA LEU B 572 33.79 7.65 -1.29
C LEU B 572 35.19 8.26 -1.26
N ALA B 573 35.34 9.44 -1.84
CA ALA B 573 36.62 10.13 -1.84
C ALA B 573 36.94 10.66 -0.45
N ALA B 574 38.23 10.86 -0.19
CA ALA B 574 38.73 11.37 1.08
C ALA B 574 39.85 12.37 0.80
N TYR B 575 39.55 13.66 0.96
CA TYR B 575 40.55 14.69 0.75
C TYR B 575 41.34 14.95 2.02
N LYS B 576 42.64 15.22 1.86
CA LYS B 576 43.53 15.45 2.97
C LYS B 576 44.38 16.69 2.72
N ILE B 577 44.72 17.38 3.80
CA ILE B 577 45.47 18.63 3.77
C ILE B 577 46.81 18.41 4.46
N ASP B 578 47.89 18.78 3.77
CA ASP B 578 49.23 18.68 4.35
C ASP B 578 49.55 19.97 5.10
N PRO B 579 49.87 19.90 6.40
CA PRO B 579 50.19 21.14 7.13
C PRO B 579 51.40 21.89 6.59
N GLY B 580 52.41 21.17 6.11
CA GLY B 580 53.59 21.84 5.59
C GLY B 580 53.34 22.60 4.31
N LYS B 581 52.55 22.03 3.41
CA LYS B 581 52.31 22.62 2.10
C LYS B 581 51.12 23.58 2.08
N CYS B 582 50.46 23.78 3.22
CA CYS B 582 49.35 24.72 3.29
C CYS B 582 49.86 26.14 3.50
N ILE B 583 49.24 27.09 2.81
CA ILE B 583 49.57 28.50 2.99
C ILE B 583 48.54 29.23 3.85
N GLY B 584 47.27 28.85 3.78
CA GLY B 584 46.24 29.58 4.49
C GLY B 584 45.38 30.46 3.59
N CYS B 585 45.26 30.09 2.31
CA CYS B 585 44.45 30.87 1.38
C CYS B 585 42.98 30.83 1.77
N GLY B 586 42.49 29.67 2.19
CA GLY B 586 41.10 29.55 2.61
C GLY B 586 40.10 29.50 1.49
N LYS B 587 40.53 29.26 0.25
CA LYS B 587 39.60 29.15 -0.86
C LYS B 587 38.74 27.90 -0.76
N CYS B 588 39.22 26.87 -0.06
CA CYS B 588 38.42 25.68 0.18
C CYS B 588 37.17 26.02 1.01
N VAL B 589 37.33 26.87 2.02
CA VAL B 589 36.19 27.33 2.80
C VAL B 589 35.25 28.17 1.94
N LYS B 590 35.81 28.99 1.05
CA LYS B 590 34.99 29.90 0.25
C LYS B 590 34.17 29.16 -0.79
N VAL B 591 34.74 28.14 -1.43
CA VAL B 591 34.08 27.49 -2.55
C VAL B 591 33.12 26.38 -2.12
N CYS B 592 33.33 25.77 -0.96
CA CYS B 592 32.47 24.66 -0.54
C CYS B 592 31.18 25.20 0.05
N PRO B 593 30.02 24.79 -0.45
CA PRO B 593 28.75 25.32 0.07
C PRO B 593 28.49 25.01 1.53
N VAL B 594 28.91 23.85 2.02
CA VAL B 594 28.65 23.49 3.41
C VAL B 594 29.72 24.03 4.35
N GLY B 595 30.94 24.26 3.84
CA GLY B 595 32.01 24.80 4.65
C GLY B 595 32.44 23.91 5.80
N ALA B 596 32.62 22.62 5.52
CA ALA B 596 33.04 21.69 6.56
C ALA B 596 34.47 21.96 7.05
N ILE B 597 35.29 22.62 6.25
CA ILE B 597 36.63 23.02 6.67
C ILE B 597 36.52 24.33 7.45
N SER B 598 37.06 24.33 8.67
CA SER B 598 37.09 25.52 9.51
C SER B 598 38.53 25.75 9.98
N GLY B 599 39.01 26.97 9.81
CA GLY B 599 40.37 27.29 10.22
C GLY B 599 40.65 28.76 10.04
N GLU B 600 41.80 29.17 10.56
CA GLU B 600 42.23 30.57 10.50
C GLU B 600 43.08 30.81 9.25
N LYS B 601 43.21 32.09 8.90
CA LYS B 601 44.08 32.48 7.80
C LYS B 601 45.54 32.23 8.18
N LYS B 602 46.34 31.80 7.19
CA LYS B 602 47.75 31.44 7.37
C LYS B 602 47.94 30.37 8.43
N LYS B 603 47.03 29.38 8.45
CA LYS B 603 47.07 28.29 9.40
C LYS B 603 46.65 27.01 8.68
N PRO B 604 47.33 25.90 8.91
CA PRO B 604 46.94 24.64 8.26
C PRO B 604 45.54 24.20 8.68
N HIS B 605 44.70 23.94 7.68
CA HIS B 605 43.30 23.63 7.91
C HIS B 605 43.13 22.14 8.21
N VAL B 606 42.00 21.82 8.85
CA VAL B 606 41.64 20.45 9.19
C VAL B 606 40.34 20.12 8.46
N ILE B 607 40.32 19.01 7.75
CA ILE B 607 39.17 18.60 6.96
C ILE B 607 38.25 17.74 7.83
N ASP B 608 37.00 18.16 7.95
CA ASP B 608 35.99 17.40 8.69
C ASP B 608 35.23 16.52 7.71
N GLN B 609 35.47 15.21 7.75
CA GLN B 609 34.82 14.28 6.83
C GLN B 609 33.34 14.09 7.14
N SER B 610 32.88 14.50 8.32
CA SER B 610 31.49 14.28 8.70
C SER B 610 30.53 15.07 7.82
N LYS B 611 30.83 16.35 7.61
CA LYS B 611 29.95 17.24 6.84
C LYS B 611 30.43 17.43 5.40
N CYS B 612 31.61 16.90 5.07
CA CYS B 612 32.17 17.05 3.73
C CYS B 612 31.29 16.36 2.70
N ILE B 613 30.97 17.07 1.61
CA ILE B 613 30.07 16.55 0.59
C ILE B 613 30.82 15.88 -0.57
N LYS B 614 32.16 15.83 -0.51
CA LYS B 614 32.99 15.19 -1.53
C LYS B 614 32.76 15.78 -2.92
N CYS B 615 32.64 17.12 -2.98
CA CYS B 615 32.47 17.77 -4.27
C CYS B 615 33.78 17.94 -5.03
N GLY B 616 34.91 17.99 -4.31
CA GLY B 616 36.22 18.07 -4.95
C GLY B 616 36.65 19.44 -5.41
N ALA B 617 35.82 20.48 -5.20
CA ALA B 617 36.19 21.82 -5.63
C ALA B 617 37.28 22.42 -4.76
N CYS B 618 37.47 21.91 -3.55
CA CYS B 618 38.45 22.48 -2.62
C CYS B 618 39.87 22.36 -3.16
N ALA B 619 40.22 21.20 -3.72
CA ALA B 619 41.57 20.99 -4.21
C ALA B 619 41.81 21.77 -5.50
N GLU B 620 40.81 21.85 -6.37
CA GLU B 620 40.97 22.48 -7.67
C GLU B 620 40.76 23.99 -7.65
N ASN B 621 40.26 24.55 -6.56
CA ASN B 621 40.03 26.00 -6.49
C ASN B 621 41.14 26.76 -5.78
N CYS B 622 41.81 26.15 -4.80
CA CYS B 622 42.92 26.86 -4.16
C CYS B 622 44.16 26.74 -5.04
N PRO B 623 44.81 27.86 -5.39
CA PRO B 623 45.93 27.81 -6.34
C PRO B 623 47.12 26.99 -5.87
N LYS B 624 47.35 26.91 -4.56
CA LYS B 624 48.47 26.10 -4.06
C LYS B 624 48.25 24.62 -4.34
N GLY B 625 47.03 24.14 -4.18
CA GLY B 625 46.71 22.75 -4.45
C GLY B 625 47.37 21.76 -3.51
N ALA B 626 47.45 22.08 -2.22
CA ALA B 626 47.99 21.15 -1.23
C ALA B 626 46.98 20.09 -0.82
N ILE B 627 45.71 20.23 -1.20
CA ILE B 627 44.68 19.24 -0.89
C ILE B 627 44.83 18.09 -1.87
N TYR B 628 44.94 16.87 -1.36
CA TYR B 628 45.09 15.70 -2.21
C TYR B 628 44.05 14.64 -1.86
N LYS B 629 43.51 13.99 -2.89
CA LYS B 629 42.51 12.94 -2.73
C LYS B 629 43.24 11.64 -2.41
N GLY B 630 43.31 11.32 -1.13
CA GLY B 630 44.01 10.12 -0.69
C GLY B 630 43.09 8.97 -0.37
N ASP C 11 -1.23 13.84 -49.14
CA ASP C 11 0.19 14.00 -48.83
C ASP C 11 1.05 13.53 -50.00
N PRO C 12 2.12 14.28 -50.30
CA PRO C 12 2.98 13.92 -51.44
C PRO C 12 4.08 12.92 -51.11
N ARG C 13 4.28 12.58 -49.84
CA ARG C 13 5.29 11.58 -49.48
C ARG C 13 4.74 10.16 -49.54
N PHE C 14 3.43 9.99 -49.78
CA PHE C 14 2.85 8.65 -49.86
C PHE C 14 3.36 7.88 -51.07
N GLU C 15 3.52 8.54 -52.23
CA GLU C 15 4.15 7.86 -53.36
C GLU C 15 5.62 7.53 -53.08
N LYS C 16 6.29 8.39 -52.30
CA LYS C 16 7.66 8.12 -51.90
C LYS C 16 7.75 6.87 -51.05
N VAL C 17 6.78 6.68 -50.14
CA VAL C 17 6.67 5.42 -49.41
C VAL C 17 6.32 4.29 -50.36
N ASP C 18 5.52 4.59 -51.39
CA ASP C 18 5.03 3.57 -52.30
C ASP C 18 6.14 2.92 -53.13
N GLU C 19 7.11 3.69 -53.64
CA GLU C 19 8.10 3.05 -54.51
C GLU C 19 9.00 2.10 -53.73
N ILE C 20 9.14 2.31 -52.41
CA ILE C 20 9.90 1.36 -51.60
C ILE C 20 9.01 0.31 -50.96
N LEU C 21 7.69 0.49 -50.99
CA LEU C 21 6.78 -0.61 -50.70
C LEU C 21 6.48 -1.47 -51.92
N SER C 22 7.11 -1.17 -53.06
CA SER C 22 7.03 -2.02 -54.23
C SER C 22 8.35 -2.69 -54.59
N LYS C 23 9.46 -2.18 -54.05
CA LYS C 23 10.78 -2.74 -54.34
C LYS C 23 11.13 -3.89 -53.41
N LEU C 24 11.10 -3.63 -52.09
CA LEU C 24 11.46 -4.62 -51.08
C LEU C 24 10.24 -5.34 -50.52
N ALA C 25 9.18 -5.49 -51.32
CA ALA C 25 7.99 -6.20 -50.87
C ALA C 25 7.71 -7.44 -51.70
N ASN C 26 8.65 -7.86 -52.55
CA ASN C 26 8.54 -9.13 -53.25
C ASN C 26 8.95 -10.32 -52.39
N GLU C 27 9.54 -10.08 -51.23
CA GLU C 27 9.93 -11.11 -50.29
C GLU C 27 8.89 -11.19 -49.18
N ARG C 28 8.95 -12.23 -48.37
CA ARG C 28 7.97 -12.49 -47.33
C ARG C 28 8.56 -12.17 -45.96
N GLY C 29 7.79 -11.47 -45.13
CA GLY C 29 8.22 -11.10 -43.81
C GLY C 29 9.42 -10.17 -43.77
N ALA C 30 9.25 -8.96 -44.30
CA ALA C 30 10.34 -7.99 -44.40
C ALA C 30 9.93 -6.65 -43.81
N LEU C 31 9.34 -6.67 -42.62
CA LEU C 31 8.89 -5.43 -41.99
C LEU C 31 10.07 -4.59 -41.50
N ILE C 32 11.11 -5.25 -40.97
CA ILE C 32 12.24 -4.52 -40.39
C ILE C 32 13.01 -3.78 -41.47
N ALA C 33 13.18 -4.39 -42.65
CA ALA C 33 13.83 -3.70 -43.76
C ALA C 33 13.03 -2.49 -44.22
N ILE C 34 11.69 -2.62 -44.24
CA ILE C 34 10.85 -1.50 -44.62
C ILE C 34 10.99 -0.35 -43.62
N LEU C 35 11.00 -0.66 -42.33
CA LEU C 35 11.16 0.38 -41.33
C LEU C 35 12.54 1.02 -41.40
N GLN C 36 13.56 0.22 -41.69
CA GLN C 36 14.91 0.76 -41.86
C GLN C 36 14.99 1.72 -43.03
N HIS C 37 14.39 1.35 -44.15
CA HIS C 37 14.39 2.23 -45.32
C HIS C 37 13.57 3.49 -45.07
N VAL C 38 12.47 3.37 -44.32
CA VAL C 38 11.67 4.55 -43.98
C VAL C 38 12.46 5.50 -43.11
N GLN C 39 13.16 4.97 -42.11
CA GLN C 39 13.97 5.82 -41.24
C GLN C 39 15.14 6.45 -42.01
N HIS C 40 15.71 5.72 -42.96
CA HIS C 40 16.76 6.27 -43.81
C HIS C 40 16.23 7.41 -44.67
N GLU C 41 15.04 7.24 -45.26
CA GLU C 41 14.51 8.24 -46.17
C GLU C 41 14.06 9.50 -45.44
N PHE C 42 13.29 9.34 -44.36
CA PHE C 42 12.68 10.48 -43.69
C PHE C 42 13.48 11.00 -42.52
N GLY C 43 14.62 10.41 -42.20
CA GLY C 43 15.37 10.81 -41.01
C GLY C 43 14.79 10.30 -39.71
N TYR C 44 13.52 10.63 -39.44
CA TYR C 44 12.82 10.08 -38.28
C TYR C 44 11.64 9.24 -38.76
N LEU C 45 10.81 8.77 -37.84
CA LEU C 45 9.69 7.88 -38.15
C LEU C 45 8.38 8.54 -37.71
N PRO C 46 7.62 9.11 -38.66
CA PRO C 46 6.34 9.75 -38.30
C PRO C 46 5.19 8.76 -38.21
N GLU C 47 3.97 9.27 -38.02
CA GLU C 47 2.79 8.48 -37.67
C GLU C 47 1.97 8.05 -38.89
N ASP C 48 1.64 9.03 -39.76
CA ASP C 48 0.76 8.75 -40.89
C ASP C 48 1.34 7.72 -41.85
N VAL C 49 2.66 7.69 -41.99
CA VAL C 49 3.28 6.64 -42.79
C VAL C 49 3.07 5.26 -42.17
N ILE C 50 3.08 5.18 -40.83
CA ILE C 50 2.82 3.90 -40.17
C ILE C 50 1.38 3.46 -40.40
N PHE C 51 0.43 4.38 -40.29
CA PHE C 51 -0.96 3.98 -40.55
C PHE C 51 -1.16 3.62 -42.03
N TYR C 52 -0.46 4.33 -42.92
CA TYR C 52 -0.52 4.02 -44.35
C TYR C 52 0.05 2.63 -44.64
N ILE C 53 1.17 2.28 -44.01
CA ILE C 53 1.78 0.97 -44.20
C ILE C 53 0.88 -0.12 -43.63
N ALA C 54 0.30 0.12 -42.46
CA ALA C 54 -0.63 -0.84 -41.88
C ALA C 54 -1.85 -1.06 -42.77
N SER C 55 -2.28 0.00 -43.48
CA SER C 55 -3.38 -0.16 -44.42
C SER C 55 -2.96 -0.96 -45.64
N LYS C 56 -1.82 -0.63 -46.23
CA LYS C 56 -1.46 -1.17 -47.54
C LYS C 56 -0.62 -2.44 -47.48
N THR C 57 -0.34 -2.98 -46.28
CA THR C 57 0.40 -4.22 -46.18
C THR C 57 -0.42 -5.35 -45.58
N GLY C 58 -1.27 -5.07 -44.61
CA GLY C 58 -2.08 -6.06 -43.94
C GLY C 58 -1.62 -6.40 -42.53
N ILE C 59 -0.41 -6.02 -42.16
CA ILE C 59 0.03 -6.19 -40.77
C ILE C 59 -0.78 -5.28 -39.87
N PRO C 60 -1.29 -5.76 -38.74
CA PRO C 60 -1.94 -4.87 -37.78
C PRO C 60 -0.97 -3.82 -37.25
N ALA C 61 -1.50 -2.62 -36.98
CA ALA C 61 -0.66 -1.49 -36.62
C ALA C 61 0.04 -1.68 -35.28
N SER C 62 -0.57 -2.43 -34.35
CA SER C 62 0.01 -2.54 -33.03
C SER C 62 1.27 -3.40 -33.05
N LYS C 63 1.31 -4.42 -33.90
CA LYS C 63 2.53 -5.19 -34.10
C LYS C 63 3.65 -4.30 -34.64
N ILE C 64 3.32 -3.43 -35.59
CA ILE C 64 4.32 -2.52 -36.16
C ILE C 64 4.83 -1.57 -35.09
N TYR C 65 3.93 -1.05 -34.25
CA TYR C 65 4.35 -0.18 -33.16
C TYR C 65 5.26 -0.90 -32.18
N GLY C 66 4.94 -2.14 -31.84
CA GLY C 66 5.80 -2.91 -30.95
C GLY C 66 7.18 -3.15 -31.53
N VAL C 67 7.24 -3.48 -32.82
CA VAL C 67 8.52 -3.68 -33.49
C VAL C 67 9.32 -2.38 -33.49
N ALA C 68 8.65 -1.25 -33.77
CA ALA C 68 9.35 0.03 -33.85
C ALA C 68 9.90 0.45 -32.49
N THR C 69 9.12 0.25 -31.42
CA THR C 69 9.56 0.70 -30.11
C THR C 69 10.43 -0.32 -29.37
N PHE C 70 10.53 -1.55 -29.89
CA PHE C 70 11.40 -2.54 -29.25
C PHE C 70 12.87 -2.20 -29.44
N TYR C 71 13.32 -2.15 -30.69
CA TYR C 71 14.72 -1.89 -31.00
C TYR C 71 15.08 -0.44 -30.73
N ALA C 72 16.29 -0.24 -30.21
CA ALA C 72 16.74 1.08 -29.80
C ALA C 72 17.23 1.94 -30.98
N GLN C 73 17.44 1.34 -32.16
CA GLN C 73 17.92 2.14 -33.28
C GLN C 73 16.81 3.00 -33.86
N PHE C 74 15.58 2.48 -33.93
CA PHE C 74 14.46 3.27 -34.40
C PHE C 74 14.05 4.30 -33.34
N HIS C 75 13.81 5.53 -33.79
CA HIS C 75 13.39 6.60 -32.91
C HIS C 75 12.12 7.24 -33.44
N LEU C 76 11.29 7.74 -32.52
CA LEU C 76 9.96 8.26 -32.84
C LEU C 76 9.91 9.78 -32.73
N LYS C 77 11.02 10.47 -33.02
CA LYS C 77 11.10 11.91 -32.85
C LYS C 77 12.23 12.44 -33.71
N PRO C 78 12.04 13.57 -34.39
CA PRO C 78 13.10 14.11 -35.25
C PRO C 78 14.37 14.44 -34.47
N ARG C 79 15.51 14.19 -35.10
CA ARG C 79 16.82 14.45 -34.52
C ARG C 79 17.51 15.57 -35.28
N GLY C 80 18.66 15.99 -34.75
CA GLY C 80 19.46 16.99 -35.44
C GLY C 80 20.27 16.39 -36.56
N LYS C 81 20.90 17.27 -37.34
CA LYS C 81 21.75 16.82 -38.45
C LYS C 81 22.98 16.09 -37.93
N TYR C 82 23.56 16.56 -36.83
CA TYR C 82 24.73 15.93 -36.25
C TYR C 82 24.32 15.02 -35.10
N VAL C 83 24.82 13.79 -35.13
CA VAL C 83 24.58 12.85 -34.04
C VAL C 83 25.90 12.36 -33.46
N ILE C 84 26.36 13.03 -32.39
CA ILE C 84 27.56 12.58 -31.70
C ILE C 84 27.20 11.46 -30.74
N ARG C 85 28.13 10.53 -30.55
CA ARG C 85 27.87 9.38 -29.69
C ARG C 85 29.13 9.00 -28.93
N VAL C 86 28.98 8.06 -27.99
CA VAL C 86 30.07 7.60 -27.15
C VAL C 86 30.08 6.08 -27.22
N CYS C 87 31.29 5.50 -27.28
CA CYS C 87 31.45 4.06 -27.39
C CYS C 87 30.83 3.32 -26.20
N LEU C 88 31.37 3.55 -25.00
CA LEU C 88 30.92 2.92 -23.76
C LEU C 88 30.86 1.39 -23.88
N GLY C 89 31.92 0.82 -24.44
CA GLY C 89 32.12 -0.61 -24.44
C GLY C 89 32.76 -1.09 -23.16
N THR C 90 33.26 -2.31 -23.18
CA THR C 90 33.96 -2.87 -22.02
C THR C 90 35.47 -2.77 -22.15
N ALA C 91 35.94 -2.00 -23.14
CA ALA C 91 37.37 -1.75 -23.30
C ALA C 91 37.64 -0.26 -23.16
N CYS C 92 36.67 0.57 -23.55
CA CYS C 92 36.77 2.00 -23.29
C CYS C 92 36.43 2.33 -21.85
N HIS C 93 35.52 1.54 -21.24
CA HIS C 93 35.07 1.82 -19.88
C HIS C 93 36.18 1.64 -18.86
N VAL C 94 37.13 0.74 -19.12
CA VAL C 94 38.17 0.46 -18.13
C VAL C 94 39.20 1.58 -18.02
N LYS C 95 39.18 2.55 -18.93
CA LYS C 95 40.14 3.65 -18.87
C LYS C 95 39.52 5.01 -18.61
N GLY C 96 38.68 5.51 -19.51
CA GLY C 96 38.15 6.86 -19.33
C GLY C 96 36.75 7.15 -19.83
N ALA C 97 35.94 6.12 -20.09
CA ALA C 97 34.66 6.32 -20.76
C ALA C 97 33.55 6.80 -19.83
N ASN C 98 33.77 6.77 -18.52
CA ASN C 98 32.77 7.24 -17.57
C ASN C 98 32.71 8.76 -17.46
N LYS C 99 33.85 9.45 -17.60
CA LYS C 99 33.91 10.88 -17.39
C LYS C 99 33.61 11.69 -18.64
N ILE C 100 33.75 11.09 -19.84
CA ILE C 100 33.50 11.81 -21.07
C ILE C 100 32.02 12.17 -21.18
N LEU C 101 31.15 11.23 -20.82
CA LEU C 101 29.71 11.50 -20.84
C LEU C 101 29.33 12.58 -19.82
N ALA C 102 29.98 12.56 -18.66
CA ALA C 102 29.74 13.59 -17.65
C ALA C 102 30.17 14.97 -18.16
N GLU C 103 31.32 15.03 -18.85
CA GLU C 103 31.77 16.28 -19.44
C GLU C 103 30.80 16.75 -20.51
N PHE C 104 30.28 15.82 -21.31
CA PHE C 104 29.32 16.16 -22.36
C PHE C 104 27.99 16.66 -21.80
N GLU C 105 27.52 16.09 -20.70
CA GLU C 105 26.25 16.53 -20.11
C GLU C 105 26.41 17.81 -19.29
N LYS C 106 27.57 18.05 -18.70
CA LYS C 106 27.78 19.28 -17.93
C LYS C 106 27.99 20.50 -18.82
N GLN C 107 28.58 20.32 -20.01
CA GLN C 107 28.91 21.45 -20.88
C GLN C 107 27.79 21.75 -21.87
N LEU C 108 27.28 20.73 -22.57
CA LEU C 108 26.23 20.95 -23.55
C LEU C 108 24.93 21.41 -22.89
N GLY C 109 24.59 20.84 -21.74
CA GLY C 109 23.40 21.24 -21.02
C GLY C 109 22.34 20.18 -20.95
N ILE C 110 22.14 19.44 -22.04
CA ILE C 110 21.15 18.39 -22.09
C ILE C 110 21.82 17.05 -21.82
N LYS C 111 21.02 16.08 -21.37
CA LYS C 111 21.52 14.76 -21.03
C LYS C 111 21.70 13.90 -22.27
N ALA C 112 21.95 12.60 -22.07
CA ALA C 112 22.17 11.67 -23.16
C ALA C 112 20.86 10.99 -23.57
N GLY C 113 20.83 10.48 -24.80
CA GLY C 113 19.67 9.78 -25.31
C GLY C 113 18.50 10.66 -25.68
N GLU C 114 18.78 11.90 -26.10
CA GLU C 114 17.76 12.80 -26.62
C GLU C 114 18.40 13.90 -27.46
N THR C 115 17.61 14.49 -28.36
CA THR C 115 18.11 15.56 -29.20
C THR C 115 17.63 16.91 -28.68
N THR C 116 18.03 17.97 -29.38
CA THR C 116 17.64 19.34 -29.08
C THR C 116 16.94 20.01 -30.26
N SER C 117 16.29 19.19 -31.10
CA SER C 117 15.44 19.63 -32.20
C SER C 117 16.15 20.55 -33.21
N ASP C 118 15.95 21.85 -33.05
CA ASP C 118 16.41 22.81 -34.06
C ASP C 118 17.94 22.83 -34.16
N LEU C 119 18.62 22.84 -33.02
CA LEU C 119 20.07 22.73 -33.03
C LEU C 119 20.48 21.32 -33.40
N LYS C 120 21.51 21.21 -34.24
CA LYS C 120 21.93 19.92 -34.79
C LYS C 120 22.92 19.26 -33.83
N PHE C 121 22.37 18.70 -32.75
CA PHE C 121 23.18 17.98 -31.77
C PHE C 121 22.31 16.93 -31.08
N THR C 122 22.88 15.74 -30.91
CA THR C 122 22.16 14.61 -30.33
C THR C 122 23.16 13.76 -29.55
N LEU C 123 22.70 12.84 -28.69
CA LEU C 123 23.59 11.97 -27.94
C LEU C 123 23.05 10.54 -27.92
N GLU C 124 23.95 9.56 -28.06
CA GLU C 124 23.53 8.15 -28.09
C GLU C 124 24.48 7.33 -27.21
N ARG C 125 24.21 6.01 -27.13
CA ARG C 125 25.06 5.13 -26.34
C ARG C 125 25.21 3.76 -27.02
N VAL C 126 25.30 3.71 -28.35
CA VAL C 126 25.50 2.44 -29.03
C VAL C 126 26.91 1.93 -28.74
N GLY C 127 27.02 0.66 -28.36
CA GLY C 127 28.26 0.12 -27.86
C GLY C 127 29.22 -0.47 -28.88
N CYS C 128 30.52 -0.33 -28.59
CA CYS C 128 31.59 -1.01 -29.31
C CYS C 128 31.66 -0.70 -30.81
N LEU C 129 32.17 0.48 -31.14
CA LEU C 129 32.53 0.84 -32.50
C LEU C 129 33.79 0.11 -32.91
N GLY C 130 34.55 0.63 -33.87
CA GLY C 130 35.70 -0.11 -34.38
C GLY C 130 36.87 -0.20 -33.41
N ALA C 131 38.10 -0.02 -33.91
CA ALA C 131 39.31 -0.33 -33.15
C ALA C 131 39.29 0.25 -31.74
N CYS C 132 39.32 -0.65 -30.75
CA CYS C 132 39.19 -0.30 -29.35
C CYS C 132 40.55 0.09 -28.75
N GLY C 133 41.56 0.20 -29.60
CA GLY C 133 42.88 0.61 -29.17
C GLY C 133 43.11 2.10 -29.17
N LEU C 134 42.07 2.89 -29.44
CA LEU C 134 42.16 4.33 -29.53
C LEU C 134 41.44 5.03 -28.38
N ALA C 135 41.59 4.50 -27.15
CA ALA C 135 41.05 5.08 -25.92
C ALA C 135 39.52 5.13 -26.00
N PRO C 136 38.82 5.84 -25.11
CA PRO C 136 37.44 6.22 -25.45
C PRO C 136 37.39 6.98 -26.77
N THR C 137 36.51 6.54 -27.66
CA THR C 137 36.51 6.93 -29.06
C THR C 137 35.12 7.42 -29.46
N VAL C 138 34.91 8.73 -29.38
CA VAL C 138 33.70 9.31 -29.93
C VAL C 138 33.91 9.59 -31.41
N MET C 139 32.89 9.35 -32.22
CA MET C 139 32.96 9.70 -33.64
C MET C 139 31.81 10.66 -33.93
N VAL C 140 32.14 11.81 -34.53
CA VAL C 140 31.12 12.80 -34.86
C VAL C 140 30.56 12.49 -36.24
N ASN C 141 29.32 12.03 -36.29
CA ASN C 141 28.62 11.72 -37.53
C ASN C 141 29.41 10.74 -38.39
N GLU C 142 30.43 11.23 -39.10
CA GLU C 142 31.21 10.39 -40.00
C GLU C 142 32.72 10.51 -39.76
N LYS C 143 33.16 11.31 -38.80
CA LYS C 143 34.58 11.50 -38.56
C LYS C 143 34.89 11.39 -37.07
N THR C 144 35.96 10.67 -36.75
CA THR C 144 36.31 10.30 -35.39
C THR C 144 37.39 11.22 -34.83
N TYR C 145 37.81 10.97 -33.59
CA TYR C 145 38.78 11.83 -32.93
C TYR C 145 39.98 11.05 -32.43
N GLY C 146 39.75 9.83 -31.93
CA GLY C 146 40.83 9.05 -31.37
C GLY C 146 40.88 9.14 -29.85
N LYS C 147 42.11 9.26 -29.35
CA LYS C 147 42.38 9.34 -27.91
C LYS C 147 41.70 10.55 -27.27
N MET C 148 40.99 10.32 -26.16
CA MET C 148 40.19 11.38 -25.56
C MET C 148 40.77 11.83 -24.22
N THR C 149 40.44 13.06 -23.85
CA THR C 149 40.81 13.71 -22.60
C THR C 149 39.78 14.80 -22.32
N PRO C 150 39.36 14.99 -21.06
CA PRO C 150 38.37 16.05 -20.74
C PRO C 150 38.80 17.45 -21.18
N GLU C 151 40.11 17.71 -21.17
CA GLU C 151 40.64 18.98 -21.68
C GLU C 151 40.79 18.99 -23.19
N LYS C 152 40.24 17.98 -23.88
CA LYS C 152 40.22 17.89 -25.33
C LYS C 152 38.79 17.63 -25.80
N VAL C 153 37.85 18.42 -25.29
CA VAL C 153 36.43 18.22 -25.56
C VAL C 153 35.80 19.51 -26.09
N SER C 154 36.05 20.62 -25.39
CA SER C 154 35.32 21.87 -25.61
C SER C 154 35.46 22.43 -27.02
N GLU C 155 36.69 22.81 -27.41
CA GLU C 155 36.89 23.46 -28.70
C GLU C 155 36.67 22.49 -29.86
N VAL C 156 36.99 21.21 -29.66
CA VAL C 156 36.85 20.20 -30.70
C VAL C 156 35.40 19.76 -30.85
N LEU C 157 34.55 20.09 -29.90
CA LEU C 157 33.10 20.01 -30.13
C LEU C 157 32.57 21.32 -30.70
N LYS C 158 33.20 22.44 -30.36
CA LYS C 158 32.66 23.77 -30.62
C LYS C 158 32.99 24.30 -32.01
N GLU C 159 33.91 23.69 -32.77
CA GLU C 159 34.12 24.27 -34.12
C GLU C 159 32.90 24.11 -35.01
N TYR C 160 31.99 23.19 -34.69
CA TYR C 160 30.78 22.94 -35.48
C TYR C 160 29.76 24.07 -35.37
N SER C 161 29.86 24.93 -34.36
CA SER C 161 28.92 26.03 -34.19
C SER C 161 29.58 27.21 -33.51
N MET D 1 -43.32 -12.56 28.84
CA MET D 1 -43.00 -12.31 27.44
C MET D 1 -43.92 -11.22 26.87
N ASN D 2 -43.32 -10.15 26.37
CA ASN D 2 -44.06 -9.05 25.76
C ASN D 2 -43.43 -8.72 24.42
N MET D 3 -44.24 -8.73 23.38
CA MET D 3 -43.76 -8.56 22.02
C MET D 3 -43.96 -7.12 21.56
N VAL D 4 -43.19 -6.70 20.57
CA VAL D 4 -43.23 -5.33 20.07
C VAL D 4 -43.46 -5.35 18.57
N MET D 5 -44.41 -4.53 18.12
CA MET D 5 -44.77 -4.41 16.71
C MET D 5 -44.04 -3.22 16.12
N LEU D 6 -43.33 -3.46 15.01
CA LEU D 6 -42.63 -2.41 14.30
C LEU D 6 -42.49 -2.80 12.85
N THR D 7 -41.94 -1.89 12.05
CA THR D 7 -41.57 -2.17 10.68
C THR D 7 -40.11 -1.79 10.45
N ILE D 8 -39.42 -2.63 9.69
CA ILE D 8 -38.03 -2.42 9.31
C ILE D 8 -37.92 -2.58 7.81
N ASP D 9 -37.56 -1.49 7.12
CA ASP D 9 -37.45 -1.46 5.66
C ASP D 9 -38.74 -1.90 4.99
N GLY D 10 -39.87 -1.47 5.56
CA GLY D 10 -41.17 -1.80 4.98
C GLY D 10 -41.65 -3.20 5.24
N LYS D 11 -41.13 -3.88 6.25
CA LYS D 11 -41.55 -5.24 6.58
C LYS D 11 -41.90 -5.33 8.05
N GLN D 12 -43.05 -5.90 8.36
CA GLN D 12 -43.49 -6.01 9.75
C GLN D 12 -42.61 -7.00 10.52
N VAL D 13 -42.28 -6.65 11.75
CA VAL D 13 -41.35 -7.43 12.57
C VAL D 13 -42.00 -7.67 13.93
N GLN D 14 -41.94 -8.90 14.41
CA GLN D 14 -42.36 -9.26 15.76
C GLN D 14 -41.13 -9.74 16.52
N VAL D 15 -40.75 -9.01 17.57
CA VAL D 15 -39.59 -9.36 18.39
C VAL D 15 -39.86 -8.96 19.83
N GLU D 16 -39.22 -9.67 20.75
CA GLU D 16 -39.33 -9.39 22.17
C GLU D 16 -38.69 -8.04 22.51
N LYS D 17 -39.30 -7.34 23.45
CA LYS D 17 -38.75 -6.08 23.94
C LYS D 17 -37.41 -6.32 24.63
N GLY D 18 -36.45 -5.43 24.36
CA GLY D 18 -35.15 -5.48 24.96
C GLY D 18 -34.01 -5.77 23.99
N THR D 19 -34.30 -6.36 22.84
CA THR D 19 -33.28 -6.58 21.84
C THR D 19 -33.00 -5.27 21.09
N THR D 20 -31.76 -5.14 20.62
CA THR D 20 -31.38 -3.95 19.87
C THR D 20 -31.99 -4.00 18.47
N ILE D 21 -31.77 -2.95 17.70
CA ILE D 21 -32.33 -2.85 16.36
C ILE D 21 -31.41 -3.47 15.31
N LYS D 22 -30.23 -3.91 15.72
CA LYS D 22 -29.33 -4.66 14.86
C LYS D 22 -29.42 -6.15 15.08
N LYS D 23 -29.54 -6.59 16.34
CA LYS D 23 -29.64 -8.01 16.67
C LYS D 23 -31.04 -8.56 16.45
N ALA D 24 -32.05 -7.69 16.33
CA ALA D 24 -33.41 -8.13 16.05
C ALA D 24 -33.78 -8.01 14.58
N ALA D 25 -32.87 -7.54 13.74
CA ALA D 25 -33.08 -7.51 12.30
C ALA D 25 -32.29 -8.58 11.56
N GLU D 26 -31.53 -9.42 12.28
CA GLU D 26 -30.75 -10.45 11.62
C GLU D 26 -31.63 -11.58 11.10
N LYS D 27 -32.82 -11.74 11.67
CA LYS D 27 -33.72 -12.81 11.27
C LYS D 27 -34.73 -12.37 10.19
N LEU D 28 -34.50 -11.23 9.56
CA LEU D 28 -35.26 -10.81 8.39
C LEU D 28 -34.53 -11.06 7.09
N GLY D 29 -33.41 -11.78 7.12
CA GLY D 29 -32.58 -11.93 5.94
C GLY D 29 -31.92 -10.63 5.56
N ILE D 30 -31.46 -9.88 6.56
CA ILE D 30 -30.73 -8.64 6.34
C ILE D 30 -29.74 -8.47 7.49
N GLU D 31 -28.55 -7.96 7.16
CA GLU D 31 -27.49 -7.79 8.15
C GLU D 31 -26.77 -6.48 7.85
N ILE D 32 -26.58 -5.66 8.87
CA ILE D 32 -25.94 -4.36 8.74
C ILE D 32 -24.52 -4.46 9.28
N PRO D 33 -23.54 -3.83 8.62
CA PRO D 33 -22.14 -4.04 9.00
C PRO D 33 -21.78 -3.37 10.32
N GLY D 34 -20.78 -3.93 10.98
CA GLY D 34 -20.25 -3.34 12.19
C GLY D 34 -18.96 -4.00 12.59
N LEU D 35 -18.04 -3.19 13.12
CA LEU D 35 -16.73 -3.67 13.54
C LEU D 35 -16.54 -3.73 15.05
N CYS D 36 -17.21 -2.88 15.83
CA CYS D 36 -17.01 -2.80 17.27
C CYS D 36 -17.89 -3.76 18.05
N ASP D 37 -18.69 -4.57 17.37
CA ASP D 37 -19.67 -5.43 18.02
C ASP D 37 -19.27 -6.90 17.88
N ASP D 38 -19.38 -7.62 19.00
CA ASP D 38 -19.19 -9.06 19.01
C ASP D 38 -20.24 -9.66 19.93
N ASN D 39 -20.54 -10.94 19.71
CA ASN D 39 -21.62 -11.59 20.45
C ASN D 39 -21.26 -11.89 21.89
N ASP D 40 -19.98 -11.81 22.26
CA ASP D 40 -19.55 -12.10 23.62
C ASP D 40 -19.23 -10.85 24.43
N LEU D 41 -19.52 -9.66 23.89
CA LEU D 41 -19.12 -8.41 24.53
C LEU D 41 -20.31 -7.47 24.65
N LYS D 42 -20.26 -6.61 25.66
CA LYS D 42 -21.23 -5.54 25.78
C LYS D 42 -21.02 -4.51 24.66
N PRO D 43 -22.08 -3.93 24.13
CA PRO D 43 -21.92 -2.92 23.06
C PRO D 43 -21.10 -1.73 23.52
N PHE D 44 -20.31 -1.19 22.60
CA PHE D 44 -19.34 -0.14 22.90
C PHE D 44 -19.47 1.08 22.01
N GLY D 45 -19.92 0.93 20.77
CA GLY D 45 -20.20 2.06 19.91
C GLY D 45 -19.00 2.90 19.51
N ALA D 46 -17.90 2.27 19.11
CA ALA D 46 -16.73 3.01 18.65
C ALA D 46 -16.57 3.00 17.15
N CYS D 47 -17.22 2.07 16.44
CA CYS D 47 -17.10 2.03 14.99
C CYS D 47 -17.91 3.15 14.34
N ARG D 48 -19.13 3.40 14.83
CA ARG D 48 -20.08 4.34 14.24
C ARG D 48 -20.34 4.04 12.77
N LEU D 49 -20.20 2.77 12.39
CA LEU D 49 -20.42 2.33 11.02
C LEU D 49 -21.73 1.57 10.87
N CYS D 50 -22.36 1.20 11.98
CA CYS D 50 -23.62 0.47 11.99
C CYS D 50 -24.82 1.40 12.13
N VAL D 51 -24.74 2.60 11.57
CA VAL D 51 -25.78 3.60 11.76
C VAL D 51 -26.93 3.32 10.81
N VAL D 52 -28.14 3.68 11.26
CA VAL D 52 -29.35 3.61 10.48
C VAL D 52 -30.09 4.93 10.59
N GLU D 53 -31.17 5.06 9.83
CA GLU D 53 -31.99 6.26 9.83
C GLU D 53 -33.39 5.94 10.35
N ASP D 54 -33.82 6.68 11.36
CA ASP D 54 -35.16 6.52 11.92
C ASP D 54 -36.13 7.47 11.23
N ALA D 55 -37.32 7.62 11.80
CA ALA D 55 -38.35 8.44 11.16
C ALA D 55 -38.02 9.93 11.22
N ARG D 56 -37.37 10.38 12.29
CA ARG D 56 -37.12 11.81 12.47
C ARG D 56 -36.19 12.36 11.39
N GLY D 57 -35.11 11.64 11.09
CA GLY D 57 -34.20 12.07 10.05
C GLY D 57 -32.77 12.29 10.52
N ASN D 58 -32.44 11.79 11.70
CA ASN D 58 -31.08 11.83 12.21
C ASN D 58 -30.51 10.42 12.34
N LEU D 59 -29.23 10.29 12.03
CA LEU D 59 -28.58 8.98 12.05
C LEU D 59 -28.41 8.50 13.48
N VAL D 60 -28.83 7.25 13.73
CA VAL D 60 -28.77 6.66 15.06
C VAL D 60 -28.02 5.34 14.97
N ALA D 61 -27.13 5.11 15.93
CA ALA D 61 -26.41 3.85 15.99
C ALA D 61 -27.37 2.70 16.29
N SER D 62 -27.00 1.50 15.88
CA SER D 62 -27.88 0.34 16.00
C SER D 62 -27.43 -0.67 17.05
N CYS D 63 -26.13 -0.81 17.27
CA CYS D 63 -25.65 -1.85 18.17
C CYS D 63 -25.94 -1.55 19.64
N HIS D 64 -26.38 -0.34 19.97
CA HIS D 64 -26.74 -0.01 21.34
C HIS D 64 -28.04 0.80 21.39
N THR D 65 -28.99 0.46 20.52
CA THR D 65 -30.28 1.14 20.51
C THR D 65 -31.39 0.15 20.83
N PRO D 66 -31.95 0.18 22.04
CA PRO D 66 -33.14 -0.63 22.32
C PRO D 66 -34.32 -0.18 21.48
N VAL D 67 -35.14 -1.14 21.10
CA VAL D 67 -36.29 -0.89 20.23
C VAL D 67 -37.54 -0.70 21.08
N ARG D 68 -38.38 0.25 20.66
CA ARG D 68 -39.65 0.50 21.34
C ARG D 68 -40.75 0.50 20.31
N GLU D 69 -41.99 0.69 20.78
CA GLU D 69 -43.14 0.66 19.91
C GLU D 69 -43.16 1.84 18.96
N GLY D 70 -43.42 1.57 17.69
CA GLY D 70 -43.68 2.61 16.72
C GLY D 70 -42.47 3.35 16.18
N MET D 71 -41.56 2.64 15.49
CA MET D 71 -40.52 3.27 14.69
C MET D 71 -40.54 2.70 13.28
N VAL D 72 -40.27 3.54 12.29
CA VAL D 72 -39.98 3.10 10.94
C VAL D 72 -38.52 3.44 10.64
N VAL D 73 -37.78 2.45 10.15
CA VAL D 73 -36.34 2.61 9.88
C VAL D 73 -36.05 2.05 8.49
N LYS D 74 -34.96 2.53 7.90
CA LYS D 74 -34.50 2.07 6.60
C LYS D 74 -32.99 1.98 6.61
N THR D 75 -32.46 0.87 6.08
CA THR D 75 -31.04 0.60 6.09
C THR D 75 -30.42 0.63 4.69
N ASN D 76 -31.11 1.23 3.71
CA ASN D 76 -30.60 1.34 2.36
C ASN D 76 -30.81 2.73 1.77
N SER D 77 -31.08 3.71 2.64
CA SER D 77 -31.23 5.08 2.18
C SER D 77 -29.89 5.60 1.68
N PRO D 78 -29.90 6.49 0.67
CA PRO D 78 -28.62 7.03 0.16
C PRO D 78 -27.80 7.78 1.19
N LYS D 79 -28.44 8.45 2.14
CA LYS D 79 -27.70 9.21 3.16
C LYS D 79 -26.89 8.28 4.05
N VAL D 80 -27.47 7.14 4.44
CA VAL D 80 -26.76 6.18 5.27
C VAL D 80 -25.57 5.59 4.53
N LEU D 81 -25.77 5.24 3.25
CA LEU D 81 -24.68 4.69 2.46
C LEU D 81 -23.56 5.70 2.28
N LYS D 82 -23.91 6.97 2.05
CA LYS D 82 -22.89 8.00 1.92
C LYS D 82 -22.11 8.18 3.22
N ALA D 83 -22.81 8.17 4.36
CA ALA D 83 -22.13 8.30 5.64
C ALA D 83 -21.18 7.13 5.88
N ARG D 84 -21.63 5.91 5.57
CA ARG D 84 -20.77 4.74 5.74
C ARG D 84 -19.55 4.81 4.83
N ARG D 85 -19.74 5.24 3.58
CA ARG D 85 -18.62 5.37 2.66
C ARG D 85 -17.60 6.39 3.15
N VAL D 86 -18.08 7.53 3.66
CA VAL D 86 -17.16 8.55 4.16
C VAL D 86 -16.43 8.06 5.39
N ILE D 87 -17.12 7.32 6.27
CA ILE D 87 -16.48 6.82 7.48
C ILE D 87 -15.38 5.79 7.13
N LEU D 88 -15.65 4.92 6.15
CA LEU D 88 -14.60 3.98 5.76
C LEU D 88 -13.46 4.66 5.02
N GLU D 89 -13.73 5.72 4.26
CA GLU D 89 -12.63 6.50 3.69
C GLU D 89 -11.78 7.12 4.79
N LEU D 90 -12.42 7.63 5.84
CA LEU D 90 -11.67 8.19 6.96
C LEU D 90 -10.83 7.12 7.65
N LEU D 91 -11.35 5.91 7.78
CA LEU D 91 -10.55 4.81 8.35
C LEU D 91 -9.35 4.48 7.48
N LEU D 92 -9.58 4.25 6.19
CA LEU D 92 -8.52 3.80 5.30
C LEU D 92 -7.54 4.91 4.92
N SER D 93 -7.85 6.17 5.26
CA SER D 93 -6.91 7.25 5.02
C SER D 93 -5.65 7.15 5.86
N SER D 94 -5.70 6.44 6.99
CA SER D 94 -4.58 6.35 7.92
C SER D 94 -4.25 4.90 8.26
N HIS D 95 -4.17 4.06 7.24
CA HIS D 95 -3.88 2.63 7.39
C HIS D 95 -2.74 2.28 6.46
N ASN D 96 -1.68 1.69 7.01
CA ASN D 96 -0.52 1.31 6.19
C ASN D 96 -0.89 0.11 5.34
N ALA D 97 -0.85 0.28 4.02
CA ALA D 97 -1.58 -0.55 3.07
C ALA D 97 -0.76 -1.73 2.55
N ASP D 98 0.13 -2.28 3.36
CA ASP D 98 0.91 -3.44 2.95
C ASP D 98 0.07 -4.71 3.16
N CYS D 99 -0.94 -4.87 2.31
CA CYS D 99 -1.81 -6.05 2.39
C CYS D 99 -1.15 -7.31 1.88
N PHE D 100 0.03 -7.22 1.24
CA PHE D 100 0.76 -8.43 0.89
C PHE D 100 1.45 -9.01 2.12
N GLU D 101 1.96 -8.15 2.99
CA GLU D 101 2.70 -8.60 4.16
C GLU D 101 1.82 -8.92 5.35
N CYS D 102 0.52 -8.60 5.28
CA CYS D 102 -0.34 -8.75 6.44
C CYS D 102 -0.64 -10.22 6.69
N ASP D 103 -0.50 -10.64 7.95
CA ASP D 103 -0.83 -12.02 8.30
C ASP D 103 -2.32 -12.28 8.24
N LYS D 104 -3.14 -11.24 8.39
CA LYS D 104 -4.58 -11.39 8.41
C LYS D 104 -5.18 -11.25 7.01
N ASN D 105 -4.36 -11.44 5.97
CA ASN D 105 -4.83 -11.29 4.60
C ASN D 105 -5.90 -12.32 4.29
N LEU D 106 -6.88 -11.91 3.47
CA LEU D 106 -8.04 -12.70 3.05
C LEU D 106 -8.96 -13.07 4.21
N HIS D 107 -8.67 -12.61 5.43
CA HIS D 107 -9.57 -12.79 6.56
C HIS D 107 -9.83 -11.51 7.31
N CYS D 108 -9.20 -10.39 6.93
CA CYS D 108 -9.41 -9.12 7.59
C CYS D 108 -10.82 -8.61 7.32
N LYS D 109 -11.51 -8.16 8.36
CA LYS D 109 -12.86 -7.65 8.18
C LYS D 109 -12.84 -6.25 7.56
N LEU D 110 -11.81 -5.46 7.84
CA LEU D 110 -11.68 -4.14 7.24
C LEU D 110 -11.54 -4.24 5.73
N GLN D 111 -10.79 -5.23 5.25
CA GLN D 111 -10.64 -5.46 3.82
C GLN D 111 -11.96 -5.83 3.17
N LYS D 112 -12.73 -6.71 3.82
CA LYS D 112 -14.01 -7.13 3.25
C LYS D 112 -15.01 -5.98 3.22
N TYR D 113 -15.02 -5.16 4.27
CA TYR D 113 -15.93 -4.02 4.28
C TYR D 113 -15.48 -2.92 3.33
N ALA D 114 -14.17 -2.85 3.05
CA ALA D 114 -13.71 -1.93 2.02
C ALA D 114 -14.07 -2.41 0.62
N TYR D 115 -14.16 -3.73 0.43
CA TYR D 115 -14.60 -4.26 -0.85
C TYR D 115 -16.11 -4.09 -1.03
N GLU D 116 -16.88 -4.35 0.04
CA GLU D 116 -18.33 -4.34 -0.08
C GLU D 116 -18.88 -2.95 -0.36
N LEU D 117 -18.38 -1.93 0.36
CA LEU D 117 -18.93 -0.59 0.28
C LEU D 117 -18.42 0.19 -0.92
N ASN D 118 -17.69 -0.46 -1.84
CA ASN D 118 -17.34 0.10 -3.15
C ASN D 118 -16.52 1.39 -2.99
N ILE D 119 -15.34 1.22 -2.39
CA ILE D 119 -14.37 2.30 -2.28
C ILE D 119 -13.39 2.19 -3.44
N ARG D 120 -13.18 3.28 -4.15
CA ARG D 120 -12.35 3.27 -5.36
C ARG D 120 -11.30 4.36 -5.40
N ASN D 121 -11.48 5.48 -4.72
CA ASN D 121 -10.53 6.58 -4.81
C ASN D 121 -10.51 7.33 -3.49
N ILE D 122 -9.42 7.19 -2.74
CA ILE D 122 -9.30 7.86 -1.45
C ILE D 122 -8.94 9.33 -1.70
N ARG D 123 -9.88 10.22 -1.37
CA ARG D 123 -9.67 11.65 -1.55
C ARG D 123 -8.91 12.27 -0.39
N PHE D 124 -9.02 11.69 0.80
CA PHE D 124 -8.38 12.23 2.00
C PHE D 124 -7.02 11.53 2.16
N LYS D 125 -5.98 12.18 1.64
CA LYS D 125 -4.61 11.69 1.78
C LYS D 125 -3.85 12.66 2.68
N GLY D 126 -3.20 12.12 3.71
CA GLY D 126 -2.49 12.96 4.64
C GLY D 126 -1.54 12.19 5.54
N GLU D 127 -1.40 12.64 6.78
CA GLU D 127 -0.49 11.99 7.72
C GLU D 127 -1.03 10.63 8.14
N LYS D 128 -0.17 9.61 8.02
CA LYS D 128 -0.50 8.24 8.39
C LYS D 128 0.00 7.95 9.79
N ARG D 129 -0.36 6.77 10.30
CA ARG D 129 0.15 6.31 11.59
C ARG D 129 1.54 5.71 11.36
N ASN D 130 2.52 6.22 12.11
CA ASN D 130 3.91 5.78 11.98
C ASN D 130 4.45 5.46 13.37
N TYR D 131 4.26 4.21 13.79
CA TYR D 131 4.80 3.71 15.05
C TYR D 131 5.90 2.69 14.74
N GLU D 132 6.49 2.15 15.80
CA GLU D 132 7.60 1.22 15.69
C GLU D 132 7.19 -0.15 16.21
N ILE D 133 7.52 -1.19 15.46
CA ILE D 133 7.18 -2.56 15.83
C ILE D 133 8.15 -3.05 16.89
N LYS D 134 7.60 -3.65 17.95
CA LYS D 134 8.40 -4.26 19.01
C LYS D 134 8.05 -5.74 19.08
N ASP D 135 8.91 -6.53 19.72
CA ASP D 135 8.69 -7.95 19.90
C ASP D 135 8.17 -8.23 21.31
N ASN D 136 7.29 -9.22 21.41
CA ASN D 136 6.67 -9.58 22.68
C ASN D 136 6.70 -11.06 22.99
N GLY D 137 7.14 -11.91 22.06
CA GLY D 137 7.15 -13.34 22.27
C GLY D 137 6.26 -14.05 21.28
N PRO D 138 5.25 -14.76 21.76
CA PRO D 138 4.30 -15.43 20.88
C PRO D 138 3.17 -14.54 20.36
N ILE D 139 3.11 -13.27 20.79
CA ILE D 139 2.11 -12.33 20.33
C ILE D 139 2.83 -11.21 19.59
N TYR D 140 2.46 -11.01 18.32
CA TYR D 140 3.10 -10.04 17.44
C TYR D 140 2.16 -8.85 17.34
N TYR D 141 2.57 -7.72 17.92
CA TYR D 141 1.75 -6.52 17.97
C TYR D 141 2.33 -5.49 17.01
N ASP D 142 1.49 -4.99 16.11
CA ASP D 142 1.89 -3.98 15.12
C ASP D 142 0.93 -2.80 15.22
N PRO D 143 1.25 -1.77 16.00
CA PRO D 143 0.30 -0.66 16.15
C PRO D 143 0.35 0.33 14.99
N ASN D 144 0.41 -0.19 13.78
CA ASN D 144 0.23 0.61 12.58
C ASN D 144 -1.08 0.29 11.87
N LYS D 145 -1.67 -0.87 12.14
CA LYS D 145 -2.92 -1.29 11.52
C LYS D 145 -4.10 -1.23 12.48
N CYS D 146 -3.89 -0.73 13.69
CA CYS D 146 -4.97 -0.67 14.67
C CYS D 146 -6.02 0.34 14.26
N ILE D 147 -7.29 -0.06 14.40
CA ILE D 147 -8.41 0.85 14.18
C ILE D 147 -9.05 1.29 15.49
N LEU D 148 -8.46 0.94 16.63
CA LEU D 148 -8.93 1.32 17.95
C LEU D 148 -10.39 0.94 18.17
N CYS D 149 -10.70 -0.33 17.86
CA CYS D 149 -12.04 -0.84 18.10
C CYS D 149 -12.28 -1.15 19.57
N GLY D 150 -11.23 -1.49 20.31
CA GLY D 150 -11.35 -1.76 21.72
C GLY D 150 -11.78 -3.18 22.07
N LYS D 151 -11.82 -4.08 21.09
CA LYS D 151 -12.24 -5.45 21.36
C LYS D 151 -11.25 -6.17 22.29
N CYS D 152 -9.96 -5.96 22.07
CA CYS D 152 -8.95 -6.64 22.90
C CYS D 152 -9.01 -6.17 24.34
N VAL D 153 -9.15 -4.86 24.56
CA VAL D 153 -9.24 -4.33 25.92
C VAL D 153 -10.47 -4.86 26.63
N ARG D 154 -11.62 -4.87 25.94
CA ARG D 154 -12.85 -5.35 26.56
C ARG D 154 -12.80 -6.84 26.85
N ILE D 155 -12.20 -7.63 25.95
CA ILE D 155 -12.12 -9.07 26.19
C ILE D 155 -11.08 -9.40 27.26
N CYS D 156 -10.11 -8.51 27.49
CA CYS D 156 -9.21 -8.69 28.62
C CYS D 156 -9.75 -8.05 29.89
N GLU D 157 -10.86 -7.32 29.79
CA GLU D 157 -11.48 -6.67 30.94
C GLU D 157 -12.76 -7.37 31.38
N GLU D 158 -13.71 -7.52 30.46
CA GLU D 158 -15.04 -8.00 30.79
C GLU D 158 -15.07 -9.49 31.11
N VAL D 159 -14.26 -10.28 30.41
CA VAL D 159 -14.34 -11.74 30.54
C VAL D 159 -13.18 -12.27 31.38
N GLN D 160 -11.95 -12.00 30.94
CA GLN D 160 -10.79 -12.65 31.56
C GLN D 160 -10.47 -12.09 32.93
N HIS D 161 -10.81 -10.82 33.21
CA HIS D 161 -10.44 -10.13 34.45
C HIS D 161 -8.94 -10.19 34.71
N ILE D 162 -8.13 -10.01 33.69
CA ILE D 162 -6.67 -10.09 33.81
C ILE D 162 -6.10 -8.67 33.82
N CYS D 163 -6.70 -7.78 33.03
CA CYS D 163 -6.37 -6.35 33.01
C CYS D 163 -4.94 -6.13 32.51
N ALA D 164 -4.57 -6.85 31.46
CA ALA D 164 -3.18 -6.81 31.00
C ALA D 164 -2.85 -5.55 30.21
N ILE D 165 -3.76 -5.07 29.37
CA ILE D 165 -3.50 -3.96 28.48
C ILE D 165 -4.62 -2.94 28.61
N ASP D 166 -4.33 -1.70 28.18
CA ASP D 166 -5.33 -0.64 28.27
C ASP D 166 -4.95 0.44 27.27
N PHE D 167 -5.89 1.36 27.03
CA PHE D 167 -5.66 2.48 26.14
C PHE D 167 -4.55 3.39 26.67
N ALA D 168 -4.00 4.20 25.77
CA ALA D 168 -2.97 5.16 26.12
C ALA D 168 -3.01 6.31 25.13
N SER D 169 -2.53 7.47 25.60
CA SER D 169 -2.55 8.75 24.88
C SER D 169 -3.97 9.18 24.56
N ARG D 170 -4.11 10.20 23.69
CA ARG D 170 -5.42 10.75 23.38
C ARG D 170 -5.39 11.33 21.98
N GLY D 171 -6.59 11.52 21.42
CA GLY D 171 -6.69 12.11 20.11
C GLY D 171 -6.31 11.14 19.00
N PHE D 172 -5.71 11.68 17.94
CA PHE D 172 -5.28 10.87 16.81
C PHE D 172 -4.18 9.90 17.17
N LYS D 173 -3.45 10.14 18.26
CA LYS D 173 -2.27 9.35 18.59
C LYS D 173 -2.52 8.30 19.67
N ALA D 174 -3.78 8.03 20.01
CA ALA D 174 -4.08 7.03 21.01
C ALA D 174 -3.77 5.63 20.49
N TYR D 175 -3.42 4.73 21.41
CA TYR D 175 -3.09 3.37 21.02
C TYR D 175 -3.36 2.43 22.20
N ILE D 176 -3.13 1.14 21.98
CA ILE D 176 -3.30 0.11 23.00
C ILE D 176 -1.93 -0.28 23.51
N SER D 177 -1.76 -0.34 24.83
CA SER D 177 -0.45 -0.59 25.38
C SER D 177 -0.49 -1.24 26.75
N THR D 178 0.61 -1.90 27.09
CA THR D 178 0.94 -2.24 28.45
C THR D 178 1.53 -1.01 29.15
N PRO D 179 1.63 -1.03 30.49
CA PRO D 179 2.34 0.06 31.19
C PRO D 179 3.77 0.26 30.72
N PHE D 180 4.09 1.48 30.30
CA PHE D 180 5.46 1.93 29.96
C PHE D 180 6.04 1.16 28.78
N GLU D 181 5.18 0.56 27.95
CA GLU D 181 5.59 -0.18 26.75
C GLU D 181 6.55 -1.32 27.10
N LYS D 182 6.34 -1.95 28.25
CA LYS D 182 7.12 -3.12 28.60
C LYS D 182 6.68 -4.30 27.71
N PRO D 183 7.56 -5.29 27.53
CA PRO D 183 7.15 -6.50 26.81
C PRO D 183 6.05 -7.24 27.56
N LEU D 184 5.21 -7.95 26.80
CA LEU D 184 4.08 -8.66 27.38
C LEU D 184 4.50 -9.76 28.34
N LEU D 185 5.73 -10.26 28.24
CA LEU D 185 6.19 -11.30 29.16
C LEU D 185 6.29 -10.78 30.59
N GLU D 186 6.78 -9.56 30.75
CA GLU D 186 7.00 -8.98 32.07
C GLU D 186 5.76 -8.28 32.61
N SER D 187 4.75 -8.05 31.77
CA SER D 187 3.50 -7.43 32.22
C SER D 187 2.64 -8.48 32.91
N ASP D 188 1.38 -8.14 33.17
CA ASP D 188 0.48 -9.04 33.89
C ASP D 188 -0.25 -10.02 32.97
N CYS D 189 0.17 -10.13 31.71
CA CYS D 189 -0.47 -11.06 30.79
C CYS D 189 -0.22 -12.50 31.22
N ILE D 190 -1.15 -13.38 30.86
CA ILE D 190 -1.05 -14.81 31.15
C ILE D 190 -1.02 -15.64 29.87
N PHE D 191 -1.02 -14.99 28.71
CA PHE D 191 -0.96 -15.64 27.40
C PHE D 191 -2.09 -16.64 27.20
N CYS D 192 -3.31 -16.12 27.22
CA CYS D 192 -4.47 -16.95 26.90
C CYS D 192 -4.83 -16.90 25.42
N GLY D 193 -4.51 -15.79 24.74
CA GLY D 193 -4.73 -15.68 23.32
C GLY D 193 -6.11 -15.23 22.89
N GLN D 194 -6.98 -14.85 23.82
CA GLN D 194 -8.31 -14.39 23.44
C GLN D 194 -8.27 -13.07 22.67
N CYS D 195 -7.32 -12.18 23.00
CA CYS D 195 -7.23 -10.93 22.27
C CYS D 195 -6.82 -11.13 20.82
N VAL D 196 -6.12 -12.22 20.52
CA VAL D 196 -5.74 -12.53 19.15
C VAL D 196 -6.95 -12.99 18.35
N ARG D 197 -7.87 -13.71 19.00
CA ARG D 197 -8.98 -14.35 18.29
C ARG D 197 -10.02 -13.33 17.83
N VAL D 198 -10.12 -12.19 18.50
CA VAL D 198 -11.21 -11.25 18.26
C VAL D 198 -10.76 -10.01 17.49
N CYS D 199 -9.48 -9.87 17.21
CA CYS D 199 -8.99 -8.68 16.54
C CYS D 199 -9.44 -8.69 15.08
N PRO D 200 -10.17 -7.68 14.61
CA PRO D 200 -10.69 -7.72 13.24
C PRO D 200 -9.71 -7.15 12.22
N THR D 201 -8.46 -6.95 12.61
CA THR D 201 -7.43 -6.47 11.70
C THR D 201 -6.17 -7.29 11.92
N GLY D 202 -5.06 -6.84 11.35
CA GLY D 202 -3.81 -7.56 11.48
C GLY D 202 -2.90 -7.01 12.55
N ALA D 203 -3.47 -6.24 13.49
CA ALA D 203 -2.66 -5.64 14.54
C ALA D 203 -2.06 -6.69 15.47
N LEU D 204 -2.87 -7.66 15.89
CA LEU D 204 -2.43 -8.71 16.81
C LEU D 204 -2.37 -10.02 16.04
N ALA D 205 -1.21 -10.66 16.03
CA ALA D 205 -1.04 -11.90 15.27
C ALA D 205 -0.04 -12.80 16.00
N GLU D 206 0.40 -13.85 15.30
CA GLU D 206 1.33 -14.83 15.85
C GLU D 206 2.71 -14.68 15.25
N LYS D 207 3.73 -14.86 16.08
CA LYS D 207 5.11 -14.92 15.60
C LYS D 207 5.30 -16.27 14.92
N THR D 208 5.33 -16.28 13.59
CA THR D 208 5.25 -17.49 12.79
C THR D 208 6.67 -17.99 12.51
N ASP D 209 6.87 -19.31 12.64
CA ASP D 209 8.18 -19.92 12.49
C ASP D 209 8.19 -21.06 11.46
N ILE D 210 7.55 -20.83 10.32
CA ILE D 210 7.57 -21.82 9.24
C ILE D 210 8.99 -21.99 8.70
N GLU D 211 9.78 -20.90 8.73
CA GLU D 211 11.14 -20.95 8.18
C GLU D 211 11.98 -22.01 8.88
N ARG D 212 12.03 -21.98 10.22
CA ARG D 212 12.84 -22.93 10.97
C ARG D 212 12.40 -24.37 10.70
N ILE D 213 11.09 -24.58 10.54
CA ILE D 213 10.59 -25.87 10.10
C ILE D 213 11.17 -26.24 8.74
N TYR D 214 11.32 -25.25 7.85
CA TYR D 214 11.80 -25.57 6.52
C TYR D 214 13.28 -25.94 6.50
N GLU D 215 14.13 -25.25 7.28
CA GLU D 215 15.51 -25.77 7.29
C GLU D 215 15.64 -27.01 8.15
N ALA D 216 14.70 -27.26 9.05
CA ALA D 216 14.67 -28.56 9.72
C ALA D 216 14.37 -29.69 8.73
N ILE D 217 13.42 -29.47 7.83
CA ILE D 217 13.08 -30.48 6.83
C ILE D 217 14.23 -30.63 5.83
N SER D 218 14.81 -29.53 5.38
CA SER D 218 15.82 -29.57 4.33
C SER D 218 17.13 -30.19 4.79
N ASP D 219 17.37 -30.29 6.09
CA ASP D 219 18.60 -30.91 6.58
C ASP D 219 18.55 -32.41 6.34
N PRO D 220 19.48 -32.98 5.57
CA PRO D 220 19.38 -34.40 5.21
C PRO D 220 19.63 -35.37 6.35
N ASN D 221 20.18 -34.92 7.47
CA ASN D 221 20.51 -35.81 8.57
C ASN D 221 19.51 -35.71 9.73
N LYS D 222 18.55 -34.80 9.66
CA LYS D 222 17.60 -34.60 10.75
C LYS D 222 16.31 -35.36 10.45
N VAL D 223 15.82 -36.06 11.47
CA VAL D 223 14.59 -36.85 11.39
C VAL D 223 13.49 -36.11 12.14
N VAL D 224 12.35 -35.92 11.49
CA VAL D 224 11.28 -35.05 11.98
C VAL D 224 10.08 -35.89 12.37
N VAL D 225 9.63 -35.71 13.60
CA VAL D 225 8.38 -36.29 14.09
C VAL D 225 7.43 -35.15 14.43
N VAL D 226 6.21 -35.24 13.91
CA VAL D 226 5.20 -34.21 14.13
C VAL D 226 4.01 -34.83 14.86
N GLN D 227 3.53 -34.14 15.89
CA GLN D 227 2.42 -34.60 16.70
C GLN D 227 1.22 -33.68 16.52
N VAL D 228 0.03 -34.28 16.60
CA VAL D 228 -1.22 -33.55 16.44
C VAL D 228 -2.06 -33.68 17.70
N ALA D 229 -2.72 -32.56 18.08
CA ALA D 229 -3.59 -32.30 19.22
C ALA D 229 -5.00 -32.85 18.97
N PRO D 230 -5.74 -33.20 20.02
CA PRO D 230 -7.11 -33.70 19.82
C PRO D 230 -8.06 -32.65 19.28
N ALA D 231 -7.89 -31.38 19.63
CA ALA D 231 -8.84 -30.35 19.26
C ALA D 231 -8.63 -29.81 17.84
N VAL D 232 -7.59 -30.27 17.14
CA VAL D 232 -7.37 -29.82 15.77
C VAL D 232 -8.25 -30.59 14.78
N ARG D 233 -8.66 -31.81 15.12
CA ARG D 233 -9.37 -32.70 14.20
C ARG D 233 -10.78 -32.22 13.87
N VAL D 234 -11.30 -31.23 14.59
CA VAL D 234 -12.69 -30.81 14.44
C VAL D 234 -12.82 -29.40 13.87
N ALA D 235 -11.71 -28.70 13.69
CA ALA D 235 -11.75 -27.30 13.26
C ALA D 235 -10.94 -27.01 12.02
N LEU D 236 -10.14 -27.95 11.52
CA LEU D 236 -9.32 -27.69 10.34
C LEU D 236 -10.18 -27.54 9.09
N GLY D 237 -11.25 -28.32 8.97
CA GLY D 237 -12.07 -28.32 7.77
C GLY D 237 -12.71 -26.98 7.45
N GLU D 238 -12.90 -26.13 8.46
CA GLU D 238 -13.45 -24.79 8.22
C GLU D 238 -12.52 -23.97 7.34
N GLU D 239 -11.21 -24.26 7.36
CA GLU D 239 -10.28 -23.56 6.48
C GLU D 239 -10.46 -23.94 5.02
N PHE D 240 -11.19 -25.02 4.72
CA PHE D 240 -11.35 -25.49 3.35
C PHE D 240 -12.81 -25.47 2.88
N GLY D 241 -13.65 -24.65 3.51
CA GLY D 241 -15.02 -24.49 3.06
C GLY D 241 -16.00 -25.53 3.52
N LEU D 242 -15.62 -26.40 4.46
CA LEU D 242 -16.52 -27.41 4.98
C LEU D 242 -17.34 -26.84 6.13
N GLU D 243 -18.43 -27.53 6.45
CA GLU D 243 -19.18 -27.19 7.65
C GLU D 243 -18.35 -27.53 8.89
N PRO D 244 -18.29 -26.64 9.88
CA PRO D 244 -17.51 -26.93 11.09
C PRO D 244 -18.05 -28.15 11.82
N GLY D 245 -17.13 -28.94 12.39
CA GLY D 245 -17.49 -30.15 13.07
C GLY D 245 -17.34 -31.42 12.26
N GLU D 246 -16.70 -31.36 11.10
CA GLU D 246 -16.50 -32.54 10.27
C GLU D 246 -15.21 -33.23 10.66
N ILE D 247 -15.25 -34.55 10.82
CA ILE D 247 -14.08 -35.32 11.22
C ILE D 247 -13.18 -35.50 10.01
N VAL D 248 -11.94 -35.00 10.11
CA VAL D 248 -11.03 -34.94 8.98
C VAL D 248 -9.69 -35.59 9.31
N THR D 249 -9.71 -36.61 10.19
CA THR D 249 -8.48 -37.20 10.68
C THR D 249 -7.64 -37.81 9.57
N GLY D 250 -8.24 -38.67 8.75
CA GLY D 250 -7.48 -39.31 7.69
C GLY D 250 -6.96 -38.33 6.66
N LYS D 251 -7.76 -37.30 6.34
CA LYS D 251 -7.34 -36.31 5.36
C LYS D 251 -6.14 -35.51 5.85
N MET D 252 -6.17 -35.09 7.11
CA MET D 252 -5.03 -34.33 7.63
C MET D 252 -3.81 -35.21 7.84
N VAL D 253 -4.01 -36.50 8.11
CA VAL D 253 -2.87 -37.42 8.20
C VAL D 253 -2.22 -37.58 6.84
N ALA D 254 -3.02 -37.72 5.78
CA ALA D 254 -2.47 -37.80 4.43
C ALA D 254 -1.75 -36.50 4.06
N ALA D 255 -2.33 -35.36 4.41
CA ALA D 255 -1.70 -34.07 4.12
C ALA D 255 -0.36 -33.94 4.84
N LEU D 256 -0.30 -34.36 6.11
CA LEU D 256 0.95 -34.30 6.85
C LEU D 256 1.99 -35.27 6.28
N LYS D 257 1.54 -36.43 5.80
CA LYS D 257 2.47 -37.37 5.18
C LYS D 257 3.06 -36.80 3.89
N ARG D 258 2.23 -36.11 3.10
CA ARG D 258 2.73 -35.55 1.85
C ARG D 258 3.53 -34.26 2.05
N LEU D 259 3.56 -33.72 3.26
CA LEU D 259 4.27 -32.46 3.50
C LEU D 259 5.76 -32.64 3.71
N GLY D 260 6.26 -33.87 3.73
CA GLY D 260 7.67 -34.12 3.95
C GLY D 260 8.04 -34.54 5.35
N PHE D 261 7.08 -34.59 6.27
CA PHE D 261 7.36 -35.02 7.63
C PHE D 261 7.71 -36.50 7.64
N ASP D 262 8.77 -36.86 8.37
CA ASP D 262 9.20 -38.26 8.38
C ASP D 262 8.22 -39.14 9.14
N LYS D 263 7.80 -38.72 10.34
CA LYS D 263 6.83 -39.50 11.10
C LYS D 263 5.75 -38.59 11.65
N VAL D 264 4.53 -39.11 11.69
CA VAL D 264 3.38 -38.39 12.23
C VAL D 264 2.76 -39.21 13.34
N PHE D 265 2.40 -38.54 14.44
CA PHE D 265 1.83 -39.18 15.61
C PHE D 265 0.73 -38.29 16.19
N ASP D 266 -0.13 -38.90 16.98
CA ASP D 266 -1.12 -38.17 17.76
C ASP D 266 -0.67 -38.10 19.21
N THR D 267 -1.10 -37.04 19.89
CA THR D 267 -0.72 -36.86 21.28
C THR D 267 -1.69 -37.53 22.24
N GLN D 268 -2.68 -38.27 21.73
CA GLN D 268 -3.62 -38.98 22.61
C GLN D 268 -2.91 -40.07 23.40
N PHE D 269 -1.83 -40.64 22.86
CA PHE D 269 -1.02 -41.60 23.61
C PHE D 269 -0.42 -40.96 24.86
N ALA D 270 0.24 -39.81 24.69
CA ALA D 270 0.75 -39.09 25.86
C ALA D 270 -0.38 -38.56 26.73
N ALA D 271 -1.55 -38.32 26.15
CA ALA D 271 -2.70 -37.93 26.95
C ALA D 271 -3.14 -39.05 27.88
N ASP D 272 -3.19 -40.29 27.37
CA ASP D 272 -3.51 -41.42 28.23
C ASP D 272 -2.41 -41.66 29.26
N MET D 273 -1.16 -41.39 28.88
CA MET D 273 -0.07 -41.40 29.85
C MET D 273 -0.34 -40.43 31.00
N THR D 274 -0.75 -39.20 30.67
CA THR D 274 -1.07 -38.22 31.69
C THR D 274 -2.25 -38.66 32.53
N ILE D 275 -3.27 -39.26 31.90
CA ILE D 275 -4.44 -39.72 32.65
C ILE D 275 -4.07 -40.79 33.66
N VAL D 276 -3.28 -41.79 33.25
CA VAL D 276 -2.94 -42.85 34.20
C VAL D 276 -2.03 -42.32 35.31
N GLU D 277 -1.11 -41.42 34.96
CA GLU D 277 -0.23 -40.85 35.99
C GLU D 277 -1.02 -40.00 36.98
N GLU D 278 -1.96 -39.19 36.47
CA GLU D 278 -2.77 -38.34 37.33
C GLU D 278 -3.72 -39.16 38.19
N THR D 279 -4.23 -40.28 37.65
CA THR D 279 -5.05 -41.17 38.46
C THR D 279 -4.25 -41.80 39.59
N ALA D 280 -3.01 -42.21 39.31
CA ALA D 280 -2.15 -42.71 40.38
C ALA D 280 -1.90 -41.65 41.44
N GLU D 281 -1.65 -40.41 41.00
CA GLU D 281 -1.44 -39.31 41.95
C GLU D 281 -2.69 -39.05 42.79
N LEU D 282 -3.87 -39.09 42.17
CA LEU D 282 -5.11 -38.82 42.89
C LEU D 282 -5.41 -39.93 43.89
N VAL D 283 -5.14 -41.19 43.52
CA VAL D 283 -5.32 -42.31 44.44
C VAL D 283 -4.36 -42.16 45.63
N GLU D 284 -3.11 -41.79 45.35
CA GLU D 284 -2.13 -41.54 46.41
C GLU D 284 -2.58 -40.42 47.35
N ARG D 285 -3.11 -39.34 46.79
CA ARG D 285 -3.54 -38.20 47.61
C ARG D 285 -4.80 -38.54 48.40
N LEU D 286 -5.69 -39.37 47.85
CA LEU D 286 -6.82 -39.86 48.61
C LEU D 286 -6.38 -40.75 49.76
N GLU D 287 -5.38 -41.59 49.52
CA GLU D 287 -4.92 -42.49 50.58
C GLU D 287 -4.22 -41.72 51.70
N LYS D 288 -3.42 -40.71 51.37
CA LYS D 288 -2.84 -39.90 52.43
C LYS D 288 -3.79 -38.83 52.95
N GLY D 289 -4.67 -38.31 52.08
CA GLY D 289 -5.57 -37.25 52.50
C GLY D 289 -4.88 -35.94 52.83
N GLU D 290 -3.95 -35.50 51.99
CA GLU D 290 -3.19 -34.28 52.22
C GLU D 290 -3.21 -33.41 50.97
N ASN D 291 -3.00 -32.11 51.18
CA ASN D 291 -2.89 -31.10 50.12
C ASN D 291 -4.14 -31.08 49.23
N PHE D 292 -5.25 -30.73 49.87
CA PHE D 292 -6.51 -30.61 49.15
C PHE D 292 -6.96 -29.14 49.12
N PRO D 293 -7.53 -28.69 47.99
CA PRO D 293 -7.70 -29.41 46.73
C PRO D 293 -6.44 -29.43 45.89
N MET D 294 -6.39 -30.28 44.86
CA MET D 294 -5.26 -30.37 43.97
C MET D 294 -5.68 -29.92 42.58
N PHE D 295 -4.84 -29.11 41.95
CA PHE D 295 -5.15 -28.49 40.66
C PHE D 295 -4.40 -29.20 39.54
N THR D 296 -5.01 -29.23 38.37
CA THR D 296 -4.39 -29.82 37.19
C THR D 296 -3.34 -28.88 36.61
N SER D 297 -2.46 -29.45 35.77
CA SER D 297 -1.40 -28.69 35.12
C SER D 297 -1.49 -28.81 33.61
N CYS D 298 -2.68 -29.07 33.08
CA CYS D 298 -2.87 -29.28 31.66
C CYS D 298 -2.90 -27.99 30.86
N CYS D 299 -3.02 -26.84 31.51
CA CYS D 299 -3.12 -25.56 30.81
C CYS D 299 -1.96 -24.66 31.20
N PRO D 300 -1.05 -24.34 30.28
CA PRO D 300 0.06 -23.43 30.64
C PRO D 300 -0.39 -22.06 31.11
N SER D 301 -1.48 -21.54 30.55
CA SER D 301 -1.99 -20.24 30.97
C SER D 301 -2.45 -20.25 32.41
N TRP D 302 -3.06 -21.35 32.86
CA TRP D 302 -3.43 -21.47 34.26
C TRP D 302 -2.20 -21.48 35.17
N ILE D 303 -1.14 -22.16 34.73
CA ILE D 303 0.11 -22.18 35.49
C ILE D 303 0.71 -20.78 35.59
N LEU D 304 0.70 -20.03 34.48
CA LEU D 304 1.20 -18.67 34.52
C LEU D 304 0.34 -17.78 35.42
N ALA D 305 -0.98 -17.95 35.37
CA ALA D 305 -1.86 -17.15 36.22
C ALA D 305 -1.61 -17.44 37.68
N VAL D 306 -1.32 -18.69 38.02
CA VAL D 306 -0.97 -19.01 39.41
C VAL D 306 0.39 -18.41 39.77
N GLU D 307 1.38 -18.56 38.89
CA GLU D 307 2.73 -18.11 39.22
C GLU D 307 2.82 -16.60 39.31
N LYS D 308 1.89 -15.89 38.68
CA LYS D 308 1.92 -14.43 38.71
C LYS D 308 1.00 -13.84 39.76
N PHE D 309 -0.19 -14.42 39.96
CA PHE D 309 -1.19 -13.83 40.83
C PHE D 309 -1.36 -14.56 42.16
N TYR D 310 -1.30 -15.89 42.17
CA TYR D 310 -1.58 -16.69 43.37
C TYR D 310 -0.41 -17.61 43.66
N PRO D 311 0.69 -17.06 44.19
CA PRO D 311 1.87 -17.90 44.45
C PRO D 311 1.73 -18.79 45.68
N GLU D 312 0.66 -18.64 46.46
CA GLU D 312 0.46 -19.46 47.65
C GLU D 312 -0.15 -20.81 47.35
N LEU D 313 -0.66 -21.04 46.14
CA LEU D 313 -1.23 -22.31 45.75
C LEU D 313 -0.24 -23.23 45.07
N ILE D 314 1.05 -22.84 45.03
CA ILE D 314 2.06 -23.67 44.38
C ILE D 314 2.17 -25.06 44.98
N PRO D 315 2.19 -25.25 46.32
CA PRO D 315 2.24 -26.63 46.84
C PRO D 315 1.03 -27.47 46.51
N ASN D 316 -0.10 -26.87 46.13
CA ASN D 316 -1.33 -27.60 45.87
C ASN D 316 -1.49 -28.00 44.41
N ILE D 317 -0.52 -27.71 43.56
CA ILE D 317 -0.64 -28.03 42.13
C ILE D 317 0.04 -29.37 41.85
N SER D 318 -0.60 -30.16 40.99
CA SER D 318 -0.01 -31.40 40.52
C SER D 318 1.27 -31.13 39.75
N THR D 319 2.24 -32.01 39.92
CA THR D 319 3.56 -31.84 39.30
C THR D 319 3.69 -32.53 37.96
N ALA D 320 2.61 -33.09 37.43
CA ALA D 320 2.66 -33.76 36.14
C ALA D 320 2.87 -32.75 35.02
N ARG D 321 3.67 -33.13 34.03
CA ARG D 321 3.93 -32.27 32.88
C ARG D 321 2.72 -32.22 31.96
N SER D 322 2.71 -31.22 31.09
CA SER D 322 1.71 -31.15 30.04
C SER D 322 1.95 -32.29 29.04
N PRO D 323 0.89 -32.75 28.35
CA PRO D 323 1.08 -33.88 27.41
C PRO D 323 2.06 -33.59 26.29
N GLN D 324 2.16 -32.34 25.85
CA GLN D 324 3.11 -31.99 24.79
C GLN D 324 4.55 -32.28 25.23
N GLN D 325 4.90 -31.84 26.43
CA GLN D 325 6.28 -32.03 26.89
C GLN D 325 6.55 -33.49 27.22
N ILE D 326 5.54 -34.23 27.67
CA ILE D 326 5.70 -35.65 27.93
C ILE D 326 5.94 -36.40 26.63
N PHE D 327 5.20 -36.05 25.57
CA PHE D 327 5.44 -36.68 24.28
C PHE D 327 6.82 -36.30 23.75
N GLY D 328 7.25 -35.06 23.95
CA GLY D 328 8.59 -34.68 23.54
C GLY D 328 9.67 -35.48 24.25
N ALA D 329 9.52 -35.66 25.57
CA ALA D 329 10.47 -36.45 26.33
C ALA D 329 10.47 -37.92 25.89
N ILE D 330 9.29 -38.47 25.61
CA ILE D 330 9.21 -39.84 25.13
C ILE D 330 9.89 -39.99 23.78
N ALA D 331 9.65 -39.04 22.87
CA ALA D 331 10.24 -39.11 21.53
C ALA D 331 11.77 -38.95 21.59
N LYS D 332 12.26 -38.08 22.46
CA LYS D 332 13.70 -37.82 22.54
C LYS D 332 14.42 -38.75 23.50
N ASN D 333 13.70 -39.62 24.22
CA ASN D 333 14.33 -40.53 25.18
C ASN D 333 14.17 -41.99 24.83
N TYR D 334 12.95 -42.47 24.60
CA TYR D 334 12.70 -43.87 24.29
C TYR D 334 12.72 -44.17 22.80
N TYR D 335 12.00 -43.39 22.00
CA TYR D 335 11.91 -43.69 20.57
C TYR D 335 13.27 -43.56 19.89
N ALA D 336 14.08 -42.59 20.33
CA ALA D 336 15.38 -42.35 19.70
C ALA D 336 16.31 -43.54 19.89
N LYS D 337 16.30 -44.15 21.08
CA LYS D 337 17.15 -45.31 21.30
C LYS D 337 16.63 -46.53 20.57
N LYS D 338 15.32 -46.59 20.34
CA LYS D 338 14.75 -47.71 19.58
C LYS D 338 15.11 -47.62 18.11
N ILE D 339 14.96 -46.44 17.50
CA ILE D 339 15.33 -46.30 16.09
C ILE D 339 16.84 -46.31 15.93
N GLY D 340 17.57 -45.72 16.88
CA GLY D 340 19.01 -45.65 16.81
C GLY D 340 19.52 -44.34 16.28
N VAL D 341 18.99 -43.24 16.79
CA VAL D 341 19.38 -41.90 16.36
C VAL D 341 19.88 -41.11 17.56
N ALA D 342 20.76 -40.16 17.31
CA ALA D 342 21.26 -39.29 18.36
C ALA D 342 20.16 -38.36 18.84
N ARG D 343 20.26 -37.96 20.12
CA ARG D 343 19.25 -37.11 20.71
C ARG D 343 19.24 -35.71 20.10
N GLU D 344 20.41 -35.20 19.71
CA GLU D 344 20.47 -33.87 19.11
C GLU D 344 19.90 -33.86 17.70
N ASN D 345 19.77 -35.02 17.06
CA ASN D 345 19.42 -35.10 15.65
C ASN D 345 17.94 -35.40 15.42
N MET D 346 17.13 -35.29 16.46
CA MET D 346 15.69 -35.52 16.37
C MET D 346 14.96 -34.19 16.50
N PHE D 347 14.02 -33.94 15.60
CA PHE D 347 13.29 -32.68 15.57
C PHE D 347 11.81 -32.96 15.79
N VAL D 348 11.25 -32.42 16.88
CA VAL D 348 9.88 -32.67 17.27
C VAL D 348 9.07 -31.40 17.02
N VAL D 349 8.01 -31.52 16.24
CA VAL D 349 7.12 -30.41 15.90
C VAL D 349 5.73 -30.75 16.42
N SER D 350 5.04 -29.75 16.96
CA SER D 350 3.71 -29.94 17.50
C SER D 350 2.71 -29.06 16.76
N VAL D 351 1.49 -29.56 16.63
CA VAL D 351 0.39 -28.79 16.06
C VAL D 351 -0.67 -28.68 17.14
N MET D 352 -0.63 -27.59 17.91
CA MET D 352 -1.58 -27.39 18.99
C MET D 352 -2.38 -26.11 18.77
N PRO D 353 -3.63 -26.06 19.24
CA PRO D 353 -4.46 -24.87 18.99
C PRO D 353 -4.25 -23.72 19.98
N CYS D 354 -3.38 -23.89 20.97
CA CYS D 354 -3.20 -22.87 21.99
C CYS D 354 -2.05 -21.95 21.65
N ILE D 355 -2.07 -20.77 22.27
CA ILE D 355 -0.99 -19.79 22.10
C ILE D 355 0.01 -19.83 23.25
N GLY D 356 -0.42 -20.16 24.47
CA GLY D 356 0.51 -20.29 25.59
C GLY D 356 1.51 -21.41 25.42
N LYS D 357 1.21 -22.37 24.54
CA LYS D 357 2.17 -23.44 24.26
C LYS D 357 3.41 -22.89 23.57
N LYS D 358 3.25 -21.84 22.77
CA LYS D 358 4.40 -21.22 22.10
C LYS D 358 5.39 -20.65 23.10
N PHE D 359 4.87 -20.01 24.16
CA PHE D 359 5.74 -19.55 25.24
C PHE D 359 6.26 -20.70 26.09
N GLU D 360 5.42 -21.71 26.35
CA GLU D 360 5.79 -22.81 27.23
C GLU D 360 6.90 -23.65 26.63
N ALA D 361 6.99 -23.70 25.29
CA ALA D 361 8.01 -24.49 24.64
C ALA D 361 9.43 -24.01 24.93
N THR D 362 9.61 -22.73 25.28
CA THR D 362 10.93 -22.15 25.43
C THR D 362 11.30 -21.87 26.89
N ARG D 363 10.67 -22.54 27.84
CA ARG D 363 11.08 -22.40 29.23
C ARG D 363 12.45 -23.06 29.44
N PRO D 364 13.35 -22.41 30.16
CA PRO D 364 14.67 -23.02 30.41
C PRO D 364 14.62 -24.30 31.23
N GLU D 365 13.56 -24.51 32.00
CA GLU D 365 13.51 -25.65 32.91
C GLU D 365 13.08 -26.95 32.22
N PHE D 366 12.57 -26.89 31.00
CA PHE D 366 12.14 -28.09 30.30
C PHE D 366 13.23 -28.72 29.44
N ASN D 367 14.45 -28.15 29.47
CA ASN D 367 15.62 -28.72 28.81
C ASN D 367 15.45 -28.84 27.29
N ASN D 368 14.56 -28.01 26.73
CA ASN D 368 14.35 -27.92 25.28
C ASN D 368 13.96 -29.27 24.68
N ASP D 369 12.87 -29.85 25.21
CA ASP D 369 12.41 -31.13 24.71
C ASP D 369 11.80 -31.00 23.31
N VAL D 370 11.02 -29.96 23.09
CA VAL D 370 10.45 -29.68 21.77
C VAL D 370 11.15 -28.46 21.20
N ASP D 371 11.28 -28.43 19.88
CA ASP D 371 12.06 -27.40 19.20
C ASP D 371 11.22 -26.30 18.58
N ALA D 372 10.06 -26.64 18.02
CA ALA D 372 9.18 -25.64 17.42
C ALA D 372 7.74 -26.11 17.53
N VAL D 373 6.83 -25.14 17.53
CA VAL D 373 5.40 -25.40 17.66
C VAL D 373 4.65 -24.64 16.58
N LEU D 374 3.44 -25.11 16.29
CA LEU D 374 2.58 -24.53 15.27
C LEU D 374 1.17 -24.36 15.83
N THR D 375 0.31 -23.73 15.03
CA THR D 375 -1.12 -23.68 15.28
C THR D 375 -1.84 -24.12 14.02
N THR D 376 -3.17 -24.24 14.12
CA THR D 376 -3.95 -24.80 13.02
C THR D 376 -3.90 -23.91 11.78
N ARG D 377 -3.89 -22.59 11.96
CA ARG D 377 -3.87 -21.68 10.81
C ARG D 377 -2.60 -21.82 10.00
N GLU D 378 -1.45 -21.95 10.67
CA GLU D 378 -0.20 -22.18 9.97
C GLU D 378 -0.18 -23.54 9.27
N LEU D 379 -0.78 -24.56 9.88
CA LEU D 379 -0.88 -25.86 9.23
C LEU D 379 -1.69 -25.77 7.95
N ALA D 380 -2.83 -25.05 8.00
CA ALA D 380 -3.63 -24.86 6.79
C ALA D 380 -2.88 -24.06 5.73
N ARG D 381 -2.13 -23.03 6.15
CA ARG D 381 -1.37 -22.25 5.18
C ARG D 381 -0.28 -23.10 4.53
N MET D 382 0.36 -23.98 5.30
CA MET D 382 1.34 -24.90 4.71
C MET D 382 0.68 -25.86 3.74
N ILE D 383 -0.49 -26.39 4.09
CA ILE D 383 -1.20 -27.33 3.23
C ILE D 383 -1.55 -26.66 1.90
N LYS D 384 -2.07 -25.43 1.95
CA LYS D 384 -2.37 -24.72 0.71
C LYS D 384 -1.10 -24.28 0.00
N GLU D 385 0.01 -24.12 0.73
CA GLU D 385 1.27 -23.75 0.10
C GLU D 385 1.81 -24.88 -0.76
N SER D 386 1.76 -26.12 -0.26
CA SER D 386 2.31 -27.23 -1.03
C SER D 386 1.39 -27.65 -2.17
N GLY D 387 0.15 -27.13 -2.20
CA GLY D 387 -0.76 -27.40 -3.29
C GLY D 387 -1.68 -28.58 -3.08
N ILE D 388 -1.70 -29.16 -1.88
CA ILE D 388 -2.49 -30.37 -1.64
C ILE D 388 -3.97 -30.01 -1.58
N ASP D 389 -4.78 -30.69 -2.40
CA ASP D 389 -6.22 -30.51 -2.38
C ASP D 389 -6.80 -31.34 -1.24
N PHE D 390 -7.41 -30.66 -0.27
CA PHE D 390 -7.86 -31.34 0.95
C PHE D 390 -9.11 -32.15 0.72
N ILE D 391 -9.92 -31.80 -0.28
CA ILE D 391 -11.22 -32.44 -0.46
C ILE D 391 -11.05 -33.88 -0.94
N LYS D 392 -10.12 -34.11 -1.86
CA LYS D 392 -10.03 -35.38 -2.58
C LYS D 392 -8.86 -36.25 -2.12
N LEU D 393 -8.49 -36.19 -0.85
CA LEU D 393 -7.43 -37.04 -0.32
C LEU D 393 -7.99 -38.39 0.08
N GLU D 394 -7.09 -39.30 0.47
CA GLU D 394 -7.45 -40.64 0.90
C GLU D 394 -7.09 -40.83 2.36
N GLU D 395 -7.98 -41.51 3.09
CA GLU D 395 -7.76 -41.74 4.51
C GLU D 395 -6.64 -42.75 4.72
N GLU D 396 -5.70 -42.42 5.61
CA GLU D 396 -4.67 -43.35 6.05
C GLU D 396 -4.40 -43.14 7.53
N ASN D 397 -3.85 -44.16 8.16
CA ASN D 397 -3.74 -44.23 9.62
C ASN D 397 -2.42 -43.64 10.11
N PHE D 398 -2.25 -43.68 11.42
CA PHE D 398 -1.03 -43.19 12.07
C PHE D 398 0.10 -44.19 11.94
N ASP D 399 1.27 -43.78 12.40
CA ASP D 399 2.47 -44.62 12.37
C ASP D 399 2.46 -45.56 13.58
N SER D 400 3.59 -46.22 13.80
CA SER D 400 3.78 -47.16 14.90
C SER D 400 5.09 -46.88 15.61
N PRO D 401 5.19 -47.20 16.91
CA PRO D 401 4.21 -47.80 17.81
C PRO D 401 3.54 -46.82 18.77
N LEU D 402 3.43 -45.55 18.37
CA LEU D 402 2.79 -44.54 19.20
C LEU D 402 1.63 -43.89 18.46
N GLY D 403 0.95 -44.64 17.59
CA GLY D 403 -0.10 -44.07 16.78
C GLY D 403 -1.51 -44.31 17.29
N GLU D 404 -1.82 -45.55 17.66
CA GLU D 404 -3.16 -45.87 18.12
C GLU D 404 -3.43 -45.26 19.48
N SER D 405 -4.71 -45.16 19.82
CA SER D 405 -5.13 -44.49 21.05
C SER D 405 -6.48 -45.04 21.49
N THR D 406 -7.04 -44.41 22.51
CA THR D 406 -8.31 -44.81 23.10
C THR D 406 -9.30 -43.65 23.04
N GLY D 407 -10.54 -43.94 23.47
CA GLY D 407 -11.57 -42.92 23.48
C GLY D 407 -11.49 -41.95 24.63
N ALA D 408 -10.73 -42.28 25.67
CA ALA D 408 -10.62 -41.39 26.83
C ALA D 408 -9.80 -40.15 26.53
N ALA D 409 -8.93 -40.18 25.52
CA ALA D 409 -8.04 -39.08 25.23
C ALA D 409 -8.51 -38.21 24.06
N ALA D 410 -9.73 -38.42 23.57
CA ALA D 410 -10.25 -37.68 22.44
C ALA D 410 -11.22 -36.57 22.84
N ILE D 411 -11.37 -36.31 24.14
CA ILE D 411 -12.34 -35.32 24.61
C ILE D 411 -11.65 -34.22 25.39
N PHE D 412 -10.37 -33.98 25.11
CA PHE D 412 -9.65 -32.91 25.78
C PHE D 412 -10.01 -31.52 25.27
N GLY D 413 -10.73 -31.43 24.15
CA GLY D 413 -11.08 -30.13 23.60
C GLY D 413 -12.43 -29.63 24.07
N VAL D 414 -12.88 -30.09 25.23
CA VAL D 414 -14.16 -29.71 25.81
C VAL D 414 -13.93 -29.37 27.28
N THR D 415 -14.61 -28.31 27.73
CA THR D 415 -14.63 -27.95 29.14
C THR D 415 -15.24 -29.11 29.92
N GLY D 416 -14.45 -29.70 30.81
CA GLY D 416 -14.86 -30.85 31.61
C GLY D 416 -14.22 -32.15 31.16
N GLY D 417 -13.85 -32.24 29.89
CA GLY D 417 -13.26 -33.47 29.41
C GLY D 417 -11.75 -33.51 29.61
N VAL D 418 -11.36 -34.12 30.72
CA VAL D 418 -10.02 -34.34 31.30
C VAL D 418 -10.33 -35.09 32.58
N MET D 419 -11.12 -34.45 33.44
CA MET D 419 -11.61 -35.11 34.64
C MET D 419 -12.63 -36.18 34.29
N GLU D 420 -13.45 -35.95 33.27
CA GLU D 420 -14.33 -37.00 32.78
C GLU D 420 -13.53 -38.18 32.22
N ALA D 421 -12.33 -37.91 31.73
CA ALA D 421 -11.40 -38.95 31.32
C ALA D 421 -10.66 -39.58 32.48
N ALA D 422 -10.68 -38.97 33.66
CA ALA D 422 -9.99 -39.49 34.82
C ALA D 422 -10.90 -40.21 35.80
N LEU D 423 -12.19 -39.89 35.81
CA LEU D 423 -13.13 -40.56 36.70
C LEU D 423 -13.32 -42.02 36.34
N ARG D 424 -13.35 -42.34 35.04
CA ARG D 424 -13.42 -43.73 34.62
C ARG D 424 -12.21 -44.53 35.11
N THR D 425 -11.02 -43.94 34.96
CA THR D 425 -9.81 -44.64 35.38
C THR D 425 -9.75 -44.77 36.90
N ALA D 426 -10.18 -43.74 37.62
CA ALA D 426 -10.22 -43.82 39.09
C ALA D 426 -11.21 -44.87 39.55
N TYR D 427 -12.38 -44.94 38.90
CA TYR D 427 -13.35 -45.98 39.18
C TYR D 427 -12.75 -47.36 38.97
N SER D 428 -12.05 -47.55 37.84
CA SER D 428 -11.45 -48.84 37.54
C SER D 428 -10.37 -49.20 38.54
N ILE D 429 -9.55 -48.23 38.96
CA ILE D 429 -8.39 -48.56 39.78
C ILE D 429 -8.79 -48.75 41.23
N MET D 430 -9.87 -48.10 41.69
CA MET D 430 -10.22 -48.23 43.10
C MET D 430 -11.26 -49.32 43.31
N THR D 431 -12.28 -49.39 42.44
CA THR D 431 -13.29 -50.43 42.58
C THR D 431 -12.80 -51.80 42.12
N GLY D 432 -11.97 -51.83 41.07
CA GLY D 432 -11.48 -53.07 40.50
C GLY D 432 -12.24 -53.54 39.28
N GLU D 433 -13.44 -53.02 39.04
CA GLU D 433 -14.23 -53.37 37.88
C GLU D 433 -14.23 -52.22 36.88
N GLU D 434 -14.80 -52.49 35.70
CA GLU D 434 -14.90 -51.51 34.63
C GLU D 434 -16.37 -51.16 34.40
N LEU D 435 -16.62 -49.90 34.08
CA LEU D 435 -17.98 -49.46 33.81
C LEU D 435 -18.49 -50.07 32.51
N GLU D 436 -19.79 -50.38 32.48
CA GLU D 436 -20.41 -50.96 31.31
C GLU D 436 -21.71 -50.21 31.00
N GLY D 437 -22.11 -50.25 29.74
CA GLY D 437 -23.32 -49.56 29.33
C GLY D 437 -23.12 -48.05 29.29
N ASP D 438 -24.17 -47.32 29.66
CA ASP D 438 -24.15 -45.87 29.64
C ASP D 438 -23.46 -45.26 30.86
N LYS D 439 -23.06 -46.08 31.83
CA LYS D 439 -22.40 -45.57 33.03
C LYS D 439 -21.00 -45.05 32.74
N ILE D 440 -20.45 -45.33 31.56
CA ILE D 440 -19.16 -44.76 31.18
C ILE D 440 -19.26 -43.25 31.08
N GLU D 441 -20.33 -42.76 30.45
CA GLU D 441 -20.53 -41.33 30.27
C GLU D 441 -21.08 -40.69 31.54
N PHE D 442 -20.48 -39.58 31.94
CA PHE D 442 -20.94 -38.78 33.07
C PHE D 442 -21.60 -37.52 32.54
N THR D 443 -22.92 -37.43 32.68
CA THR D 443 -23.68 -36.33 32.10
C THR D 443 -23.64 -35.05 32.94
N ALA D 444 -23.05 -35.10 34.14
CA ALA D 444 -23.02 -33.95 35.02
C ALA D 444 -21.85 -33.00 34.75
N VAL D 445 -20.97 -33.35 33.81
CA VAL D 445 -19.78 -32.55 33.56
C VAL D 445 -19.76 -32.07 32.11
N ARG D 446 -20.93 -32.02 31.49
CA ARG D 446 -21.05 -31.60 30.09
C ARG D 446 -21.97 -30.40 30.01
N GLY D 447 -21.60 -29.45 29.16
CA GLY D 447 -22.34 -28.21 29.00
C GLY D 447 -21.38 -27.05 28.78
N LEU D 448 -21.89 -25.84 29.05
CA LEU D 448 -21.07 -24.64 28.92
C LEU D 448 -21.26 -23.67 30.08
N GLU D 449 -21.61 -24.17 31.27
CA GLU D 449 -21.81 -23.28 32.40
C GLU D 449 -20.47 -22.75 32.92
N GLY D 450 -20.55 -21.60 33.60
CA GLY D 450 -19.34 -20.96 34.09
C GLY D 450 -18.62 -21.78 35.14
N ILE D 451 -19.36 -22.30 36.11
CA ILE D 451 -18.83 -23.15 37.16
C ILE D 451 -19.69 -24.40 37.23
N LYS D 452 -19.08 -25.57 37.03
CA LYS D 452 -19.78 -26.84 37.07
C LYS D 452 -19.37 -27.58 38.34
N GLU D 453 -20.34 -28.07 39.08
CA GLU D 453 -20.08 -28.77 40.32
C GLU D 453 -20.76 -30.13 40.30
N ALA D 454 -20.13 -31.12 40.93
CA ALA D 454 -20.72 -32.45 40.98
C ALA D 454 -20.27 -33.18 42.23
N GLU D 455 -21.14 -34.06 42.73
CA GLU D 455 -20.85 -34.93 43.84
C GLU D 455 -20.97 -36.37 43.34
N VAL D 456 -19.84 -37.02 43.12
CA VAL D 456 -19.80 -38.33 42.48
C VAL D 456 -19.67 -39.40 43.56
N ASP D 457 -20.58 -40.37 43.53
CA ASP D 457 -20.58 -41.49 44.47
C ASP D 457 -19.98 -42.71 43.79
N ILE D 458 -18.91 -43.24 44.36
CA ILE D 458 -18.22 -44.41 43.83
C ILE D 458 -18.10 -45.40 44.99
N LYS D 459 -18.83 -46.52 44.88
CA LYS D 459 -18.82 -47.58 45.89
C LYS D 459 -19.14 -47.05 47.29
N GLY D 460 -20.08 -46.11 47.36
CA GLY D 460 -20.46 -45.52 48.62
C GLY D 460 -19.58 -44.41 49.12
N LYS D 461 -18.51 -44.07 48.39
CA LYS D 461 -17.60 -42.99 48.77
C LYS D 461 -17.87 -41.79 47.88
N LYS D 462 -18.15 -40.64 48.48
CA LYS D 462 -18.52 -39.45 47.74
C LYS D 462 -17.32 -38.52 47.60
N VAL D 463 -17.11 -38.02 46.38
CA VAL D 463 -16.06 -37.05 46.09
C VAL D 463 -16.70 -35.82 45.46
N ARG D 464 -16.19 -34.64 45.82
CA ARG D 464 -16.69 -33.37 45.31
C ARG D 464 -15.75 -32.87 44.24
N ILE D 465 -16.28 -32.59 43.05
CA ILE D 465 -15.49 -32.21 41.90
C ILE D 465 -16.04 -30.93 41.30
N ALA D 466 -15.15 -30.14 40.71
CA ALA D 466 -15.52 -28.82 40.19
C ALA D 466 -14.74 -28.54 38.92
N ILE D 467 -15.40 -27.80 38.01
CA ILE D 467 -14.83 -27.38 36.74
C ILE D 467 -15.04 -25.88 36.62
N ALA D 468 -13.99 -25.17 36.24
CA ALA D 468 -14.07 -23.73 35.99
C ALA D 468 -13.43 -23.44 34.64
N ASN D 469 -14.24 -22.96 33.69
CA ASN D 469 -13.74 -22.50 32.41
C ASN D 469 -13.76 -20.98 32.38
N GLY D 470 -12.69 -20.40 31.85
CA GLY D 470 -12.52 -18.95 31.92
C GLY D 470 -11.82 -18.56 33.20
N ILE D 471 -10.90 -17.60 33.10
CA ILE D 471 -10.12 -17.22 34.28
C ILE D 471 -10.98 -16.44 35.26
N GLY D 472 -12.02 -15.76 34.76
CA GLY D 472 -12.93 -15.08 35.67
C GLY D 472 -13.66 -16.03 36.59
N ASN D 473 -14.22 -17.10 36.02
CA ASN D 473 -14.85 -18.13 36.85
C ASN D 473 -13.84 -18.83 37.74
N ALA D 474 -12.60 -18.97 37.28
CA ALA D 474 -11.56 -19.54 38.12
C ALA D 474 -11.27 -18.66 39.32
N LYS D 475 -11.22 -17.34 39.13
CA LYS D 475 -11.03 -16.42 40.25
C LYS D 475 -12.21 -16.48 41.21
N LYS D 476 -13.43 -16.57 40.67
CA LYS D 476 -14.60 -16.70 41.53
C LYS D 476 -14.53 -17.97 42.37
N LEU D 477 -14.12 -19.09 41.76
CA LEU D 477 -14.08 -20.35 42.49
C LEU D 477 -12.90 -20.38 43.48
N ILE D 478 -11.80 -19.70 43.16
CA ILE D 478 -10.70 -19.57 44.11
C ILE D 478 -11.14 -18.73 45.31
N GLU D 479 -11.91 -17.67 45.07
CA GLU D 479 -12.48 -16.90 46.17
C GLU D 479 -13.40 -17.76 47.02
N LYS D 480 -14.21 -18.60 46.39
CA LYS D 480 -15.09 -19.49 47.14
C LYS D 480 -14.29 -20.49 47.97
N ILE D 481 -13.21 -21.03 47.42
CA ILE D 481 -12.37 -21.97 48.17
C ILE D 481 -11.71 -21.28 49.36
N LYS D 482 -11.14 -20.09 49.14
CA LYS D 482 -10.51 -19.35 50.23
C LYS D 482 -11.51 -18.88 51.26
N SER D 483 -12.79 -18.77 50.89
CA SER D 483 -13.83 -18.50 51.87
C SER D 483 -14.09 -19.69 52.78
N GLY D 484 -13.73 -20.90 52.35
CA GLY D 484 -13.92 -22.09 53.16
C GLY D 484 -15.35 -22.55 53.29
N GLU D 485 -16.21 -22.23 52.33
CA GLU D 485 -17.60 -22.66 52.40
C GLU D 485 -17.72 -24.17 52.24
N THR D 486 -17.07 -24.74 51.22
CA THR D 486 -17.09 -26.17 50.98
C THR D 486 -15.70 -26.63 50.54
N LYS D 487 -15.43 -27.91 50.73
CA LYS D 487 -14.14 -28.51 50.42
C LYS D 487 -14.24 -29.36 49.17
N TYR D 488 -13.23 -29.25 48.31
CA TYR D 488 -13.17 -29.99 47.06
C TYR D 488 -12.05 -31.02 47.12
N ASP D 489 -11.93 -31.80 46.03
CA ASP D 489 -10.92 -32.85 45.97
C ASP D 489 -10.06 -32.73 44.73
N PHE D 490 -10.65 -32.35 43.60
CA PHE D 490 -9.94 -32.35 42.33
C PHE D 490 -10.56 -31.27 41.45
N VAL D 491 -9.77 -30.26 41.09
CA VAL D 491 -10.29 -29.08 40.41
C VAL D 491 -9.56 -28.92 39.07
N GLU D 492 -10.34 -28.78 38.00
CA GLU D 492 -9.83 -28.49 36.68
C GLU D 492 -10.06 -27.02 36.32
N VAL D 493 -9.08 -26.41 35.68
CA VAL D 493 -9.18 -25.04 35.20
C VAL D 493 -8.65 -25.00 33.77
N MET D 494 -9.44 -24.43 32.86
CA MET D 494 -9.00 -24.09 31.52
C MET D 494 -9.17 -22.60 31.29
N ALA D 495 -8.13 -21.94 30.80
CA ALA D 495 -8.14 -20.49 30.71
C ALA D 495 -9.10 -19.97 29.66
N CYS D 496 -9.13 -20.58 28.49
CA CYS D 496 -10.03 -20.10 27.45
C CYS D 496 -11.48 -20.45 27.79
N PRO D 497 -12.43 -19.58 27.49
CA PRO D 497 -13.84 -19.88 27.75
C PRO D 497 -14.36 -20.92 26.77
N GLY D 498 -14.78 -22.07 27.29
CA GLY D 498 -15.30 -23.14 26.47
C GLY D 498 -14.34 -24.27 26.21
N GLY D 499 -13.15 -24.25 26.80
CA GLY D 499 -12.19 -25.31 26.57
C GLY D 499 -11.24 -25.01 25.43
N CYS D 500 -10.41 -26.01 25.12
CA CYS D 500 -9.37 -25.83 24.12
C CYS D 500 -9.92 -25.67 22.71
N MET D 501 -11.21 -25.95 22.48
CA MET D 501 -11.78 -25.75 21.16
C MET D 501 -11.92 -24.27 20.81
N SER D 502 -11.81 -23.38 21.79
CA SER D 502 -11.87 -21.95 21.58
C SER D 502 -10.54 -21.27 21.83
N GLY D 503 -9.44 -21.93 21.47
CA GLY D 503 -8.13 -21.35 21.65
C GLY D 503 -7.82 -20.29 20.63
N GLY D 504 -6.65 -19.67 20.80
CA GLY D 504 -6.26 -18.58 19.92
C GLY D 504 -5.75 -19.02 18.57
N GLY D 505 -5.35 -20.29 18.44
CA GLY D 505 -4.85 -20.80 17.18
C GLY D 505 -5.90 -21.35 16.24
N GLN D 506 -7.16 -21.43 16.68
CA GLN D 506 -8.21 -21.98 15.84
C GLN D 506 -8.61 -20.99 14.75
N PRO D 507 -9.12 -21.49 13.62
CA PRO D 507 -9.45 -20.59 12.51
C PRO D 507 -10.58 -19.63 12.85
N TYR D 508 -10.60 -18.50 12.14
CA TYR D 508 -11.60 -17.47 12.39
C TYR D 508 -12.95 -17.88 11.82
N THR D 509 -13.99 -17.71 12.62
CA THR D 509 -15.36 -18.02 12.20
C THR D 509 -16.28 -16.85 12.55
N ASP D 510 -17.35 -16.72 11.78
CA ASP D 510 -18.35 -15.69 12.02
C ASP D 510 -19.66 -16.22 12.58
N ASP D 511 -19.88 -17.53 12.55
CA ASP D 511 -21.12 -18.10 13.07
C ASP D 511 -21.18 -17.92 14.59
N PRO D 512 -22.32 -17.45 15.12
CA PRO D 512 -22.40 -17.21 16.57
C PRO D 512 -22.50 -18.48 17.41
N GLU D 513 -22.77 -19.63 16.81
CA GLU D 513 -22.99 -20.87 17.55
C GLU D 513 -21.97 -21.93 17.16
N PHE D 514 -20.69 -21.55 17.08
CA PHE D 514 -19.67 -22.51 16.70
C PHE D 514 -19.36 -23.48 17.82
N ARG D 515 -19.53 -23.07 19.07
CA ARG D 515 -19.15 -23.91 20.21
C ARG D 515 -19.99 -25.18 20.26
N LYS D 516 -21.29 -25.06 20.01
CA LYS D 516 -22.17 -26.23 19.99
C LYS D 516 -21.76 -27.21 18.91
N LYS D 517 -21.44 -26.71 17.71
CA LYS D 517 -21.05 -27.58 16.61
C LYS D 517 -19.72 -28.28 16.92
N ARG D 518 -18.77 -27.55 17.50
CA ARG D 518 -17.49 -28.17 17.84
C ARG D 518 -17.64 -29.22 18.94
N MET D 519 -18.49 -28.95 19.93
CA MET D 519 -18.75 -29.97 20.96
C MET D 519 -19.41 -31.21 20.36
N GLU D 520 -20.37 -31.00 19.46
CA GLU D 520 -21.03 -32.13 18.82
C GLU D 520 -20.04 -32.94 17.99
N GLY D 521 -19.13 -32.25 17.29
CA GLY D 521 -18.11 -32.96 16.54
C GLY D 521 -17.18 -33.77 17.43
N ILE D 522 -16.78 -33.19 18.56
CA ILE D 522 -15.90 -33.90 19.49
C ILE D 522 -16.61 -35.12 20.07
N TYR D 523 -17.86 -34.97 20.46
CA TYR D 523 -18.59 -36.10 21.04
C TYR D 523 -18.85 -37.18 20.00
N LYS D 524 -19.15 -36.80 18.75
CA LYS D 524 -19.32 -37.79 17.70
C LYS D 524 -18.02 -38.52 17.41
N ASN D 525 -16.89 -37.80 17.46
CA ASN D 525 -15.59 -38.44 17.30
C ASN D 525 -15.31 -39.42 18.43
N ASP D 526 -15.69 -39.06 19.65
CA ASP D 526 -15.46 -39.95 20.79
C ASP D 526 -16.34 -41.19 20.70
N ARG D 527 -17.59 -41.03 20.28
CA ARG D 527 -18.51 -42.15 20.23
C ARG D 527 -18.29 -43.07 19.03
N ASN D 528 -17.41 -42.69 18.11
CA ASN D 528 -17.12 -43.48 16.91
C ASN D 528 -15.82 -44.27 17.05
N LEU D 529 -15.52 -44.77 18.24
CA LEU D 529 -14.29 -45.48 18.50
C LEU D 529 -14.57 -46.76 19.25
N PRO D 530 -13.82 -47.83 18.99
CA PRO D 530 -14.09 -49.10 19.69
C PRO D 530 -13.68 -49.09 21.15
N LYS D 531 -12.52 -48.52 21.48
CA LYS D 531 -12.03 -48.48 22.84
C LYS D 531 -12.31 -47.11 23.45
N ARG D 532 -12.86 -47.10 24.66
CA ARG D 532 -13.25 -45.87 25.34
C ARG D 532 -12.56 -45.68 26.69
N LYS D 533 -11.52 -46.44 26.98
CA LYS D 533 -10.90 -46.42 28.30
C LYS D 533 -9.39 -46.30 28.18
N SER D 534 -8.81 -45.40 28.98
CA SER D 534 -7.38 -45.13 28.90
C SER D 534 -6.55 -46.31 29.40
N HIS D 535 -7.05 -47.03 30.41
CA HIS D 535 -6.31 -48.15 30.97
C HIS D 535 -6.15 -49.31 29.99
N GLU D 536 -7.07 -49.47 29.04
CA GLU D 536 -7.07 -50.61 28.14
C GLU D 536 -6.12 -50.45 26.96
N ASN D 537 -5.42 -49.32 26.87
CA ASN D 537 -4.41 -49.15 25.82
C ASN D 537 -3.26 -50.12 26.04
N GLU D 538 -2.69 -50.63 24.95
CA GLU D 538 -1.64 -51.63 25.05
C GLU D 538 -0.25 -51.02 25.15
N GLU D 539 0.10 -50.12 24.24
CA GLU D 539 1.48 -49.63 24.16
C GLU D 539 1.87 -48.81 25.38
N VAL D 540 0.90 -48.23 26.10
CA VAL D 540 1.20 -47.58 27.37
C VAL D 540 1.75 -48.61 28.36
N LYS D 541 1.07 -49.75 28.47
CA LYS D 541 1.54 -50.82 29.34
C LYS D 541 2.88 -51.36 28.86
N LYS D 542 3.06 -51.49 27.55
CA LYS D 542 4.34 -51.95 27.03
C LYS D 542 5.47 -51.00 27.41
N VAL D 543 5.23 -49.69 27.30
CA VAL D 543 6.25 -48.70 27.62
C VAL D 543 6.61 -48.76 29.11
N TYR D 544 5.61 -48.87 29.98
CA TYR D 544 5.93 -49.03 31.41
C TYR D 544 6.73 -50.31 31.66
N GLU D 545 6.27 -51.45 31.13
CA GLU D 545 6.96 -52.69 31.43
C GLU D 545 8.33 -52.81 30.77
N GLU D 546 8.65 -51.97 29.78
CA GLU D 546 9.98 -52.03 29.21
C GLU D 546 10.93 -50.97 29.77
N TYR D 547 10.41 -49.84 30.24
CA TYR D 547 11.30 -48.73 30.61
C TYR D 547 11.10 -48.18 32.01
N TYR D 548 9.94 -48.32 32.63
CA TYR D 548 9.67 -47.74 33.94
C TYR D 548 9.24 -48.74 34.98
N GLU D 549 8.50 -49.78 34.60
CA GLU D 549 8.09 -50.91 35.43
C GLU D 549 7.08 -50.53 36.51
N LYS D 550 6.78 -49.23 36.65
CA LYS D 550 5.83 -48.73 37.63
C LYS D 550 5.51 -47.27 37.38
N PRO D 551 4.24 -46.87 37.42
CA PRO D 551 3.93 -45.44 37.41
C PRO D 551 4.39 -44.77 38.70
N CYS D 552 4.68 -43.47 38.60
CA CYS D 552 5.19 -42.66 39.71
C CYS D 552 6.49 -43.24 40.27
N GLY D 553 7.34 -43.75 39.38
CA GLY D 553 8.63 -44.27 39.78
C GLY D 553 9.70 -43.20 39.78
N PRO D 554 10.88 -43.58 40.28
CA PRO D 554 12.01 -42.63 40.28
C PRO D 554 12.39 -42.13 38.89
N LYS D 555 12.35 -43.01 37.89
CA LYS D 555 12.59 -42.58 36.52
C LYS D 555 11.48 -41.67 36.03
N ALA D 556 10.23 -42.00 36.34
CA ALA D 556 9.11 -41.14 35.98
C ALA D 556 9.18 -39.81 36.73
N HIS D 557 9.58 -39.85 38.01
CA HIS D 557 9.76 -38.60 38.75
C HIS D 557 10.89 -37.77 38.16
N GLU D 558 11.89 -38.42 37.57
CA GLU D 558 12.98 -37.67 36.94
C GLU D 558 12.56 -37.05 35.62
N GLU D 559 11.79 -37.79 34.81
CA GLU D 559 11.50 -37.35 33.46
C GLU D 559 10.10 -36.80 33.26
N LEU D 560 9.11 -37.25 34.03
CA LEU D 560 7.72 -36.85 33.83
C LEU D 560 7.24 -35.92 34.93
N HIS D 561 8.15 -35.16 35.54
CA HIS D 561 7.80 -34.25 36.62
C HIS D 561 8.59 -32.97 36.49
N THR D 562 8.02 -31.89 37.03
CA THR D 562 8.67 -30.58 37.03
C THR D 562 8.24 -29.84 38.29
N HIS D 563 8.94 -28.76 38.60
CA HIS D 563 8.64 -27.93 39.76
C HIS D 563 8.38 -26.50 39.30
N TYR D 564 7.56 -25.80 40.08
CA TYR D 564 7.15 -24.45 39.77
C TYR D 564 7.72 -23.47 40.78
N HIS D 565 8.14 -22.31 40.30
CA HIS D 565 8.71 -21.27 41.14
C HIS D 565 7.90 -19.99 40.96
N SER D 566 7.74 -19.26 42.07
CA SER D 566 6.92 -18.06 42.08
C SER D 566 7.51 -16.97 41.20
N ARG D 567 6.64 -16.21 40.54
CA ARG D 567 7.05 -15.12 39.67
C ARG D 567 6.59 -13.76 40.17
N LYS D 568 5.90 -13.71 41.31
CA LYS D 568 5.41 -12.45 41.84
C LYS D 568 6.55 -11.62 42.42
N LYS D 569 7.04 -10.66 41.63
CA LYS D 569 8.17 -9.83 42.04
C LYS D 569 7.70 -8.79 43.05
N GLU D 570 8.39 -8.70 44.18
CA GLU D 570 8.02 -7.75 45.22
C GLU D 570 8.30 -6.33 44.76
N TYR D 571 7.37 -5.43 45.06
CA TYR D 571 7.48 -4.03 44.64
C TYR D 571 7.76 -3.12 45.83
N MET E 1 -16.99 27.04 66.96
CA MET E 1 -18.12 27.96 66.90
C MET E 1 -19.40 27.29 67.40
N VAL E 2 -20.40 28.11 67.72
CA VAL E 2 -21.66 27.58 68.24
C VAL E 2 -22.44 26.90 67.11
N LYS E 3 -23.20 25.88 67.46
CA LYS E 3 -24.01 25.15 66.50
C LYS E 3 -25.36 25.84 66.33
N LEU E 4 -25.88 25.81 65.10
CA LEU E 4 -27.15 26.44 64.80
C LEU E 4 -28.33 25.54 65.15
N LYS E 5 -29.26 26.08 65.95
CA LYS E 5 -30.50 25.41 66.29
C LYS E 5 -31.55 25.73 65.22
N SER E 6 -32.83 25.51 65.56
CA SER E 6 -33.93 25.64 64.61
C SER E 6 -34.13 27.06 64.11
N ILE E 7 -35.17 27.24 63.27
CA ILE E 7 -35.32 28.44 62.44
C ILE E 7 -35.34 29.73 63.26
N GLN E 8 -35.99 29.71 64.43
CA GLN E 8 -36.07 30.92 65.24
C GLN E 8 -34.69 31.33 65.75
N GLU E 9 -33.85 30.35 66.08
CA GLU E 9 -32.48 30.66 66.47
C GLU E 9 -31.67 31.21 65.29
N LEU E 10 -31.95 30.71 64.08
CA LEU E 10 -31.31 31.25 62.88
C LEU E 10 -31.69 32.71 62.68
N GLU E 11 -32.96 33.04 62.88
CA GLU E 11 -33.39 34.44 62.77
C GLU E 11 -32.81 35.30 63.88
N ASN E 12 -32.66 34.74 65.09
CA ASN E 12 -32.04 35.49 66.18
C ASN E 12 -30.59 35.83 65.84
N LEU E 13 -29.83 34.86 65.32
CA LEU E 13 -28.44 35.13 64.96
C LEU E 13 -28.39 36.06 63.75
N ARG E 14 -29.37 35.95 62.85
CA ARG E 14 -29.53 36.89 61.73
C ARG E 14 -29.59 38.31 62.24
N GLU E 15 -30.47 38.57 63.22
CA GLU E 15 -30.58 39.91 63.80
C GLU E 15 -29.29 40.30 64.51
N LYS E 16 -28.69 39.36 65.24
CA LYS E 16 -27.48 39.66 66.02
C LYS E 16 -26.33 40.11 65.15
N ILE E 17 -26.15 39.49 63.97
CA ILE E 17 -25.08 39.92 63.07
C ILE E 17 -25.53 40.97 62.07
N LYS E 18 -26.84 41.20 61.92
CA LYS E 18 -27.29 42.41 61.24
C LYS E 18 -26.93 43.64 62.06
N GLU E 19 -26.93 43.50 63.39
CA GLU E 19 -26.40 44.58 64.24
C GLU E 19 -24.94 44.88 63.94
N ALA E 20 -24.16 43.85 63.59
CA ALA E 20 -22.72 44.01 63.41
C ALA E 20 -22.40 44.97 62.27
N LYS E 21 -23.13 44.87 61.16
CA LYS E 21 -22.87 45.75 60.03
C LYS E 21 -23.30 47.19 60.29
N LYS E 22 -24.39 47.40 61.03
CA LYS E 22 -24.82 48.75 61.36
C LYS E 22 -24.16 49.28 62.61
N LYS E 23 -23.23 48.54 63.21
CA LYS E 23 -22.30 49.08 64.20
C LYS E 23 -20.98 49.53 63.58
N GLU E 24 -21.02 49.98 62.33
CA GLU E 24 -19.83 50.44 61.63
C GLU E 24 -20.19 51.69 60.83
N LYS E 25 -19.16 52.49 60.51
CA LYS E 25 -19.36 53.77 59.84
C LYS E 25 -18.66 53.85 58.48
N ILE E 26 -17.40 53.44 58.39
CA ILE E 26 -16.62 53.57 57.16
C ILE E 26 -16.11 52.19 56.77
N VAL E 27 -16.21 51.87 55.48
CA VAL E 27 -15.72 50.59 54.96
C VAL E 27 -14.96 50.83 53.66
N ILE E 28 -13.90 50.04 53.46
CA ILE E 28 -13.10 50.06 52.24
C ILE E 28 -13.00 48.64 51.71
N ARG E 29 -13.09 48.48 50.40
CA ARG E 29 -13.04 47.15 49.80
C ARG E 29 -12.32 47.16 48.46
N ILE E 30 -11.68 46.02 48.20
CA ILE E 30 -10.78 45.79 47.09
C ILE E 30 -11.30 44.60 46.30
N CYS E 31 -11.20 44.68 44.97
CA CYS E 31 -11.56 43.56 44.13
C CYS E 31 -10.58 42.42 44.37
N GLY E 32 -11.06 41.34 44.98
CA GLY E 32 -10.25 40.19 45.26
C GLY E 32 -10.26 39.11 44.21
N GLY E 33 -10.87 39.37 43.05
CA GLY E 33 -10.92 38.38 42.00
C GLY E 33 -9.58 38.20 41.31
N THR E 34 -9.54 37.23 40.40
CA THR E 34 -8.32 36.93 39.68
C THR E 34 -7.90 38.04 38.72
N GLY E 35 -8.82 38.92 38.34
CA GLY E 35 -8.45 40.03 37.47
C GLY E 35 -7.53 41.02 38.15
N CYS E 36 -7.83 41.38 39.41
CA CYS E 36 -6.97 42.30 40.13
C CYS E 36 -5.70 41.62 40.61
N ARG E 37 -5.79 40.34 41.00
CA ARG E 37 -4.62 39.64 41.51
C ARG E 37 -3.78 39.11 40.36
N ALA E 38 -3.47 39.97 39.40
CA ALA E 38 -2.48 39.70 38.36
C ALA E 38 -1.57 40.88 38.06
N SER E 39 -2.01 42.11 38.33
CA SER E 39 -1.19 43.30 38.19
C SER E 39 -0.94 43.96 39.54
N GLY E 40 -1.21 43.25 40.63
CA GLY E 40 -1.03 43.78 41.97
C GLY E 40 -2.34 44.14 42.64
N SER E 41 -2.83 43.24 43.49
CA SER E 41 -4.02 43.48 44.29
C SER E 41 -3.72 43.44 45.78
N LEU E 42 -3.02 42.40 46.25
CA LEU E 42 -2.58 42.38 47.64
C LEU E 42 -1.48 43.41 47.88
N ALA E 43 -0.74 43.77 46.83
CA ALA E 43 0.27 44.83 46.95
C ALA E 43 -0.38 46.16 47.30
N VAL E 44 -1.50 46.48 46.64
CA VAL E 44 -2.25 47.68 47.00
C VAL E 44 -2.80 47.55 48.41
N ARG E 45 -3.18 46.33 48.82
CA ARG E 45 -3.71 46.12 50.16
C ARG E 45 -2.65 46.41 51.22
N ASP E 46 -1.42 45.93 51.02
CA ASP E 46 -0.39 46.19 52.01
C ASP E 46 0.18 47.61 51.90
N GLU E 47 0.03 48.25 50.74
CA GLU E 47 0.44 49.64 50.61
C GLU E 47 -0.48 50.57 51.40
N LEU E 48 -1.66 50.09 51.79
CA LEU E 48 -2.65 50.91 52.48
C LEU E 48 -2.92 50.46 53.91
N VAL E 49 -2.82 49.16 54.21
CA VAL E 49 -3.12 48.70 55.56
C VAL E 49 -2.05 49.13 56.56
N LYS E 50 -0.79 49.24 56.14
CA LYS E 50 0.23 49.72 57.06
C LYS E 50 0.08 51.22 57.32
N VAL E 51 -0.53 51.95 56.38
CA VAL E 51 -0.87 53.35 56.63
C VAL E 51 -1.91 53.45 57.73
N LEU E 52 -2.91 52.57 57.70
CA LEU E 52 -3.92 52.54 58.75
C LEU E 52 -3.36 52.13 60.10
N LYS E 53 -2.22 51.44 60.14
CA LYS E 53 -1.58 51.05 61.38
C LYS E 53 -0.56 52.07 61.86
N ARG E 54 -0.37 53.17 61.13
CA ARG E 54 0.52 54.25 61.57
C ARG E 54 -0.16 55.61 61.48
N GLU E 55 -1.49 55.66 61.39
CA GLU E 55 -2.23 56.92 61.37
C GLU E 55 -3.16 57.06 62.57
N GLY E 56 -2.84 56.39 63.67
CA GLY E 56 -3.67 56.45 64.86
C GLY E 56 -5.03 55.80 64.73
N PHE E 57 -5.11 54.67 64.04
CA PHE E 57 -6.35 53.92 63.90
C PHE E 57 -6.22 52.61 64.66
N ALA E 58 -7.14 52.36 65.57
CA ALA E 58 -7.09 51.17 66.43
C ALA E 58 -7.91 50.03 65.86
N ASN E 59 -9.16 50.30 65.50
CA ASN E 59 -10.07 49.28 64.98
C ASN E 59 -9.73 49.04 63.52
N VAL E 60 -8.82 48.10 63.29
CA VAL E 60 -8.30 47.82 61.95
C VAL E 60 -8.68 46.42 61.46
N ASP E 61 -9.17 45.55 62.36
CA ASP E 61 -9.38 44.13 62.09
C ASP E 61 -10.21 43.88 60.83
N VAL E 62 -9.71 42.96 60.00
CA VAL E 62 -10.29 42.69 58.69
C VAL E 62 -11.30 41.56 58.78
N ASN E 63 -10.86 40.39 59.24
CA ASN E 63 -11.71 39.20 59.29
C ASN E 63 -12.62 39.29 60.51
N LEU E 64 -13.90 39.51 60.28
CA LEU E 64 -14.88 39.56 61.35
C LEU E 64 -15.22 38.13 61.80
N SER E 65 -15.27 37.92 63.11
CA SER E 65 -15.54 36.60 63.66
C SER E 65 -16.30 36.76 64.97
N SER E 66 -16.51 35.65 65.66
CA SER E 66 -17.29 35.66 66.90
C SER E 66 -16.54 36.38 68.03
N ASP E 67 -15.22 36.27 68.05
CA ASP E 67 -14.44 36.94 69.09
C ASP E 67 -14.51 38.46 68.93
N CYS E 68 -14.54 38.95 67.69
CA CYS E 68 -14.62 40.37 67.40
C CYS E 68 -16.03 40.78 66.97
N LEU E 69 -17.05 40.08 67.46
CA LEU E 69 -18.41 40.35 67.01
C LEU E 69 -18.95 41.66 67.57
N GLU E 70 -18.46 42.10 68.72
CA GLU E 70 -18.96 43.29 69.40
C GLU E 70 -17.96 44.44 69.37
N ASN E 71 -17.25 44.60 68.25
CA ASN E 71 -16.27 45.67 68.09
C ASN E 71 -16.81 46.70 67.11
N THR E 72 -17.15 47.88 67.63
CA THR E 72 -17.54 49.01 66.79
C THR E 72 -16.30 49.56 66.10
N SER E 73 -16.20 49.33 64.79
CA SER E 73 -15.00 49.68 64.03
C SER E 73 -15.23 50.98 63.28
N GLU E 74 -14.34 51.95 63.48
CA GLU E 74 -14.41 53.20 62.73
C GLU E 74 -14.00 53.01 61.28
N VAL E 75 -13.11 52.06 61.01
CA VAL E 75 -12.70 51.72 59.65
C VAL E 75 -12.65 50.20 59.53
N HIS E 76 -13.08 49.68 58.39
CA HIS E 76 -13.16 48.25 58.16
C HIS E 76 -12.69 47.95 56.74
N VAL E 77 -11.69 47.08 56.64
CA VAL E 77 -11.13 46.66 55.36
C VAL E 77 -11.88 45.41 54.94
N LYS E 78 -12.40 45.40 53.71
CA LYS E 78 -13.18 44.28 53.20
C LYS E 78 -12.45 43.64 52.02
N MET E 79 -12.76 42.36 51.81
CA MET E 79 -12.18 41.59 50.71
C MET E 79 -13.31 40.96 49.92
N THR E 80 -13.63 41.54 48.77
CA THR E 80 -14.76 41.10 47.97
C THR E 80 -14.28 40.62 46.60
N GLY E 81 -15.10 39.77 45.98
CA GLY E 81 -14.74 39.15 44.73
C GLY E 81 -14.89 40.02 43.50
N CYS E 82 -15.39 39.43 42.41
CA CYS E 82 -15.49 40.11 41.13
C CYS E 82 -16.64 41.10 41.17
N GLN E 83 -16.32 42.35 41.53
CA GLN E 83 -17.33 43.39 41.53
C GLN E 83 -17.77 43.73 40.11
N GLY E 84 -16.85 43.67 39.15
CA GLY E 84 -17.14 43.94 37.76
C GLY E 84 -16.18 44.94 37.17
N PHE E 85 -16.35 45.17 35.87
CA PHE E 85 -15.53 46.13 35.10
C PHE E 85 -14.04 45.80 35.22
N CYS E 86 -13.71 44.53 35.01
CA CYS E 86 -12.34 44.07 35.16
C CYS E 86 -11.42 44.50 34.02
N ALA E 87 -11.92 45.26 33.04
CA ALA E 87 -11.06 45.77 31.99
C ALA E 87 -10.03 46.76 32.54
N GLN E 88 -10.49 47.70 33.37
CA GLN E 88 -9.61 48.68 34.00
C GLN E 88 -9.57 48.39 35.49
N GLY E 89 -8.37 48.10 35.99
CA GLY E 89 -8.21 47.70 37.38
C GLY E 89 -6.87 48.12 37.95
N PRO E 90 -6.64 47.83 39.25
CA PRO E 90 -7.54 47.19 40.21
C PRO E 90 -8.67 48.11 40.67
N LEU E 91 -9.77 47.51 41.10
CA LEU E 91 -10.97 48.25 41.47
C LEU E 91 -11.00 48.52 42.97
N MET E 92 -11.31 49.77 43.32
CA MET E 92 -11.32 50.22 44.71
C MET E 92 -12.70 50.82 44.96
N THR E 93 -13.30 50.54 46.11
CA THR E 93 -14.49 51.30 46.47
C THR E 93 -14.62 51.43 47.98
N ILE E 94 -15.04 52.62 48.41
CA ILE E 94 -15.22 52.94 49.81
C ILE E 94 -16.65 53.41 50.03
N GLU E 95 -17.17 53.18 51.23
CA GLU E 95 -18.51 53.59 51.60
C GLU E 95 -18.48 54.21 52.99
N PRO E 96 -19.38 55.17 53.27
CA PRO E 96 -20.44 55.70 52.40
C PRO E 96 -20.05 56.95 51.62
N LEU E 97 -18.80 57.03 51.16
CA LEU E 97 -18.39 58.18 50.36
C LEU E 97 -18.99 58.13 48.97
N GLY E 98 -18.92 56.97 48.32
CA GLY E 98 -19.57 56.79 47.03
C GLY E 98 -18.69 57.14 45.83
N VAL E 99 -17.51 56.54 45.74
CA VAL E 99 -16.57 56.80 44.66
C VAL E 99 -16.30 55.50 43.92
N PHE E 100 -15.79 55.65 42.69
CA PHE E 100 -15.45 54.51 41.82
C PHE E 100 -14.07 54.79 41.23
N TYR E 101 -13.04 54.22 41.84
CA TYR E 101 -11.65 54.56 41.52
C TYR E 101 -11.00 53.44 40.72
N VAL E 102 -10.40 53.81 39.58
CA VAL E 102 -9.73 52.87 38.70
C VAL E 102 -8.31 53.35 38.45
N GLY E 103 -7.42 52.41 38.14
CA GLY E 103 -6.02 52.75 37.91
C GLY E 103 -5.34 53.18 39.19
N VAL E 104 -5.26 52.27 40.16
CA VAL E 104 -4.84 52.59 41.53
C VAL E 104 -3.46 51.94 41.72
N LYS E 105 -2.67 51.95 40.66
CA LYS E 105 -1.27 51.54 40.75
C LYS E 105 -0.59 52.30 41.89
N PRO E 106 0.19 51.60 42.75
CA PRO E 106 0.67 52.24 43.98
C PRO E 106 1.69 53.34 43.75
N GLU E 107 1.19 54.52 43.35
CA GLU E 107 2.01 55.70 43.18
C GLU E 107 1.50 56.83 44.07
N ASP E 108 0.20 56.79 44.38
CA ASP E 108 -0.43 57.80 45.24
C ASP E 108 -1.37 57.13 46.24
N VAL E 109 -0.90 56.05 46.85
CA VAL E 109 -1.70 55.32 47.84
C VAL E 109 -1.89 56.11 49.12
N GLU E 110 -1.03 57.09 49.39
CA GLU E 110 -1.15 57.90 50.61
C GLU E 110 -2.20 58.99 50.48
N GLU E 111 -2.51 59.42 49.25
CA GLU E 111 -3.46 60.51 49.07
C GLU E 111 -4.90 60.08 49.37
N ILE E 112 -5.24 58.83 49.08
CA ILE E 112 -6.62 58.38 49.25
C ILE E 112 -7.02 58.36 50.72
N VAL E 113 -6.08 58.02 51.60
CA VAL E 113 -6.41 57.93 53.02
C VAL E 113 -6.40 59.32 53.66
N GLU E 114 -5.55 60.22 53.15
CA GLU E 114 -5.49 61.57 53.71
C GLU E 114 -6.67 62.42 53.24
N LYS E 115 -7.14 62.20 52.01
CA LYS E 115 -8.16 63.07 51.44
C LYS E 115 -9.57 62.52 51.66
N SER E 116 -9.84 61.30 51.17
CA SER E 116 -11.20 60.78 51.20
C SER E 116 -11.63 60.38 52.61
N ILE E 117 -10.74 59.76 53.38
CA ILE E 117 -11.10 59.32 54.73
C ILE E 117 -11.20 60.51 55.68
N LYS E 118 -10.23 61.42 55.62
CA LYS E 118 -10.18 62.51 56.59
C LYS E 118 -10.93 63.75 56.09
N LYS E 119 -10.51 64.32 54.96
CA LYS E 119 -11.12 65.52 54.45
C LYS E 119 -12.42 65.28 53.69
N ASN E 120 -12.77 64.01 53.45
CA ASN E 120 -14.01 63.63 52.77
C ASN E 120 -14.11 64.25 51.38
N GLU E 121 -12.97 64.34 50.69
CA GLU E 121 -12.91 64.91 49.35
C GLU E 121 -12.66 63.79 48.33
N ILE E 122 -12.89 64.11 47.06
CA ILE E 122 -12.81 63.15 45.97
C ILE E 122 -11.72 63.58 45.01
N ILE E 123 -10.77 62.68 44.74
CA ILE E 123 -9.68 62.96 43.81
C ILE E 123 -10.20 62.75 42.39
N GLU E 124 -10.02 63.76 41.54
CA GLU E 124 -10.60 63.75 40.20
C GLU E 124 -9.61 63.30 39.12
N ARG E 125 -8.31 63.42 39.36
CA ARG E 125 -7.33 63.07 38.33
C ARG E 125 -7.21 61.58 38.11
N LEU E 126 -7.65 60.76 39.07
CA LEU E 126 -7.55 59.31 38.97
C LEU E 126 -8.90 58.64 38.69
N LEU E 127 -9.99 59.41 38.73
CA LEU E 127 -11.31 58.85 38.46
C LEU E 127 -11.42 58.39 37.01
N TYR E 128 -12.45 57.59 36.74
CA TYR E 128 -12.68 57.07 35.40
C TYR E 128 -13.09 58.20 34.46
N HIS E 129 -12.40 58.30 33.33
CA HIS E 129 -12.74 59.25 32.28
C HIS E 129 -12.95 58.50 30.97
N ASP E 130 -14.12 58.69 30.37
CA ASP E 130 -14.43 58.05 29.09
C ASP E 130 -13.70 58.78 27.98
N PRO E 131 -12.83 58.12 27.22
CA PRO E 131 -12.14 58.81 26.11
C PRO E 131 -13.08 59.33 25.04
N ALA E 132 -14.23 58.69 24.85
CA ALA E 132 -15.16 59.16 23.82
C ALA E 132 -15.88 60.43 24.24
N THR E 133 -16.26 60.54 25.51
CA THR E 133 -17.04 61.65 26.01
C THR E 133 -16.25 62.64 26.86
N GLY E 134 -15.31 62.15 27.67
CA GLY E 134 -14.58 63.01 28.58
C GLY E 134 -15.26 63.28 29.91
N LYS E 135 -16.47 62.76 30.10
CA LYS E 135 -17.20 62.98 31.35
C LYS E 135 -16.55 62.21 32.49
N THR E 136 -16.74 62.71 33.70
CA THR E 136 -16.24 62.07 34.91
C THR E 136 -17.39 61.40 35.65
N TYR E 137 -17.22 60.13 35.98
CA TYR E 137 -18.24 59.36 36.70
C TYR E 137 -17.77 59.11 38.13
N VAL E 138 -18.64 59.42 39.09
CA VAL E 138 -18.34 59.27 40.50
C VAL E 138 -19.14 58.14 41.14
N LYS E 139 -20.38 57.92 40.68
CA LYS E 139 -21.22 56.87 41.23
C LYS E 139 -21.13 55.61 40.38
N ARG E 140 -21.25 54.45 41.03
CA ARG E 140 -21.21 53.19 40.31
C ARG E 140 -22.40 53.05 39.37
N ASP E 141 -23.60 53.42 39.82
CA ASP E 141 -24.79 53.29 39.00
C ASP E 141 -24.80 54.31 37.86
N GLU E 142 -24.08 55.42 38.02
CA GLU E 142 -24.00 56.42 36.97
C GLU E 142 -23.15 55.95 35.79
N ASN E 143 -22.30 54.95 36.00
CA ASN E 143 -21.41 54.46 34.94
C ASN E 143 -22.23 53.77 33.86
N PRO E 144 -21.94 54.02 32.58
CA PRO E 144 -22.69 53.35 31.50
C PRO E 144 -22.58 51.83 31.51
N PHE E 145 -21.43 51.29 31.95
CA PHE E 145 -21.28 49.84 32.00
C PHE E 145 -22.23 49.21 33.01
N TYR E 146 -22.50 49.91 34.11
CA TYR E 146 -23.44 49.46 35.12
C TYR E 146 -24.84 50.04 34.94
N ALA E 147 -25.06 50.78 33.85
CA ALA E 147 -26.32 51.51 33.69
C ALA E 147 -27.50 50.56 33.46
N LYS E 148 -27.34 49.61 32.53
CA LYS E 148 -28.45 48.75 32.13
C LYS E 148 -28.27 47.30 32.53
N GLN E 149 -27.28 46.98 33.36
CA GLN E 149 -27.14 45.61 33.84
C GLN E 149 -28.14 45.34 34.95
N THR E 150 -28.64 44.10 34.99
CA THR E 150 -29.53 43.66 36.06
C THR E 150 -28.71 42.84 37.05
N ARG E 151 -28.44 43.42 38.20
CA ARG E 151 -27.67 42.73 39.23
C ARG E 151 -28.61 41.86 40.05
N LEU E 152 -28.93 40.67 39.53
CA LEU E 152 -29.89 39.77 40.15
C LEU E 152 -29.25 38.48 40.65
N VAL E 153 -28.57 37.74 39.77
CA VAL E 153 -27.83 36.56 40.21
C VAL E 153 -26.63 36.98 41.05
N LEU E 154 -25.98 38.09 40.67
CA LEU E 154 -24.80 38.60 41.35
C LEU E 154 -25.15 39.65 42.40
N LYS E 155 -26.29 39.51 43.07
CA LYS E 155 -26.75 40.50 44.03
C LYS E 155 -25.77 40.69 45.17
N HIS E 156 -25.21 39.59 45.67
CA HIS E 156 -24.40 39.63 46.89
C HIS E 156 -22.91 39.74 46.61
N CYS E 157 -22.48 39.54 45.37
CA CYS E 157 -21.07 39.64 45.05
C CYS E 157 -20.63 41.11 44.98
N GLY E 158 -19.38 41.36 45.32
CA GLY E 158 -18.85 42.70 45.38
C GLY E 158 -19.09 43.42 46.68
N THR E 159 -19.89 42.84 47.58
CA THR E 159 -20.16 43.45 48.88
C THR E 159 -20.18 42.44 50.00
N VAL E 160 -19.83 41.18 49.75
CA VAL E 160 -19.85 40.12 50.74
C VAL E 160 -18.51 39.40 50.70
N ASP E 161 -17.91 39.22 51.87
CA ASP E 161 -16.65 38.49 51.97
C ASP E 161 -16.86 37.02 51.65
N PRO E 162 -16.18 36.46 50.65
CA PRO E 162 -16.31 35.01 50.40
C PRO E 162 -15.71 34.15 51.49
N ALA E 163 -14.81 34.68 52.30
CA ALA E 163 -14.13 33.91 53.33
C ALA E 163 -14.83 33.96 54.69
N SER E 164 -15.92 34.73 54.80
CA SER E 164 -16.65 34.87 56.06
C SER E 164 -18.08 34.40 55.86
N VAL E 165 -18.49 33.40 56.65
CA VAL E 165 -19.88 32.96 56.62
C VAL E 165 -20.79 34.01 57.23
N TYR E 166 -20.31 34.74 58.24
CA TYR E 166 -21.12 35.76 58.92
C TYR E 166 -21.45 36.93 58.03
N ASP E 167 -20.74 37.12 56.92
CA ASP E 167 -21.02 38.22 55.99
C ASP E 167 -22.18 37.89 55.06
N TYR E 168 -22.24 36.65 54.55
CA TYR E 168 -23.35 36.27 53.69
C TYR E 168 -24.65 36.17 54.47
N ILE E 169 -24.59 35.66 55.70
CA ILE E 169 -25.79 35.52 56.51
C ILE E 169 -26.37 36.88 56.85
N ALA E 170 -25.49 37.88 57.08
CA ALA E 170 -25.93 39.21 57.47
C ALA E 170 -26.42 40.05 56.31
N GLU E 171 -26.45 39.51 55.09
CA GLU E 171 -26.95 40.26 53.95
C GLU E 171 -28.45 40.02 53.75
N GLY E 172 -28.91 38.81 54.07
CA GLY E 172 -30.32 38.47 53.91
C GLY E 172 -30.52 37.13 53.23
N GLY E 173 -29.44 36.39 53.03
CA GLY E 173 -29.50 35.08 52.43
C GLY E 173 -29.83 34.00 53.45
N TYR E 174 -29.86 32.76 52.96
CA TYR E 174 -30.12 31.57 53.75
C TYR E 174 -31.46 31.61 54.47
N SER E 175 -32.40 32.40 53.94
CA SER E 175 -33.78 32.38 54.41
C SER E 175 -34.67 31.50 53.53
N ALA E 176 -34.31 31.32 52.26
CA ALA E 176 -35.06 30.44 51.38
C ALA E 176 -35.01 28.99 51.87
N ILE E 177 -33.85 28.56 52.37
CA ILE E 177 -33.74 27.24 52.96
C ILE E 177 -34.64 27.12 54.20
N ALA E 178 -34.67 28.15 55.05
CA ALA E 178 -35.49 28.09 56.26
C ALA E 178 -36.97 28.02 55.91
N LYS E 179 -37.38 28.75 54.86
CA LYS E 179 -38.75 28.63 54.38
C LYS E 179 -39.00 27.27 53.75
N ALA E 180 -37.97 26.68 53.14
CA ALA E 180 -38.13 25.40 52.45
C ALA E 180 -38.33 24.23 53.41
N LEU E 181 -37.58 24.17 54.52
CA LEU E 181 -37.79 23.04 55.43
C LEU E 181 -39.17 23.05 56.07
N THR E 182 -39.80 24.22 56.20
CA THR E 182 -41.11 24.32 56.82
C THR E 182 -42.26 24.07 55.86
N MET E 183 -41.98 23.55 54.66
CA MET E 183 -43.02 23.31 53.66
C MET E 183 -42.65 22.12 52.81
N ASP E 184 -43.61 21.66 52.01
CA ASP E 184 -43.50 20.42 51.27
C ASP E 184 -42.60 20.57 50.05
N ARG E 185 -42.32 19.42 49.42
CA ARG E 185 -41.40 19.34 48.28
C ARG E 185 -42.11 19.39 46.93
N LYS E 186 -43.34 18.87 46.85
CA LYS E 186 -44.05 18.85 45.58
C LYS E 186 -44.37 20.26 45.11
N GLN E 187 -44.75 21.15 46.02
CA GLN E 187 -44.97 22.53 45.64
C GLN E 187 -43.67 23.24 45.30
N ILE E 188 -42.54 22.80 45.86
CA ILE E 188 -41.24 23.33 45.44
C ILE E 188 -40.98 22.98 43.98
N ILE E 189 -41.22 21.71 43.61
CA ILE E 189 -41.02 21.29 42.22
C ILE E 189 -42.00 22.01 41.30
N ASP E 190 -43.24 22.20 41.77
CA ASP E 190 -44.24 22.92 40.98
C ASP E 190 -43.84 24.38 40.77
N GLU E 191 -43.28 25.01 41.81
CA GLU E 191 -42.81 26.39 41.66
C GLU E 191 -41.61 26.46 40.72
N VAL E 192 -40.76 25.44 40.75
CA VAL E 192 -39.62 25.40 39.84
C VAL E 192 -40.08 25.31 38.40
N ILE E 193 -41.00 24.38 38.11
CA ILE E 193 -41.44 24.20 36.73
C ILE E 193 -42.31 25.37 36.27
N LYS E 194 -43.06 25.98 37.20
CA LYS E 194 -43.92 27.10 36.85
C LYS E 194 -43.12 28.37 36.59
N SER E 195 -41.96 28.53 37.23
CA SER E 195 -41.13 29.72 37.07
C SER E 195 -40.55 29.85 35.66
N GLY E 196 -40.57 28.79 34.86
CA GLY E 196 -39.98 28.85 33.54
C GLY E 196 -38.48 28.72 33.52
N LEU E 197 -37.87 28.26 34.62
CA LEU E 197 -36.43 28.10 34.66
C LEU E 197 -36.00 26.89 33.84
N ARG E 198 -34.99 27.09 33.00
CA ARG E 198 -34.43 26.02 32.19
C ARG E 198 -32.93 26.22 32.12
N GLY E 199 -32.21 25.14 31.80
CA GLY E 199 -30.76 25.08 31.92
C GLY E 199 -29.98 26.22 31.28
N ARG E 200 -29.14 26.88 32.07
CA ARG E 200 -28.38 28.02 31.57
C ARG E 200 -27.28 27.57 30.62
N GLY E 201 -26.35 26.75 31.11
CA GLY E 201 -25.25 26.28 30.30
C GLY E 201 -25.56 25.08 29.45
N GLY E 202 -25.00 25.04 28.25
CA GLY E 202 -25.13 23.88 27.37
C GLY E 202 -26.47 23.72 26.68
N ALA E 203 -27.19 22.67 27.05
CA ALA E 203 -28.40 22.26 26.35
C ALA E 203 -29.51 23.30 26.39
N GLY E 204 -30.00 23.62 27.59
CA GLY E 204 -31.12 24.53 27.71
C GLY E 204 -32.41 23.82 28.04
N PHE E 205 -32.29 22.55 28.43
CA PHE E 205 -33.47 21.76 28.75
C PHE E 205 -34.16 22.31 29.99
N PRO E 206 -35.49 22.16 30.10
CA PRO E 206 -36.18 22.57 31.32
C PRO E 206 -35.72 21.72 32.51
N THR E 207 -35.43 22.40 33.62
CA THR E 207 -34.99 21.71 34.82
C THR E 207 -36.14 21.06 35.59
N GLY E 208 -37.37 21.55 35.40
CA GLY E 208 -38.50 20.96 36.11
C GLY E 208 -38.76 19.52 35.72
N GLU E 209 -38.70 19.22 34.42
CA GLU E 209 -38.92 17.85 33.97
C GLU E 209 -37.82 16.92 34.45
N LYS E 210 -36.57 17.39 34.46
CA LYS E 210 -35.48 16.57 34.96
C LYS E 210 -35.61 16.29 36.45
N TRP E 211 -35.96 17.32 37.24
CA TRP E 211 -36.15 17.13 38.67
C TRP E 211 -37.32 16.20 38.95
N LEU E 212 -38.42 16.34 38.20
CA LEU E 212 -39.57 15.47 38.41
C LEU E 212 -39.25 14.03 38.01
N GLY E 213 -38.49 13.83 36.93
CA GLY E 213 -38.10 12.50 36.53
C GLY E 213 -37.17 11.85 37.54
N ALA E 214 -36.28 12.64 38.15
CA ALA E 214 -35.45 12.11 39.22
C ALA E 214 -36.28 11.77 40.45
N TYR E 215 -37.32 12.59 40.72
CA TYR E 215 -38.21 12.30 41.83
C TYR E 215 -38.97 10.99 41.63
N LYS E 216 -39.44 10.75 40.40
CA LYS E 216 -40.25 9.57 40.11
C LYS E 216 -39.46 8.27 40.15
N ASN E 217 -38.13 8.33 40.20
CA ASN E 217 -37.32 7.12 40.27
C ASN E 217 -37.14 6.72 41.74
N GLN E 218 -37.67 5.55 42.09
CA GLN E 218 -37.60 5.05 43.46
C GLN E 218 -36.28 4.32 43.66
N SER E 219 -35.30 5.03 44.21
CA SER E 219 -33.99 4.47 44.48
C SER E 219 -33.56 4.75 45.91
N PRO E 220 -32.78 3.88 46.53
CA PRO E 220 -32.36 4.11 47.92
C PRO E 220 -31.42 5.29 48.07
N LYS E 221 -30.36 5.34 47.26
CA LYS E 221 -29.32 6.36 47.39
C LYS E 221 -29.00 6.90 46.00
N LYS E 222 -29.43 8.13 45.74
CA LYS E 222 -29.13 8.84 44.50
C LYS E 222 -28.25 10.05 44.80
N TYR E 223 -27.79 10.73 43.75
CA TYR E 223 -26.72 11.69 43.87
C TYR E 223 -27.13 13.03 43.29
N ILE E 224 -26.54 14.09 43.83
CA ILE E 224 -26.63 15.44 43.27
C ILE E 224 -25.22 15.93 43.03
N ILE E 225 -24.97 16.52 41.86
CA ILE E 225 -23.61 16.74 41.41
C ILE E 225 -23.53 18.03 40.60
N CYS E 226 -22.37 18.68 40.67
CA CYS E 226 -22.16 20.02 40.14
C CYS E 226 -21.08 19.97 39.06
N ASN E 227 -21.39 20.54 37.90
CA ASN E 227 -20.52 20.57 36.74
C ASN E 227 -19.92 21.96 36.54
N GLY E 228 -19.53 22.62 37.63
CA GLY E 228 -18.92 23.91 37.41
C GLY E 228 -17.49 23.77 36.95
N ASP E 229 -17.31 23.84 35.63
CA ASP E 229 -15.99 23.78 35.01
C ASP E 229 -16.08 24.37 33.61
N GLU E 230 -15.64 25.61 33.44
CA GLU E 230 -15.71 26.23 32.12
C GLU E 230 -14.55 25.72 31.27
N GLY E 231 -14.81 24.64 30.54
CA GLY E 231 -13.75 24.02 29.75
C GLY E 231 -13.31 24.87 28.58
N ASP E 232 -14.26 25.51 27.90
CA ASP E 232 -13.97 26.29 26.71
C ASP E 232 -13.08 27.49 27.04
N PRO E 233 -12.06 27.77 26.24
CA PRO E 233 -11.15 28.86 26.56
C PRO E 233 -11.64 30.21 26.06
N GLY E 234 -12.93 30.49 26.26
CA GLY E 234 -13.50 31.73 25.75
C GLY E 234 -13.86 32.77 26.78
N ALA E 235 -14.36 32.33 27.94
CA ALA E 235 -15.01 33.25 28.86
C ALA E 235 -14.51 33.01 30.29
N PHE E 236 -15.15 33.66 31.26
CA PHE E 236 -14.92 33.39 32.67
C PHE E 236 -16.20 33.65 33.47
N MET E 237 -16.94 32.57 33.76
CA MET E 237 -18.08 32.62 34.65
C MET E 237 -17.93 31.70 35.85
N ASP E 238 -17.26 30.55 35.67
CA ASP E 238 -16.93 29.65 36.77
C ASP E 238 -15.98 30.32 37.76
N ARG E 239 -15.10 31.17 37.25
CA ARG E 239 -14.24 31.98 38.11
C ARG E 239 -15.05 32.92 38.99
N SER E 240 -16.01 33.64 38.39
CA SER E 240 -16.71 34.71 39.10
C SER E 240 -17.65 34.17 40.18
N VAL E 241 -18.43 33.16 39.84
CA VAL E 241 -19.56 32.72 40.67
C VAL E 241 -19.08 32.18 42.02
N MET E 242 -18.12 31.27 42.00
CA MET E 242 -17.68 30.65 43.25
C MET E 242 -16.80 31.59 44.08
N GLU E 243 -15.88 32.29 43.44
CA GLU E 243 -15.00 33.20 44.16
C GLU E 243 -15.73 34.46 44.65
N GLY E 244 -16.91 34.75 44.12
CA GLY E 244 -17.70 35.86 44.64
C GLY E 244 -18.43 35.49 45.92
N ASP E 245 -19.30 34.48 45.85
CA ASP E 245 -20.07 34.04 47.00
C ASP E 245 -20.48 32.58 46.86
N PRO E 246 -19.69 31.65 47.41
CA PRO E 246 -20.00 30.22 47.24
C PRO E 246 -21.16 29.74 48.10
N HIS E 247 -21.60 30.52 49.09
CA HIS E 247 -22.63 30.06 50.01
C HIS E 247 -23.98 29.92 49.32
N LYS E 248 -24.26 30.74 48.31
CA LYS E 248 -25.52 30.61 47.58
C LYS E 248 -25.56 29.29 46.81
N VAL E 249 -24.40 28.81 46.34
CA VAL E 249 -24.31 27.52 45.69
C VAL E 249 -24.63 26.40 46.67
N ILE E 250 -24.10 26.50 47.90
CA ILE E 250 -24.39 25.49 48.92
C ILE E 250 -25.87 25.51 49.30
N GLU E 251 -26.46 26.70 49.36
CA GLU E 251 -27.88 26.80 49.65
C GLU E 251 -28.73 26.20 48.54
N GLY E 252 -28.34 26.41 47.28
CA GLY E 252 -29.01 25.76 46.18
C GLY E 252 -28.88 24.25 46.23
N MET E 253 -27.70 23.76 46.62
CA MET E 253 -27.52 22.33 46.83
C MET E 253 -28.46 21.80 47.91
N MET E 254 -28.59 22.54 49.02
CA MET E 254 -29.48 22.12 50.09
C MET E 254 -30.93 22.09 49.61
N ILE E 255 -31.33 23.10 48.83
CA ILE E 255 -32.69 23.14 48.30
C ILE E 255 -32.94 21.94 47.39
N GLY E 256 -32.01 21.68 46.48
CA GLY E 256 -32.17 20.55 45.57
C GLY E 256 -32.19 19.22 46.28
N ALA E 257 -31.34 19.05 47.29
CA ALA E 257 -31.30 17.79 48.03
C ALA E 257 -32.56 17.60 48.86
N TYR E 258 -33.10 18.68 49.43
CA TYR E 258 -34.37 18.57 50.13
C TYR E 258 -35.51 18.29 49.16
N ALA E 259 -35.44 18.82 47.94
CA ALA E 259 -36.52 18.62 46.98
C ALA E 259 -36.54 17.19 46.45
N ILE E 260 -35.44 16.76 45.81
CA ILE E 260 -35.42 15.44 45.19
C ILE E 260 -35.18 14.33 46.19
N GLY E 261 -34.60 14.62 47.35
CA GLY E 261 -34.34 13.58 48.33
C GLY E 261 -32.95 12.97 48.20
N SER E 262 -31.93 13.81 48.18
CA SER E 262 -30.55 13.36 48.08
C SER E 262 -29.86 13.53 49.44
N ASP E 263 -28.87 12.67 49.69
CA ASP E 263 -28.18 12.65 50.98
C ASP E 263 -26.68 12.89 50.86
N GLU E 264 -26.13 12.93 49.65
CA GLU E 264 -24.72 13.23 49.46
C GLU E 264 -24.51 13.77 48.06
N GLY E 265 -23.61 14.74 47.93
CA GLY E 265 -23.42 15.43 46.67
C GLY E 265 -21.97 15.74 46.40
N TYR E 266 -21.69 16.03 45.14
CA TYR E 266 -20.33 16.27 44.66
C TYR E 266 -20.26 17.56 43.87
N ILE E 267 -19.11 18.22 43.92
CA ILE E 267 -18.83 19.41 43.13
C ILE E 267 -17.55 19.18 42.35
N TYR E 268 -17.61 19.29 41.01
CA TYR E 268 -16.46 19.06 40.15
C TYR E 268 -15.90 20.41 39.73
N VAL E 269 -14.75 20.78 40.28
CA VAL E 269 -14.06 22.01 39.93
C VAL E 269 -12.64 21.65 39.51
N ARG E 270 -12.10 22.39 38.54
CA ARG E 270 -10.76 22.10 38.05
C ARG E 270 -9.72 22.45 39.10
N ALA E 271 -8.74 21.57 39.28
CA ALA E 271 -7.67 21.80 40.23
C ALA E 271 -6.65 22.82 39.73
N GLU E 272 -6.71 23.20 38.46
CA GLU E 272 -5.79 24.21 37.95
C GLU E 272 -6.12 25.60 38.51
N TYR E 273 -7.35 25.78 39.01
CA TYR E 273 -7.76 27.03 39.66
C TYR E 273 -7.60 26.84 41.18
N PRO E 274 -6.53 27.36 41.79
CA PRO E 274 -6.30 27.08 43.21
C PRO E 274 -7.14 27.92 44.14
N LEU E 275 -7.39 29.18 43.76
CA LEU E 275 -8.11 30.09 44.65
C LEU E 275 -9.56 29.66 44.82
N ALA E 276 -10.21 29.25 43.74
CA ALA E 276 -11.61 28.84 43.82
C ALA E 276 -11.78 27.60 44.66
N VAL E 277 -10.94 26.57 44.43
CA VAL E 277 -11.08 25.35 45.21
C VAL E 277 -10.72 25.61 46.67
N GLN E 278 -9.76 26.49 46.93
CA GLN E 278 -9.43 26.85 48.31
C GLN E 278 -10.62 27.51 49.00
N MET E 279 -11.30 28.44 48.30
CA MET E 279 -12.47 29.08 48.87
C MET E 279 -13.60 28.08 49.12
N LEU E 280 -13.78 27.11 48.23
CA LEU E 280 -14.77 26.06 48.48
C LEU E 280 -14.42 25.21 49.70
N ARG E 281 -13.14 24.85 49.87
CA ARG E 281 -12.76 24.11 51.07
C ARG E 281 -13.05 24.91 52.34
N LYS E 282 -12.70 26.21 52.32
CA LYS E 282 -12.98 27.05 53.49
C LYS E 282 -14.47 27.15 53.76
N ALA E 283 -15.28 27.36 52.72
CA ALA E 283 -16.72 27.47 52.89
C ALA E 283 -17.33 26.17 53.42
N ILE E 284 -16.90 25.03 52.88
CA ILE E 284 -17.42 23.75 53.32
C ILE E 284 -17.06 23.49 54.77
N GLU E 285 -15.81 23.75 55.17
CA GLU E 285 -15.43 23.51 56.55
C GLU E 285 -16.12 24.46 57.52
N GLU E 286 -16.26 25.73 57.15
CA GLU E 286 -16.96 26.67 58.01
C GLU E 286 -18.44 26.35 58.12
N CYS E 287 -19.07 25.87 57.05
CA CYS E 287 -20.46 25.44 57.14
C CYS E 287 -20.60 24.16 57.95
N GLU E 288 -19.60 23.27 57.88
CA GLU E 288 -19.65 22.03 58.66
C GLU E 288 -19.55 22.32 60.14
N LYS E 289 -18.65 23.23 60.54
CA LYS E 289 -18.66 23.69 61.93
C LYS E 289 -19.91 24.50 62.25
N LEU E 290 -20.51 25.14 61.24
CA LEU E 290 -21.71 25.93 61.46
C LEU E 290 -22.92 25.05 61.74
N GLY E 291 -22.94 23.83 61.21
CA GLY E 291 -23.97 22.87 61.53
C GLY E 291 -25.07 22.70 60.52
N LEU E 292 -25.07 23.49 59.43
CA LEU E 292 -26.09 23.31 58.40
C LEU E 292 -25.81 22.10 57.52
N LEU E 293 -24.61 21.55 57.58
CA LEU E 293 -24.22 20.39 56.79
C LEU E 293 -23.99 19.20 57.71
N GLY E 294 -24.64 18.08 57.40
CA GLY E 294 -24.47 16.87 58.19
C GLY E 294 -25.75 16.10 58.41
N ASP E 295 -25.97 15.65 59.65
CA ASP E 295 -27.15 14.86 60.01
C ASP E 295 -28.02 15.68 60.95
N ASN E 296 -29.34 15.51 60.82
CA ASN E 296 -30.34 16.19 61.63
C ASN E 296 -30.20 17.71 61.51
N ILE E 297 -30.35 18.20 60.28
CA ILE E 297 -30.16 19.61 60.00
C ILE E 297 -31.33 20.41 60.57
N LEU E 298 -31.03 21.26 61.55
CA LEU E 298 -32.01 22.14 62.19
C LEU E 298 -33.17 21.35 62.81
N GLY E 299 -32.86 20.18 63.35
CA GLY E 299 -33.84 19.39 64.08
C GLY E 299 -34.94 18.77 63.24
N THR E 300 -34.76 18.67 61.93
CA THR E 300 -35.78 18.09 61.06
C THR E 300 -35.56 16.59 60.85
N GLY E 301 -34.32 16.20 60.58
CA GLY E 301 -33.98 14.82 60.27
C GLY E 301 -33.43 14.60 58.88
N PHE E 302 -33.42 15.63 58.05
CA PHE E 302 -32.82 15.53 56.72
C PHE E 302 -31.30 15.53 56.82
N SER E 303 -30.68 14.67 56.02
CA SER E 303 -29.22 14.46 56.06
C SER E 303 -28.61 14.82 54.72
N PHE E 304 -27.42 15.41 54.77
CA PHE E 304 -26.75 15.85 53.55
C PHE E 304 -25.25 15.91 53.79
N ARG E 305 -24.49 15.80 52.71
CA ARG E 305 -23.04 15.86 52.77
C ARG E 305 -22.50 16.31 51.40
N LEU E 306 -21.45 17.12 51.43
CA LEU E 306 -20.84 17.63 50.22
C LEU E 306 -19.38 17.20 50.12
N HIS E 307 -18.97 16.84 48.91
CA HIS E 307 -17.57 16.56 48.61
C HIS E 307 -17.14 17.44 47.44
N VAL E 308 -15.89 17.88 47.49
CA VAL E 308 -15.29 18.68 46.43
C VAL E 308 -14.23 17.82 45.74
N ARG E 309 -14.48 17.48 44.48
CA ARG E 309 -13.57 16.65 43.70
C ARG E 309 -12.78 17.54 42.76
N GLU E 310 -11.47 17.43 42.81
CA GLU E 310 -10.60 18.26 41.97
C GLU E 310 -10.33 17.54 40.65
N GLY E 311 -10.68 18.20 39.55
CA GLY E 311 -10.50 17.61 38.24
C GLY E 311 -9.04 17.62 37.80
N ALA E 312 -8.83 17.16 36.57
CA ALA E 312 -7.48 17.00 36.06
C ALA E 312 -7.36 17.50 34.63
N GLY E 313 -8.03 18.61 34.31
CA GLY E 313 -7.81 19.17 32.99
C GLY E 313 -8.93 19.05 31.98
N ALA E 314 -8.82 18.04 31.10
CA ALA E 314 -9.37 18.01 29.75
C ALA E 314 -10.77 18.59 29.56
N PHE E 315 -10.95 19.31 28.45
CA PHE E 315 -12.22 19.93 28.12
C PHE E 315 -13.32 18.90 27.91
N VAL E 316 -13.00 17.75 27.34
CA VAL E 316 -13.98 16.68 27.21
C VAL E 316 -13.90 15.87 28.51
N CYS E 317 -14.51 16.42 29.55
CA CYS E 317 -14.72 15.71 30.80
C CYS E 317 -16.08 15.96 31.41
N GLY E 318 -16.68 17.13 31.22
CA GLY E 318 -18.02 17.40 31.66
C GLY E 318 -19.06 17.21 30.58
N GLU E 319 -19.24 15.98 30.08
CA GLU E 319 -20.25 15.75 29.05
C GLU E 319 -21.55 15.27 29.70
N SER E 320 -21.57 15.23 31.04
CA SER E 320 -22.56 14.58 31.90
C SER E 320 -22.44 13.06 31.84
N THR E 321 -21.56 12.54 31.00
CA THR E 321 -21.29 11.10 30.92
C THR E 321 -19.85 10.76 31.24
N ALA E 322 -18.89 11.57 30.78
CA ALA E 322 -17.49 11.31 31.10
C ALA E 322 -17.14 11.81 32.49
N LEU E 323 -18.00 12.66 33.08
CA LEU E 323 -17.71 13.20 34.39
C LEU E 323 -17.92 12.17 35.49
N THR E 324 -18.97 11.35 35.36
CA THR E 324 -19.16 10.25 36.30
C THR E 324 -18.00 9.26 36.23
N TYR E 325 -17.50 9.00 35.01
CA TYR E 325 -16.34 8.13 34.86
C TYR E 325 -15.10 8.76 35.47
N SER E 326 -14.91 10.06 35.30
CA SER E 326 -13.72 10.73 35.86
C SER E 326 -13.77 10.72 37.39
N ILE E 327 -14.94 10.95 37.97
CA ILE E 327 -15.06 10.91 39.42
C ILE E 327 -14.89 9.48 39.92
N GLU E 328 -15.39 8.50 39.17
CA GLU E 328 -15.23 7.10 39.54
C GLU E 328 -13.77 6.68 39.57
N GLY E 329 -12.93 7.28 38.74
CA GLY E 329 -11.52 6.95 38.73
C GLY E 329 -11.08 6.17 37.51
N LYS E 330 -11.70 6.44 36.37
CA LYS E 330 -11.30 5.81 35.12
C LYS E 330 -11.03 6.87 34.07
N ARG E 331 -10.77 6.46 32.83
CA ARG E 331 -10.58 7.41 31.75
C ARG E 331 -11.89 8.12 31.43
N GLY E 332 -11.76 9.35 30.96
CA GLY E 332 -12.94 10.15 30.65
C GLY E 332 -13.52 9.86 29.29
N MET E 333 -13.81 8.59 29.01
CA MET E 333 -14.37 8.19 27.74
C MET E 333 -15.89 8.17 27.86
N PRO E 334 -16.62 8.94 27.04
CA PRO E 334 -18.08 8.90 27.11
C PRO E 334 -18.64 7.54 26.72
N ARG E 335 -19.73 7.15 27.37
CA ARG E 335 -20.41 5.90 27.07
C ARG E 335 -21.69 6.17 26.30
N VAL E 336 -22.22 5.11 25.69
CA VAL E 336 -23.37 5.25 24.81
C VAL E 336 -24.64 5.44 25.63
N ARG E 337 -25.66 6.01 24.98
CA ARG E 337 -26.99 6.16 25.54
C ARG E 337 -28.03 5.69 24.52
N PRO E 338 -29.17 5.16 24.97
CA PRO E 338 -29.62 4.89 26.35
C PRO E 338 -28.93 3.68 26.97
N PRO E 339 -28.97 3.54 28.32
CA PRO E 339 -29.65 4.34 29.34
C PRO E 339 -29.02 5.70 29.60
N ARG E 340 -29.87 6.66 29.96
CA ARG E 340 -29.43 8.02 30.21
C ARG E 340 -28.87 8.14 31.62
N THR E 341 -28.39 9.34 31.96
CA THR E 341 -27.77 9.58 33.25
C THR E 341 -28.80 9.76 34.36
N ASN E 342 -30.07 9.96 34.01
CA ASN E 342 -31.11 10.13 35.02
C ASN E 342 -31.61 8.81 35.58
N GLU E 343 -31.30 7.68 34.94
CA GLU E 343 -31.73 6.37 35.39
C GLU E 343 -30.62 5.57 36.05
N CYS E 344 -29.40 5.62 35.50
CA CYS E 344 -28.25 4.95 36.11
C CYS E 344 -26.99 5.71 35.71
N GLY E 345 -26.47 6.51 36.63
CA GLY E 345 -25.30 7.32 36.37
C GLY E 345 -24.08 6.94 37.18
N LEU E 346 -23.81 7.72 38.22
CA LEU E 346 -22.62 7.54 39.06
C LEU E 346 -22.78 6.29 39.92
N TRP E 347 -21.97 5.27 39.65
CA TRP E 347 -22.02 3.98 40.33
C TRP E 347 -23.41 3.35 40.23
N GLU E 348 -24.03 3.51 39.05
CA GLU E 348 -25.35 2.95 38.74
C GLU E 348 -26.43 3.44 39.71
N MET E 349 -26.29 4.66 40.21
CA MET E 349 -27.31 5.37 40.96
C MET E 349 -27.82 6.54 40.16
N PRO E 350 -29.09 6.94 40.36
CA PRO E 350 -29.62 8.12 39.67
C PRO E 350 -28.85 9.39 40.06
N THR E 351 -28.68 10.28 39.09
CA THR E 351 -27.94 11.52 39.28
C THR E 351 -28.67 12.67 38.59
N VAL E 352 -28.47 13.86 39.12
CA VAL E 352 -28.89 15.10 38.47
C VAL E 352 -27.67 16.00 38.32
N LEU E 353 -27.44 16.48 37.10
CA LEU E 353 -26.21 17.21 36.77
C LEU E 353 -26.60 18.55 36.15
N ASN E 354 -26.49 19.61 36.96
CA ASN E 354 -26.82 20.98 36.53
C ASN E 354 -25.53 21.80 36.60
N ASN E 355 -25.35 22.67 35.59
CA ASN E 355 -24.30 23.67 35.64
C ASN E 355 -24.53 24.58 36.84
N VAL E 356 -23.45 25.16 37.36
CA VAL E 356 -23.65 26.06 38.50
C VAL E 356 -23.93 27.46 37.95
N GLU E 357 -25.11 27.61 37.36
CA GLU E 357 -25.80 28.87 37.18
C GLU E 357 -27.27 28.59 37.46
N THR E 358 -27.65 27.33 37.27
CA THR E 358 -28.98 26.84 37.59
C THR E 358 -29.17 26.65 39.09
N PHE E 359 -28.11 26.25 39.80
CA PHE E 359 -28.15 26.10 41.25
C PHE E 359 -27.98 27.42 41.98
N ALA E 360 -27.92 28.53 41.25
CA ALA E 360 -27.76 29.85 41.83
C ALA E 360 -29.09 30.61 41.87
N CYS E 361 -29.94 30.39 40.88
CA CYS E 361 -31.21 31.12 40.79
C CYS E 361 -32.29 30.47 41.65
N ILE E 362 -32.00 29.28 42.18
CA ILE E 362 -32.98 28.56 42.99
C ILE E 362 -33.37 29.32 44.27
N PRO E 363 -32.43 29.84 45.08
CA PRO E 363 -32.87 30.62 46.25
C PRO E 363 -33.69 31.84 45.90
N GLU E 364 -33.35 32.53 44.79
CA GLU E 364 -34.13 33.68 44.37
C GLU E 364 -35.55 33.26 43.97
N ILE E 365 -35.67 32.15 43.24
CA ILE E 365 -36.98 31.67 42.83
C ILE E 365 -37.81 31.26 44.04
N ILE E 366 -37.18 30.61 45.02
CA ILE E 366 -37.91 30.21 46.22
C ILE E 366 -38.35 31.44 47.01
N LEU E 367 -37.48 32.44 47.14
CA LEU E 367 -37.80 33.61 47.95
C LEU E 367 -38.90 34.46 47.30
N ASN E 368 -38.76 34.76 46.00
CA ASN E 368 -39.68 35.67 45.35
C ASN E 368 -40.83 34.97 44.64
N GLY E 369 -40.74 33.68 44.40
CA GLY E 369 -41.82 33.01 43.69
C GLY E 369 -41.60 33.02 42.19
N GLY E 370 -42.28 32.09 41.51
CA GLY E 370 -42.14 31.97 40.07
C GLY E 370 -42.84 33.06 39.30
N GLU E 371 -43.80 33.76 39.92
CA GLU E 371 -44.50 34.83 39.23
C GLU E 371 -43.57 36.01 38.97
N TRP E 372 -42.67 36.30 39.89
CA TRP E 372 -41.75 37.43 39.71
C TRP E 372 -40.63 37.09 38.73
N PHE E 373 -40.12 35.86 38.78
CA PHE E 373 -39.01 35.48 37.93
C PHE E 373 -39.44 35.37 36.47
N ALA E 374 -40.65 34.86 36.22
CA ALA E 374 -41.15 34.74 34.85
C ALA E 374 -41.51 36.08 34.24
N SER E 375 -41.59 37.15 35.03
CA SER E 375 -41.96 38.47 34.53
C SER E 375 -40.87 39.13 33.71
N ILE E 376 -39.66 38.58 33.70
CA ILE E 376 -38.53 39.16 32.99
C ILE E 376 -38.26 38.34 31.73
N GLY E 377 -38.18 39.01 30.59
CA GLY E 377 -37.86 38.34 29.34
C GLY E 377 -39.08 37.78 28.64
N THR E 378 -38.81 37.19 27.48
CA THR E 378 -39.88 36.59 26.68
C THR E 378 -40.46 35.37 27.40
N PRO E 379 -41.80 35.24 27.42
CA PRO E 379 -42.41 34.11 28.14
C PRO E 379 -42.04 32.73 27.60
N THR E 380 -41.55 32.62 26.36
CA THR E 380 -41.14 31.32 25.85
C THR E 380 -39.96 30.75 26.63
N SER E 381 -39.00 31.58 27.00
CA SER E 381 -37.88 31.16 27.84
C SER E 381 -37.53 32.35 28.74
N THR E 382 -37.68 32.17 30.04
CA THR E 382 -37.53 33.26 30.99
C THR E 382 -36.09 33.34 31.51
N GLY E 383 -35.88 34.21 32.48
CA GLY E 383 -34.59 34.35 33.13
C GLY E 383 -33.69 35.35 32.44
N THR E 384 -32.47 35.44 32.97
CA THR E 384 -31.43 36.29 32.42
C THR E 384 -30.16 35.48 32.24
N LYS E 385 -29.39 35.83 31.22
CA LYS E 385 -28.16 35.13 30.89
C LYS E 385 -26.96 36.03 31.10
N ILE E 386 -25.91 35.49 31.70
CA ILE E 386 -24.68 36.21 31.99
C ILE E 386 -23.75 36.03 30.80
N PHE E 387 -22.92 37.03 30.53
CA PHE E 387 -22.00 37.00 29.41
C PHE E 387 -20.63 37.53 29.83
N ALA E 388 -19.60 37.10 29.10
CA ALA E 388 -18.25 37.62 29.25
C ALA E 388 -17.85 38.23 27.91
N LEU E 389 -17.71 39.54 27.88
CA LEU E 389 -17.38 40.28 26.67
C LEU E 389 -15.87 40.42 26.56
N SER E 390 -15.32 40.04 25.41
CA SER E 390 -13.89 40.18 25.18
C SER E 390 -13.64 40.36 23.70
N GLY E 391 -12.44 40.82 23.37
CA GLY E 391 -12.05 41.13 22.01
C GLY E 391 -11.61 42.57 21.86
N LYS E 392 -11.81 43.11 20.68
CA LYS E 392 -11.42 44.50 20.38
C LYS E 392 -12.55 45.46 20.74
N VAL E 393 -12.80 45.58 22.05
CA VAL E 393 -13.76 46.53 22.57
C VAL E 393 -13.09 47.33 23.69
N ASN E 394 -13.62 48.53 23.92
CA ASN E 394 -13.03 49.42 24.92
C ASN E 394 -13.19 48.88 26.32
N ARG E 395 -14.36 48.34 26.65
CA ARG E 395 -14.63 47.76 27.96
C ARG E 395 -14.85 46.26 27.82
N THR E 396 -14.03 45.48 28.53
CA THR E 396 -14.13 44.03 28.54
C THR E 396 -14.51 43.56 29.94
N GLY E 397 -14.99 42.34 30.03
CA GLY E 397 -15.18 41.73 31.33
C GLY E 397 -16.57 41.13 31.44
N LEU E 398 -17.00 41.01 32.69
CA LEU E 398 -18.25 40.32 33.01
C LEU E 398 -19.42 41.26 32.84
N VAL E 399 -20.57 40.73 32.39
CA VAL E 399 -21.78 41.52 32.22
C VAL E 399 -22.98 40.60 32.45
N GLU E 400 -24.06 41.15 32.98
CA GLU E 400 -25.32 40.44 33.16
C GLU E 400 -26.45 41.32 32.65
N VAL E 401 -27.17 40.83 31.64
CA VAL E 401 -28.20 41.62 30.97
C VAL E 401 -29.52 40.88 30.99
N PRO E 402 -30.66 41.58 30.97
CA PRO E 402 -31.95 40.92 30.75
C PRO E 402 -31.99 40.32 29.35
N MET E 403 -32.11 39.00 29.29
CA MET E 403 -32.10 38.32 28.01
C MET E 403 -33.33 38.71 27.19
N GLY E 404 -33.10 39.00 25.91
CA GLY E 404 -34.14 39.48 25.01
C GLY E 404 -33.86 40.83 24.38
N LEU E 405 -32.76 41.48 24.74
CA LEU E 405 -32.39 42.77 24.19
C LEU E 405 -31.55 42.61 22.92
N LYS E 406 -31.54 43.68 22.12
CA LYS E 406 -30.83 43.67 20.85
C LYS E 406 -29.32 43.67 21.06
N LEU E 407 -28.61 42.97 20.18
CA LEU E 407 -27.17 42.80 20.31
C LEU E 407 -26.41 44.11 20.10
N ARG E 408 -27.00 45.09 19.40
CA ARG E 408 -26.28 46.31 19.07
C ARG E 408 -25.90 47.10 20.31
N GLU E 409 -26.84 47.27 21.25
CA GLU E 409 -26.51 47.98 22.49
C GLU E 409 -25.65 47.12 23.40
N LEU E 410 -25.71 45.79 23.23
CA LEU E 410 -24.85 44.91 24.03
C LEU E 410 -23.39 45.05 23.60
N ILE E 411 -23.14 45.23 22.31
CA ILE E 411 -21.76 45.27 21.83
C ILE E 411 -21.23 46.72 21.79
N PHE E 412 -22.09 47.70 21.54
CA PHE E 412 -21.65 49.07 21.36
C PHE E 412 -21.92 49.96 22.56
N ASP E 413 -23.16 49.96 23.08
CA ASP E 413 -23.48 50.80 24.22
C ASP E 413 -22.79 50.31 25.49
N ILE E 414 -22.88 49.01 25.77
CA ILE E 414 -22.24 48.45 26.95
C ILE E 414 -20.73 48.36 26.75
N GLY E 415 -20.31 47.86 25.59
CA GLY E 415 -18.90 47.69 25.31
C GLY E 415 -18.14 48.95 24.99
N GLY E 416 -18.85 50.07 24.79
CA GLY E 416 -18.18 51.32 24.48
C GLY E 416 -17.56 51.37 23.11
N GLY E 417 -18.10 50.61 22.17
CA GLY E 417 -17.60 50.61 20.81
C GLY E 417 -16.35 49.77 20.63
N ILE E 418 -15.79 49.89 19.44
CA ILE E 418 -14.59 49.15 19.05
C ILE E 418 -13.36 49.99 19.34
N ALA E 419 -12.31 49.34 19.83
CA ALA E 419 -11.08 50.05 20.20
C ALA E 419 -10.33 50.52 18.95
N ASN E 420 -9.52 51.56 19.14
CA ASN E 420 -8.64 52.14 18.13
C ASN E 420 -9.38 52.68 16.92
N ASN E 421 -10.69 52.92 17.03
CA ASN E 421 -11.51 53.51 15.97
C ASN E 421 -11.45 52.70 14.67
N LYS E 422 -11.41 51.38 14.81
CA LYS E 422 -11.37 50.48 13.67
C LYS E 422 -12.79 50.11 13.26
N LYS E 423 -12.93 49.06 12.44
CA LYS E 423 -14.24 48.62 11.98
C LYS E 423 -14.55 47.22 12.49
N PHE E 424 -15.80 47.03 12.91
CA PHE E 424 -16.25 45.74 13.43
C PHE E 424 -16.53 44.76 12.30
N LYS E 425 -16.14 43.50 12.51
CA LYS E 425 -16.30 42.47 11.49
C LYS E 425 -17.26 41.36 11.94
N ALA E 426 -17.00 40.68 13.05
CA ALA E 426 -17.80 39.52 13.40
C ALA E 426 -17.83 39.31 14.91
N VAL E 427 -18.84 38.55 15.35
CA VAL E 427 -18.98 38.15 16.75
C VAL E 427 -19.04 36.63 16.81
N GLN E 428 -18.31 36.05 17.75
CA GLN E 428 -18.40 34.63 18.05
C GLN E 428 -19.05 34.45 19.41
N LEU E 429 -20.07 33.59 19.45
CA LEU E 429 -20.84 33.29 20.64
C LEU E 429 -20.61 31.83 21.03
N GLY E 430 -20.37 31.58 22.31
CA GLY E 430 -20.22 30.23 22.82
C GLY E 430 -18.85 29.62 22.65
N GLY E 431 -17.91 30.34 22.05
CA GLY E 431 -16.58 29.80 21.83
C GLY E 431 -16.58 28.75 20.74
N PRO E 432 -15.94 27.61 20.99
CA PRO E 432 -15.93 26.53 20.00
C PRO E 432 -17.29 25.91 19.75
N SER E 433 -18.27 26.14 20.64
CA SER E 433 -19.56 25.50 20.51
C SER E 433 -20.55 26.29 19.65
N GLY E 434 -20.14 27.43 19.10
CA GLY E 434 -21.01 28.27 18.31
C GLY E 434 -20.34 28.72 17.02
N GLY E 435 -21.16 29.32 16.15
CA GLY E 435 -20.71 29.83 14.88
C GLY E 435 -20.46 31.32 14.90
N CYS E 436 -20.33 31.89 13.70
CA CYS E 436 -20.07 33.31 13.52
C CYS E 436 -21.37 34.04 13.27
N VAL E 437 -21.45 35.29 13.71
CA VAL E 437 -22.51 36.19 13.29
C VAL E 437 -21.88 37.48 12.76
N PRO E 438 -22.20 37.91 11.54
CA PRO E 438 -21.58 39.11 10.98
C PRO E 438 -22.30 40.39 11.38
N GLU E 439 -21.90 41.50 10.74
CA GLU E 439 -22.51 42.79 11.07
C GLU E 439 -23.93 42.88 10.56
N SER E 440 -24.28 42.12 9.52
CA SER E 440 -25.60 42.20 8.92
C SER E 440 -26.70 41.67 9.82
N GLN E 441 -26.38 40.76 10.74
CA GLN E 441 -27.39 40.21 11.64
C GLN E 441 -27.18 40.71 13.06
N LEU E 442 -26.74 41.96 13.20
CA LEU E 442 -26.54 42.56 14.51
C LEU E 442 -27.84 42.97 15.18
N ASP E 443 -28.93 43.10 14.42
CA ASP E 443 -30.21 43.55 14.94
C ASP E 443 -31.11 42.39 15.35
N LEU E 444 -30.54 41.27 15.77
CA LEU E 444 -31.32 40.13 16.20
C LEU E 444 -31.36 40.07 17.72
N PRO E 445 -32.54 39.97 18.32
CA PRO E 445 -32.62 39.84 19.79
C PRO E 445 -31.99 38.53 20.25
N ILE E 446 -31.41 38.57 21.45
CA ILE E 446 -30.72 37.40 21.99
C ILE E 446 -31.71 36.55 22.80
N ASP E 447 -31.87 35.30 22.39
CA ASP E 447 -32.75 34.33 23.04
C ASP E 447 -32.48 32.97 22.40
N PHE E 448 -33.27 31.98 22.81
CA PHE E 448 -33.05 30.62 22.32
C PHE E 448 -33.57 30.46 20.88
N ASP E 449 -34.84 30.82 20.65
CA ASP E 449 -35.50 30.41 19.41
C ASP E 449 -34.95 31.14 18.19
N SER E 450 -34.78 32.46 18.27
CA SER E 450 -34.34 33.21 17.10
C SER E 450 -32.88 32.90 16.77
N LEU E 451 -32.04 32.71 17.79
CA LEU E 451 -30.67 32.30 17.56
C LEU E 451 -30.58 30.87 17.03
N SER E 452 -31.55 30.00 17.39
CA SER E 452 -31.57 28.66 16.83
C SER E 452 -31.78 28.69 15.32
N LYS E 453 -32.63 29.60 14.85
CA LYS E 453 -32.83 29.77 13.41
C LYS E 453 -31.66 30.46 12.72
N ALA E 454 -30.75 31.05 13.48
CA ALA E 454 -29.54 31.64 12.91
C ALA E 454 -28.36 30.67 12.90
N GLY E 455 -28.52 29.47 13.44
CA GLY E 455 -27.47 28.47 13.42
C GLY E 455 -26.47 28.55 14.55
N ALA E 456 -26.57 29.57 15.42
CA ALA E 456 -25.62 29.75 16.50
C ALA E 456 -26.31 29.57 17.85
N ILE E 457 -25.62 28.93 18.77
CA ILE E 457 -26.10 28.73 20.13
C ILE E 457 -25.18 29.48 21.08
N MET E 458 -25.76 29.99 22.17
CA MET E 458 -24.99 30.79 23.12
C MET E 458 -24.05 29.93 23.96
N GLY E 459 -24.43 28.68 24.24
CA GLY E 459 -23.55 27.80 24.99
C GLY E 459 -23.25 28.31 26.39
N SER E 460 -21.96 28.36 26.71
CA SER E 460 -21.54 28.93 27.99
C SER E 460 -21.87 30.42 28.07
N GLY E 461 -21.62 31.17 26.99
CA GLY E 461 -22.02 32.56 26.96
C GLY E 461 -20.90 33.53 26.65
N GLY E 462 -19.72 33.02 26.29
CA GLY E 462 -18.60 33.89 25.98
C GLY E 462 -18.80 34.60 24.65
N VAL E 463 -18.69 35.92 24.67
CA VAL E 463 -18.88 36.75 23.47
C VAL E 463 -17.53 37.36 23.14
N VAL E 464 -16.99 37.03 21.97
CA VAL E 464 -15.75 37.62 21.52
C VAL E 464 -15.99 38.38 20.22
N VAL E 465 -15.39 39.56 20.12
CA VAL E 465 -15.59 40.46 18.99
C VAL E 465 -14.30 40.54 18.20
N VAL E 466 -14.38 40.31 16.89
CA VAL E 466 -13.21 40.33 16.02
C VAL E 466 -13.44 41.38 14.94
N ASP E 467 -12.38 42.14 14.65
CA ASP E 467 -12.43 43.26 13.73
C ASP E 467 -11.94 42.84 12.34
N GLU E 468 -11.77 43.83 11.46
CA GLU E 468 -11.35 43.58 10.08
C GLU E 468 -9.86 43.24 9.98
N ASP E 469 -9.12 43.36 11.08
CA ASP E 469 -7.67 43.15 11.05
C ASP E 469 -7.32 41.72 10.67
N THR E 470 -8.08 40.74 11.12
CA THR E 470 -7.71 39.35 10.97
C THR E 470 -8.42 38.71 9.77
N CYS E 471 -7.92 37.54 9.38
CA CYS E 471 -8.51 36.72 8.33
C CYS E 471 -9.30 35.59 8.97
N MET E 472 -10.47 35.28 8.41
CA MET E 472 -11.37 34.32 9.05
C MET E 472 -10.87 32.89 8.91
N VAL E 473 -10.09 32.60 7.86
CA VAL E 473 -9.55 31.26 7.69
C VAL E 473 -8.63 30.89 8.83
N ASP E 474 -7.80 31.83 9.27
CA ASP E 474 -6.92 31.59 10.41
C ASP E 474 -7.72 31.36 11.69
N PHE E 475 -8.82 32.09 11.86
CA PHE E 475 -9.66 31.92 13.06
C PHE E 475 -10.31 30.54 13.07
N ALA E 476 -10.84 30.12 11.93
CA ALA E 476 -11.42 28.78 11.83
C ALA E 476 -10.37 27.71 12.04
N LYS E 477 -9.16 27.92 11.51
CA LYS E 477 -8.10 26.94 11.71
C LYS E 477 -7.66 26.88 13.17
N PHE E 478 -7.70 28.02 13.87
CA PHE E 478 -7.41 28.02 15.30
C PHE E 478 -8.44 27.19 16.07
N PHE E 479 -9.72 27.38 15.76
CA PHE E 479 -10.75 26.56 16.40
C PHE E 479 -10.56 25.08 16.09
N THR E 480 -10.25 24.76 14.83
CA THR E 480 -10.05 23.36 14.44
C THR E 480 -8.84 22.76 15.14
N ASN E 481 -7.77 23.54 15.30
CA ASN E 481 -6.59 23.05 16.01
C ASN E 481 -6.90 22.78 17.47
N PHE E 482 -7.68 23.66 18.11
CA PHE E 482 -8.10 23.41 19.49
C PHE E 482 -8.92 22.13 19.60
N ILE E 483 -9.85 21.92 18.68
CA ILE E 483 -10.68 20.72 18.72
C ILE E 483 -9.84 19.47 18.47
N VAL E 484 -8.85 19.57 17.57
CA VAL E 484 -7.99 18.44 17.27
C VAL E 484 -7.17 18.06 18.50
N GLU E 485 -6.59 19.05 19.17
CA GLU E 485 -5.75 18.76 20.33
C GLU E 485 -6.59 18.32 21.53
N GLU E 486 -7.87 18.70 21.56
CA GLU E 486 -8.66 18.52 22.77
C GLU E 486 -9.73 17.42 22.66
N SER E 487 -9.62 16.53 21.69
CA SER E 487 -10.56 15.42 21.61
C SER E 487 -10.15 14.31 22.56
N CYS E 488 -10.90 13.21 22.53
CA CYS E 488 -10.58 12.03 23.33
C CYS E 488 -10.17 10.83 22.49
N GLY E 489 -10.74 10.68 21.30
CA GLY E 489 -10.31 9.64 20.39
C GLY E 489 -10.89 8.27 20.66
N LYS E 490 -12.21 8.16 20.63
CA LYS E 490 -12.88 6.87 20.82
C LYS E 490 -13.65 6.43 19.59
N CYS E 491 -14.40 7.33 18.96
CA CYS E 491 -15.15 7.00 17.76
C CYS E 491 -14.43 7.56 16.54
N ILE E 492 -14.61 6.87 15.41
CA ILE E 492 -13.88 7.22 14.19
C ILE E 492 -14.18 8.62 13.69
N PRO E 493 -15.47 9.09 13.58
CA PRO E 493 -15.73 10.41 12.96
C PRO E 493 -14.96 11.57 13.55
N CYS E 494 -15.11 11.84 14.85
CA CYS E 494 -14.41 12.99 15.44
C CYS E 494 -12.90 12.85 15.27
N ARG E 495 -12.36 11.70 15.67
CA ARG E 495 -10.92 11.48 15.75
C ARG E 495 -10.25 11.65 14.39
N GLU E 496 -10.86 11.12 13.32
CA GLU E 496 -10.23 11.24 12.02
C GLU E 496 -10.62 12.52 11.29
N GLY E 497 -11.91 12.87 11.29
CA GLY E 497 -12.37 14.03 10.54
C GLY E 497 -11.80 15.34 11.04
N ASN E 498 -11.60 15.48 12.35
CA ASN E 498 -11.03 16.73 12.85
C ASN E 498 -9.60 16.90 12.35
N LYS E 499 -8.80 15.83 12.37
CA LYS E 499 -7.44 15.90 11.85
C LYS E 499 -7.43 16.19 10.35
N LYS E 500 -8.34 15.56 9.60
CA LYS E 500 -8.40 15.81 8.17
C LYS E 500 -8.79 17.25 7.86
N MET E 501 -9.77 17.79 8.60
CA MET E 501 -10.17 19.18 8.39
C MET E 501 -9.05 20.14 8.77
N LEU E 502 -8.32 19.84 9.85
CA LEU E 502 -7.19 20.68 10.22
C LEU E 502 -6.11 20.68 9.14
N GLU E 503 -5.83 19.51 8.57
CA GLU E 503 -4.84 19.43 7.50
C GLU E 503 -5.32 20.20 6.26
N ILE E 504 -6.60 20.09 5.92
CA ILE E 504 -7.13 20.79 4.75
C ILE E 504 -7.06 22.31 4.94
N LEU E 505 -7.44 22.78 6.14
CA LEU E 505 -7.37 24.21 6.42
C LEU E 505 -5.93 24.71 6.44
N GLU E 506 -4.99 23.93 6.98
CA GLU E 506 -3.59 24.33 6.96
C GLU E 506 -3.05 24.35 5.53
N ARG E 507 -3.50 23.44 4.68
CA ARG E 507 -3.11 23.45 3.28
C ARG E 507 -3.65 24.70 2.57
N ILE E 508 -4.89 25.07 2.87
CA ILE E 508 -5.49 26.25 2.23
C ILE E 508 -4.78 27.52 2.68
N THR E 509 -4.54 27.65 3.98
CA THR E 509 -3.95 28.88 4.51
C THR E 509 -2.46 29.01 4.19
N GLU E 510 -1.82 27.97 3.66
CA GLU E 510 -0.41 28.01 3.30
C GLU E 510 -0.21 28.40 1.85
N GLY E 511 -1.29 28.52 1.08
CA GLY E 511 -1.20 28.84 -0.32
C GLY E 511 -1.00 27.66 -1.24
N LYS E 512 -0.93 26.45 -0.70
CA LYS E 512 -0.80 25.23 -1.49
C LYS E 512 -2.17 24.66 -1.88
N GLY E 513 -3.25 25.32 -1.49
CA GLY E 513 -4.57 24.77 -1.70
C GLY E 513 -4.96 24.71 -3.16
N LYS E 514 -6.00 23.91 -3.42
CA LYS E 514 -6.49 23.65 -4.77
C LYS E 514 -7.99 23.86 -4.81
N GLU E 515 -8.55 23.75 -6.01
CA GLU E 515 -9.98 23.89 -6.19
C GLU E 515 -10.72 22.66 -5.66
N GLY E 516 -11.96 22.88 -5.21
CA GLY E 516 -12.78 21.81 -4.70
C GLY E 516 -12.61 21.47 -3.24
N ASP E 517 -11.79 22.23 -2.50
CA ASP E 517 -11.59 21.93 -1.09
C ASP E 517 -12.80 22.32 -0.25
N ILE E 518 -13.57 23.33 -0.71
CA ILE E 518 -14.72 23.79 0.04
C ILE E 518 -15.81 22.73 0.07
N GLU E 519 -16.01 22.03 -1.05
CA GLU E 519 -16.99 20.94 -1.08
C GLU E 519 -16.59 19.81 -0.15
N LEU E 520 -15.29 19.48 -0.11
CA LEU E 520 -14.81 18.49 0.84
C LEU E 520 -15.02 18.92 2.27
N LEU E 521 -14.77 20.21 2.57
CA LEU E 521 -15.01 20.72 3.92
C LEU E 521 -16.48 20.59 4.30
N GLU E 522 -17.39 20.93 3.37
CA GLU E 522 -18.82 20.83 3.68
C GLU E 522 -19.25 19.38 3.88
N GLU E 523 -18.76 18.47 3.04
CA GLU E 523 -19.10 17.05 3.18
C GLU E 523 -18.59 16.50 4.50
N LEU E 524 -17.34 16.82 4.85
CA LEU E 524 -16.79 16.36 6.12
C LEU E 524 -17.53 16.94 7.30
N GLY E 525 -17.91 18.23 7.22
CA GLY E 525 -18.67 18.82 8.31
C GLY E 525 -20.01 18.14 8.51
N ASP E 526 -20.71 17.85 7.41
CA ASP E 526 -21.99 17.15 7.51
C ASP E 526 -21.83 15.77 8.11
N VAL E 527 -20.81 15.01 7.67
CA VAL E 527 -20.63 13.65 8.17
C VAL E 527 -20.26 13.67 9.66
N ILE E 528 -19.36 14.57 10.05
CA ILE E 528 -18.94 14.62 11.45
C ILE E 528 -20.08 15.08 12.34
N ILE E 529 -20.92 16.02 11.88
CA ILE E 529 -22.07 16.43 12.66
C ILE E 529 -23.05 15.27 12.81
N SER E 530 -23.28 14.51 11.74
CA SER E 530 -24.29 13.46 11.78
C SER E 530 -23.85 12.26 12.60
N ALA E 531 -22.62 11.79 12.43
CA ALA E 531 -22.23 10.45 12.88
C ALA E 531 -21.36 10.43 14.13
N SER E 532 -21.27 11.53 14.86
CA SER E 532 -20.46 11.54 16.07
C SER E 532 -21.20 10.82 17.21
N LEU E 533 -20.57 10.78 18.39
CA LEU E 533 -21.12 10.08 19.53
C LEU E 533 -21.57 11.01 20.64
N CYS E 534 -20.69 11.89 21.11
CA CYS E 534 -21.03 12.86 22.14
C CYS E 534 -21.25 14.23 21.50
N GLY E 535 -21.42 15.25 22.34
CA GLY E 535 -21.67 16.59 21.83
C GLY E 535 -20.47 17.27 21.20
N LEU E 536 -19.27 16.94 21.66
CA LEU E 536 -18.07 17.62 21.15
C LEU E 536 -17.87 17.36 19.67
N GLY E 537 -17.96 16.10 19.25
CA GLY E 537 -17.85 15.79 17.84
C GLY E 537 -19.05 16.23 17.03
N LYS E 538 -20.23 16.31 17.66
CA LYS E 538 -21.41 16.79 16.95
C LYS E 538 -21.34 18.29 16.70
N THR E 539 -20.56 19.01 17.52
CA THR E 539 -20.52 20.45 17.47
C THR E 539 -19.21 20.98 16.88
N ALA E 540 -18.21 20.12 16.70
CA ALA E 540 -16.89 20.57 16.25
C ALA E 540 -16.85 21.33 14.93
N PRO E 541 -17.45 20.88 13.82
CA PRO E 541 -17.28 21.59 12.55
C PRO E 541 -18.14 22.84 12.39
N ASN E 542 -18.82 23.27 13.45
CA ASN E 542 -19.70 24.44 13.35
C ASN E 542 -18.97 25.73 12.98
N PRO E 543 -17.83 26.10 13.61
CA PRO E 543 -17.15 27.32 13.17
C PRO E 543 -16.71 27.29 11.71
N VAL E 544 -16.18 26.17 11.25
CA VAL E 544 -15.72 26.08 9.87
C VAL E 544 -16.90 26.19 8.90
N LEU E 545 -17.99 25.47 9.20
CA LEU E 545 -19.15 25.51 8.33
C LEU E 545 -19.79 26.89 8.31
N SER E 546 -19.86 27.56 9.46
CA SER E 546 -20.42 28.91 9.50
C SER E 546 -19.54 29.90 8.74
N THR E 547 -18.22 29.78 8.88
CA THR E 547 -17.32 30.68 8.17
C THR E 547 -17.42 30.47 6.66
N ILE E 548 -17.54 29.21 6.22
CA ILE E 548 -17.76 28.96 4.80
C ILE E 548 -19.10 29.53 4.34
N LYS E 549 -20.15 29.34 5.14
CA LYS E 549 -21.49 29.80 4.77
C LYS E 549 -21.59 31.31 4.69
N HIS E 550 -20.82 32.04 5.49
CA HIS E 550 -20.91 33.50 5.51
C HIS E 550 -19.75 34.23 4.85
N PHE E 551 -18.60 33.60 4.65
CA PHE E 551 -17.41 34.28 4.16
C PHE E 551 -16.72 33.48 3.06
N ARG E 552 -17.50 33.08 2.05
CA ARG E 552 -16.91 32.35 0.92
C ARG E 552 -15.91 33.21 0.14
N ASP E 553 -16.07 34.54 0.19
CA ASP E 553 -15.18 35.43 -0.55
C ASP E 553 -13.75 35.30 -0.07
N GLU E 554 -13.55 35.16 1.25
CA GLU E 554 -12.21 34.97 1.79
C GLU E 554 -11.59 33.68 1.28
N TYR E 555 -12.39 32.62 1.21
CA TYR E 555 -11.86 31.32 0.76
C TYR E 555 -11.51 31.37 -0.72
N GLU E 556 -12.35 32.02 -1.53
CA GLU E 556 -12.01 32.18 -2.95
C GLU E 556 -10.78 33.04 -3.14
N ALA E 557 -10.59 34.06 -2.30
CA ALA E 557 -9.38 34.87 -2.38
C ALA E 557 -8.15 34.05 -2.03
N HIS E 558 -8.25 33.20 -1.00
CA HIS E 558 -7.10 32.38 -0.60
C HIS E 558 -6.79 31.29 -1.62
N ILE E 559 -7.80 30.72 -2.27
CA ILE E 559 -7.57 29.57 -3.14
C ILE E 559 -6.97 30.00 -4.48
N ARG E 560 -7.65 30.92 -5.18
CA ARG E 560 -7.27 31.22 -6.56
C ARG E 560 -6.30 32.38 -6.65
N ASP E 561 -6.69 33.55 -6.17
CA ASP E 561 -5.91 34.78 -6.33
C ASP E 561 -4.62 34.76 -5.51
N LYS E 562 -4.53 33.89 -4.50
CA LYS E 562 -3.35 33.76 -3.63
C LYS E 562 -3.05 35.09 -2.92
N LYS E 563 -4.09 35.77 -2.46
CA LYS E 563 -3.95 37.00 -1.68
C LYS E 563 -4.87 36.94 -0.48
N CYS E 564 -4.37 37.41 0.67
CA CYS E 564 -5.18 37.49 1.88
C CYS E 564 -5.69 38.92 2.03
N PRO E 565 -7.00 39.15 2.01
CA PRO E 565 -7.52 40.53 2.06
C PRO E 565 -7.13 41.29 3.32
N ALA E 566 -7.07 40.62 4.48
CA ALA E 566 -6.74 41.32 5.71
C ALA E 566 -5.25 41.40 5.97
N GLY E 567 -4.43 40.69 5.19
CA GLY E 567 -3.00 40.69 5.40
C GLY E 567 -2.58 40.09 6.72
N ALA E 568 -3.31 39.08 7.20
CA ALA E 568 -3.00 38.43 8.47
C ALA E 568 -2.36 37.07 8.31
N CYS E 569 -2.46 36.45 7.13
CA CYS E 569 -1.82 35.16 6.86
C CYS E 569 -0.44 35.45 6.28
N GLN E 570 0.60 35.07 7.02
CA GLN E 570 1.96 35.32 6.57
C GLN E 570 2.37 34.44 5.41
N ALA E 571 1.66 33.33 5.19
CA ALA E 571 2.01 32.44 4.09
C ALA E 571 1.57 32.99 2.74
N LEU E 572 0.80 34.08 2.73
CA LEU E 572 0.40 34.74 1.50
C LEU E 572 0.78 36.21 1.50
N ALA E 573 1.90 36.56 2.13
CA ALA E 573 2.35 37.93 2.18
C ALA E 573 2.82 38.42 0.80
N ALA E 574 2.76 39.73 0.61
CA ALA E 574 3.15 40.35 -0.66
C ALA E 574 3.98 41.60 -0.35
N TYR E 575 5.29 41.49 -0.46
CA TYR E 575 6.19 42.62 -0.24
C TYR E 575 6.35 43.42 -1.52
N LYS E 576 6.31 44.75 -1.40
CA LYS E 576 6.37 45.65 -2.53
C LYS E 576 7.35 46.79 -2.24
N ILE E 577 7.92 47.35 -3.31
CA ILE E 577 8.95 48.37 -3.22
C ILE E 577 8.37 49.72 -3.67
N ASP E 578 8.62 50.75 -2.87
CA ASP E 578 8.38 52.13 -3.29
C ASP E 578 9.54 52.59 -4.17
N PRO E 579 9.30 52.96 -5.43
CA PRO E 579 10.42 53.40 -6.28
C PRO E 579 11.08 54.68 -5.82
N GLY E 580 10.31 55.67 -5.34
CA GLY E 580 10.90 56.91 -4.89
C GLY E 580 11.70 56.74 -3.61
N LYS E 581 11.22 55.92 -2.70
CA LYS E 581 11.85 55.73 -1.39
C LYS E 581 13.04 54.77 -1.45
N CYS E 582 13.25 54.10 -2.58
CA CYS E 582 14.39 53.21 -2.75
C CYS E 582 15.60 54.00 -3.23
N ILE E 583 16.75 53.75 -2.63
CA ILE E 583 18.01 54.38 -3.03
C ILE E 583 18.97 53.36 -3.61
N GLY E 584 18.51 52.14 -3.88
CA GLY E 584 19.36 51.10 -4.44
C GLY E 584 20.45 50.60 -3.52
N CYS E 585 20.13 50.43 -2.23
CA CYS E 585 21.14 49.91 -1.30
C CYS E 585 21.47 48.45 -1.62
N GLY E 586 20.47 47.66 -2.02
CA GLY E 586 20.70 46.28 -2.36
C GLY E 586 20.86 45.34 -1.18
N LYS E 587 20.49 45.78 0.02
CA LYS E 587 20.59 44.91 1.19
C LYS E 587 19.59 43.77 1.13
N CYS E 588 18.43 44.00 0.51
CA CYS E 588 17.43 42.94 0.36
C CYS E 588 17.95 41.81 -0.50
N VAL E 589 18.72 42.14 -1.55
CA VAL E 589 19.34 41.12 -2.38
C VAL E 589 20.37 40.33 -1.58
N LYS E 590 21.10 41.01 -0.69
CA LYS E 590 22.19 40.36 0.04
C LYS E 590 21.65 39.45 1.14
N VAL E 591 20.61 39.88 1.86
CA VAL E 591 20.17 39.12 3.02
C VAL E 591 19.23 37.98 2.66
N CYS E 592 18.59 38.01 1.50
CA CYS E 592 17.69 36.93 1.12
C CYS E 592 18.48 35.80 0.49
N PRO E 593 18.38 34.57 1.02
CA PRO E 593 19.20 33.47 0.49
C PRO E 593 18.93 33.13 -0.97
N VAL E 594 17.70 33.27 -1.44
CA VAL E 594 17.40 32.97 -2.84
C VAL E 594 17.61 34.19 -3.74
N GLY E 595 17.51 35.39 -3.19
CA GLY E 595 17.75 36.61 -3.95
C GLY E 595 16.78 36.83 -5.09
N ALA E 596 15.48 36.68 -4.82
CA ALA E 596 14.46 36.91 -5.84
C ALA E 596 14.37 38.37 -6.26
N ILE E 597 14.89 39.30 -5.45
CA ILE E 597 15.00 40.69 -5.84
C ILE E 597 16.33 40.87 -6.56
N SER E 598 16.29 41.40 -7.77
CA SER E 598 17.49 41.67 -8.55
C SER E 598 17.33 43.02 -9.23
N GLY E 599 18.37 43.84 -9.15
CA GLY E 599 18.33 45.16 -9.77
C GLY E 599 19.67 45.84 -9.67
N GLU E 600 19.75 47.01 -10.31
CA GLU E 600 20.98 47.79 -10.35
C GLU E 600 21.05 48.73 -9.17
N LYS E 601 22.27 49.04 -8.74
CA LYS E 601 22.48 49.92 -7.61
C LYS E 601 22.02 51.34 -7.92
N LYS E 602 21.58 52.04 -6.87
CA LYS E 602 21.04 53.40 -6.96
C LYS E 602 19.83 53.48 -7.88
N LYS E 603 19.06 52.39 -7.97
CA LYS E 603 17.86 52.32 -8.79
C LYS E 603 16.81 51.53 -8.05
N PRO E 604 15.52 51.81 -8.30
CA PRO E 604 14.46 50.98 -7.73
C PRO E 604 14.53 49.55 -8.24
N HIS E 605 14.20 48.61 -7.36
CA HIS E 605 14.23 47.18 -7.67
C HIS E 605 12.81 46.67 -7.93
N VAL E 606 12.74 45.49 -8.53
CA VAL E 606 11.49 44.81 -8.82
C VAL E 606 11.51 43.43 -8.16
N ILE E 607 10.38 43.03 -7.59
CA ILE E 607 10.26 41.77 -6.87
C ILE E 607 9.53 40.77 -7.76
N ASP E 608 10.12 39.60 -7.92
CA ASP E 608 9.49 38.49 -8.64
C ASP E 608 8.81 37.58 -7.63
N GLN E 609 7.48 37.58 -7.62
CA GLN E 609 6.74 36.76 -6.66
C GLN E 609 6.88 35.27 -6.94
N SER E 610 7.30 34.90 -8.16
CA SER E 610 7.40 33.48 -8.51
C SER E 610 8.52 32.79 -7.72
N LYS E 611 9.68 33.43 -7.61
CA LYS E 611 10.84 32.83 -6.97
C LYS E 611 11.10 33.39 -5.57
N CYS E 612 10.15 34.13 -5.01
CA CYS E 612 10.29 34.70 -3.68
C CYS E 612 9.90 33.68 -2.62
N ILE E 613 10.78 33.50 -1.62
CA ILE E 613 10.48 32.61 -0.51
C ILE E 613 9.69 33.29 0.59
N LYS E 614 9.48 34.61 0.51
CA LYS E 614 8.57 35.34 1.39
C LYS E 614 8.99 35.17 2.85
N CYS E 615 10.26 35.45 3.14
CA CYS E 615 10.77 35.36 4.49
C CYS E 615 10.62 36.66 5.28
N GLY E 616 10.37 37.79 4.60
CA GLY E 616 10.16 39.04 5.28
C GLY E 616 11.41 39.75 5.75
N ALA E 617 12.59 39.19 5.48
CA ALA E 617 13.83 39.81 5.94
C ALA E 617 14.20 41.04 5.12
N CYS E 618 13.64 41.19 3.93
CA CYS E 618 14.01 42.29 3.05
C CYS E 618 13.63 43.64 3.64
N ALA E 619 12.43 43.74 4.21
CA ALA E 619 11.99 45.01 4.79
C ALA E 619 12.73 45.31 6.09
N GLU E 620 12.99 44.29 6.90
CA GLU E 620 13.56 44.49 8.23
C GLU E 620 15.07 44.58 8.23
N ASN E 621 15.74 44.23 7.13
CA ASN E 621 17.20 44.31 7.08
C ASN E 621 17.73 45.56 6.41
N CYS E 622 17.07 46.03 5.36
CA CYS E 622 17.48 47.29 4.74
C CYS E 622 16.95 48.46 5.57
N PRO E 623 17.81 49.33 6.09
CA PRO E 623 17.36 50.35 7.05
C PRO E 623 16.46 51.41 6.45
N LYS E 624 16.40 51.52 5.12
CA LYS E 624 15.55 52.54 4.49
C LYS E 624 14.08 52.27 4.75
N GLY E 625 13.67 51.00 4.78
CA GLY E 625 12.28 50.66 5.01
C GLY E 625 11.34 51.07 3.90
N ALA E 626 11.80 51.01 2.65
CA ALA E 626 10.93 51.29 1.52
C ALA E 626 10.08 50.09 1.12
N ILE E 627 10.42 48.90 1.60
CA ILE E 627 9.66 47.70 1.29
C ILE E 627 8.52 47.57 2.29
N TYR E 628 7.30 47.45 1.79
CA TYR E 628 6.11 47.35 2.63
C TYR E 628 5.33 46.09 2.30
N LYS E 629 4.76 45.48 3.34
CA LYS E 629 3.95 44.26 3.19
C LYS E 629 2.51 44.68 2.91
N GLY E 630 2.14 44.67 1.64
CA GLY E 630 0.80 45.08 1.23
C GLY E 630 -0.03 43.93 0.69
N ASP F 11 15.78 2.47 49.62
CA ASP F 11 15.44 3.63 48.79
C ASP F 11 14.54 4.60 49.56
N PRO F 12 14.95 5.87 49.62
CA PRO F 12 14.15 6.87 50.34
C PRO F 12 12.83 7.21 49.66
N ARG F 13 12.66 6.85 48.38
CA ARG F 13 11.41 7.15 47.69
C ARG F 13 10.24 6.37 48.28
N PHE F 14 10.49 5.17 48.80
CA PHE F 14 9.42 4.35 49.35
C PHE F 14 9.11 4.65 50.80
N GLU F 15 9.01 5.94 51.16
CA GLU F 15 8.47 6.38 52.44
C GLU F 15 7.54 7.58 52.33
N LYS F 16 7.64 8.39 51.29
CA LYS F 16 6.77 9.55 51.12
C LYS F 16 5.46 9.21 50.41
N VAL F 17 5.33 7.99 49.91
CA VAL F 17 4.19 7.60 49.08
C VAL F 17 3.32 6.67 49.94
N ASP F 18 3.75 6.44 51.17
CA ASP F 18 3.09 5.48 52.04
C ASP F 18 1.97 6.09 52.88
N GLU F 19 2.19 7.26 53.47
CA GLU F 19 1.19 7.87 54.35
C GLU F 19 0.17 8.70 53.58
N ILE F 20 0.31 8.76 52.25
CA ILE F 20 -0.67 9.44 51.42
C ILE F 20 -1.77 8.50 50.94
N LEU F 21 -1.52 7.19 50.97
CA LEU F 21 -2.54 6.19 50.65
C LEU F 21 -3.34 5.80 51.88
N SER F 22 -3.12 6.47 53.00
CA SER F 22 -3.88 6.25 54.22
C SER F 22 -4.69 7.46 54.65
N LYS F 23 -4.29 8.67 54.28
CA LYS F 23 -5.01 9.87 54.71
C LYS F 23 -6.04 10.30 53.67
N LEU F 24 -5.60 10.64 52.46
CA LEU F 24 -6.53 10.98 51.37
C LEU F 24 -6.80 9.79 50.48
N ALA F 25 -7.13 8.64 51.09
CA ALA F 25 -7.52 7.46 50.32
C ALA F 25 -8.66 6.72 51.00
N ASN F 26 -9.40 7.39 51.87
CA ASN F 26 -10.54 6.79 52.54
C ASN F 26 -11.85 6.98 51.77
N GLU F 27 -11.83 7.72 50.67
CA GLU F 27 -12.99 7.88 49.83
C GLU F 27 -13.07 6.70 48.88
N ARG F 28 -14.27 6.14 48.74
CA ARG F 28 -14.47 4.95 47.94
C ARG F 28 -14.58 5.33 46.46
N GLY F 29 -13.50 5.09 45.72
CA GLY F 29 -13.42 5.42 44.31
C GLY F 29 -12.44 6.53 43.95
N ALA F 30 -11.57 6.94 44.87
CA ALA F 30 -10.63 8.02 44.60
C ALA F 30 -9.36 7.47 43.97
N LEU F 31 -9.07 7.89 42.74
CA LEU F 31 -7.80 7.55 42.10
C LEU F 31 -7.14 8.83 41.58
N ILE F 32 -7.95 9.76 41.10
CA ILE F 32 -7.43 10.99 40.50
C ILE F 32 -6.71 11.86 41.52
N ALA F 33 -7.22 11.91 42.76
CA ALA F 33 -6.60 12.74 43.79
C ALA F 33 -5.19 12.25 44.14
N ILE F 34 -5.00 10.93 44.21
CA ILE F 34 -3.71 10.38 44.63
C ILE F 34 -2.64 10.66 43.57
N LEU F 35 -2.99 10.50 42.29
CA LEU F 35 -2.06 10.77 41.21
C LEU F 35 -1.75 12.24 41.04
N GLN F 36 -2.53 13.13 41.66
CA GLN F 36 -2.30 14.57 41.60
C GLN F 36 -1.40 15.07 42.71
N HIS F 37 -1.59 14.57 43.94
CA HIS F 37 -0.76 15.01 45.04
C HIS F 37 0.69 14.55 44.90
N VAL F 38 0.91 13.42 44.21
CA VAL F 38 2.29 12.95 43.97
C VAL F 38 3.04 13.97 43.12
N GLN F 39 2.43 14.41 42.02
CA GLN F 39 3.00 15.47 41.20
C GLN F 39 3.11 16.77 41.97
N HIS F 40 2.15 17.05 42.86
CA HIS F 40 2.20 18.27 43.66
C HIS F 40 3.42 18.27 44.58
N GLU F 41 3.71 17.13 45.22
CA GLU F 41 4.76 17.10 46.24
C GLU F 41 6.13 16.72 45.70
N PHE F 42 6.24 16.19 44.47
CA PHE F 42 7.54 15.82 43.95
C PHE F 42 7.80 16.33 42.54
N GLY F 43 6.77 16.64 41.77
CA GLY F 43 6.97 17.07 40.39
C GLY F 43 6.92 15.92 39.41
N TYR F 44 8.08 15.39 39.06
CA TYR F 44 8.22 14.19 38.25
C TYR F 44 7.36 13.03 38.73
N LEU F 45 6.43 12.58 37.91
CA LEU F 45 5.73 11.34 38.23
C LEU F 45 6.66 10.18 37.93
N PRO F 46 7.07 9.39 38.92
CA PRO F 46 8.14 8.40 38.70
C PRO F 46 7.70 7.25 37.81
N GLU F 47 8.67 6.66 37.11
CA GLU F 47 8.40 5.52 36.25
C GLU F 47 8.28 4.22 37.02
N ASP F 48 8.61 4.23 38.32
CA ASP F 48 8.60 3.02 39.14
C ASP F 48 7.47 3.02 40.16
N VAL F 49 7.06 4.19 40.65
CA VAL F 49 6.05 4.28 41.69
C VAL F 49 4.68 3.84 41.17
N ILE F 50 4.45 3.96 39.87
CA ILE F 50 3.12 3.76 39.30
C ILE F 50 2.65 2.31 39.49
N PHE F 51 3.48 1.34 39.11
CA PHE F 51 3.02 -0.03 39.35
C PHE F 51 3.10 -0.43 40.81
N TYR F 52 3.88 0.27 41.63
CA TYR F 52 3.85 0.04 43.08
C TYR F 52 2.50 0.43 43.68
N ILE F 53 2.05 1.65 43.40
CA ILE F 53 0.73 2.09 43.88
C ILE F 53 -0.39 1.28 43.22
N ALA F 54 -0.16 0.76 42.02
CA ALA F 54 -1.11 -0.17 41.42
C ALA F 54 -1.23 -1.44 42.25
N SER F 55 -0.13 -2.16 42.43
CA SER F 55 -0.16 -3.43 43.14
C SER F 55 -0.51 -3.25 44.62
N LYS F 56 -0.38 -2.02 45.14
CA LYS F 56 -0.63 -1.79 46.56
C LYS F 56 -2.09 -2.03 46.93
N THR F 57 -3.00 -1.18 46.43
CA THR F 57 -4.38 -1.21 46.94
C THR F 57 -5.28 -2.23 46.24
N GLY F 58 -5.68 -1.96 44.99
CA GLY F 58 -6.45 -2.93 44.24
C GLY F 58 -6.38 -2.84 42.73
N ILE F 59 -5.56 -1.94 42.22
CA ILE F 59 -5.72 -1.40 40.87
C ILE F 59 -4.69 -2.04 39.95
N PRO F 60 -5.07 -2.47 38.75
CA PRO F 60 -4.06 -2.87 37.77
C PRO F 60 -3.24 -1.69 37.29
N ALA F 61 -2.00 -1.98 36.89
CA ALA F 61 -1.11 -0.91 36.44
C ALA F 61 -1.56 -0.33 35.11
N SER F 62 -2.21 -1.13 34.27
CA SER F 62 -2.63 -0.66 32.95
C SER F 62 -3.65 0.46 33.04
N LYS F 63 -4.60 0.35 33.97
CA LYS F 63 -5.66 1.37 34.05
C LYS F 63 -5.09 2.71 34.50
N ILE F 64 -4.19 2.71 35.48
CA ILE F 64 -3.63 3.98 35.91
C ILE F 64 -2.57 4.50 34.95
N TYR F 65 -1.94 3.63 34.16
CA TYR F 65 -1.12 4.14 33.06
C TYR F 65 -2.00 4.84 32.02
N GLY F 66 -3.18 4.28 31.75
CA GLY F 66 -4.10 4.94 30.83
C GLY F 66 -4.61 6.27 31.38
N VAL F 67 -4.84 6.33 32.69
CA VAL F 67 -5.25 7.59 33.31
C VAL F 67 -4.12 8.61 33.25
N ALA F 68 -2.89 8.17 33.47
CA ALA F 68 -1.77 9.11 33.59
C ALA F 68 -1.45 9.80 32.26
N THR F 69 -1.62 9.11 31.13
CA THR F 69 -1.27 9.67 29.85
C THR F 69 -2.41 10.42 29.17
N PHE F 70 -3.63 10.33 29.71
CA PHE F 70 -4.77 11.02 29.10
C PHE F 70 -4.75 12.50 29.45
N TYR F 71 -4.84 12.80 30.75
CA TYR F 71 -4.91 14.19 31.19
C TYR F 71 -3.59 14.91 30.95
N ALA F 72 -3.66 16.11 30.38
CA ALA F 72 -2.47 16.85 29.99
C ALA F 72 -1.71 17.42 31.18
N GLN F 73 -2.33 17.52 32.35
CA GLN F 73 -1.61 18.02 33.53
C GLN F 73 -0.52 17.05 33.95
N PHE F 74 -0.81 15.75 33.89
CA PHE F 74 0.18 14.74 34.22
C PHE F 74 1.24 14.65 33.13
N HIS F 75 2.42 14.16 33.50
CA HIS F 75 3.53 14.09 32.58
C HIS F 75 4.47 12.97 33.02
N LEU F 76 5.34 12.55 32.10
CA LEU F 76 6.32 11.51 32.35
C LEU F 76 7.71 11.93 31.91
N LYS F 77 7.94 13.24 31.79
CA LYS F 77 9.24 13.77 31.39
C LYS F 77 9.68 14.83 32.40
N PRO F 78 10.99 15.07 32.51
CA PRO F 78 11.49 16.01 33.52
C PRO F 78 10.90 17.40 33.36
N ARG F 79 10.61 18.03 34.49
CA ARG F 79 10.09 19.39 34.54
C ARG F 79 11.15 20.32 35.10
N GLY F 80 11.34 21.47 34.46
CA GLY F 80 12.29 22.44 34.96
C GLY F 80 11.78 23.16 36.19
N LYS F 81 12.67 23.97 36.78
CA LYS F 81 12.30 24.73 37.97
C LYS F 81 11.27 25.79 37.65
N TYR F 82 11.39 26.43 36.48
CA TYR F 82 10.51 27.53 36.08
C TYR F 82 9.72 27.11 34.85
N VAL F 83 8.39 27.26 34.93
CA VAL F 83 7.48 26.89 33.85
C VAL F 83 6.86 28.16 33.28
N ILE F 84 6.91 28.29 31.96
CA ILE F 84 6.42 29.45 31.24
C ILE F 84 5.19 29.05 30.43
N ARG F 85 4.12 29.83 30.57
CA ARG F 85 2.87 29.57 29.86
C ARG F 85 2.57 30.74 28.94
N VAL F 86 2.00 30.44 27.78
CA VAL F 86 1.83 31.41 26.70
C VAL F 86 0.33 31.66 26.45
N CYS F 87 -0.51 31.24 27.39
CA CYS F 87 -1.97 31.40 27.32
C CYS F 87 -2.55 30.69 26.10
N LEU F 88 -2.74 31.44 25.01
CA LEU F 88 -3.34 30.94 23.77
C LEU F 88 -4.77 30.45 23.99
N GLY F 89 -5.59 31.36 24.51
CA GLY F 89 -7.03 31.22 24.44
C GLY F 89 -7.57 31.98 23.24
N THR F 90 -8.89 31.90 23.06
CA THR F 90 -9.48 32.54 21.88
C THR F 90 -9.56 34.05 22.02
N ALA F 91 -9.50 34.57 23.25
CA ALA F 91 -9.46 36.02 23.43
C ALA F 91 -8.04 36.53 23.29
N CYS F 92 -7.08 35.88 23.93
CA CYS F 92 -5.66 36.19 23.74
C CYS F 92 -5.09 35.42 22.55
N HIS F 93 -5.72 35.57 21.40
CA HIS F 93 -5.19 35.03 20.15
C HIS F 93 -5.29 36.10 19.07
N VAL F 94 -6.25 37.01 19.22
CA VAL F 94 -6.50 38.01 18.18
C VAL F 94 -5.46 39.13 18.27
N LYS F 95 -4.89 39.36 19.44
CA LYS F 95 -3.86 40.40 19.60
C LYS F 95 -2.46 39.81 19.41
N GLY F 96 -2.29 39.09 18.30
CA GLY F 96 -0.98 38.62 17.89
C GLY F 96 -0.24 37.74 18.88
N ALA F 97 -0.93 36.78 19.48
CA ALA F 97 -0.28 35.86 20.41
C ALA F 97 0.28 34.62 19.74
N ASN F 98 0.07 34.46 18.44
CA ASN F 98 0.66 33.33 17.73
C ASN F 98 2.16 33.53 17.54
N LYS F 99 2.58 34.77 17.27
CA LYS F 99 3.98 35.03 16.94
C LYS F 99 4.89 35.04 18.16
N ILE F 100 4.35 35.24 19.36
CA ILE F 100 5.23 35.32 20.53
C ILE F 100 5.81 33.95 20.88
N LEU F 101 5.04 32.87 20.68
CA LEU F 101 5.58 31.54 20.90
C LEU F 101 6.62 31.20 19.83
N ALA F 102 6.40 31.67 18.60
CA ALA F 102 7.43 31.52 17.55
C ALA F 102 8.70 32.25 17.92
N GLU F 103 8.60 33.46 18.48
CA GLU F 103 9.79 34.15 18.95
C GLU F 103 10.47 33.41 20.10
N PHE F 104 9.69 32.81 21.00
CA PHE F 104 10.27 31.98 22.07
C PHE F 104 11.08 30.83 21.49
N GLU F 105 10.48 30.07 20.56
CA GLU F 105 11.18 28.89 20.04
C GLU F 105 12.33 29.28 19.12
N LYS F 106 12.28 30.47 18.52
CA LYS F 106 13.39 30.93 17.70
C LYS F 106 14.63 31.23 18.54
N GLN F 107 14.44 31.83 19.72
CA GLN F 107 15.58 32.31 20.49
C GLN F 107 16.05 31.34 21.55
N LEU F 108 15.18 30.50 22.12
CA LEU F 108 15.61 29.63 23.21
C LEU F 108 15.93 28.23 22.73
N GLY F 109 15.16 27.70 21.78
CA GLY F 109 15.53 26.45 21.14
C GLY F 109 14.51 25.31 21.26
N ILE F 110 13.87 25.19 22.43
CA ILE F 110 12.97 24.06 22.64
C ILE F 110 11.59 24.38 22.08
N LYS F 111 10.88 23.33 21.68
CA LYS F 111 9.51 23.48 21.19
C LYS F 111 8.53 23.50 22.36
N ALA F 112 7.27 23.73 22.04
CA ALA F 112 6.20 23.69 23.04
C ALA F 112 6.00 22.25 23.49
N GLY F 113 5.97 22.04 24.81
CA GLY F 113 5.87 20.71 25.37
C GLY F 113 7.19 19.98 25.53
N GLU F 114 8.28 20.54 25.02
CA GLU F 114 9.61 20.00 25.20
C GLU F 114 10.42 21.00 26.01
N THR F 115 11.19 20.51 26.98
CA THR F 115 11.88 21.36 27.93
C THR F 115 13.40 21.20 27.79
N THR F 116 14.12 22.28 28.07
CA THR F 116 15.56 22.21 28.25
C THR F 116 15.82 21.89 29.72
N SER F 117 16.21 20.64 29.98
CA SER F 117 16.36 20.16 31.35
C SER F 117 17.62 20.70 32.02
N ASP F 118 18.49 21.40 31.30
CA ASP F 118 19.76 21.84 31.85
C ASP F 118 19.60 22.80 33.02
N LEU F 119 19.13 24.03 32.77
CA LEU F 119 19.10 24.98 33.87
C LEU F 119 17.81 24.96 34.68
N LYS F 120 16.73 25.55 34.15
CA LYS F 120 15.49 25.63 34.91
C LYS F 120 14.22 25.71 34.09
N PHE F 121 14.32 25.67 32.76
CA PHE F 121 13.24 26.16 31.91
C PHE F 121 12.33 25.04 31.43
N THR F 122 11.04 25.36 31.34
CA THR F 122 10.04 24.45 30.79
C THR F 122 8.92 25.27 30.19
N LEU F 123 8.35 24.81 29.08
CA LEU F 123 7.24 25.49 28.43
C LEU F 123 5.95 24.68 28.57
N GLU F 124 4.82 25.39 28.63
CA GLU F 124 3.52 24.76 28.78
C GLU F 124 2.48 25.65 28.12
N ARG F 125 1.34 25.06 27.77
CA ARG F 125 0.31 25.71 26.94
C ARG F 125 -1.05 25.66 27.63
N VAL F 126 -1.12 26.16 28.87
CA VAL F 126 -2.41 26.27 29.56
C VAL F 126 -3.12 27.52 29.07
N GLY F 127 -4.43 27.40 28.82
CA GLY F 127 -5.18 28.43 28.14
C GLY F 127 -6.05 29.31 29.01
N CYS F 128 -5.99 30.62 28.73
CA CYS F 128 -6.91 31.63 29.21
C CYS F 128 -6.96 31.69 30.75
N LEU F 129 -5.84 32.16 31.31
CA LEU F 129 -5.77 32.45 32.73
C LEU F 129 -6.72 33.58 33.10
N GLY F 130 -6.78 33.90 34.39
CA GLY F 130 -7.76 34.82 34.92
C GLY F 130 -7.52 36.29 34.65
N ALA F 131 -6.39 36.65 34.02
CA ALA F 131 -6.10 38.03 33.67
C ALA F 131 -6.59 38.38 32.27
N CYS F 132 -7.66 37.74 31.82
CA CYS F 132 -8.12 37.85 30.44
C CYS F 132 -8.77 39.22 30.24
N GLY F 133 -8.18 40.03 29.36
CA GLY F 133 -8.58 41.40 29.20
C GLY F 133 -7.40 42.34 29.33
N LEU F 134 -6.23 41.74 29.55
CA LEU F 134 -4.98 42.46 29.77
C LEU F 134 -3.92 41.96 28.80
N ALA F 135 -4.28 41.91 27.50
CA ALA F 135 -3.41 41.58 26.38
C ALA F 135 -3.04 40.09 26.42
N PRO F 136 -2.34 39.53 25.42
CA PRO F 136 -1.85 38.16 25.58
C PRO F 136 -0.89 38.05 26.76
N THR F 137 -1.28 37.24 27.73
CA THR F 137 -0.63 37.18 29.04
C THR F 137 0.29 35.97 29.07
N VAL F 138 1.57 36.21 28.74
CA VAL F 138 2.59 35.18 28.87
C VAL F 138 3.15 35.27 30.29
N MET F 139 2.80 34.32 31.14
CA MET F 139 3.22 34.41 32.53
C MET F 139 4.39 33.49 32.83
N VAL F 140 5.27 33.97 33.69
CA VAL F 140 6.27 33.15 34.37
C VAL F 140 5.57 32.60 35.61
N ASN F 141 6.17 31.58 36.23
CA ASN F 141 5.60 30.80 37.33
C ASN F 141 4.83 31.62 38.37
N GLU F 142 5.33 32.81 38.73
CA GLU F 142 4.64 33.62 39.72
C GLU F 142 4.68 35.11 39.37
N LYS F 143 5.10 35.46 38.16
CA LYS F 143 5.39 36.85 37.78
C LYS F 143 4.69 37.16 36.45
N THR F 144 3.38 36.93 36.42
CA THR F 144 2.54 37.19 35.27
C THR F 144 2.68 38.61 34.75
N TYR F 145 2.73 38.74 33.42
CA TYR F 145 2.98 40.02 32.77
C TYR F 145 1.67 40.59 32.21
N GLY F 146 1.76 41.71 31.52
CA GLY F 146 0.60 42.32 30.88
C GLY F 146 0.75 42.43 29.38
N LYS F 147 0.82 43.66 28.86
CA LYS F 147 1.05 43.87 27.45
C LYS F 147 2.44 43.43 27.07
N MET F 148 2.54 42.54 26.08
CA MET F 148 3.80 41.98 25.65
C MET F 148 3.97 42.14 24.14
N THR F 149 5.23 42.24 23.74
CA THR F 149 5.68 42.44 22.37
C THR F 149 6.79 41.46 22.06
N PRO F 150 6.88 40.96 20.80
CA PRO F 150 7.97 40.05 20.44
C PRO F 150 9.39 40.56 20.73
N GLU F 151 9.55 41.86 20.94
CA GLU F 151 10.84 42.40 21.35
C GLU F 151 10.98 42.51 22.86
N LYS F 152 9.89 42.35 23.62
CA LYS F 152 9.97 42.45 25.07
C LYS F 152 10.55 41.18 25.69
N VAL F 153 10.51 40.07 24.95
CA VAL F 153 10.96 38.74 25.38
C VAL F 153 12.31 38.80 26.09
N SER F 154 13.19 39.66 25.60
CA SER F 154 14.56 39.76 26.11
C SER F 154 14.60 40.01 27.61
N GLU F 155 13.72 40.90 28.12
CA GLU F 155 13.80 41.20 29.54
C GLU F 155 13.40 40.00 30.39
N VAL F 156 12.57 39.11 29.85
CA VAL F 156 12.25 37.86 30.53
C VAL F 156 13.52 37.04 30.74
N LEU F 157 14.42 37.06 29.76
CA LEU F 157 15.70 36.37 29.93
C LEU F 157 16.68 37.15 30.80
N LYS F 158 16.38 38.41 31.12
CA LYS F 158 17.34 39.21 31.86
C LYS F 158 17.29 38.92 33.35
N GLU F 159 16.16 39.19 34.01
CA GLU F 159 16.08 39.01 35.45
C GLU F 159 15.90 37.53 35.79
N TYR F 160 15.19 36.78 34.94
CA TYR F 160 15.01 35.35 35.13
C TYR F 160 16.07 34.63 34.31
N SER F 161 17.20 34.34 34.93
CA SER F 161 18.30 33.64 34.25
C SER F 161 19.18 32.91 35.25
FE1 SF4 G . -21.98 -10.02 -27.97
FE2 SF4 G . -21.84 -8.84 -25.51
FE3 SF4 G . -20.41 -11.11 -26.02
FE4 SF4 G . -23.14 -11.23 -25.81
S1 SF4 G . -21.66 -10.67 -24.17
S2 SF4 G . -21.85 -12.22 -27.40
S3 SF4 G . -23.72 -9.23 -26.73
S4 SF4 G . -20.14 -9.08 -27.02
FE1 FES H . 3.35 -22.15 -16.26
FE2 FES H . 4.42 -19.67 -16.39
S1 FES H . 5.45 -21.59 -16.66
S2 FES H . 2.31 -20.22 -16.05
FE1 SF4 I . -2.62 -5.70 -6.80
FE2 SF4 I . -5.28 -5.09 -6.85
FE3 SF4 I . -4.12 -5.95 -4.53
FE4 SF4 I . -4.48 -7.69 -6.60
S1 SF4 I . -6.10 -6.64 -5.39
S2 SF4 I . -2.61 -7.44 -5.34
S3 SF4 I . -4.14 -6.32 -8.38
S4 SF4 I . -3.66 -4.03 -5.66
FE1 SF4 J . -1.17 -7.06 -17.64
FE2 SF4 J . -3.79 -7.79 -17.29
FE3 SF4 J . -1.88 -9.70 -17.70
FE4 SF4 J . -2.62 -8.04 -19.75
S1 SF4 J . -3.92 -9.58 -18.69
S2 SF4 J . -0.49 -8.63 -19.14
S3 SF4 J . -3.00 -6.11 -18.61
S4 SF4 J . -2.03 -8.28 -15.92
FE1 SF4 K . -10.53 -5.08 -27.44
FE2 SF4 K . -11.42 -7.64 -27.12
FE3 SF4 K . -9.75 -6.53 -25.26
FE4 SF4 K . -8.79 -7.17 -27.75
S1 SF4 K . -9.58 -8.61 -26.17
S2 SF4 K . -8.42 -5.24 -26.59
S3 SF4 K . -10.61 -6.70 -29.04
S4 SF4 K . -11.86 -5.86 -25.78
N1 FMN L . 26.38 -16.48 -30.93
C2 FMN L . 26.96 -15.59 -31.82
O2 FMN L . 27.62 -16.02 -32.75
N3 FMN L . 26.78 -14.24 -31.67
C4 FMN L . 26.03 -13.76 -30.62
O4 FMN L . 25.86 -12.56 -30.45
C4A FMN L . 25.45 -14.64 -29.73
N5 FMN L . 24.70 -14.15 -28.69
C5A FMN L . 24.12 -15.03 -27.79
C6 FMN L . 23.37 -14.52 -26.75
C7 FMN L . 22.78 -15.38 -25.84
C7M FMN L . 21.97 -14.83 -24.72
C8 FMN L . 22.95 -16.76 -25.98
C8M FMN L . 22.32 -17.72 -25.01
C9 FMN L . 23.71 -17.26 -27.03
C9A FMN L . 24.29 -16.40 -27.94
N10 FMN L . 25.04 -16.89 -28.98
C10 FMN L . 25.63 -16.02 -29.87
C1' FMN L . 25.23 -18.37 -29.15
C2' FMN L . 24.25 -18.89 -30.19
O2' FMN L . 23.18 -17.97 -30.34
C3' FMN L . 23.68 -20.26 -29.81
O3' FMN L . 24.25 -20.70 -28.60
C4' FMN L . 23.95 -21.27 -30.91
O4' FMN L . 23.24 -22.46 -30.63
C5' FMN L . 25.44 -21.59 -31.01
O5' FMN L . 25.66 -22.46 -32.10
P FMN L . 27.02 -23.32 -32.21
O1P FMN L . 26.91 -24.50 -31.28
O2P FMN L . 28.19 -22.46 -31.79
O3P FMN L . 27.22 -23.79 -33.62
FE1 SF4 M . 13.67 -13.61 -19.66
FE2 SF4 M . 15.83 -13.87 -21.31
FE3 SF4 M . 15.74 -11.84 -19.49
FE4 SF4 M . 14.10 -11.80 -21.67
S1 SF4 M . 16.37 -11.69 -21.68
S2 SF4 M . 13.53 -11.34 -19.51
S3 SF4 M . 13.64 -14.01 -21.90
S4 SF4 M . 15.81 -14.06 -19.04
ZN ZN N . 35.61 1.17 -4.70
FE1 FES O . 43.56 -3.95 -37.45
FE2 FES O . 44.12 -3.20 -39.96
S1 FES O . 45.27 -4.57 -38.67
S2 FES O . 42.60 -2.35 -38.62
FE1 SF4 P . 36.83 20.07 -0.01
FE2 SF4 P . 36.13 20.78 2.53
FE3 SF4 P . 35.13 18.49 1.43
FE4 SF4 P . 34.29 20.93 0.52
S1 SF4 P . 33.98 20.05 2.61
S2 SF4 P . 34.90 19.13 -0.75
S3 SF4 P . 36.21 22.15 0.70
S4 SF4 P . 37.32 18.94 1.91
FE1 SF4 Q . 45.96 25.55 2.59
FE2 SF4 Q . 44.87 26.52 0.28
FE3 SF4 Q . 43.89 24.21 1.38
FE4 SF4 Q . 46.38 24.26 0.22
S1 SF4 Q . 44.38 24.59 -0.81
S2 SF4 Q . 45.82 23.30 2.21
S3 SF4 Q . 47.09 26.35 0.78
S4 SF4 Q . 43.83 26.30 2.30
FE1 FES R . 34.66 -1.50 -28.83
FE2 FES R . 35.10 0.82 -27.52
S1 FES R . 34.89 -1.19 -26.65
S2 FES R . 34.82 0.52 -29.68
FE1 SF4 S . -4.22 -23.24 25.47
FE2 SF4 S . -5.26 -23.52 27.98
FE3 SF4 S . -6.29 -24.97 25.90
FE4 SF4 S . -6.72 -22.28 26.03
S1 SF4 S . -7.46 -23.85 27.50
S2 SF4 S . -6.10 -23.48 24.20
S3 SF4 S . -4.75 -21.57 26.93
S4 SF4 S . -4.18 -25.11 26.76
FE1 FES T . -21.96 -1.20 16.07
FE2 FES T . -20.32 0.85 16.73
S1 FES T . -22.52 0.74 16.96
S2 FES T . -19.80 -1.04 15.72
FE1 SF4 U . -5.06 -5.16 4.56
FE2 SF4 U . -6.69 -5.90 6.62
FE3 SF4 U . -5.05 -3.73 6.89
FE4 SF4 U . -3.99 -6.25 6.81
S1 SF4 U . -5.38 -5.39 8.41
S2 SF4 U . -3.23 -4.43 5.70
S3 SF4 U . -5.40 -7.27 5.34
S4 SF4 U . -6.78 -3.96 5.44
FE1 SF4 V . -6.44 -2.62 17.99
FE2 SF4 V . -8.96 -3.64 18.14
FE3 SF4 V . -7.11 -4.34 20.02
FE4 SF4 V . -6.88 -5.27 17.45
S1 SF4 V . -8.54 -5.74 18.94
S2 SF4 V . -5.21 -4.39 18.74
S3 SF4 V . -7.67 -3.48 16.28
S4 SF4 V . -7.96 -2.26 19.64
FE1 SF4 W . -4.69 -10.79 25.37
FE2 SF4 W . -5.31 -12.70 27.24
FE3 SF4 W . -5.45 -10.05 27.90
FE4 SF4 W . -3.01 -11.22 27.50
S1 SF4 W . -4.52 -11.71 29.14
S2 SF4 W . -3.71 -9.21 26.69
S3 SF4 W . -3.51 -12.69 25.83
S4 SF4 W . -6.72 -11.15 26.35
N1 FMN X . -21.52 22.10 30.89
C2 FMN X . -21.16 23.20 31.64
O2 FMN X . -21.83 23.50 32.63
N3 FMN X . -20.07 23.95 31.31
C4 FMN X . -19.33 23.58 30.20
O4 FMN X . -18.35 24.24 29.88
C4A FMN X . -19.71 22.48 29.45
N5 FMN X . -18.94 22.17 28.35
C5A FMN X . -19.28 21.10 27.59
C6 FMN X . -18.49 20.80 26.49
C7 FMN X . -18.79 19.72 25.68
C7M FMN X . -17.89 19.48 24.51
C8 FMN X . -19.89 18.91 25.97
C8M FMN X . -20.24 17.72 25.14
C9 FMN X . -20.68 19.22 27.08
C9A FMN X . -20.38 20.31 27.90
N10 FMN X . -21.17 20.59 29.00
C10 FMN X . -20.82 21.71 29.78
C1' FMN X . -22.36 19.67 29.20
C2' FMN X . -22.82 19.20 30.57
O2' FMN X . -23.36 17.90 30.44
C3' FMN X . -23.90 20.11 31.15
O3' FMN X . -23.60 20.37 32.51
C4' FMN X . -25.33 19.62 31.05
O4' FMN X . -25.66 19.38 29.70
C5' FMN X . -26.19 20.75 31.61
O5' FMN X . -27.57 20.42 31.68
P FMN X . -28.58 21.54 32.24
O1P FMN X . -28.57 22.71 31.29
O2P FMN X . -28.12 22.01 33.60
O3P FMN X . -29.97 20.98 32.35
FE1 SF4 Y . -15.98 10.64 19.77
FE2 SF4 Y . -14.37 11.57 21.76
FE3 SF4 Y . -16.79 12.75 21.31
FE4 SF4 Y . -14.76 13.07 19.51
S1 SF4 Y . -14.80 13.80 21.67
S2 SF4 Y . -16.93 12.58 19.05
S3 SF4 Y . -13.75 11.03 19.64
S4 SF4 Y . -16.43 10.61 22.01
ZN ZN Z . -5.92 35.15 5.17
FE1 FES AA . -12.53 43.10 38.55
FE2 FES AA . -10.44 42.28 40.06
S1 FES AA . -10.41 43.02 37.98
S2 FES AA . -12.58 42.21 40.57
FE1 SF4 BA . 12.03 40.08 0.57
FE2 SF4 BA . 13.01 39.47 -1.91
FE3 SF4 BA . 10.99 37.97 -0.84
FE4 SF4 BA . 13.51 37.81 0.20
S1 SF4 BA . 12.85 37.21 -1.90
S2 SF4 BA . 11.56 37.99 1.36
S3 SF4 BA . 14.22 39.97 -0.05
S4 SF4 BA . 10.90 40.18 -1.41
FE1 SF4 CA . 14.55 50.23 0.25
FE2 SF4 CA . 15.88 49.99 -2.12
FE3 SF4 CA . 14.91 47.76 -0.87
FE4 SF4 CA . 17.04 49.11 0.20
S1 SF4 CA . 16.98 48.01 -1.80
S2 SF4 CA . 15.22 48.32 1.32
S3 SF4 CA . 16.49 51.25 -0.33
S4 SF4 CA . 13.70 49.49 -1.72
FE1 FES DA . -8.33 34.76 28.60
FE2 FES DA . -6.03 34.49 27.20
S1 FES DA . -8.07 33.89 26.59
S2 FES DA . -6.26 35.12 29.30
#